data_7QUN
#
_entry.id   7QUN
#
_cell.length_a   1.00
_cell.length_b   1.00
_cell.length_c   1.00
_cell.angle_alpha   90.00
_cell.angle_beta   90.00
_cell.angle_gamma   90.00
#
_symmetry.space_group_name_H-M   'P 1'
#
loop_
_entity.id
_entity.type
_entity.pdbx_description
1 polymer 'Acylamino-acid-releasing enzyme'
2 non-polymer '(2S,3R,4S)-4-{[(3S,5S)-5-(dimethylcarbamoyl)pyrrolidin-3-yl]sulfanyl}-2-[(2S,3R)-3-hydroxy-1-oxobutan-2-yl]-3-methyl-3,4-dihydro-2H-pyrrole-5-carboxylic acid'
#
_entity_poly.entity_id   1
_entity_poly.type   'polypeptide(L)'
_entity_poly.pdbx_seq_one_letter_code
;MERQVLLSEPEEAAALYRGLSRQPALSAACLGPEVTTQYGGRYRTVHTEWTQRDLERMENIRFCRQYLVFHDGDSVVFAG
PAGNSVETRGELLSRESPSGTMKAVLRKAGGTGTAEEKQFLEVWEKNRKLKSFNLSALEKHGPVYEDDCFGCLSWSHSET
HLLYVADKKRPKAESFFQTKALDVTGSDDEMARTKKPDQAIKGDQFLFYEDWGENMVSKSTPVLCVLDIESGNISVLEGV
PESVSPGQAFWAPGDTGVVFVGWWHEPFRLGIRFCTNRRSALYYVDLTGGKCELLSDESVAVTSPRLSPDQCRIVYLRFP
SLVPHQQCGQLCLYDWYTRVTSVVVDIVPRQLGEDFSGIYCSLLPLGCWSADSQRVVFDSPQRSRQDLFAVDTQMGSVTS
LTAGGSGGSWKLLTIDRDLMVVQFSTPSVPPSLKVGFLPPAGKEQAVSWVSLEEAEPFPDISWSIRVLQPPPQQEHVQYA
GLDFEAILLQPSNSPEKTQVPMVVMPHGGPHSSFVTAWMLFPAMLCKMGFAVLLVNYRGSTGFGQDSILSLPGNVGHQDV
KDVQFAVEQVLQEEHFDAGRVALMGGSHGGFLSCHLIGQYPETYSACVVRNPVINIASMMGSTDIPDWCMVEAGFSYSSD
CLPDLSVWAAMLDKSPIKYAPQVKTPLLLMLGQEDRRVPFKQGMEYYRVLKARNVPVRLLLYPKSTHALSEVEVESDSFM
NAVLWLCTHLGS
;
_entity_poly.pdbx_strand_id   A,B,C,D
#
# COMPACT_ATOMS: atom_id res chain seq x y z
N GLU A 9 -11.29 39.90 -5.39
CA GLU A 9 -10.73 39.21 -6.54
C GLU A 9 -9.89 38.01 -6.11
N PRO A 10 -10.38 36.80 -6.38
CA PRO A 10 -9.65 35.60 -5.95
C PRO A 10 -8.22 35.55 -6.46
N GLU A 11 -7.96 35.96 -7.70
CA GLU A 11 -6.62 35.87 -8.26
C GLU A 11 -5.66 36.82 -7.53
N GLU A 12 -6.09 38.07 -7.31
CA GLU A 12 -5.25 39.02 -6.60
C GLU A 12 -4.98 38.58 -5.17
N ALA A 13 -6.01 38.07 -4.50
CA ALA A 13 -5.82 37.58 -3.13
C ALA A 13 -4.86 36.41 -3.10
N ALA A 14 -4.97 35.49 -4.05
CA ALA A 14 -4.05 34.35 -4.10
C ALA A 14 -2.62 34.82 -4.33
N ALA A 15 -2.43 35.78 -5.24
CA ALA A 15 -1.09 36.30 -5.46
C ALA A 15 -0.52 36.96 -4.21
N LEU A 16 -1.35 37.74 -3.51
CA LEU A 16 -0.90 38.39 -2.29
C LEU A 16 -0.52 37.37 -1.22
N TYR A 17 -1.33 36.32 -1.08
CA TYR A 17 -1.01 35.28 -0.11
C TYR A 17 0.29 34.57 -0.48
N ARG A 18 0.48 34.26 -1.76
CA ARG A 18 1.73 33.66 -2.21
C ARG A 18 2.92 34.54 -1.84
N GLY A 19 2.78 35.85 -2.05
CA GLY A 19 3.88 36.76 -1.73
C GLY A 19 4.16 36.84 -0.24
N LEU A 20 3.10 36.88 0.59
CA LEU A 20 3.30 37.08 2.01
C LEU A 20 3.78 35.81 2.71
N SER A 21 3.34 34.63 2.25
CA SER A 21 3.68 33.39 2.94
C SER A 21 5.12 32.97 2.74
N ARG A 22 5.88 33.65 1.87
CA ARG A 22 7.25 33.24 1.58
C ARG A 22 8.23 33.61 2.69
N GLN A 23 7.86 34.51 3.60
CA GLN A 23 8.79 34.96 4.62
C GLN A 23 9.01 33.88 5.67
N PRO A 24 10.24 33.47 5.92
CA PRO A 24 10.52 32.42 6.91
C PRO A 24 10.64 32.96 8.33
N ALA A 25 10.71 32.03 9.28
CA ALA A 25 10.83 32.35 10.69
C ALA A 25 11.88 31.45 11.33
N LEU A 26 12.50 31.98 12.40
CA LEU A 26 13.53 31.24 13.12
C LEU A 26 12.90 30.29 14.13
N SER A 27 13.58 29.17 14.38
CA SER A 27 13.13 28.21 15.38
C SER A 27 14.18 27.89 16.44
N ALA A 28 15.47 27.86 16.09
CA ALA A 28 16.49 27.53 17.07
C ALA A 28 17.84 28.00 16.57
N ALA A 29 18.76 28.19 17.52
CA ALA A 29 20.12 28.62 17.21
C ALA A 29 21.06 28.12 18.30
N CYS A 30 22.31 27.91 17.93
CA CYS A 30 23.34 27.45 18.86
C CYS A 30 24.69 27.97 18.42
N LEU A 31 25.65 27.96 19.34
CA LEU A 31 26.98 28.50 19.12
C LEU A 31 28.03 27.40 19.16
N GLY A 32 29.07 27.57 18.35
CA GLY A 32 30.15 26.63 18.27
C GLY A 32 31.34 27.04 19.12
N PRO A 33 32.37 26.21 19.14
CA PRO A 33 33.55 26.51 19.97
C PRO A 33 34.42 27.61 19.36
N GLU A 34 35.22 28.22 20.23
CA GLU A 34 36.13 29.28 19.80
C GLU A 34 37.29 28.72 19.01
N VAL A 35 37.83 29.53 18.10
CA VAL A 35 38.96 29.15 17.27
C VAL A 35 39.94 30.33 17.21
N THR A 36 41.23 30.02 17.27
CA THR A 36 42.28 31.02 17.22
C THR A 36 43.10 30.84 15.94
N THR A 37 43.70 31.95 15.49
CA THR A 37 44.51 31.95 14.29
C THR A 37 45.93 32.40 14.64
N GLN A 38 46.88 32.02 13.79
CA GLN A 38 48.27 32.40 14.00
C GLN A 38 48.45 33.92 13.98
N TYR A 39 47.53 34.65 13.35
CA TYR A 39 47.58 36.11 13.36
C TYR A 39 47.03 36.72 14.64
N GLY A 40 46.41 35.92 15.50
CA GLY A 40 45.85 36.40 16.75
C GLY A 40 44.35 36.62 16.75
N GLY A 41 43.69 36.51 15.59
CA GLY A 41 42.27 36.74 15.55
C GLY A 41 41.48 35.61 16.19
N ARG A 42 40.23 35.91 16.54
CA ARG A 42 39.34 34.95 17.16
C ARG A 42 37.96 35.03 16.54
N TYR A 43 37.39 33.88 16.22
CA TYR A 43 36.08 33.80 15.59
C TYR A 43 35.36 32.56 16.06
N ARG A 44 34.04 32.54 15.85
CA ARG A 44 33.23 31.37 16.17
C ARG A 44 32.03 31.32 15.24
N THR A 45 31.44 30.14 15.14
CA THR A 45 30.35 29.88 14.21
C THR A 45 29.01 29.84 14.94
N VAL A 46 27.96 30.20 14.21
CA VAL A 46 26.59 30.20 14.70
C VAL A 46 25.75 29.32 13.79
N HIS A 47 25.01 28.38 14.37
CA HIS A 47 24.16 27.47 13.61
C HIS A 47 22.70 27.84 13.87
N THR A 48 21.93 28.01 12.80
CA THR A 48 20.54 28.43 12.94
C THR A 48 19.64 27.53 12.08
N GLU A 49 18.43 27.31 12.57
CA GLU A 49 17.43 26.51 11.88
C GLU A 49 16.21 27.36 11.55
N TRP A 50 15.74 27.25 10.32
CA TRP A 50 14.61 28.03 9.82
C TRP A 50 13.53 27.09 9.30
N THR A 51 12.31 27.60 9.25
CA THR A 51 11.16 26.88 8.71
C THR A 51 10.38 27.80 7.78
N GLN A 52 9.77 27.20 6.75
CA GLN A 52 9.07 27.98 5.74
C GLN A 52 7.95 27.16 5.11
N ARG A 53 6.85 27.83 4.76
CA ARG A 53 5.75 27.19 4.06
C ARG A 53 6.09 26.98 2.59
N ASP A 54 5.63 25.85 2.03
CA ASP A 54 5.83 25.54 0.62
C ASP A 54 4.48 25.13 0.05
N LEU A 55 3.93 25.97 -0.84
CA LEU A 55 2.60 25.73 -1.37
C LEU A 55 2.61 24.72 -2.52
N GLU A 56 3.72 24.58 -3.23
CA GLU A 56 3.78 23.58 -4.30
C GLU A 56 3.78 22.18 -3.73
N ARG A 57 4.62 21.92 -2.74
CA ARG A 57 4.60 20.64 -2.03
C ARG A 57 3.55 20.61 -0.93
N MET A 58 3.00 21.77 -0.55
CA MET A 58 1.97 21.86 0.48
C MET A 58 2.48 21.30 1.81
N GLU A 59 3.61 21.84 2.26
CA GLU A 59 4.21 21.33 3.49
C GLU A 59 5.11 22.39 4.10
N ASN A 60 5.45 22.18 5.37
CA ASN A 60 6.41 23.04 6.07
C ASN A 60 7.80 22.43 5.96
N ILE A 61 8.72 23.15 5.36
CA ILE A 61 10.09 22.68 5.15
C ILE A 61 10.99 23.33 6.18
N ARG A 62 12.05 22.61 6.57
CA ARG A 62 13.00 23.08 7.56
C ARG A 62 14.41 22.99 6.98
N PHE A 63 15.18 24.05 7.15
CA PHE A 63 16.54 24.09 6.64
C PHE A 63 17.47 24.71 7.67
N CYS A 64 18.76 24.58 7.41
CA CYS A 64 19.81 25.03 8.31
C CYS A 64 20.76 25.98 7.59
N ARG A 65 21.31 26.92 8.35
CA ARG A 65 22.28 27.86 7.82
C ARG A 65 23.30 28.19 8.90
N GLN A 66 24.48 28.64 8.48
CA GLN A 66 25.59 28.89 9.39
C GLN A 66 26.22 30.24 9.11
N TYR A 67 26.69 30.88 10.18
CA TYR A 67 27.28 32.21 10.11
C TYR A 67 28.58 32.23 10.88
N LEU A 68 29.40 33.25 10.61
CA LEU A 68 30.71 33.42 11.22
CA LEU A 68 30.71 33.42 11.20
C LEU A 68 30.79 34.78 11.89
N VAL A 69 31.33 34.81 13.11
CA VAL A 69 31.48 36.03 13.89
C VAL A 69 32.92 36.15 14.34
N PHE A 70 33.60 37.21 13.90
CA PHE A 70 34.93 37.55 14.36
C PHE A 70 34.84 38.59 15.47
N HIS A 71 35.42 38.28 16.62
CA HIS A 71 35.34 39.14 17.79
C HIS A 71 36.72 39.32 18.41
N ASP A 72 36.96 40.50 18.97
CA ASP A 72 38.21 40.82 19.66
C ASP A 72 37.85 41.24 21.08
N GLY A 73 38.03 40.32 22.04
CA GLY A 73 37.57 40.58 23.39
C GLY A 73 36.07 40.50 23.47
N ASP A 74 35.48 41.41 24.23
CA ASP A 74 34.03 41.47 24.38
C ASP A 74 33.44 42.52 23.42
N SER A 75 33.72 42.33 22.13
CA SER A 75 33.22 43.23 21.10
C SER A 75 33.24 42.50 19.76
N VAL A 76 32.24 42.77 18.94
CA VAL A 76 32.10 42.13 17.63
C VAL A 76 32.81 42.99 16.59
N VAL A 77 33.74 42.39 15.85
CA VAL A 77 34.51 43.13 14.86
C VAL A 77 33.94 42.87 13.47
N PHE A 78 33.46 41.66 13.21
CA PHE A 78 32.92 41.38 11.89
C PHE A 78 31.95 40.20 11.97
N ALA A 79 31.04 40.13 11.00
CA ALA A 79 30.07 39.04 10.92
C ALA A 79 29.73 38.80 9.46
N GLY A 80 29.55 37.53 9.10
CA GLY A 80 29.23 37.18 7.73
C GLY A 80 28.62 35.81 7.56
N PRO A 81 28.15 35.50 6.36
CA PRO A 81 27.62 34.17 6.08
C PRO A 81 28.73 33.17 5.75
N ALA A 82 28.38 31.89 5.85
CA ALA A 82 29.35 30.82 5.65
C ALA A 82 28.74 29.68 4.84
N GLY A 83 28.03 30.01 3.76
CA GLY A 83 27.51 29.01 2.86
C GLY A 83 26.04 29.23 2.57
N ASN A 84 25.43 28.23 1.93
CA ASN A 84 24.03 28.27 1.57
C ASN A 84 23.19 27.44 2.54
N SER A 85 21.87 27.59 2.42
CA SER A 85 20.93 26.86 3.24
C SER A 85 20.83 25.41 2.79
N VAL A 86 20.66 24.50 3.75
CA VAL A 86 20.55 23.07 3.45
C VAL A 86 19.26 22.55 4.07
N GLU A 87 18.40 21.96 3.25
CA GLU A 87 17.14 21.41 3.74
C GLU A 87 17.38 20.08 4.46
N THR A 88 16.57 19.81 5.47
CA THR A 88 16.70 18.59 6.27
C THR A 88 15.35 17.88 6.36
N ARG A 89 15.42 16.58 6.65
CA ARG A 89 14.22 15.74 6.68
C ARG A 89 14.34 14.70 7.77
N GLY A 90 13.37 14.66 8.67
CA GLY A 90 13.26 13.60 9.66
C GLY A 90 13.96 13.84 10.97
N GLU A 91 14.36 15.07 11.28
CA GLU A 91 15.05 15.36 12.53
C GLU A 91 14.04 15.71 13.61
N LEU A 92 14.06 14.96 14.71
CA LEU A 92 13.16 15.23 15.83
C LEU A 92 13.84 16.06 16.91
N LEU A 93 15.04 15.67 17.31
CA LEU A 93 15.80 16.39 18.33
C LEU A 93 17.28 16.33 17.97
N SER A 94 18.02 17.32 18.44
CA SER A 94 19.47 17.37 18.22
C SER A 94 20.10 18.22 19.30
N ARG A 95 21.32 17.86 19.68
CA ARG A 95 22.02 18.53 20.77
C ARG A 95 23.52 18.37 20.60
N GLU A 96 24.24 19.50 20.61
CA GLU A 96 25.69 19.48 20.57
C GLU A 96 26.24 19.14 21.95
N SER A 97 27.43 18.55 21.96
CA SER A 97 28.07 18.16 23.21
C SER A 97 28.63 19.38 23.93
N PRO A 98 28.92 19.25 25.23
CA PRO A 98 29.44 20.40 25.98
C PRO A 98 30.73 20.97 25.40
N SER A 99 31.61 20.13 24.89
CA SER A 99 32.87 20.60 24.31
C SER A 99 32.73 21.03 22.85
N GLY A 100 31.62 20.72 22.20
CA GLY A 100 31.40 21.12 20.82
C GLY A 100 32.06 20.23 19.78
N THR A 101 32.54 19.05 20.16
CA THR A 101 33.22 18.17 19.21
C THR A 101 32.32 17.10 18.61
N MET A 102 31.19 16.79 19.24
CA MET A 102 30.29 15.76 18.76
C MET A 102 28.87 16.32 18.69
N LYS A 103 28.01 15.62 17.95
CA LYS A 103 26.61 16.03 17.83
C LYS A 103 25.71 14.81 17.85
N ALA A 104 24.62 14.90 18.60
CA ALA A 104 23.66 13.81 18.74
C ALA A 104 22.36 14.19 18.04
N VAL A 105 21.81 13.25 17.27
CA VAL A 105 20.61 13.51 16.48
C VAL A 105 19.63 12.35 16.67
N LEU A 106 18.36 12.69 16.86
CA LEU A 106 17.29 11.70 16.82
C LEU A 106 16.54 11.84 15.50
N ARG A 107 16.43 10.73 14.76
CA ARG A 107 15.86 10.77 13.42
C ARG A 107 14.82 9.68 13.26
N LYS A 108 13.90 9.92 12.33
CA LYS A 108 12.92 8.91 11.92
C LYS A 108 13.09 8.65 10.43
N ALA A 109 13.24 7.38 10.07
CA ALA A 109 13.50 7.03 8.68
C ALA A 109 13.12 5.57 8.45
N GLY A 110 13.06 5.19 7.18
CA GLY A 110 12.73 3.83 6.80
C GLY A 110 11.27 3.67 6.38
N GLU A 117 7.81 3.54 9.78
CA GLU A 117 9.16 4.05 9.92
C GLU A 117 9.75 3.70 11.27
N LYS A 118 11.07 3.78 11.38
CA LYS A 118 11.79 3.47 12.60
C LYS A 118 12.52 4.72 13.11
N GLN A 119 12.93 4.65 14.37
CA GLN A 119 13.62 5.76 15.04
C GLN A 119 15.06 5.36 15.33
N PHE A 120 15.99 6.27 15.04
CA PHE A 120 17.42 6.03 15.20
C PHE A 120 18.05 7.15 16.01
N LEU A 121 19.08 6.80 16.75
CA LEU A 121 19.91 7.77 17.47
C LEU A 121 21.30 7.76 16.89
N GLU A 122 21.78 8.92 16.44
CA GLU A 122 23.03 9.03 15.71
C GLU A 122 24.00 9.95 16.44
N VAL A 123 25.28 9.61 16.36
CA VAL A 123 26.37 10.40 16.94
C VAL A 123 27.36 10.72 15.82
N TRP A 124 27.56 12.02 15.57
CA TRP A 124 28.41 12.55 14.51
C TRP A 124 29.64 13.21 15.10
N GLU A 125 30.77 13.09 14.42
CA GLU A 125 31.99 13.82 14.75
C GLU A 125 32.69 14.22 13.47
N LYS A 126 32.86 15.53 13.28
CA LYS A 126 33.49 16.07 12.07
C LYS A 126 32.80 15.58 10.80
N ASN A 127 33.55 14.93 9.92
CA ASN A 127 33.03 14.48 8.63
C ASN A 127 32.68 12.99 8.62
N ARG A 128 32.21 12.46 9.75
CA ARG A 128 31.86 11.06 9.85
C ARG A 128 30.67 10.89 10.78
N LYS A 129 29.82 9.91 10.47
CA LYS A 129 28.78 9.48 11.39
C LYS A 129 29.36 8.37 12.25
N LEU A 130 29.82 8.72 13.44
CA LEU A 130 30.54 7.76 14.28
C LEU A 130 29.66 6.57 14.63
N LYS A 131 28.44 6.83 15.11
CA LYS A 131 27.64 5.73 15.64
C LYS A 131 26.17 5.92 15.30
N SER A 132 25.47 4.78 15.21
CA SER A 132 24.03 4.75 15.00
C SER A 132 23.43 3.63 15.82
N PHE A 133 22.26 3.90 16.41
CA PHE A 133 21.56 2.92 17.23
C PHE A 133 20.10 2.84 16.78
N ASN A 134 19.64 1.63 16.52
CA ASN A 134 18.26 1.37 16.10
C ASN A 134 17.44 1.09 17.35
N LEU A 135 16.67 2.09 17.79
CA LEU A 135 15.95 1.98 19.05
C LEU A 135 14.83 0.95 18.97
N SER A 136 14.16 0.85 17.82
CA SER A 136 13.04 -0.07 17.69
C SER A 136 13.46 -1.51 17.89
N ALA A 137 14.61 -1.90 17.34
CA ALA A 137 15.05 -3.29 17.41
C ALA A 137 15.44 -3.68 18.83
N LEU A 138 15.98 -2.73 19.60
CA LEU A 138 16.44 -3.06 20.95
C LEU A 138 15.27 -3.44 21.85
N GLU A 139 14.11 -2.82 21.66
CA GLU A 139 12.88 -3.21 22.33
C GLU A 139 12.97 -3.05 23.85
N LYS A 140 13.41 -1.87 24.29
CA LYS A 140 13.42 -1.54 25.70
C LYS A 140 12.34 -0.53 26.09
N HIS A 141 11.68 0.10 25.12
CA HIS A 141 10.68 1.11 25.39
C HIS A 141 9.91 1.38 24.10
N GLY A 142 9.01 2.35 24.16
CA GLY A 142 8.20 2.72 23.02
C GLY A 142 8.75 3.93 22.28
N PRO A 143 7.87 4.66 21.59
CA PRO A 143 8.32 5.84 20.86
C PRO A 143 8.91 6.91 21.78
N VAL A 144 9.86 7.65 21.25
CA VAL A 144 10.55 8.69 22.00
C VAL A 144 9.71 9.97 22.00
N TYR A 145 9.74 10.70 23.11
CA TYR A 145 9.03 11.96 23.22
C TYR A 145 9.84 13.08 22.59
N GLU A 146 9.20 13.86 21.72
CA GLU A 146 9.87 14.96 21.04
C GLU A 146 9.22 16.32 21.30
N ASP A 147 8.22 16.40 22.17
CA ASP A 147 7.56 17.65 22.47
C ASP A 147 8.39 18.47 23.46
N ASP A 148 7.92 19.68 23.73
CA ASP A 148 8.57 20.58 24.68
C ASP A 148 8.05 20.43 26.11
N CYS A 149 7.03 19.60 26.32
CA CYS A 149 6.50 19.40 27.67
C CYS A 149 7.34 18.39 28.45
N PHE A 150 7.58 17.21 27.86
CA PHE A 150 8.35 16.15 28.52
C PHE A 150 9.70 15.89 27.88
N GLY A 151 9.84 16.10 26.57
CA GLY A 151 11.02 15.64 25.86
C GLY A 151 12.28 16.38 26.24
N CYS A 152 13.41 15.73 25.99
CA CYS A 152 14.73 16.32 26.25
C CYS A 152 15.78 15.37 25.68
N LEU A 153 17.02 15.85 25.67
CA LEU A 153 18.16 15.06 25.20
C LEU A 153 19.41 15.68 25.80
N SER A 154 20.08 14.98 26.70
CA SER A 154 21.14 15.59 27.50
C SER A 154 22.41 14.75 27.49
N TRP A 155 23.55 15.45 27.45
CA TRP A 155 24.88 14.84 27.51
C TRP A 155 25.39 14.80 28.94
N SER A 156 26.16 13.77 29.25
CA SER A 156 26.87 13.71 30.52
C SER A 156 28.04 14.68 30.52
N HIS A 157 28.47 15.07 31.71
CA HIS A 157 29.64 15.93 31.82
C HIS A 157 30.91 15.23 31.36
N SER A 158 30.96 13.90 31.44
CA SER A 158 32.06 13.14 30.87
C SER A 158 31.90 12.88 29.38
N GLU A 159 30.75 13.26 28.80
CA GLU A 159 30.49 13.08 27.38
C GLU A 159 30.57 11.60 26.98
N THR A 160 30.12 10.73 27.88
CA THR A 160 30.11 9.30 27.63
C THR A 160 28.73 8.67 27.63
N HIS A 161 27.73 9.34 28.20
CA HIS A 161 26.38 8.82 28.30
C HIS A 161 25.39 9.84 27.76
N LEU A 162 24.23 9.36 27.32
CA LEU A 162 23.15 10.21 26.85
C LEU A 162 21.86 9.88 27.60
N LEU A 163 21.04 10.91 27.83
CA LEU A 163 19.82 10.75 28.61
C LEU A 163 18.64 11.32 27.83
N TYR A 164 17.54 10.56 27.79
CA TYR A 164 16.32 11.01 27.11
C TYR A 164 15.11 10.39 27.77
N VAL A 165 13.93 10.63 27.17
CA VAL A 165 12.64 10.19 27.72
C VAL A 165 11.87 9.45 26.63
N ALA A 166 11.25 8.32 27.00
CA ALA A 166 10.51 7.52 26.03
C ALA A 166 9.30 6.89 26.69
N ASP A 167 8.34 6.48 25.86
CA ASP A 167 7.13 5.86 26.37
C ASP A 167 7.42 4.50 27.01
N LYS A 168 6.68 4.17 28.06
CA LYS A 168 6.91 2.92 28.79
C LYS A 168 6.45 1.72 27.99
N LYS A 169 7.17 0.61 28.12
CA LYS A 169 6.86 -0.59 27.38
C LYS A 169 5.64 -1.29 27.98
N ARG A 170 4.71 -1.72 27.12
CA ARG A 170 3.49 -2.39 27.52
C ARG A 170 3.60 -3.90 27.32
N PRO A 171 3.02 -4.70 28.21
CA PRO A 171 3.11 -6.15 28.06
C PRO A 171 2.39 -6.64 26.81
N LYS A 172 2.91 -7.73 26.24
CA LYS A 172 2.33 -8.29 25.04
C LYS A 172 0.99 -8.95 25.35
N ALA A 173 0.05 -8.82 24.41
CA ALA A 173 -1.29 -9.36 24.56
C ALA A 173 -1.70 -10.10 23.29
N GLU A 174 -2.64 -11.03 23.43
CA GLU A 174 -3.09 -11.84 22.32
C GLU A 174 -4.54 -12.25 22.53
N SER A 175 -5.18 -12.66 21.45
CA SER A 175 -6.58 -13.05 21.46
C SER A 175 -6.76 -14.44 22.06
N PHE A 176 -7.99 -14.71 22.51
CA PHE A 176 -8.32 -16.02 23.06
C PHE A 176 -8.31 -17.12 22.00
N PHE A 177 -8.41 -16.74 20.72
CA PHE A 177 -8.61 -17.72 19.64
C PHE A 177 -7.45 -17.74 18.65
N GLN A 178 -6.25 -17.42 19.09
CA GLN A 178 -5.09 -17.46 18.21
C GLN A 178 -4.69 -18.91 17.90
N THR A 179 -4.14 -19.09 16.70
CA THR A 179 -3.66 -20.40 16.27
C THR A 179 -2.13 -20.42 16.36
N LYS A 180 -1.59 -21.42 17.05
CA LYS A 180 -0.18 -21.51 17.33
C LYS A 180 0.48 -22.61 16.51
N ALA A 181 1.79 -22.46 16.30
CA ALA A 181 2.54 -23.42 15.50
C ALA A 181 2.55 -24.79 16.15
N LEU A 182 2.52 -25.82 15.30
CA LEU A 182 2.50 -27.20 15.77
C LEU A 182 3.92 -27.73 15.96
N ALA A 200 2.33 -13.95 26.58
CA ALA A 200 1.30 -12.98 26.22
C ALA A 200 0.04 -13.20 27.05
N ILE A 201 -0.62 -12.10 27.41
CA ILE A 201 -1.84 -12.17 28.20
C ILE A 201 -3.03 -12.23 27.26
N LYS A 202 -3.88 -13.23 27.45
CA LYS A 202 -5.06 -13.41 26.62
C LYS A 202 -6.17 -12.47 27.08
N GLY A 203 -6.72 -11.70 26.13
CA GLY A 203 -7.84 -10.84 26.42
C GLY A 203 -7.51 -9.43 26.82
N ASP A 204 -6.27 -8.98 26.66
CA ASP A 204 -5.86 -7.64 27.06
C ASP A 204 -5.53 -6.75 25.86
N GLN A 205 -5.94 -7.13 24.65
CA GLN A 205 -5.58 -6.35 23.47
C GLN A 205 -6.19 -4.95 23.51
N PHE A 206 -7.39 -4.80 24.09
CA PHE A 206 -8.12 -3.55 24.01
C PHE A 206 -8.25 -2.87 25.36
N LEU A 207 -7.23 -3.01 26.22
CA LEU A 207 -7.24 -2.31 27.49
C LEU A 207 -7.01 -0.82 27.29
N PHE A 208 -7.69 0.00 28.09
CA PHE A 208 -7.68 1.44 27.91
C PHE A 208 -6.45 2.06 28.57
N TYR A 209 -5.75 2.92 27.82
CA TYR A 209 -4.62 3.69 28.33
C TYR A 209 -4.93 5.17 28.15
N GLU A 210 -4.96 5.92 29.25
CA GLU A 210 -5.32 7.32 29.21
C GLU A 210 -4.11 8.18 28.84
N ASP A 211 -4.32 9.11 27.92
CA ASP A 211 -3.26 9.99 27.45
C ASP A 211 -3.43 11.39 28.01
N TRP A 212 -2.50 12.28 27.65
CA TRP A 212 -2.37 13.59 28.29
C TRP A 212 -3.12 14.70 27.58
N GLY A 213 -3.92 14.38 26.56
CA GLY A 213 -4.84 15.37 26.02
C GLY A 213 -4.54 15.90 24.64
N GLU A 214 -4.94 17.14 24.40
CA GLU A 214 -4.83 17.75 23.07
C GLU A 214 -3.38 17.84 22.62
N ASN A 215 -3.11 17.40 21.39
CA ASN A 215 -1.77 17.37 20.82
C ASN A 215 -0.83 16.46 21.61
N MET A 216 -1.40 15.51 22.35
CA MET A 216 -0.63 14.54 23.13
C MET A 216 -1.19 13.14 22.91
N VAL A 217 -1.64 12.86 21.69
CA VAL A 217 -2.31 11.59 21.40
C VAL A 217 -1.34 10.43 21.57
N SER A 218 -1.77 9.40 22.30
CA SER A 218 -1.05 8.16 22.51
C SER A 218 0.07 8.26 23.54
N LYS A 219 0.25 9.41 24.20
CA LYS A 219 1.29 9.58 25.19
C LYS A 219 0.68 9.45 26.57
N SER A 220 1.01 8.35 27.27
CA SER A 220 0.39 8.02 28.55
C SER A 220 1.36 8.10 29.72
N THR A 221 2.48 7.37 29.67
CA THR A 221 3.43 7.38 30.78
C THR A 221 4.86 7.35 30.27
N PRO A 222 5.61 8.44 30.44
CA PRO A 222 7.01 8.45 30.03
C PRO A 222 7.92 7.82 31.08
N VAL A 223 9.14 7.51 30.65
CA VAL A 223 10.20 6.96 31.50
C VAL A 223 11.53 7.53 31.05
N LEU A 224 12.49 7.53 31.97
CA LEU A 224 13.83 8.05 31.70
C LEU A 224 14.75 6.93 31.24
N CYS A 225 15.46 7.17 30.14
CA CYS A 225 16.34 6.18 29.55
C CYS A 225 17.74 6.73 29.42
N VAL A 226 18.74 5.91 29.77
CA VAL A 226 20.20 6.26 29.69
C VAL A 226 20.90 5.31 28.70
N LEU A 227 21.54 5.84 27.69
CA LEU A 227 22.33 5.05 26.71
C LEU A 227 23.83 5.23 26.91
N ASP A 228 24.56 4.13 27.04
CA ASP A 228 26.05 4.14 27.13
C ASP A 228 26.65 4.10 25.70
N ILE A 229 27.37 5.12 25.18
CA ILE A 229 27.81 5.17 23.80
C ILE A 229 28.82 4.06 23.50
N GLU A 230 29.78 3.85 24.39
CA GLU A 230 30.85 2.89 24.11
C GLU A 230 30.31 1.49 23.93
N SER A 231 29.50 1.01 24.87
CA SER A 231 29.00 -0.35 24.81
C SER A 231 27.69 -0.48 24.05
N GLY A 232 26.89 0.58 23.99
CA GLY A 232 25.63 0.54 23.27
C GLY A 232 24.47 -0.06 24.02
N ASN A 233 24.55 -0.16 25.35
CA ASN A 233 23.48 -0.74 26.16
C ASN A 233 22.58 0.37 26.70
N ILE A 234 21.29 0.08 26.79
CA ILE A 234 20.28 1.03 27.24
C ILE A 234 19.71 0.55 28.57
N SER A 235 19.50 1.49 29.48
CA SER A 235 18.94 1.18 30.80
C SER A 235 17.80 2.13 31.11
N VAL A 236 16.82 1.63 31.85
CA VAL A 236 15.70 2.43 32.32
C VAL A 236 15.88 2.65 33.82
N LEU A 237 16.00 3.91 34.22
CA LEU A 237 16.27 4.23 35.61
C LEU A 237 15.15 3.76 36.52
N GLU A 238 15.51 3.32 37.72
CA GLU A 238 14.57 2.86 38.72
C GLU A 238 14.51 3.86 39.88
N GLY A 239 13.33 3.98 40.49
CA GLY A 239 13.14 4.86 41.61
C GLY A 239 12.19 6.01 41.37
N VAL A 240 11.61 6.13 40.19
CA VAL A 240 10.63 7.20 39.94
C VAL A 240 9.33 6.86 40.65
N PRO A 241 8.74 7.79 41.40
CA PRO A 241 7.49 7.47 42.12
C PRO A 241 6.41 7.01 41.15
N GLU A 242 5.65 6.02 41.58
CA GLU A 242 4.68 5.37 40.70
C GLU A 242 3.58 6.32 40.23
N SER A 243 3.34 7.42 40.95
CA SER A 243 2.22 8.30 40.67
C SER A 243 2.61 9.57 39.92
N VAL A 244 3.79 9.62 39.31
CA VAL A 244 4.23 10.81 38.61
C VAL A 244 4.72 10.45 37.22
N SER A 245 4.63 11.43 36.32
CA SER A 245 5.21 11.37 34.98
C SER A 245 6.45 12.25 34.95
N PRO A 246 7.62 11.70 34.65
CA PRO A 246 8.86 12.49 34.69
C PRO A 246 9.16 13.18 33.36
N GLY A 247 9.96 14.23 33.46
CA GLY A 247 10.37 14.95 32.26
C GLY A 247 11.38 16.04 32.59
N GLN A 248 11.85 16.69 31.54
CA GLN A 248 12.78 17.82 31.61
C GLN A 248 13.95 17.50 32.54
N ALA A 249 14.69 16.46 32.19
CA ALA A 249 15.76 15.93 33.03
C ALA A 249 17.12 16.38 32.52
N PHE A 250 18.08 16.46 33.45
CA PHE A 250 19.46 16.78 33.13
C PHE A 250 20.37 16.14 34.16
N TRP A 251 21.66 16.04 33.81
CA TRP A 251 22.63 15.36 34.66
C TRP A 251 23.02 16.23 35.84
N ALA A 252 23.04 15.62 37.03
CA ALA A 252 23.42 16.31 38.25
C ALA A 252 24.93 16.50 38.32
N PRO A 253 25.40 17.43 39.16
CA PRO A 253 26.84 17.66 39.28
C PRO A 253 27.56 16.38 39.67
N GLY A 254 28.70 16.13 39.00
CA GLY A 254 29.46 14.93 39.21
C GLY A 254 28.93 13.70 38.53
N ASP A 255 27.85 13.81 37.75
CA ASP A 255 27.25 12.68 37.05
C ASP A 255 26.80 11.59 38.02
N THR A 256 26.50 11.97 39.26
CA THR A 256 26.06 10.98 40.24
C THR A 256 24.61 10.56 40.03
N GLY A 257 23.77 11.46 39.55
CA GLY A 257 22.36 11.16 39.38
C GLY A 257 21.70 12.03 38.35
N VAL A 258 20.37 12.11 38.44
CA VAL A 258 19.55 12.83 37.48
C VAL A 258 18.54 13.68 38.22
N VAL A 259 18.33 14.90 37.74
CA VAL A 259 17.33 15.83 38.28
C VAL A 259 16.21 15.95 37.24
N PHE A 260 14.97 15.84 37.69
CA PHE A 260 13.85 15.89 36.77
C PHE A 260 12.64 16.52 37.44
N VAL A 261 11.60 16.75 36.65
CA VAL A 261 10.33 17.29 37.12
C VAL A 261 9.27 16.22 36.95
N GLY A 262 8.49 15.98 38.00
CA GLY A 262 7.43 14.98 37.99
C GLY A 262 6.06 15.64 38.11
N TRP A 263 5.16 15.25 37.22
CA TRP A 263 3.79 15.73 37.19
C TRP A 263 2.86 14.66 37.74
N TRP A 264 1.99 15.04 38.67
CA TRP A 264 1.05 14.10 39.26
C TRP A 264 -0.04 13.71 38.27
N HIS A 265 -0.35 12.41 38.18
CA HIS A 265 -1.39 11.94 37.28
C HIS A 265 -2.41 11.07 37.99
N GLU A 266 -2.70 11.37 39.26
CA GLU A 266 -3.77 10.72 39.99
C GLU A 266 -4.79 11.75 40.47
N PRO A 267 -6.09 11.43 40.43
CA PRO A 267 -6.63 10.14 39.97
C PRO A 267 -6.71 10.00 38.46
N PHE A 268 -6.63 11.12 37.72
CA PHE A 268 -6.61 11.07 36.28
C PHE A 268 -5.94 12.33 35.74
N ARG A 269 -5.53 12.26 34.48
CA ARG A 269 -4.75 13.34 33.87
C ARG A 269 -5.66 14.45 33.37
N LEU A 270 -5.18 15.69 33.52
CA LEU A 270 -5.82 16.87 32.94
C LEU A 270 -4.92 17.43 31.86
N GLY A 271 -5.53 17.98 30.81
CA GLY A 271 -4.79 18.55 29.70
C GLY A 271 -3.60 19.38 30.14
N ILE A 272 -2.42 19.10 29.57
CA ILE A 272 -1.20 19.71 30.05
C ILE A 272 -0.66 20.74 29.07
N ARG A 273 -0.94 20.56 27.79
CA ARG A 273 -0.39 21.46 26.77
C ARG A 273 -1.02 22.84 26.88
N PHE A 274 -0.18 23.88 26.88
CA PHE A 274 -0.61 25.27 26.94
C PHE A 274 -1.23 25.63 28.29
N CYS A 275 -0.87 24.90 29.34
CA CYS A 275 -1.31 25.20 30.69
C CYS A 275 -0.12 25.13 31.63
N THR A 276 -0.05 26.06 32.59
CA THR A 276 1.04 26.11 33.56
C THR A 276 0.56 25.88 34.99
N ASN A 277 -0.63 25.32 35.17
CA ASN A 277 -1.22 25.16 36.48
C ASN A 277 -1.42 23.69 36.86
N ARG A 278 -0.54 22.81 36.36
CA ARG A 278 -0.60 21.39 36.69
C ARG A 278 0.37 21.08 37.81
N ARG A 279 -0.11 20.38 38.83
CA ARG A 279 0.70 20.10 40.01
C ARG A 279 1.91 19.25 39.65
N SER A 280 3.07 19.64 40.18
CA SER A 280 4.32 18.96 39.86
C SER A 280 5.37 19.33 40.90
N ALA A 281 6.50 18.64 40.85
CA ALA A 281 7.58 18.85 41.80
C ALA A 281 8.92 18.49 41.17
N LEU A 282 10.00 18.82 41.88
CA LEU A 282 11.36 18.58 41.43
C LEU A 282 11.98 17.44 42.23
N TYR A 283 12.58 16.47 41.54
CA TYR A 283 13.13 15.29 42.18
C TYR A 283 14.56 15.05 41.72
N TYR A 284 15.32 14.38 42.60
CA TYR A 284 16.67 13.92 42.29
C TYR A 284 16.75 12.42 42.55
N VAL A 285 17.30 11.67 41.61
CA VAL A 285 17.36 10.22 41.70
C VAL A 285 18.77 9.74 41.38
N ASP A 286 19.26 8.77 42.16
CA ASP A 286 20.58 8.19 41.95
C ASP A 286 20.60 7.30 40.72
N LEU A 287 21.79 7.15 40.14
CA LEU A 287 21.93 6.31 38.95
C LEU A 287 21.60 4.85 39.26
N THR A 288 22.05 4.34 40.40
CA THR A 288 21.79 2.97 40.80
C THR A 288 21.46 2.94 42.28
N GLY A 289 20.42 2.19 42.64
CA GLY A 289 20.02 2.08 44.03
C GLY A 289 18.55 2.34 44.27
N GLY A 290 17.98 3.30 43.54
CA GLY A 290 16.57 3.60 43.65
C GLY A 290 16.20 4.68 44.65
N LYS A 291 17.18 5.36 45.25
CA LYS A 291 16.86 6.43 46.19
C LYS A 291 16.44 7.69 45.44
N CYS A 292 15.33 8.28 45.86
CA CYS A 292 14.78 9.49 45.24
C CYS A 292 14.45 10.49 46.33
N GLU A 293 14.85 11.74 46.13
CA GLU A 293 14.62 12.79 47.11
C GLU A 293 13.95 13.99 46.47
N LEU A 294 13.11 14.65 47.27
CA LEU A 294 12.38 15.84 46.85
C LEU A 294 13.21 17.09 47.10
N LEU A 295 13.24 17.98 46.12
CA LEU A 295 14.04 19.20 46.21
C LEU A 295 13.23 20.48 46.33
N SER A 296 11.89 20.40 46.26
CA SER A 296 11.06 21.59 46.34
C SER A 296 9.74 21.22 47.00
N ASP A 297 8.84 22.20 47.07
CA ASP A 297 7.52 21.97 47.63
C ASP A 297 6.68 21.11 46.69
N GLU A 298 5.63 20.50 47.25
CA GLU A 298 4.81 19.55 46.50
C GLU A 298 3.35 19.96 46.39
N SER A 299 3.03 21.26 46.56
CA SER A 299 1.65 21.71 46.50
C SER A 299 1.40 22.74 45.41
N VAL A 300 2.42 23.10 44.63
CA VAL A 300 2.29 24.12 43.59
C VAL A 300 2.85 23.57 42.28
N ALA A 301 2.95 24.42 41.26
CA ALA A 301 3.52 24.03 39.98
C ALA A 301 4.93 24.56 39.84
N VAL A 302 5.83 23.75 39.30
CA VAL A 302 7.21 24.17 39.05
C VAL A 302 7.61 23.73 37.65
N THR A 303 8.55 24.45 37.06
CA THR A 303 8.99 24.11 35.71
C THR A 303 10.32 24.78 35.38
N SER A 304 10.93 24.29 34.30
CA SER A 304 12.07 24.90 33.62
C SER A 304 13.30 25.05 34.50
N PRO A 305 13.86 23.97 35.03
CA PRO A 305 15.11 24.08 35.79
C PRO A 305 16.32 24.19 34.88
N ARG A 306 17.32 24.92 35.36
CA ARG A 306 18.55 25.17 34.59
C ARG A 306 19.73 25.21 35.55
N LEU A 307 20.69 24.31 35.34
CA LEU A 307 21.89 24.27 36.16
C LEU A 307 22.91 25.30 35.70
N SER A 308 23.57 25.94 36.65
CA SER A 308 24.50 27.03 36.35
C SER A 308 25.82 26.50 35.80
N PRO A 309 26.57 27.34 35.09
CA PRO A 309 27.84 26.88 34.51
C PRO A 309 28.83 26.35 35.53
N ASP A 310 28.88 26.93 36.73
CA ASP A 310 29.80 26.44 37.75
C ASP A 310 29.26 25.23 38.49
N GLN A 311 28.00 24.84 38.25
CA GLN A 311 27.43 23.61 38.81
C GLN A 311 27.20 23.72 40.31
N CYS A 312 26.79 24.91 40.77
CA CYS A 312 26.56 25.14 42.19
C CYS A 312 25.12 25.49 42.55
N ARG A 313 24.30 25.90 41.59
CA ARG A 313 22.93 26.33 41.90
C ARG A 313 22.02 26.06 40.71
N ILE A 314 20.72 26.08 40.98
CA ILE A 314 19.69 25.80 39.98
C ILE A 314 18.61 26.87 40.08
N VAL A 315 18.12 27.34 38.94
CA VAL A 315 17.07 28.34 38.88
C VAL A 315 15.86 27.72 38.19
N TYR A 316 14.66 28.05 38.68
CA TYR A 316 13.45 27.51 38.07
C TYR A 316 12.28 28.46 38.29
N LEU A 317 11.16 28.16 37.62
CA LEU A 317 9.95 28.96 37.68
C LEU A 317 8.92 28.24 38.54
N ARG A 318 8.25 29.00 39.40
CA ARG A 318 7.25 28.45 40.30
C ARG A 318 5.94 29.24 40.19
N PHE A 319 4.85 28.52 39.99
CA PHE A 319 3.51 29.09 39.98
C PHE A 319 2.77 28.58 41.21
N PRO A 320 2.34 29.47 42.11
CA PRO A 320 1.87 29.06 43.45
C PRO A 320 0.39 28.78 43.57
N SER A 321 -0.41 28.93 42.51
CA SER A 321 -1.82 28.58 42.56
C SER A 321 -2.16 27.76 41.32
N LEU A 322 -3.13 26.88 41.47
CA LEU A 322 -3.52 25.96 40.40
C LEU A 322 -4.80 26.37 39.68
N VAL A 323 -5.38 27.51 40.02
CA VAL A 323 -6.68 27.91 39.46
C VAL A 323 -6.57 28.32 38.00
N PRO A 324 -5.89 29.43 37.67
CA PRO A 324 -5.89 29.90 36.28
C PRO A 324 -4.88 29.17 35.42
N HIS A 325 -5.21 29.09 34.13
CA HIS A 325 -4.36 28.35 33.20
C HIS A 325 -3.09 29.11 32.82
N GLN A 326 -3.06 30.43 33.04
CA GLN A 326 -1.84 31.21 32.90
C GLN A 326 -1.91 32.38 33.87
N GLN A 327 -0.77 32.72 34.46
CA GLN A 327 -0.72 33.75 35.49
C GLN A 327 0.72 34.25 35.62
N CYS A 328 0.92 35.16 36.57
CA CYS A 328 2.26 35.63 36.89
C CYS A 328 2.97 34.62 37.77
N GLY A 329 4.26 34.40 37.48
CA GLY A 329 5.06 33.40 38.17
C GLY A 329 6.23 34.01 38.92
N GLN A 330 6.87 33.18 39.74
CA GLN A 330 8.04 33.56 40.51
C GLN A 330 9.27 32.85 39.97
N LEU A 331 10.42 33.49 40.17
CA LEU A 331 11.72 32.92 39.83
C LEU A 331 12.44 32.57 41.13
N CYS A 332 12.78 31.29 41.28
CA CYS A 332 13.34 30.75 42.52
C CYS A 332 14.70 30.11 42.26
N LEU A 333 15.52 30.06 43.31
CA LEU A 333 16.88 29.54 43.24
C LEU A 333 17.13 28.53 44.34
N TYR A 334 17.87 27.47 44.01
CA TYR A 334 18.20 26.39 44.95
C TYR A 334 19.70 26.18 44.94
N ASP A 335 20.30 26.12 46.14
CA ASP A 335 21.73 25.93 46.29
C ASP A 335 22.03 24.45 46.51
N TRP A 336 22.91 23.90 45.68
CA TRP A 336 23.15 22.47 45.71
C TRP A 336 23.81 22.02 47.01
N TYR A 337 24.79 22.78 47.50
CA TYR A 337 25.61 22.31 48.61
C TYR A 337 25.11 22.76 49.98
N THR A 338 24.34 23.85 50.06
CA THR A 338 23.73 24.25 51.32
C THR A 338 22.28 23.83 51.45
N ARG A 339 21.60 23.53 50.33
CA ARG A 339 20.22 23.04 50.34
C ARG A 339 19.24 24.13 50.75
N VAL A 340 19.55 25.38 50.46
CA VAL A 340 18.71 26.52 50.82
C VAL A 340 17.96 26.99 49.58
N THR A 341 16.66 27.22 49.73
CA THR A 341 15.81 27.74 48.65
C THR A 341 15.41 29.18 48.97
N SER A 342 15.34 30.02 47.94
CA SER A 342 14.99 31.41 48.10
C SER A 342 14.20 31.89 46.89
N VAL A 343 13.51 33.01 47.06
CA VAL A 343 12.71 33.61 46.00
C VAL A 343 13.49 34.79 45.43
N VAL A 344 13.89 34.69 44.17
CA VAL A 344 14.62 35.77 43.52
C VAL A 344 13.68 36.84 43.01
N VAL A 345 12.63 36.43 42.29
CA VAL A 345 11.65 37.37 41.75
C VAL A 345 10.26 36.91 42.15
N ASP A 346 9.47 37.83 42.71
CA ASP A 346 8.16 37.54 43.28
C ASP A 346 7.06 38.15 42.44
N ILE A 347 5.81 37.85 42.82
CA ILE A 347 4.66 38.31 42.05
C ILE A 347 4.60 39.83 42.03
N VAL A 348 4.12 40.38 40.91
CA VAL A 348 3.95 41.81 40.71
C VAL A 348 2.45 42.08 40.62
N PRO A 349 1.86 42.78 41.60
CA PRO A 349 0.41 43.05 41.55
C PRO A 349 0.00 43.89 40.35
N ARG A 350 0.58 45.08 40.21
CA ARG A 350 0.24 45.97 39.11
C ARG A 350 1.43 46.31 38.23
N GLN A 351 2.55 46.73 38.82
CA GLN A 351 3.71 47.10 38.03
C GLN A 351 4.88 47.37 38.96
N LEU A 352 6.09 47.14 38.45
CA LEU A 352 7.34 47.42 39.14
C LEU A 352 8.15 48.35 38.26
N GLY A 353 7.89 49.65 38.39
CA GLY A 353 8.45 50.62 37.47
C GLY A 353 7.67 50.68 36.18
N GLU A 354 8.23 51.41 35.22
CA GLU A 354 7.59 51.60 33.92
C GLU A 354 8.02 50.60 32.87
N ASP A 355 8.91 49.66 33.21
CA ASP A 355 9.46 48.73 32.23
C ASP A 355 9.19 47.26 32.53
N PHE A 356 8.75 46.93 33.74
CA PHE A 356 8.55 45.54 34.13
C PHE A 356 7.19 45.37 34.79
N SER A 357 6.50 44.28 34.44
CA SER A 357 5.18 44.01 34.98
C SER A 357 4.99 42.57 35.43
N GLY A 358 6.06 41.77 35.47
CA GLY A 358 6.00 40.40 35.92
C GLY A 358 6.54 39.43 34.90
N ILE A 359 6.60 38.17 35.30
CA ILE A 359 7.13 37.09 34.46
C ILE A 359 5.94 36.30 33.92
N TYR A 360 5.85 36.18 32.60
CA TYR A 360 4.71 35.53 31.96
C TYR A 360 5.12 34.48 30.94
N CYS A 361 6.41 34.24 30.75
CA CYS A 361 6.86 33.18 29.87
C CYS A 361 6.70 31.83 30.55
N SER A 362 6.39 30.81 29.75
CA SER A 362 6.22 29.46 30.25
C SER A 362 7.51 28.66 30.24
N LEU A 363 8.59 29.18 29.67
CA LEU A 363 9.86 28.48 29.62
C LEU A 363 11.00 29.50 29.61
N LEU A 364 12.17 29.04 30.00
CA LEU A 364 13.42 29.77 29.93
C LEU A 364 14.28 29.23 28.79
N PRO A 365 15.16 30.05 28.23
CA PRO A 365 16.07 29.54 27.19
C PRO A 365 16.91 28.40 27.72
N LEU A 366 17.25 27.46 26.83
CA LEU A 366 18.08 26.33 27.23
C LEU A 366 19.40 26.80 27.82
N GLY A 367 20.00 27.85 27.23
CA GLY A 367 21.14 28.50 27.81
C GLY A 367 20.80 29.90 28.27
N CYS A 368 20.73 30.11 29.58
CA CYS A 368 20.26 31.37 30.13
C CYS A 368 21.17 31.98 31.19
N TRP A 369 22.23 31.30 31.60
CA TRP A 369 23.16 31.81 32.60
C TRP A 369 24.26 32.65 31.95
N SER A 370 24.65 33.73 32.62
CA SER A 370 25.83 34.47 32.21
C SER A 370 27.08 33.70 32.63
N ALA A 371 28.22 34.14 32.09
CA ALA A 371 29.47 33.42 32.32
C ALA A 371 29.90 33.45 33.79
N ASP A 372 29.45 34.43 34.57
CA ASP A 372 29.83 34.54 35.97
C ASP A 372 28.98 33.68 36.90
N SER A 373 27.97 33.01 36.37
CA SER A 373 27.07 32.18 37.19
C SER A 373 26.39 33.02 38.29
N GLN A 374 26.06 34.26 37.95
CA GLN A 374 25.37 35.14 38.88
C GLN A 374 24.17 35.87 38.28
N ARG A 375 24.06 35.95 36.97
CA ARG A 375 22.96 36.65 36.32
C ARG A 375 22.23 35.70 35.36
N VAL A 376 20.96 36.02 35.10
CA VAL A 376 20.14 35.24 34.19
C VAL A 376 19.45 36.21 33.22
N VAL A 377 19.18 35.73 32.02
CA VAL A 377 18.55 36.53 30.98
C VAL A 377 17.35 35.77 30.41
N PHE A 378 16.28 36.49 30.14
CA PHE A 378 15.10 35.86 29.54
C PHE A 378 14.29 36.93 28.81
N ASP A 379 13.16 36.51 28.22
CA ASP A 379 12.26 37.42 27.53
C ASP A 379 10.84 37.17 28.00
N SER A 380 10.05 38.25 28.05
CA SER A 380 8.71 38.16 28.60
C SER A 380 7.84 39.25 28.01
N PRO A 381 6.52 39.06 27.97
CA PRO A 381 5.62 40.15 27.57
C PRO A 381 5.61 41.27 28.58
N GLN A 382 5.38 42.48 28.08
CA GLN A 382 5.35 43.69 28.90
C GLN A 382 4.33 44.63 28.26
N ARG A 383 3.16 44.73 28.87
CA ARG A 383 2.02 45.38 28.23
C ARG A 383 1.77 44.76 26.85
N SER A 384 1.88 45.57 25.80
CA SER A 384 1.67 45.09 24.44
C SER A 384 2.97 44.76 23.72
N ARG A 385 4.11 44.85 24.39
CA ARG A 385 5.40 44.53 23.81
C ARG A 385 5.91 43.19 24.34
N GLN A 386 7.06 42.77 23.81
CA GLN A 386 7.79 41.61 24.33
C GLN A 386 9.25 42.00 24.45
N ASP A 387 9.78 42.00 25.67
CA ASP A 387 11.08 42.58 25.95
C ASP A 387 12.03 41.53 26.53
N LEU A 388 13.30 41.91 26.62
CA LEU A 388 14.36 41.09 27.19
C LEU A 388 14.81 41.69 28.52
N PHE A 389 14.99 40.82 29.52
CA PHE A 389 15.32 41.24 30.87
C PHE A 389 16.51 40.45 31.40
N ALA A 390 17.29 41.10 32.26
CA ALA A 390 18.41 40.51 32.97
C ALA A 390 18.18 40.65 34.47
N VAL A 391 18.37 39.55 35.20
CA VAL A 391 18.08 39.48 36.63
C VAL A 391 19.35 39.05 37.35
N ASP A 392 19.70 39.76 38.41
CA ASP A 392 20.79 39.39 39.29
C ASP A 392 20.23 38.51 40.41
N THR A 393 20.73 37.28 40.51
CA THR A 393 20.20 36.32 41.45
C THR A 393 20.68 36.54 42.88
N GLN A 394 21.64 37.44 43.10
CA GLN A 394 22.11 37.74 44.45
C GLN A 394 21.36 38.92 45.07
N MET A 395 21.17 39.99 44.31
CA MET A 395 20.48 41.18 44.80
C MET A 395 19.00 41.20 44.45
N GLY A 396 18.61 40.65 43.30
CA GLY A 396 17.22 40.59 42.91
C GLY A 396 16.74 41.70 42.00
N SER A 397 17.64 42.50 41.44
CA SER A 397 17.24 43.61 40.59
C SER A 397 16.98 43.13 39.16
N VAL A 398 15.97 43.72 38.52
CA VAL A 398 15.59 43.39 37.15
C VAL A 398 15.90 44.59 36.27
N THR A 399 16.62 44.36 35.17
CA THR A 399 17.01 45.42 34.24
C THR A 399 16.49 45.07 32.85
N SER A 400 15.91 46.07 32.18
CA SER A 400 15.38 45.90 30.83
C SER A 400 16.46 46.25 29.82
N LEU A 401 16.71 45.35 28.87
CA LEU A 401 17.73 45.57 27.86
C LEU A 401 17.20 46.24 26.60
N THR A 402 15.89 46.28 26.41
CA THR A 402 15.30 46.82 25.18
C THR A 402 14.21 47.84 25.49
N ALA A 403 14.39 48.64 26.54
CA ALA A 403 13.40 49.62 26.92
C ALA A 403 13.42 50.81 25.97
N GLY A 404 12.27 51.47 25.85
CA GLY A 404 12.13 52.63 25.00
C GLY A 404 11.80 52.27 23.56
N GLY A 405 11.53 53.31 22.78
CA GLY A 405 11.22 53.13 21.37
C GLY A 405 9.74 52.96 21.11
N SER A 406 9.42 52.69 19.85
CA SER A 406 8.03 52.53 19.44
C SER A 406 7.48 51.17 19.86
N GLY A 407 8.31 50.13 19.82
CA GLY A 407 7.87 48.81 20.18
C GLY A 407 8.65 47.76 19.41
N GLY A 408 8.05 46.59 19.29
CA GLY A 408 8.68 45.45 18.65
C GLY A 408 8.71 44.24 19.56
N SER A 409 8.99 43.09 18.95
CA SER A 409 9.03 41.82 19.64
C SER A 409 10.41 41.20 19.51
N TRP A 410 11.02 40.87 20.65
CA TRP A 410 12.32 40.23 20.74
C TRP A 410 12.16 38.81 21.26
N LYS A 411 13.08 37.94 20.85
CA LYS A 411 13.13 36.58 21.38
C LYS A 411 14.58 36.15 21.50
N LEU A 412 14.95 35.66 22.68
CA LEU A 412 16.33 35.24 22.94
C LEU A 412 16.47 33.75 22.69
N LEU A 413 17.35 33.37 21.77
CA LEU A 413 17.49 31.97 21.40
C LEU A 413 18.54 31.24 22.23
N THR A 414 19.62 31.91 22.63
CA THR A 414 20.64 31.27 23.45
C THR A 414 21.66 32.32 23.89
N ILE A 415 22.46 31.93 24.87
CA ILE A 415 23.61 32.71 25.32
C ILE A 415 24.70 31.75 25.75
N ASP A 416 25.95 32.06 25.39
CA ASP A 416 27.09 31.23 25.74
C ASP A 416 28.33 32.09 25.79
N ARG A 417 29.04 32.07 26.91
CA ARG A 417 30.21 32.91 27.12
C ARG A 417 29.86 34.38 26.93
N ASP A 418 28.67 34.77 27.36
CA ASP A 418 28.19 36.15 27.35
C ASP A 418 27.92 36.67 25.94
N LEU A 419 27.66 35.78 24.98
CA LEU A 419 27.26 36.16 23.63
C LEU A 419 25.82 35.70 23.41
N MET A 420 24.94 36.65 23.09
CA MET A 420 23.53 36.37 22.90
C MET A 420 23.16 36.40 21.42
N VAL A 421 22.23 35.53 21.05
CA VAL A 421 21.63 35.48 19.72
C VAL A 421 20.13 35.73 19.88
N VAL A 422 19.59 36.65 19.08
CA VAL A 422 18.21 37.09 19.24
C VAL A 422 17.53 37.21 17.88
N GLN A 423 16.20 37.11 17.92
CA GLN A 423 15.34 37.40 16.79
C GLN A 423 14.51 38.64 17.12
N PHE A 424 14.27 39.48 16.10
CA PHE A 424 13.51 40.70 16.26
C PHE A 424 12.51 40.82 15.12
N SER A 425 11.31 41.33 15.45
CA SER A 425 10.31 41.56 14.42
C SER A 425 9.31 42.60 14.90
N THR A 426 8.56 43.15 13.94
CA THR A 426 7.47 44.08 14.22
C THR A 426 6.30 43.77 13.30
N PRO A 427 5.15 44.44 13.48
CA PRO A 427 3.99 44.14 12.64
C PRO A 427 4.22 44.41 11.15
N SER A 428 5.20 45.24 10.80
CA SER A 428 5.48 45.56 9.41
C SER A 428 6.89 45.18 8.99
N VAL A 429 7.55 44.30 9.73
CA VAL A 429 8.90 43.84 9.40
C VAL A 429 9.04 42.37 9.77
N PRO A 430 9.23 41.47 8.81
CA PRO A 430 9.36 40.04 9.12
C PRO A 430 10.58 39.78 9.99
N PRO A 431 10.72 38.56 10.52
CA PRO A 431 11.78 38.30 11.50
C PRO A 431 13.17 38.53 10.94
N SER A 432 14.06 39.00 11.83
CA SER A 432 15.47 39.22 11.49
C SER A 432 16.33 38.74 12.65
N LEU A 433 17.59 38.47 12.35
CA LEU A 433 18.51 37.83 13.29
C LEU A 433 19.63 38.78 13.69
N LYS A 434 19.99 38.76 14.98
CA LYS A 434 21.04 39.63 15.50
C LYS A 434 21.84 38.91 16.57
N VAL A 435 23.06 39.41 16.83
CA VAL A 435 23.91 38.92 17.89
C VAL A 435 24.40 40.11 18.71
N GLY A 436 24.81 39.83 19.94
CA GLY A 436 25.27 40.88 20.83
C GLY A 436 26.06 40.34 21.99
N PHE A 437 26.72 41.25 22.70
CA PHE A 437 27.50 40.93 23.88
C PHE A 437 26.85 41.54 25.12
N LEU A 438 26.70 40.74 26.17
CA LEU A 438 26.09 41.23 27.40
C LEU A 438 27.08 42.08 28.17
N PRO A 439 26.78 43.34 28.45
CA PRO A 439 27.74 44.21 29.14
C PRO A 439 27.93 43.76 30.59
N PRO A 440 28.92 44.31 31.27
CA PRO A 440 29.15 43.95 32.68
C PRO A 440 28.03 44.44 33.57
N ALA A 441 28.02 43.93 34.80
CA ALA A 441 26.95 44.25 35.74
C ALA A 441 26.85 45.75 35.95
N GLY A 442 25.62 46.26 35.91
CA GLY A 442 25.36 47.68 36.10
C GLY A 442 25.30 48.51 34.84
N LYS A 443 25.63 47.93 33.67
CA LYS A 443 25.59 48.68 32.42
C LYS A 443 24.94 47.90 31.29
N GLU A 444 23.96 47.04 31.59
CA GLU A 444 23.37 46.17 30.57
C GLU A 444 22.57 46.95 29.53
N GLN A 445 22.20 48.20 29.81
CA GLN A 445 21.38 48.95 28.88
C GLN A 445 22.17 49.53 27.72
N ALA A 446 23.49 49.39 27.72
CA ALA A 446 24.34 49.90 26.65
C ALA A 446 24.77 48.80 25.68
N VAL A 447 23.90 47.82 25.44
CA VAL A 447 24.24 46.72 24.56
C VAL A 447 24.17 47.16 23.12
N SER A 448 25.12 46.68 22.31
CA SER A 448 25.22 47.03 20.89
C SER A 448 24.90 45.80 20.06
N TRP A 449 23.83 45.90 19.26
CA TRP A 449 23.40 44.79 18.42
C TRP A 449 24.02 44.88 17.05
N VAL A 450 24.44 43.73 16.52
CA VAL A 450 25.02 43.62 15.18
C VAL A 450 24.13 42.70 14.35
N SER A 451 23.81 43.13 13.13
CA SER A 451 22.89 42.41 12.27
C SER A 451 23.59 41.29 11.52
N LEU A 452 22.94 40.12 11.46
CA LEU A 452 23.41 38.99 10.68
C LEU A 452 22.52 38.67 9.49
N GLU A 453 21.21 38.90 9.61
CA GLU A 453 20.27 38.60 8.53
C GLU A 453 19.08 39.54 8.69
N GLU A 454 18.94 40.48 7.76
CA GLU A 454 17.89 41.50 7.79
C GLU A 454 16.74 41.10 6.88
N ALA A 455 15.58 41.70 7.15
CA ALA A 455 14.38 41.48 6.35
C ALA A 455 13.93 42.80 5.73
N GLU A 456 13.25 42.69 4.60
CA GLU A 456 12.77 43.88 3.88
C GLU A 456 11.44 44.35 4.47
N PRO A 457 11.33 45.61 4.86
CA PRO A 457 10.08 46.10 5.46
C PRO A 457 8.98 46.27 4.41
N PHE A 458 7.77 46.48 4.91
CA PHE A 458 6.59 46.78 4.10
C PHE A 458 6.11 48.18 4.48
N PRO A 459 6.47 49.21 3.69
CA PRO A 459 6.18 50.59 4.08
C PRO A 459 4.71 51.00 3.94
N ASP A 460 3.83 50.12 3.45
CA ASP A 460 2.43 50.46 3.28
C ASP A 460 1.57 50.09 4.48
N ILE A 461 2.17 49.59 5.56
CA ILE A 461 1.46 49.25 6.79
C ILE A 461 1.95 50.18 7.88
N SER A 462 1.02 50.76 8.64
CA SER A 462 1.36 51.60 9.78
C SER A 462 0.60 51.12 11.01
N TRP A 463 1.31 51.01 12.13
CA TRP A 463 0.75 50.43 13.34
C TRP A 463 0.98 51.37 14.52
N SER A 464 0.06 51.31 15.49
CA SER A 464 0.14 52.13 16.68
C SER A 464 -0.59 51.44 17.82
N ILE A 465 -0.41 51.98 19.03
CA ILE A 465 -0.98 51.41 20.25
C ILE A 465 -1.88 52.44 20.91
N ARG A 466 -3.06 51.99 21.35
CA ARG A 466 -4.05 52.85 21.99
C ARG A 466 -4.34 52.33 23.40
N VAL A 467 -4.54 53.27 24.33
CA VAL A 467 -4.84 52.96 25.73
C VAL A 467 -6.29 53.31 26.02
N LEU A 468 -6.98 52.41 26.73
CA LEU A 468 -8.40 52.55 27.01
C LEU A 468 -8.64 52.53 28.52
N GLN A 469 -9.49 53.45 28.98
CA GLN A 469 -9.87 53.57 30.38
C GLN A 469 -11.35 53.25 30.54
N PRO A 470 -11.72 52.18 31.24
CA PRO A 470 -13.13 51.82 31.33
C PRO A 470 -13.93 52.92 31.99
N PRO A 471 -15.19 53.09 31.62
CA PRO A 471 -16.02 54.14 32.22
C PRO A 471 -16.43 53.77 33.64
N PRO A 472 -16.96 54.73 34.39
CA PRO A 472 -17.23 54.47 35.83
C PRO A 472 -18.18 53.30 36.07
N GLN A 473 -19.17 53.10 35.21
CA GLN A 473 -20.15 52.04 35.44
C GLN A 473 -19.59 50.65 35.20
N GLN A 474 -18.39 50.53 34.62
CA GLN A 474 -17.80 49.24 34.30
C GLN A 474 -16.60 48.89 35.18
N GLU A 475 -16.38 49.65 36.25
CA GLU A 475 -15.26 49.37 37.14
C GLU A 475 -15.47 48.08 37.91
N HIS A 476 -14.38 47.37 38.17
CA HIS A 476 -14.44 46.15 38.95
C HIS A 476 -14.64 46.48 40.43
N VAL A 477 -15.39 45.62 41.12
CA VAL A 477 -15.76 45.91 42.51
C VAL A 477 -14.52 45.99 43.39
N GLN A 478 -13.53 45.11 43.15
CA GLN A 478 -12.37 45.01 44.01
C GLN A 478 -11.08 45.56 43.41
N TYR A 479 -10.93 45.51 42.08
CA TYR A 479 -9.74 45.99 41.39
C TYR A 479 -10.10 47.26 40.64
N ALA A 480 -9.91 48.40 41.29
CA ALA A 480 -10.29 49.69 40.72
C ALA A 480 -9.11 50.39 40.07
N GLY A 481 -9.34 50.96 38.90
CA GLY A 481 -8.35 51.75 38.21
C GLY A 481 -7.63 51.06 37.06
N LEU A 482 -7.99 49.82 36.73
CA LEU A 482 -7.31 49.10 35.67
C LEU A 482 -7.67 49.69 34.30
N ASP A 483 -6.69 49.74 33.41
CA ASP A 483 -6.87 50.14 32.03
C ASP A 483 -6.34 49.06 31.11
N PHE A 484 -6.76 49.11 29.83
CA PHE A 484 -6.30 48.10 28.88
C PHE A 484 -5.85 48.73 27.57
N GLU A 485 -5.58 47.92 26.55
CA GLU A 485 -4.91 48.42 25.36
C GLU A 485 -5.40 47.73 24.10
N ALA A 486 -5.09 48.36 22.97
CA ALA A 486 -5.39 47.81 21.65
C ALA A 486 -4.27 48.19 20.69
N ILE A 487 -4.13 47.40 19.63
CA ILE A 487 -3.15 47.63 18.57
C ILE A 487 -3.91 47.87 17.27
N LEU A 488 -3.60 48.98 16.61
CA LEU A 488 -4.30 49.39 15.40
C LEU A 488 -3.33 49.40 14.22
N LEU A 489 -3.66 48.62 13.19
CA LEU A 489 -2.94 48.63 11.93
C LEU A 489 -3.82 49.26 10.86
N GLN A 490 -3.21 50.06 9.98
CA GLN A 490 -3.97 50.73 8.93
C GLN A 490 -3.05 51.01 7.75
N PRO A 491 -3.62 51.22 6.56
CA PRO A 491 -2.78 51.56 5.40
C PRO A 491 -2.15 52.94 5.56
N SER A 492 -0.99 53.10 4.94
CA SER A 492 -0.27 54.37 5.00
C SER A 492 -0.41 55.14 3.68
N THR A 498 -14.85 59.12 6.37
CA THR A 498 -15.28 57.75 6.62
C THR A 498 -15.22 56.92 5.34
N GLN A 499 -14.08 56.30 5.10
CA GLN A 499 -13.86 55.52 3.89
C GLN A 499 -13.33 54.12 4.13
N VAL A 500 -12.61 53.89 5.23
CA VAL A 500 -11.91 52.63 5.44
C VAL A 500 -12.75 51.67 6.28
N PRO A 501 -12.97 50.44 5.81
CA PRO A 501 -13.60 49.42 6.65
C PRO A 501 -12.64 48.88 7.71
N MET A 502 -13.21 48.23 8.72
CA MET A 502 -12.43 47.78 9.86
C MET A 502 -12.81 46.35 10.26
N VAL A 503 -11.80 45.62 10.76
CA VAL A 503 -11.96 44.26 11.26
C VAL A 503 -11.44 44.22 12.69
N VAL A 504 -12.21 43.60 13.58
CA VAL A 504 -11.93 43.58 15.01
C VAL A 504 -11.58 42.15 15.43
N MET A 505 -10.51 42.02 16.20
CA MET A 505 -10.01 40.71 16.64
C MET A 505 -9.74 40.71 18.15
N PRO A 506 -10.49 39.94 18.94
CA PRO A 506 -10.08 39.61 20.30
C PRO A 506 -9.32 38.30 20.34
N HIS A 507 -8.36 38.23 21.27
CA HIS A 507 -7.53 37.04 21.39
C HIS A 507 -8.25 35.98 22.21
N GLY A 508 -7.75 34.75 22.10
CA GLY A 508 -8.25 33.64 22.89
C GLY A 508 -7.80 33.74 24.32
N GLY A 509 -7.67 32.59 24.97
CA GLY A 509 -7.21 32.55 26.34
C GLY A 509 -8.24 32.00 27.31
N PRO A 510 -8.82 32.88 28.13
CA PRO A 510 -8.69 34.33 27.98
C PRO A 510 -7.41 34.93 28.56
N HIS A 511 -6.56 34.11 29.17
CA HIS A 511 -5.31 34.60 29.75
C HIS A 511 -4.19 34.44 28.72
N SER A 512 -4.25 35.25 27.68
CA SER A 512 -3.20 35.31 26.63
C SER A 512 -3.16 36.79 26.20
N SER A 513 -2.52 37.13 25.09
CA SER A 513 -2.46 38.51 24.62
C SER A 513 -1.82 38.56 23.24
N PHE A 514 -1.97 39.71 22.58
CA PHE A 514 -1.27 40.04 21.35
C PHE A 514 -0.04 40.89 21.66
N VAL A 515 1.02 40.69 20.89
CA VAL A 515 2.22 41.52 20.99
C VAL A 515 2.55 42.06 19.61
N THR A 516 3.29 43.18 19.60
CA THR A 516 3.63 43.87 18.37
C THR A 516 4.73 43.10 17.63
N ALA A 517 4.32 41.98 17.03
CA ALA A 517 5.20 41.12 16.25
C ALA A 517 4.61 40.91 14.86
N TRP A 518 5.31 40.14 14.04
CA TRP A 518 4.89 39.88 12.67
C TRP A 518 3.77 38.85 12.65
N MET A 519 2.61 39.24 12.13
CA MET A 519 1.46 38.36 12.01
C MET A 519 0.99 38.34 10.56
N LEU A 520 0.87 37.14 9.99
CA LEU A 520 0.63 37.03 8.55
C LEU A 520 -0.75 37.55 8.15
N PHE A 521 -1.79 37.08 8.82
CA PHE A 521 -3.15 37.38 8.40
C PHE A 521 -3.48 38.87 8.57
N PRO A 522 -3.17 39.47 9.73
CA PRO A 522 -3.39 40.92 9.86
C PRO A 522 -2.64 41.73 8.82
N ALA A 523 -1.42 41.32 8.48
CA ALA A 523 -0.68 42.02 7.44
C ALA A 523 -1.37 41.89 6.09
N MET A 524 -1.86 40.70 5.75
CA MET A 524 -2.58 40.53 4.49
C MET A 524 -3.83 41.41 4.45
N LEU A 525 -4.59 41.43 5.55
CA LEU A 525 -5.78 42.27 5.60
C LEU A 525 -5.43 43.74 5.44
N CYS A 526 -4.37 44.20 6.11
CA CYS A 526 -3.96 45.59 5.97
C CYS A 526 -3.55 45.90 4.54
N LYS A 527 -2.84 44.99 3.88
CA LYS A 527 -2.42 45.21 2.49
C LYS A 527 -3.57 45.06 1.51
N MET A 528 -4.71 44.52 1.92
CA MET A 528 -5.90 44.52 1.08
C MET A 528 -6.78 45.75 1.27
N GLY A 529 -6.37 46.69 2.13
CA GLY A 529 -7.10 47.93 2.31
C GLY A 529 -7.93 48.03 3.57
N PHE A 530 -7.90 47.02 4.44
CA PHE A 530 -8.64 47.07 5.69
C PHE A 530 -7.83 47.76 6.79
N ALA A 531 -8.53 48.17 7.84
CA ALA A 531 -7.93 48.51 9.11
C ALA A 531 -8.19 47.38 10.10
N VAL A 532 -7.24 47.11 10.98
CA VAL A 532 -7.30 45.97 11.88
C VAL A 532 -7.11 46.44 13.31
N LEU A 533 -7.99 46.00 14.21
CA LEU A 533 -7.93 46.38 15.62
C LEU A 533 -7.86 45.11 16.47
N LEU A 534 -6.73 44.91 17.15
CA LEU A 534 -6.51 43.76 18.02
C LEU A 534 -6.63 44.22 19.47
N VAL A 535 -7.53 43.62 20.24
CA VAL A 535 -7.88 44.11 21.56
C VAL A 535 -7.29 43.22 22.63
N ASN A 536 -6.61 43.82 23.63
CA ASN A 536 -6.14 43.12 24.82
C ASN A 536 -7.00 43.60 25.99
N TYR A 537 -8.10 42.91 26.24
CA TYR A 537 -9.03 43.29 27.29
C TYR A 537 -8.47 42.92 28.67
N ARG A 538 -9.13 43.41 29.72
CA ARG A 538 -8.72 43.10 31.07
C ARG A 538 -8.75 41.59 31.31
N GLY A 539 -7.67 41.07 31.89
CA GLY A 539 -7.46 39.65 32.04
C GLY A 539 -6.35 39.09 31.18
N SER A 540 -5.79 39.90 30.28
CA SER A 540 -4.68 39.47 29.46
C SER A 540 -3.40 39.38 30.27
N THR A 541 -2.45 38.59 29.75
CA THR A 541 -1.14 38.50 30.40
C THR A 541 -0.31 39.75 30.10
N GLY A 542 0.60 40.06 31.02
CA GLY A 542 1.49 41.20 30.85
C GLY A 542 1.00 42.51 31.43
N PHE A 543 -0.02 42.48 32.30
CA PHE A 543 -0.54 43.71 32.89
C PHE A 543 -0.66 43.62 34.40
N GLY A 544 -0.05 42.62 35.02
CA GLY A 544 -0.15 42.44 36.46
C GLY A 544 -1.10 41.32 36.83
N GLN A 545 -0.96 40.85 38.08
CA GLN A 545 -1.78 39.74 38.54
C GLN A 545 -3.21 40.18 38.80
N ASP A 546 -3.42 41.47 39.12
CA ASP A 546 -4.77 41.97 39.33
C ASP A 546 -5.62 41.81 38.07
N SER A 547 -5.03 42.13 36.91
CA SER A 547 -5.75 41.93 35.66
C SER A 547 -6.09 40.46 35.44
N ILE A 548 -5.15 39.57 35.76
CA ILE A 548 -5.40 38.14 35.62
C ILE A 548 -6.60 37.72 36.47
N LEU A 549 -6.64 38.18 37.72
CA LEU A 549 -7.66 37.72 38.66
C LEU A 549 -8.98 38.50 38.57
N SER A 550 -9.03 39.57 37.76
CA SER A 550 -10.27 40.33 37.67
C SER A 550 -11.32 39.63 36.81
N LEU A 551 -10.90 38.81 35.85
CA LEU A 551 -11.82 38.26 34.86
C LEU A 551 -12.61 37.05 35.35
N PRO A 552 -12.01 36.10 36.05
CA PRO A 552 -12.74 34.87 36.40
C PRO A 552 -14.04 35.17 37.14
N GLY A 553 -15.09 34.44 36.78
CA GLY A 553 -16.42 34.67 37.29
C GLY A 553 -17.21 35.74 36.56
N ASN A 554 -16.62 36.39 35.55
CA ASN A 554 -17.28 37.46 34.84
C ASN A 554 -17.21 37.29 33.33
N VAL A 555 -16.88 36.09 32.84
CA VAL A 555 -16.80 35.87 31.40
C VAL A 555 -18.18 36.08 30.79
N GLY A 556 -18.21 36.72 29.61
CA GLY A 556 -19.44 37.02 28.94
C GLY A 556 -20.06 38.36 29.28
N HIS A 557 -19.53 39.05 30.30
CA HIS A 557 -20.05 40.36 30.69
C HIS A 557 -18.98 41.44 30.61
N GLN A 558 -17.81 41.22 31.23
CA GLN A 558 -16.79 42.27 31.30
C GLN A 558 -16.00 42.38 30.00
N ASP A 559 -15.54 41.25 29.46
CA ASP A 559 -14.74 41.28 28.25
C ASP A 559 -15.55 41.78 27.05
N VAL A 560 -16.81 41.37 26.96
CA VAL A 560 -17.67 41.82 25.85
C VAL A 560 -17.79 43.34 25.87
N LYS A 561 -18.06 43.91 27.05
CA LYS A 561 -18.19 45.36 27.15
C LYS A 561 -16.86 46.06 26.90
N ASP A 562 -15.75 45.47 27.31
CA ASP A 562 -14.44 46.05 27.00
C ASP A 562 -14.25 46.15 25.49
N VAL A 563 -14.54 45.06 24.77
CA VAL A 563 -14.37 45.07 23.32
C VAL A 563 -15.29 46.12 22.69
N GLN A 564 -16.55 46.17 23.13
CA GLN A 564 -17.48 47.13 22.55
C GLN A 564 -17.04 48.57 22.80
N PHE A 565 -16.57 48.85 24.02
CA PHE A 565 -16.10 50.20 24.32
C PHE A 565 -14.90 50.58 23.46
N ALA A 566 -13.96 49.64 23.28
CA ALA A 566 -12.82 49.93 22.42
C ALA A 566 -13.25 50.22 21.00
N VAL A 567 -14.19 49.43 20.47
CA VAL A 567 -14.66 49.64 19.11
C VAL A 567 -15.29 51.02 18.97
N GLU A 568 -16.15 51.37 19.92
CA GLU A 568 -16.82 52.67 19.84
C GLU A 568 -15.82 53.82 19.92
N GLN A 569 -14.84 53.73 20.82
CA GLN A 569 -13.86 54.79 20.95
C GLN A 569 -13.05 54.95 19.67
N VAL A 570 -12.60 53.84 19.09
CA VAL A 570 -11.81 53.92 17.86
C VAL A 570 -12.65 54.50 16.73
N LEU A 571 -13.92 54.08 16.61
CA LEU A 571 -14.77 54.63 15.56
C LEU A 571 -14.96 56.12 15.73
N GLN A 572 -15.17 56.59 16.96
CA GLN A 572 -15.39 58.02 17.16
C GLN A 572 -14.11 58.83 16.95
N GLU A 573 -12.95 58.23 17.20
CA GLU A 573 -11.70 59.00 17.13
C GLU A 573 -11.18 59.11 15.69
N GLU A 574 -10.92 57.96 15.05
CA GLU A 574 -10.31 57.96 13.73
C GLU A 574 -11.30 58.24 12.61
N HIS A 575 -12.60 58.16 12.87
CA HIS A 575 -13.63 58.46 11.88
C HIS A 575 -13.55 57.50 10.68
N PHE A 576 -13.58 56.21 10.99
CA PHE A 576 -13.70 55.18 9.97
C PHE A 576 -15.17 55.02 9.56
N ASP A 577 -15.43 54.12 8.62
CA ASP A 577 -16.78 53.91 8.13
C ASP A 577 -17.51 52.97 9.09
N ALA A 578 -18.56 53.49 9.75
CA ALA A 578 -19.26 52.74 10.76
C ALA A 578 -20.16 51.65 10.19
N GLY A 579 -20.45 51.69 8.89
CA GLY A 579 -21.30 50.69 8.28
C GLY A 579 -20.61 49.47 7.74
N ARG A 580 -19.29 49.35 7.91
CA ARG A 580 -18.52 48.25 7.34
C ARG A 580 -17.54 47.69 8.37
N VAL A 581 -18.04 47.40 9.57
CA VAL A 581 -17.23 46.83 10.65
C VAL A 581 -17.51 45.34 10.72
N ALA A 582 -16.45 44.54 10.84
CA ALA A 582 -16.57 43.09 10.89
C ALA A 582 -15.77 42.53 12.07
N LEU A 583 -16.06 41.28 12.42
CA LEU A 583 -15.42 40.60 13.54
C LEU A 583 -14.76 39.31 13.07
N MET A 584 -13.65 38.95 13.72
CA MET A 584 -13.03 37.66 13.44
C MET A 584 -12.27 37.20 14.68
N GLY A 585 -12.59 35.94 15.09
CA GLY A 585 -11.94 35.29 16.26
C GLY A 585 -11.98 33.75 16.37
N GLY A 586 -11.03 33.16 17.10
CA GLY A 586 -11.00 31.71 17.35
C GLY A 586 -11.12 31.31 18.82
N SER A 587 -11.63 30.10 19.11
CA SER A 587 -11.75 29.54 20.49
C SER A 587 -12.53 30.49 21.45
N HIS A 588 -11.90 31.05 22.50
CA HIS A 588 -12.54 32.10 23.38
C HIS A 588 -12.83 33.39 22.58
N GLY A 589 -12.01 33.74 21.60
CA GLY A 589 -12.26 34.87 20.66
C GLY A 589 -13.54 34.65 19.83
N GLY A 590 -13.89 33.41 19.44
CA GLY A 590 -15.16 33.11 18.79
C GLY A 590 -16.33 33.20 19.76
N PHE A 591 -16.11 32.77 21.00
CA PHE A 591 -17.13 32.91 22.04
C PHE A 591 -17.49 34.39 22.24
N LEU A 592 -16.47 35.25 22.32
CA LEU A 592 -16.72 36.68 22.45
C LEU A 592 -17.42 37.24 21.22
N SER A 593 -17.03 36.80 20.02
CA SER A 593 -17.65 37.30 18.80
C SER A 593 -19.13 36.93 18.73
N CYS A 594 -19.46 35.69 19.09
CA CYS A 594 -20.86 35.29 19.11
C CYS A 594 -21.63 36.10 20.14
N HIS A 595 -21.05 36.29 21.33
CA HIS A 595 -21.70 37.16 22.31
C HIS A 595 -21.97 38.55 21.75
N LEU A 596 -20.99 39.10 21.02
CA LEU A 596 -21.11 40.46 20.52
C LEU A 596 -22.19 40.57 19.45
N ILE A 597 -22.23 39.62 18.51
CA ILE A 597 -23.28 39.68 17.49
C ILE A 597 -24.64 39.35 18.08
N GLY A 598 -24.70 38.69 19.25
CA GLY A 598 -25.97 38.43 19.88
C GLY A 598 -26.50 39.57 20.72
N GLN A 599 -25.60 40.38 21.30
CA GLN A 599 -26.02 41.44 22.20
C GLN A 599 -26.04 42.82 21.56
N TYR A 600 -25.37 43.00 20.43
CA TYR A 600 -25.37 44.27 19.69
C TYR A 600 -25.63 43.97 18.22
N PRO A 601 -26.86 43.58 17.88
CA PRO A 601 -27.13 43.06 16.53
C PRO A 601 -27.00 44.08 15.40
N GLU A 602 -26.92 45.38 15.70
CA GLU A 602 -26.91 46.40 14.67
C GLU A 602 -25.54 47.01 14.43
N THR A 603 -24.47 46.44 15.00
CA THR A 603 -23.15 47.08 14.90
C THR A 603 -22.27 46.45 13.84
N TYR A 604 -22.38 45.14 13.61
CA TYR A 604 -21.45 44.40 12.77
C TYR A 604 -22.15 43.86 11.54
N SER A 605 -21.44 43.85 10.41
CA SER A 605 -22.00 43.42 9.14
C SER A 605 -21.58 42.01 8.74
N ALA A 606 -20.54 41.45 9.35
CA ALA A 606 -20.09 40.11 9.03
C ALA A 606 -19.30 39.56 10.20
N CYS A 607 -19.11 38.24 10.21
CA CYS A 607 -18.41 37.58 11.29
C CYS A 607 -17.83 36.26 10.82
N VAL A 608 -16.62 35.95 11.28
CA VAL A 608 -15.94 34.69 10.99
C VAL A 608 -15.39 34.14 12.30
N VAL A 609 -15.71 32.88 12.60
CA VAL A 609 -15.27 32.24 13.83
C VAL A 609 -14.63 30.89 13.51
N ARG A 610 -13.78 30.44 14.43
CA ARG A 610 -13.06 29.18 14.30
C ARG A 610 -13.08 28.45 15.63
N ASN A 611 -13.65 27.24 15.64
CA ASN A 611 -13.74 26.39 16.82
C ASN A 611 -14.22 27.18 18.06
N PRO A 612 -15.39 27.81 17.99
CA PRO A 612 -15.86 28.62 19.11
C PRO A 612 -16.41 27.79 20.25
N VAL A 613 -16.41 28.40 21.43
CA VAL A 613 -17.09 27.85 22.60
C VAL A 613 -18.51 28.42 22.64
N ILE A 614 -19.49 27.54 22.72
CA ILE A 614 -20.89 27.92 22.54
C ILE A 614 -21.72 27.65 23.80
N ASN A 615 -21.53 26.50 24.44
CA ASN A 615 -22.32 26.13 25.60
C ASN A 615 -21.37 25.53 26.65
N ILE A 616 -21.11 26.28 27.72
CA ILE A 616 -20.15 25.85 28.72
C ILE A 616 -20.62 24.59 29.43
N ALA A 617 -21.91 24.54 29.80
CA ALA A 617 -22.43 23.42 30.56
C ALA A 617 -22.23 22.10 29.82
N SER A 618 -22.63 22.05 28.54
CA SER A 618 -22.44 20.85 27.76
C SER A 618 -20.97 20.61 27.44
N MET A 619 -20.17 21.67 27.36
CA MET A 619 -18.74 21.50 27.11
C MET A 619 -18.04 20.80 28.28
N MET A 620 -18.52 21.03 29.51
CA MET A 620 -17.82 20.50 30.67
C MET A 620 -17.62 18.98 30.58
N GLY A 621 -18.64 18.26 30.13
CA GLY A 621 -18.58 16.81 30.13
C GLY A 621 -17.83 16.15 29.00
N SER A 622 -17.29 16.92 28.05
CA SER A 622 -16.63 16.34 26.89
C SER A 622 -15.23 16.87 26.64
N THR A 623 -14.80 17.93 27.31
CA THR A 623 -13.48 18.50 27.07
C THR A 623 -12.41 17.78 27.88
N ASP A 624 -11.15 18.03 27.51
CA ASP A 624 -10.01 17.47 28.21
C ASP A 624 -9.53 18.35 29.37
N ILE A 625 -10.11 19.52 29.55
CA ILE A 625 -9.77 20.38 30.68
C ILE A 625 -11.06 20.80 31.39
N PRO A 626 -11.74 19.88 32.07
CA PRO A 626 -13.02 20.24 32.69
C PRO A 626 -12.92 21.33 33.74
N ASP A 627 -11.75 21.49 34.38
CA ASP A 627 -11.63 22.50 35.43
C ASP A 627 -11.76 23.91 34.87
N TRP A 628 -11.49 24.09 33.58
CA TRP A 628 -11.57 25.42 32.98
C TRP A 628 -12.98 25.98 33.06
N CYS A 629 -13.99 25.16 32.77
CA CYS A 629 -15.37 25.61 32.81
C CYS A 629 -15.75 26.06 34.22
N MET A 630 -15.42 25.24 35.22
CA MET A 630 -15.74 25.60 36.59
C MET A 630 -15.04 26.89 37.01
N VAL A 631 -13.76 27.01 36.67
CA VAL A 631 -12.99 28.17 37.11
C VAL A 631 -13.53 29.44 36.46
N GLU A 632 -13.79 29.40 35.16
CA GLU A 632 -14.27 30.60 34.48
C GLU A 632 -15.72 30.94 34.83
N ALA A 633 -16.52 29.94 35.22
CA ALA A 633 -17.88 30.21 35.66
C ALA A 633 -17.94 30.84 37.05
N GLY A 634 -16.89 30.70 37.85
CA GLY A 634 -16.86 31.33 39.16
C GLY A 634 -16.96 30.38 40.33
N PHE A 635 -16.54 29.14 40.14
CA PHE A 635 -16.59 28.13 41.19
C PHE A 635 -15.26 27.39 41.26
N SER A 636 -15.03 26.74 42.39
CA SER A 636 -13.83 25.92 42.57
C SER A 636 -14.04 24.55 41.95
N TYR A 637 -12.93 23.93 41.53
CA TYR A 637 -12.96 22.63 40.89
C TYR A 637 -12.40 21.56 41.83
N SER A 638 -13.01 20.38 41.77
CA SER A 638 -12.54 19.25 42.56
C SER A 638 -12.97 17.96 41.89
N SER A 639 -12.09 16.97 41.94
CA SER A 639 -12.43 15.65 41.44
C SER A 639 -13.51 15.02 42.32
N ASP A 640 -14.29 14.13 41.72
CA ASP A 640 -15.43 13.51 42.38
C ASP A 640 -16.56 14.51 42.59
N CYS A 641 -16.74 15.42 41.62
CA CYS A 641 -17.82 16.37 41.64
C CYS A 641 -19.11 15.69 41.21
N LEU A 642 -20.17 16.47 41.06
CA LEU A 642 -21.46 15.95 40.62
C LEU A 642 -22.28 17.09 40.03
N PRO A 643 -23.10 16.83 39.03
CA PRO A 643 -23.92 17.89 38.45
C PRO A 643 -24.86 18.50 39.48
N ASP A 644 -24.89 19.82 39.52
CA ASP A 644 -25.77 20.57 40.42
C ASP A 644 -26.57 21.58 39.60
N LEU A 645 -27.81 21.83 40.06
CA LEU A 645 -28.69 22.73 39.32
C LEU A 645 -28.16 24.16 39.33
N SER A 646 -27.65 24.62 40.47
CA SER A 646 -27.20 26.00 40.58
C SER A 646 -26.02 26.28 39.65
N VAL A 647 -25.00 25.43 39.70
CA VAL A 647 -23.82 25.64 38.87
C VAL A 647 -24.18 25.54 37.39
N TRP A 648 -25.05 24.58 37.04
CA TRP A 648 -25.44 24.42 35.65
C TRP A 648 -26.21 25.63 35.15
N ALA A 649 -27.11 26.18 35.98
CA ALA A 649 -27.81 27.41 35.61
C ALA A 649 -26.84 28.56 35.44
N ALA A 650 -25.87 28.69 36.34
CA ALA A 650 -24.89 29.76 36.22
C ALA A 650 -24.11 29.64 34.92
N MET A 651 -23.71 28.42 34.55
CA MET A 651 -23.01 28.23 33.28
C MET A 651 -23.91 28.56 32.09
N LEU A 652 -25.18 28.15 32.15
CA LEU A 652 -26.09 28.42 31.03
C LEU A 652 -26.33 29.91 30.86
N ASP A 653 -26.33 30.67 31.95
CA ASP A 653 -26.60 32.10 31.86
C ASP A 653 -25.46 32.87 31.20
N LYS A 654 -24.27 32.28 31.11
CA LYS A 654 -23.11 32.96 30.54
C LYS A 654 -22.80 32.51 29.12
N SER A 655 -23.70 31.77 28.48
CA SER A 655 -23.31 31.24 27.18
C SER A 655 -23.94 32.05 26.04
N PRO A 656 -23.23 32.20 24.92
CA PRO A 656 -23.78 32.99 23.81
C PRO A 656 -25.03 32.38 23.17
N ILE A 657 -25.23 31.07 23.31
CA ILE A 657 -26.41 30.44 22.70
C ILE A 657 -27.69 31.10 23.19
N LYS A 658 -27.68 31.64 24.41
CA LYS A 658 -28.87 32.27 24.97
C LYS A 658 -29.35 33.43 24.10
N TYR A 659 -28.45 34.06 23.35
CA TYR A 659 -28.81 35.19 22.50
C TYR A 659 -29.00 34.79 21.05
N ALA A 660 -29.02 33.50 20.74
CA ALA A 660 -29.14 33.05 19.35
C ALA A 660 -30.35 33.64 18.63
N PRO A 661 -31.53 33.75 19.23
CA PRO A 661 -32.70 34.24 18.48
C PRO A 661 -32.56 35.67 17.97
N GLN A 662 -31.66 36.48 18.53
CA GLN A 662 -31.53 37.87 18.13
C GLN A 662 -30.56 38.10 16.98
N VAL A 663 -29.82 37.07 16.56
CA VAL A 663 -28.73 37.25 15.61
C VAL A 663 -29.30 37.45 14.20
N LYS A 664 -28.75 38.26 13.37
CA LYS A 664 -29.09 38.50 11.93
C LYS A 664 -27.82 38.77 11.10
N THR A 665 -26.60 38.65 11.68
CA THR A 665 -25.40 38.89 10.89
C THR A 665 -25.01 37.62 10.13
N PRO A 666 -24.62 37.73 8.86
CA PRO A 666 -24.15 36.55 8.13
C PRO A 666 -22.92 35.94 8.81
N LEU A 667 -22.85 34.62 8.81
CA LEU A 667 -21.85 33.91 9.60
C LEU A 667 -21.15 32.83 8.77
N LEU A 668 -19.84 32.74 8.94
CA LEU A 668 -19.02 31.69 8.37
C LEU A 668 -18.36 30.93 9.51
N LEU A 669 -18.57 29.61 9.55
CA LEU A 669 -18.09 28.74 10.61
C LEU A 669 -17.10 27.74 10.02
N MET A 670 -15.98 27.55 10.71
CA MET A 670 -14.93 26.63 10.25
C MET A 670 -14.52 25.76 11.43
N LEU A 671 -14.67 24.45 11.28
CA LEU A 671 -14.50 23.52 12.40
C LEU A 671 -13.50 22.43 12.05
N GLY A 672 -12.75 22.00 13.06
CA GLY A 672 -11.87 20.85 12.94
C GLY A 672 -12.43 19.64 13.66
N GLN A 673 -12.60 18.53 12.94
CA GLN A 673 -13.34 17.40 13.49
C GLN A 673 -12.61 16.67 14.61
N GLU A 674 -11.28 16.77 14.66
CA GLU A 674 -10.50 16.05 15.66
C GLU A 674 -10.01 16.93 16.79
N ASP A 675 -10.64 18.09 16.99
CA ASP A 675 -10.29 18.96 18.11
C ASP A 675 -10.76 18.32 19.42
N ARG A 676 -9.87 18.26 20.41
CA ARG A 676 -10.18 17.62 21.67
C ARG A 676 -10.36 18.59 22.83
N ARG A 677 -9.86 19.82 22.72
CA ARG A 677 -10.09 20.81 23.76
C ARG A 677 -11.45 21.48 23.61
N VAL A 678 -11.91 21.72 22.40
CA VAL A 678 -13.23 22.25 22.12
C VAL A 678 -13.91 21.35 21.11
N PRO A 679 -14.79 20.44 21.55
CA PRO A 679 -15.46 19.54 20.61
C PRO A 679 -16.27 20.31 19.59
N PHE A 680 -16.38 19.75 18.39
CA PHE A 680 -16.97 20.45 17.25
C PHE A 680 -18.50 20.42 17.26
N LYS A 681 -19.13 19.83 18.28
CA LYS A 681 -20.59 19.84 18.36
C LYS A 681 -21.15 21.16 18.89
N GLN A 682 -20.32 21.99 19.55
CA GLN A 682 -20.77 23.31 19.96
C GLN A 682 -21.15 24.14 18.73
N GLY A 683 -20.25 24.22 17.77
CA GLY A 683 -20.54 24.93 16.54
C GLY A 683 -21.72 24.32 15.81
N MET A 684 -21.86 23.00 15.87
CA MET A 684 -23.00 22.35 15.22
C MET A 684 -24.31 22.77 15.85
N GLU A 685 -24.36 22.86 17.18
CA GLU A 685 -25.58 23.32 17.84
C GLU A 685 -25.90 24.76 17.45
N TYR A 686 -24.89 25.64 17.45
CA TYR A 686 -25.13 27.01 17.03
C TYR A 686 -25.62 27.06 15.59
N TYR A 687 -25.01 26.27 14.71
CA TYR A 687 -25.38 26.24 13.30
C TYR A 687 -26.82 25.78 13.11
N ARG A 688 -27.24 24.74 13.85
CA ARG A 688 -28.61 24.27 13.74
C ARG A 688 -29.59 25.34 14.21
N VAL A 689 -29.28 26.01 15.32
CA VAL A 689 -30.17 27.05 15.81
C VAL A 689 -30.33 28.14 14.77
N LEU A 690 -29.22 28.58 14.17
CA LEU A 690 -29.31 29.63 13.16
C LEU A 690 -30.02 29.16 11.90
N LYS A 691 -29.81 27.89 11.52
CA LYS A 691 -30.41 27.36 10.30
C LYS A 691 -31.92 27.24 10.44
N ALA A 692 -32.41 26.90 11.63
CA ALA A 692 -33.85 26.78 11.82
C ALA A 692 -34.58 28.10 11.68
N ARG A 693 -33.87 29.23 11.69
CA ARG A 693 -34.48 30.55 11.61
C ARG A 693 -34.22 31.25 10.28
N ASN A 694 -33.60 30.58 9.31
CA ASN A 694 -33.37 31.15 7.98
C ASN A 694 -32.36 32.30 8.01
N VAL A 695 -31.27 32.11 8.74
CA VAL A 695 -30.17 33.08 8.73
C VAL A 695 -29.08 32.56 7.82
N PRO A 696 -28.42 33.41 7.03
CA PRO A 696 -27.38 32.94 6.11
C PRO A 696 -26.14 32.47 6.86
N VAL A 697 -25.74 31.22 6.62
CA VAL A 697 -24.59 30.63 7.29
C VAL A 697 -23.85 29.73 6.31
N ARG A 698 -22.53 29.71 6.42
CA ARG A 698 -21.68 28.88 5.58
C ARG A 698 -20.74 28.08 6.48
N LEU A 699 -20.83 26.76 6.41
CA LEU A 699 -20.12 25.87 7.33
C LEU A 699 -19.07 25.04 6.57
N LEU A 700 -17.86 24.99 7.12
CA LEU A 700 -16.77 24.18 6.57
C LEU A 700 -16.24 23.26 7.67
N LEU A 701 -16.04 21.99 7.33
CA LEU A 701 -15.60 20.98 8.27
C LEU A 701 -14.34 20.30 7.74
N TYR A 702 -13.28 20.29 8.55
CA TYR A 702 -12.02 19.66 8.18
C TYR A 702 -11.85 18.37 8.95
N PRO A 703 -11.93 17.20 8.29
CA PRO A 703 -12.11 15.95 9.04
C PRO A 703 -10.86 15.43 9.74
N LYS A 704 -9.69 16.02 9.53
CA LYS A 704 -8.46 15.52 10.13
C LYS A 704 -7.66 16.60 10.86
N SER A 705 -8.29 17.72 11.21
CA SER A 705 -7.58 18.84 11.80
C SER A 705 -7.96 19.02 13.27
N THR A 706 -7.05 19.62 14.02
CA THR A 706 -7.25 19.93 15.43
C THR A 706 -7.59 21.41 15.59
N HIS A 707 -7.56 21.89 16.83
CA HIS A 707 -7.99 23.26 17.13
C HIS A 707 -7.24 24.29 16.30
N ALA A 708 -5.97 24.01 15.97
CA ALA A 708 -5.13 25.02 15.33
C ALA A 708 -5.46 25.21 13.85
N LEU A 709 -5.87 24.15 13.15
CA LEU A 709 -6.02 24.18 11.69
C LEU A 709 -4.72 24.69 11.05
N SER A 710 -3.60 24.13 11.52
CA SER A 710 -2.28 24.62 11.17
C SER A 710 -1.65 23.93 9.96
N GLU A 711 -2.31 22.94 9.38
CA GLU A 711 -1.80 22.33 8.17
C GLU A 711 -1.81 23.34 7.02
N VAL A 712 -0.81 23.23 6.14
CA VAL A 712 -0.61 24.25 5.12
C VAL A 712 -1.83 24.35 4.21
N GLU A 713 -2.32 23.21 3.73
CA GLU A 713 -3.49 23.21 2.85
C GLU A 713 -4.72 23.74 3.57
N VAL A 714 -4.99 23.23 4.76
CA VAL A 714 -6.16 23.67 5.52
C VAL A 714 -6.03 25.14 5.88
N GLU A 715 -4.84 25.57 6.31
CA GLU A 715 -4.64 26.96 6.68
C GLU A 715 -4.89 27.89 5.50
N SER A 716 -4.31 27.57 4.34
CA SER A 716 -4.50 28.41 3.17
C SER A 716 -5.95 28.45 2.74
N ASP A 717 -6.63 27.29 2.74
CA ASP A 717 -8.04 27.26 2.35
C ASP A 717 -8.89 28.12 3.29
N SER A 718 -8.67 27.99 4.60
CA SER A 718 -9.47 28.75 5.55
C SER A 718 -9.21 30.25 5.40
N PHE A 719 -7.94 30.64 5.25
CA PHE A 719 -7.65 32.07 5.10
C PHE A 719 -8.28 32.63 3.83
N MET A 720 -8.18 31.90 2.70
CA MET A 720 -8.78 32.39 1.47
C MET A 720 -10.29 32.51 1.59
N ASN A 721 -10.94 31.51 2.20
CA ASN A 721 -12.39 31.57 2.37
C ASN A 721 -12.80 32.73 3.24
N ALA A 722 -12.08 32.96 4.34
CA ALA A 722 -12.41 34.08 5.22
C ALA A 722 -12.24 35.41 4.51
N VAL A 723 -11.14 35.57 3.75
CA VAL A 723 -10.92 36.84 3.05
C VAL A 723 -12.02 37.08 2.02
N LEU A 724 -12.41 36.03 1.29
CA LEU A 724 -13.48 36.19 0.32
C LEU A 724 -14.81 36.56 0.99
N TRP A 725 -15.12 35.90 2.10
CA TRP A 725 -16.34 36.24 2.84
C TRP A 725 -16.35 37.70 3.25
N LEU A 726 -15.25 38.15 3.85
CA LEU A 726 -15.17 39.54 4.30
C LEU A 726 -15.30 40.52 3.14
N CYS A 727 -14.58 40.26 2.04
CA CYS A 727 -14.63 41.18 0.92
C CYS A 727 -16.01 41.22 0.29
N THR A 728 -16.69 40.08 0.19
CA THR A 728 -18.00 40.04 -0.45
C THR A 728 -19.09 40.68 0.41
N HIS A 729 -19.04 40.46 1.73
CA HIS A 729 -20.13 40.91 2.58
C HIS A 729 -19.98 42.35 3.06
N LEU A 730 -18.87 43.01 2.74
CA LEU A 730 -18.73 44.43 3.06
C LEU A 730 -18.48 45.24 1.80
N GLU B 9 36.56 -16.69 11.52
CA GLU B 9 35.62 -16.35 12.58
C GLU B 9 34.62 -15.30 12.10
N PRO B 10 33.36 -15.70 11.96
CA PRO B 10 32.35 -14.76 11.47
C PRO B 10 32.23 -13.49 12.30
N GLU B 11 32.33 -13.60 13.63
CA GLU B 11 32.18 -12.41 14.47
C GLU B 11 33.33 -11.43 14.26
N GLU B 12 34.55 -11.93 14.23
CA GLU B 12 35.71 -11.06 14.02
C GLU B 12 35.66 -10.42 12.65
N ALA B 13 35.29 -11.20 11.62
CA ALA B 13 35.18 -10.64 10.27
C ALA B 13 34.11 -9.56 10.21
N ALA B 14 32.96 -9.80 10.86
CA ALA B 14 31.91 -8.79 10.87
C ALA B 14 32.36 -7.52 11.56
N ALA B 15 33.07 -7.65 12.68
CA ALA B 15 33.58 -6.47 13.37
C ALA B 15 34.57 -5.70 12.49
N LEU B 16 35.47 -6.42 11.81
CA LEU B 16 36.43 -5.77 10.94
C LEU B 16 35.75 -5.05 9.79
N TYR B 17 34.72 -5.68 9.20
CA TYR B 17 33.98 -5.02 8.13
C TYR B 17 33.27 -3.77 8.63
N ARG B 18 32.65 -3.86 9.82
CA ARG B 18 32.02 -2.69 10.41
C ARG B 18 33.01 -1.56 10.58
N GLY B 19 34.22 -1.88 11.06
CA GLY B 19 35.23 -0.84 11.24
C GLY B 19 35.69 -0.24 9.93
N LEU B 20 35.91 -1.08 8.92
CA LEU B 20 36.48 -0.57 7.67
C LEU B 20 35.47 0.21 6.84
N SER B 21 34.21 -0.23 6.81
CA SER B 21 33.22 0.41 5.96
C SER B 21 32.78 1.78 6.48
N ARG B 22 33.35 2.26 7.58
CA ARG B 22 32.95 3.53 8.16
C ARG B 22 33.63 4.73 7.50
N GLN B 23 34.65 4.53 6.69
CA GLN B 23 35.40 5.63 6.12
C GLN B 23 34.63 6.22 4.93
N PRO B 24 34.34 7.52 4.94
CA PRO B 24 33.59 8.14 3.84
C PRO B 24 34.47 8.52 2.66
N ALA B 25 33.82 8.91 1.57
CA ALA B 25 34.50 9.30 0.35
C ALA B 25 33.87 10.57 -0.20
N LEU B 26 34.68 11.36 -0.91
CA LEU B 26 34.23 12.61 -1.50
C LEU B 26 33.53 12.35 -2.84
N SER B 27 32.55 13.18 -3.15
CA SER B 27 31.85 13.10 -4.43
C SER B 27 31.86 14.39 -5.24
N ALA B 28 31.81 15.55 -4.59
CA ALA B 28 31.78 16.81 -5.32
C ALA B 28 32.18 17.95 -4.39
N ALA B 29 32.66 19.03 -5.00
CA ALA B 29 33.07 20.22 -4.27
C ALA B 29 32.91 21.44 -5.17
N CYS B 30 32.67 22.59 -4.54
CA CYS B 30 32.51 23.85 -5.26
C CYS B 30 32.96 25.00 -4.38
N LEU B 31 33.24 26.13 -5.01
CA LEU B 31 33.77 27.31 -4.34
C LEU B 31 32.77 28.45 -4.36
N GLY B 32 32.78 29.24 -3.29
CA GLY B 32 31.91 30.38 -3.17
C GLY B 32 32.58 31.68 -3.55
N PRO B 33 31.83 32.77 -3.52
CA PRO B 33 32.38 34.07 -3.90
C PRO B 33 33.33 34.63 -2.85
N GLU B 34 34.20 35.53 -3.30
CA GLU B 34 35.18 36.14 -2.42
C GLU B 34 34.52 37.21 -1.55
N VAL B 35 35.06 37.37 -0.35
CA VAL B 35 34.50 38.32 0.64
C VAL B 35 35.66 39.12 1.22
N THR B 36 35.49 40.43 1.36
CA THR B 36 36.59 41.30 1.87
C THR B 36 36.22 41.74 3.30
N THR B 37 37.19 42.18 4.08
CA THR B 37 36.92 42.66 5.49
C THR B 37 37.41 44.11 5.66
N GLN B 38 36.84 44.88 6.58
CA GLN B 38 37.35 46.23 6.82
C GLN B 38 38.81 46.22 7.24
N TYR B 39 39.30 45.10 7.77
CA TYR B 39 40.71 44.98 8.13
C TYR B 39 41.60 44.66 6.93
N GLY B 40 41.01 44.38 5.77
CA GLY B 40 41.76 44.05 4.58
C GLY B 40 41.90 42.57 4.27
N GLY B 41 41.42 41.70 5.14
CA GLY B 41 41.53 40.27 4.89
C GLY B 41 40.61 39.80 3.80
N ARG B 42 40.95 38.64 3.23
CA ARG B 42 40.18 38.04 2.15
C ARG B 42 40.03 36.55 2.39
N TYR B 43 38.80 36.07 2.28
CA TYR B 43 38.48 34.67 2.53
C TYR B 43 37.35 34.23 1.62
N ARG B 44 37.22 32.92 1.47
CA ARG B 44 36.11 32.35 0.71
C ARG B 44 35.78 30.97 1.24
N THR B 45 34.58 30.51 0.91
CA THR B 45 34.04 29.27 1.44
C THR B 45 34.12 28.14 0.42
N VAL B 46 34.23 26.92 0.92
CA VAL B 46 34.28 25.71 0.10
C VAL B 46 33.16 24.79 0.56
N HIS B 47 32.36 24.32 -0.39
CA HIS B 47 31.24 23.43 -0.11
C HIS B 47 31.58 22.04 -0.64
N THR B 48 31.42 21.02 0.19
CA THR B 48 31.78 19.66 -0.20
C THR B 48 30.66 18.70 0.15
N GLU B 49 30.52 17.65 -0.66
CA GLU B 49 29.51 16.63 -0.47
C GLU B 49 30.20 15.28 -0.27
N TRP B 50 29.75 14.54 0.75
CA TRP B 50 30.32 13.25 1.10
C TRP B 50 29.22 12.19 1.09
N THR B 51 29.64 10.93 0.94
CA THR B 51 28.75 9.78 0.99
C THR B 51 29.37 8.70 1.88
N GLN B 52 28.50 7.94 2.54
CA GLN B 52 28.95 6.94 3.50
C GLN B 52 27.93 5.81 3.61
N ARG B 53 28.44 4.60 3.86
CA ARG B 53 27.59 3.44 4.06
C ARG B 53 27.04 3.41 5.48
N ASP B 54 25.78 2.99 5.62
CA ASP B 54 25.11 2.88 6.91
C ASP B 54 24.51 1.48 7.00
N LEU B 55 25.07 0.65 7.88
CA LEU B 55 24.64 -0.74 8.00
C LEU B 55 23.36 -0.87 8.83
N GLU B 56 23.10 0.05 9.75
CA GLU B 56 21.88 -0.03 10.53
C GLU B 56 20.65 0.26 9.68
N ARG B 57 20.70 1.33 8.89
CA ARG B 57 19.64 1.60 7.93
C ARG B 57 19.85 0.87 6.61
N MET B 58 20.98 0.19 6.43
CA MET B 58 21.31 -0.54 5.17
C MET B 58 21.16 0.38 3.94
N GLU B 59 21.85 1.53 3.92
CA GLU B 59 21.71 2.46 2.82
C GLU B 59 22.93 3.37 2.72
N ASN B 60 23.07 4.02 1.56
CA ASN B 60 24.12 5.00 1.35
C ASN B 60 23.56 6.38 1.67
N ILE B 61 24.17 7.07 2.62
CA ILE B 61 23.73 8.39 3.05
C ILE B 61 24.68 9.44 2.49
N ARG B 62 24.13 10.62 2.22
CA ARG B 62 24.89 11.73 1.65
C ARG B 62 24.72 12.95 2.53
N PHE B 63 25.83 13.62 2.82
CA PHE B 63 25.81 14.81 3.66
C PHE B 63 26.71 15.88 3.08
N CYS B 64 26.59 17.08 3.64
CA CYS B 64 27.30 18.25 3.16
C CYS B 64 28.10 18.88 4.30
N ARG B 65 29.23 19.49 3.93
CA ARG B 65 30.11 20.16 4.88
C ARG B 65 30.69 21.41 4.22
N GLN B 66 31.12 22.37 5.05
CA GLN B 66 31.62 23.64 4.56
C GLN B 66 32.89 24.04 5.30
N TYR B 67 33.80 24.68 4.57
CA TYR B 67 35.09 25.10 5.10
C TYR B 67 35.37 26.54 4.69
N LEU B 68 36.29 27.18 5.42
CA LEU B 68 36.70 28.56 5.14
C LEU B 68 38.19 28.61 4.87
N VAL B 69 38.57 29.39 3.86
CA VAL B 69 39.96 29.56 3.47
C VAL B 69 40.27 31.06 3.41
N PHE B 70 41.24 31.49 4.21
CA PHE B 70 41.73 32.86 4.21
C PHE B 70 43.03 32.91 3.43
N HIS B 71 43.08 33.78 2.41
CA HIS B 71 44.20 33.82 1.48
C HIS B 71 44.67 35.26 1.29
N ASP B 72 45.88 35.39 0.74
CA ASP B 72 46.47 36.69 0.47
C ASP B 72 46.58 36.98 -1.03
N GLY B 73 45.79 36.31 -1.84
CA GLY B 73 45.78 36.56 -3.28
C GLY B 73 46.52 35.51 -4.07
N ASP B 74 47.67 35.05 -3.57
CA ASP B 74 48.46 34.05 -4.25
C ASP B 74 48.92 32.92 -3.33
N SER B 75 48.53 32.93 -2.06
CA SER B 75 48.93 31.90 -1.12
C SER B 75 47.86 31.75 -0.05
N VAL B 76 47.84 30.58 0.58
CA VAL B 76 46.85 30.28 1.60
C VAL B 76 47.42 30.63 2.97
N VAL B 77 46.73 31.49 3.71
CA VAL B 77 47.21 31.88 5.03
C VAL B 77 46.54 31.07 6.13
N PHE B 78 45.27 30.69 5.97
CA PHE B 78 44.62 29.89 7.00
C PHE B 78 43.47 29.10 6.39
N ALA B 79 43.13 27.99 7.05
CA ALA B 79 42.00 27.17 6.63
C ALA B 79 41.36 26.54 7.85
N GLY B 80 40.03 26.43 7.85
CA GLY B 80 39.32 25.89 8.98
C GLY B 80 37.91 25.40 8.69
N PRO B 81 37.32 24.69 9.63
CA PRO B 81 35.93 24.24 9.48
C PRO B 81 34.95 25.36 9.75
N ALA B 82 33.72 25.17 9.27
CA ALA B 82 32.67 26.18 9.42
C ALA B 82 31.34 25.52 9.76
N GLY B 83 31.36 24.56 10.68
CA GLY B 83 30.14 23.95 11.16
C GLY B 83 30.20 22.44 11.11
N ASN B 84 29.04 21.81 11.32
CA ASN B 84 28.90 20.37 11.31
C ASN B 84 28.31 19.87 10.00
N SER B 85 28.38 18.56 9.80
CA SER B 85 27.83 17.93 8.61
C SER B 85 26.31 17.90 8.67
N VAL B 86 25.68 18.04 7.51
CA VAL B 86 24.21 18.02 7.43
C VAL B 86 23.80 16.99 6.39
N GLU B 87 22.97 16.03 6.80
CA GLU B 87 22.50 15.00 5.89
C GLU B 87 21.41 15.55 4.97
N THR B 88 21.36 15.01 3.74
CA THR B 88 20.40 15.45 2.75
C THR B 88 19.70 14.25 2.13
N ARG B 89 18.52 14.50 1.57
CA ARG B 89 17.71 13.42 0.99
C ARG B 89 16.95 13.95 -0.22
N GLY B 90 17.06 13.25 -1.34
CA GLY B 90 16.27 13.54 -2.52
C GLY B 90 16.88 14.50 -3.51
N GLU B 91 18.16 14.80 -3.40
CA GLU B 91 18.81 15.74 -4.33
C GLU B 91 19.38 14.98 -5.51
N LEU B 92 18.93 15.33 -6.72
CA LEU B 92 19.43 14.70 -7.94
C LEU B 92 20.55 15.52 -8.57
N LEU B 93 20.34 16.83 -8.73
CA LEU B 93 21.33 17.71 -9.31
C LEU B 93 21.26 19.06 -8.61
N SER B 94 22.38 19.79 -8.63
CA SER B 94 22.42 21.12 -8.05
C SER B 94 23.57 21.89 -8.68
N ARG B 95 23.34 23.20 -8.89
CA ARG B 95 24.33 24.04 -9.55
C ARG B 95 24.23 25.46 -9.02
N GLU B 96 25.36 26.00 -8.58
CA GLU B 96 25.43 27.40 -8.17
C GLU B 96 25.46 28.31 -9.40
N SER B 97 24.96 29.52 -9.22
CA SER B 97 24.92 30.48 -10.30
C SER B 97 26.31 31.06 -10.57
N PRO B 98 26.51 31.66 -11.74
CA PRO B 98 27.84 32.21 -12.05
C PRO B 98 28.31 33.25 -11.03
N SER B 99 27.42 34.08 -10.52
CA SER B 99 27.78 35.10 -9.56
C SER B 99 27.82 34.59 -8.12
N GLY B 100 27.31 33.40 -7.86
CA GLY B 100 27.33 32.84 -6.53
C GLY B 100 26.25 33.31 -5.59
N THR B 101 25.23 33.99 -6.09
CA THR B 101 24.17 34.53 -5.24
C THR B 101 22.93 33.63 -5.17
N MET B 102 22.74 32.72 -6.11
CA MET B 102 21.58 31.86 -6.15
C MET B 102 22.02 30.41 -6.31
N LYS B 103 21.11 29.48 -6.01
CA LYS B 103 21.40 28.07 -6.15
C LYS B 103 20.19 27.34 -6.70
N ALA B 104 20.41 26.43 -7.64
CA ALA B 104 19.35 25.67 -8.27
C ALA B 104 19.46 24.21 -7.87
N VAL B 105 18.34 23.60 -7.50
CA VAL B 105 18.31 22.23 -7.01
C VAL B 105 17.20 21.46 -7.72
N LEU B 106 17.49 20.23 -8.12
CA LEU B 106 16.48 19.30 -8.60
C LEU B 106 16.23 18.27 -7.51
N ARG B 107 14.97 18.11 -7.11
CA ARG B 107 14.63 17.25 -5.99
C ARG B 107 13.48 16.33 -6.36
N LYS B 108 13.43 15.18 -5.70
CA LYS B 108 12.34 14.24 -5.83
C LYS B 108 11.65 14.08 -4.48
N ALA B 109 10.31 14.18 -4.49
CA ALA B 109 9.53 14.08 -3.26
C ALA B 109 8.09 13.73 -3.56
N GLU B 117 6.24 9.56 -6.28
CA GLU B 117 6.85 10.84 -5.95
C GLU B 117 6.92 11.75 -7.17
N LYS B 118 7.06 13.05 -6.94
CA LYS B 118 7.14 14.04 -7.99
C LYS B 118 8.55 14.63 -8.06
N GLN B 119 8.80 15.40 -9.10
CA GLN B 119 10.08 16.05 -9.31
C GLN B 119 9.88 17.56 -9.31
N PHE B 120 10.72 18.27 -8.55
CA PHE B 120 10.61 19.71 -8.39
C PHE B 120 11.93 20.38 -8.72
N LEU B 121 11.83 21.47 -9.45
CA LEU B 121 13.01 22.32 -9.70
C LEU B 121 12.89 23.52 -8.76
N GLU B 122 13.89 23.73 -7.92
CA GLU B 122 13.88 24.83 -6.91
C GLU B 122 14.99 25.89 -7.09
N VAL B 123 14.75 27.14 -6.71
CA VAL B 123 15.77 28.23 -6.69
C VAL B 123 15.90 28.85 -5.27
N TRP B 124 17.08 28.80 -4.63
CA TRP B 124 17.38 29.37 -3.28
C TRP B 124 18.22 30.65 -3.36
N GLU B 125 17.99 31.60 -2.49
CA GLU B 125 18.77 32.87 -2.37
C GLU B 125 18.87 33.24 -0.87
N LYS B 126 20.05 33.20 -0.26
CA LYS B 126 20.32 33.47 1.20
C LYS B 126 19.47 32.55 2.10
N ASN B 127 18.65 33.09 2.99
CA ASN B 127 17.91 32.20 3.93
C ASN B 127 16.47 31.94 3.44
N ARG B 128 16.26 31.85 2.12
CA ARG B 128 14.87 31.66 1.61
C ARG B 128 14.75 30.78 0.36
N LYS B 129 13.71 29.93 0.32
CA LYS B 129 13.47 29.11 -0.90
C LYS B 129 12.68 29.99 -1.88
N LEU B 130 13.36 30.82 -2.65
CA LEU B 130 12.68 31.80 -3.54
C LEU B 130 11.57 31.15 -4.38
N LYS B 131 11.93 30.22 -5.29
CA LYS B 131 10.93 29.68 -6.20
C LYS B 131 10.97 28.17 -6.24
N SER B 132 9.83 27.58 -6.59
CA SER B 132 9.70 26.14 -6.78
C SER B 132 8.77 25.88 -7.96
N PHE B 133 9.12 24.89 -8.77
CA PHE B 133 8.34 24.52 -9.96
C PHE B 133 8.07 23.03 -9.92
N ASN B 134 6.81 22.65 -10.09
CA ASN B 134 6.38 21.26 -10.11
C ASN B 134 6.38 20.79 -11.57
N LEU B 135 7.42 20.02 -11.93
CA LEU B 135 7.59 19.64 -13.33
C LEU B 135 6.53 18.65 -13.79
N SER B 136 6.09 17.75 -12.90
CA SER B 136 5.11 16.74 -13.29
C SER B 136 3.79 17.38 -13.71
N ALA B 137 3.35 18.40 -12.98
CA ALA B 137 2.05 19.00 -13.27
C ALA B 137 2.06 19.76 -14.58
N LEU B 138 3.20 20.36 -14.93
CA LEU B 138 3.25 21.16 -16.16
C LEU B 138 3.05 20.29 -17.40
N GLU B 139 3.55 19.05 -17.36
CA GLU B 139 3.27 18.06 -18.41
C GLU B 139 3.82 18.50 -19.77
N LYS B 140 5.10 18.87 -19.79
CA LYS B 140 5.79 19.19 -21.03
C LYS B 140 6.80 18.13 -21.44
N HIS B 141 7.11 17.18 -20.56
CA HIS B 141 8.12 16.16 -20.83
C HIS B 141 8.01 15.08 -19.76
N GLY B 142 8.93 14.13 -19.81
CA GLY B 142 8.95 13.04 -18.86
C GLY B 142 9.95 13.25 -17.74
N PRO B 143 10.44 12.16 -17.16
CA PRO B 143 11.42 12.28 -16.07
C PRO B 143 12.70 12.95 -16.54
N VAL B 144 13.34 13.65 -15.62
CA VAL B 144 14.57 14.37 -15.89
C VAL B 144 15.76 13.41 -15.81
N TYR B 145 16.75 13.63 -16.67
CA TYR B 145 17.96 12.82 -16.68
C TYR B 145 18.92 13.32 -15.60
N GLU B 146 19.42 12.40 -14.77
CA GLU B 146 20.33 12.75 -13.69
C GLU B 146 21.68 12.06 -13.79
N ASP B 147 21.92 11.29 -14.85
CA ASP B 147 23.19 10.58 -15.00
C ASP B 147 24.27 11.52 -15.53
N ASP B 148 25.49 11.00 -15.62
CA ASP B 148 26.62 11.75 -16.13
C ASP B 148 26.82 11.61 -17.63
N CYS B 149 26.02 10.76 -18.30
CA CYS B 149 26.15 10.59 -19.74
C CYS B 149 25.41 11.70 -20.49
N PHE B 150 24.14 11.92 -20.16
CA PHE B 150 23.33 12.93 -20.81
C PHE B 150 22.97 14.12 -19.94
N GLY B 151 22.85 13.92 -18.62
CA GLY B 151 22.28 14.95 -17.77
C GLY B 151 23.17 16.17 -17.63
N CYS B 152 22.54 17.28 -17.25
CA CYS B 152 23.22 18.54 -17.02
C CYS B 152 22.22 19.53 -16.44
N LEU B 153 22.74 20.68 -16.00
CA LEU B 153 21.91 21.75 -15.46
C LEU B 153 22.74 23.03 -15.54
N SER B 154 22.32 23.97 -16.39
CA SER B 154 23.17 25.10 -16.73
C SER B 154 22.43 26.43 -16.58
N TRP B 155 23.15 27.44 -16.09
CA TRP B 155 22.65 28.80 -15.94
C TRP B 155 22.99 29.64 -17.16
N SER B 156 22.10 30.57 -17.50
CA SER B 156 22.41 31.56 -18.53
C SER B 156 23.42 32.57 -17.99
N HIS B 157 24.11 33.23 -18.93
CA HIS B 157 25.04 34.29 -18.53
C HIS B 157 24.31 35.49 -17.93
N SER B 158 23.05 35.70 -18.30
CA SER B 158 22.23 36.72 -17.66
C SER B 158 21.60 36.24 -16.37
N GLU B 159 21.76 34.96 -16.02
CA GLU B 159 21.20 34.39 -14.80
C GLU B 159 19.68 34.55 -14.76
N THR B 160 19.04 34.42 -15.92
CA THR B 160 17.59 34.52 -16.03
C THR B 160 16.91 33.26 -16.53
N HIS B 161 17.66 32.34 -17.15
CA HIS B 161 17.11 31.12 -17.71
C HIS B 161 17.91 29.92 -17.23
N LEU B 162 17.26 28.76 -17.23
CA LEU B 162 17.91 27.51 -16.86
C LEU B 162 17.72 26.48 -17.96
N LEU B 163 18.73 25.63 -18.15
CA LEU B 163 18.72 24.65 -19.23
C LEU B 163 19.00 23.26 -18.67
N TYR B 164 18.20 22.27 -19.10
CA TYR B 164 18.40 20.89 -18.66
C TYR B 164 17.91 19.93 -19.75
N VAL B 165 17.93 18.64 -19.44
CA VAL B 165 17.59 17.58 -20.37
C VAL B 165 16.55 16.66 -19.72
N ALA B 166 15.54 16.27 -20.49
CA ALA B 166 14.48 15.42 -19.97
C ALA B 166 13.97 14.47 -21.04
N ASP B 167 13.31 13.40 -20.62
CA ASP B 167 12.78 12.42 -21.55
C ASP B 167 11.64 13.02 -22.38
N LYS B 168 11.55 12.60 -23.64
CA LYS B 168 10.55 13.16 -24.53
C LYS B 168 9.16 12.62 -24.21
N LYS B 169 8.15 13.47 -24.39
CA LYS B 169 6.78 13.11 -24.07
C LYS B 169 6.22 12.16 -25.13
N ARG B 170 5.53 11.12 -24.67
CA ARG B 170 4.91 10.12 -25.52
C ARG B 170 3.40 10.35 -25.61
N PRO B 171 2.80 10.16 -26.78
CA PRO B 171 1.35 10.40 -26.92
C PRO B 171 0.54 9.42 -26.10
N LYS B 172 -0.63 9.89 -25.66
CA LYS B 172 -1.50 9.07 -24.82
C LYS B 172 -2.12 7.94 -25.62
N ALA B 173 -2.28 6.79 -24.97
CA ALA B 173 -2.84 5.59 -25.59
C ALA B 173 -3.87 4.96 -24.64
N GLU B 174 -4.76 4.16 -25.22
CA GLU B 174 -5.81 3.52 -24.44
C GLU B 174 -6.25 2.23 -25.14
N SER B 175 -6.97 1.40 -24.40
CA SER B 175 -7.41 0.11 -24.89
C SER B 175 -8.60 0.26 -25.83
N PHE B 176 -8.84 -0.77 -26.63
CA PHE B 176 -9.98 -0.79 -27.54
C PHE B 176 -11.31 -0.91 -26.79
N PHE B 177 -11.29 -1.34 -25.53
CA PHE B 177 -12.52 -1.67 -24.81
C PHE B 177 -12.73 -0.78 -23.59
N GLN B 178 -12.24 0.45 -23.62
CA GLN B 178 -12.45 1.36 -22.50
C GLN B 178 -13.89 1.83 -22.45
N THR B 179 -14.36 2.11 -21.23
CA THR B 179 -15.70 2.63 -21.00
C THR B 179 -15.62 4.11 -20.70
N LYS B 180 -16.39 4.91 -21.45
CA LYS B 180 -16.33 6.35 -21.37
C LYS B 180 -17.57 6.92 -20.69
N ALA B 181 -17.41 8.11 -20.12
CA ALA B 181 -18.50 8.76 -19.41
C ALA B 181 -19.66 9.07 -20.34
N LEU B 182 -20.87 8.97 -19.79
CA LEU B 182 -22.09 9.22 -20.56
C LEU B 182 -22.48 10.70 -20.49
N ALA B 200 -6.55 10.09 -27.61
CA ALA B 200 -5.75 8.91 -27.32
C ALA B 200 -5.80 7.92 -28.48
N ILE B 201 -4.69 7.23 -28.71
CA ILE B 201 -4.60 6.25 -29.79
C ILE B 201 -4.97 4.88 -29.24
N LYS B 202 -5.91 4.22 -29.89
CA LYS B 202 -6.36 2.91 -29.44
C LYS B 202 -5.40 1.83 -29.94
N GLY B 203 -4.93 0.99 -29.03
CA GLY B 203 -4.08 -0.13 -29.38
C GLY B 203 -2.59 0.13 -29.33
N ASP B 204 -2.16 1.26 -28.78
CA ASP B 204 -0.74 1.60 -28.72
C ASP B 204 -0.17 1.53 -27.30
N GLN B 205 -0.88 0.88 -26.37
CA GLN B 205 -0.42 0.86 -24.99
C GLN B 205 0.92 0.13 -24.84
N PHE B 206 1.15 -0.92 -25.62
CA PHE B 206 2.30 -1.79 -25.44
C PHE B 206 3.31 -1.66 -26.58
N LEU B 207 3.43 -0.48 -27.16
CA LEU B 207 4.44 -0.24 -28.19
C LEU B 207 5.84 -0.25 -27.58
N PHE B 208 6.80 -0.81 -28.31
CA PHE B 208 8.15 -1.01 -27.79
C PHE B 208 8.98 0.25 -27.95
N TYR B 209 9.65 0.65 -26.87
CA TYR B 209 10.58 1.78 -26.88
C TYR B 209 11.94 1.27 -26.45
N GLU B 210 12.94 1.43 -27.31
CA GLU B 210 14.27 0.92 -27.05
C GLU B 210 15.06 1.90 -26.17
N ASP B 211 15.72 1.38 -25.14
CA ASP B 211 16.50 2.19 -24.23
C ASP B 211 17.99 2.00 -24.48
N TRP B 212 18.81 2.71 -23.71
CA TRP B 212 20.24 2.83 -23.97
C TRP B 212 21.09 1.81 -23.23
N GLY B 213 20.48 0.84 -22.56
CA GLY B 213 21.25 -0.29 -22.05
C GLY B 213 21.41 -0.39 -20.55
N GLU B 214 22.54 -0.96 -20.13
CA GLU B 214 22.77 -1.25 -18.72
C GLU B 214 22.83 0.03 -17.90
N ASN B 215 22.10 0.06 -16.79
CA ASN B 215 22.01 1.22 -15.91
C ASN B 215 21.37 2.41 -16.61
N MET B 216 20.63 2.16 -17.70
CA MET B 216 19.91 3.19 -18.43
C MET B 216 18.49 2.74 -18.70
N VAL B 217 17.88 2.07 -17.74
CA VAL B 217 16.55 1.50 -17.94
C VAL B 217 15.53 2.61 -18.13
N SER B 218 14.70 2.47 -19.16
CA SER B 218 13.58 3.37 -19.47
C SER B 218 14.00 4.67 -20.13
N LYS B 219 15.28 4.87 -20.42
CA LYS B 219 15.77 6.09 -21.04
C LYS B 219 15.95 5.83 -22.54
N SER B 220 15.09 6.44 -23.35
CA SER B 220 15.05 6.16 -24.78
C SER B 220 15.47 7.37 -25.62
N THR B 221 14.84 8.52 -25.45
CA THR B 221 15.17 9.69 -26.26
C THR B 221 15.09 10.97 -25.43
N PRO B 222 16.22 11.61 -25.14
CA PRO B 222 16.20 12.87 -24.40
C PRO B 222 15.90 14.06 -25.30
N VAL B 223 15.57 15.19 -24.65
CA VAL B 223 15.31 16.45 -25.31
C VAL B 223 15.80 17.57 -24.41
N LEU B 224 16.09 18.71 -25.02
CA LEU B 224 16.60 19.89 -24.31
C LEU B 224 15.44 20.79 -23.90
N CYS B 225 15.44 21.13 -22.63
CA CYS B 225 14.36 21.96 -22.06
C CYS B 225 14.90 23.29 -21.51
N VAL B 226 14.25 24.43 -21.78
CA VAL B 226 14.64 25.77 -21.24
C VAL B 226 13.52 26.32 -20.35
N LEU B 227 13.82 26.64 -19.11
CA LEU B 227 12.85 27.26 -18.17
C LEU B 227 13.16 28.75 -17.92
N ASP B 228 12.16 29.60 -18.12
CA ASP B 228 12.28 31.06 -17.81
C ASP B 228 11.91 31.30 -16.34
N ILE B 229 12.81 31.75 -15.43
CA ILE B 229 12.54 31.85 -14.00
C ILE B 229 11.45 32.88 -13.71
N GLU B 230 11.52 34.05 -14.35
CA GLU B 230 10.59 35.12 -14.02
C GLU B 230 9.14 34.73 -14.30
N SER B 231 8.84 34.27 -15.51
CA SER B 231 7.45 33.93 -15.93
C SER B 231 6.99 32.52 -15.54
N GLY B 232 7.90 31.57 -15.28
CA GLY B 232 7.47 30.18 -15.04
C GLY B 232 7.28 29.27 -16.26
N ASN B 233 7.54 29.71 -17.49
CA ASN B 233 7.25 28.90 -18.71
C ASN B 233 8.39 27.97 -19.19
N ILE B 234 8.02 26.79 -19.66
CA ILE B 234 9.00 25.79 -20.13
C ILE B 234 8.87 25.62 -21.64
N SER B 235 9.99 25.59 -22.31
CA SER B 235 9.98 25.39 -23.74
C SER B 235 10.93 24.25 -24.11
N VAL B 236 10.59 23.54 -25.18
CA VAL B 236 11.42 22.48 -25.73
C VAL B 236 12.03 23.00 -27.03
N LEU B 237 13.36 23.05 -27.09
CA LEU B 237 14.04 23.62 -28.24
C LEU B 237 13.76 22.79 -29.49
N GLU B 238 13.65 23.48 -30.63
CA GLU B 238 13.42 22.85 -31.91
C GLU B 238 14.68 22.95 -32.78
N GLY B 239 14.88 21.95 -33.62
CA GLY B 239 16.02 21.92 -34.53
C GLY B 239 17.02 20.82 -34.28
N VAL B 240 16.80 19.97 -33.28
CA VAL B 240 17.72 18.84 -33.05
C VAL B 240 17.51 17.80 -34.13
N PRO B 241 18.57 17.29 -34.77
CA PRO B 241 18.38 16.29 -35.83
C PRO B 241 17.63 15.07 -35.31
N GLU B 242 16.75 14.55 -36.15
CA GLU B 242 15.85 13.47 -35.72
C GLU B 242 16.59 12.20 -35.35
N SER B 243 17.82 12.02 -35.81
CA SER B 243 18.54 10.77 -35.63
C SER B 243 19.60 10.82 -34.53
N VAL B 244 19.56 11.82 -33.65
CA VAL B 244 20.54 11.94 -32.59
C VAL B 244 19.86 12.12 -31.24
N SER B 245 20.57 11.72 -30.20
CA SER B 245 20.20 11.96 -28.81
C SER B 245 21.10 13.06 -28.24
N PRO B 246 20.56 14.17 -27.79
CA PRO B 246 21.40 15.28 -27.33
C PRO B 246 21.73 15.20 -25.84
N GLY B 247 22.82 15.87 -25.48
CA GLY B 247 23.24 15.91 -24.09
C GLY B 247 24.42 16.84 -23.88
N GLN B 248 24.81 16.96 -22.61
CA GLN B 248 25.96 17.76 -22.19
C GLN B 248 25.95 19.14 -22.83
N ALA B 249 24.89 19.88 -22.57
CA ALA B 249 24.65 21.17 -23.20
C ALA B 249 25.02 22.33 -22.27
N PHE B 250 25.38 23.46 -22.89
CA PHE B 250 25.68 24.68 -22.14
C PHE B 250 25.37 25.88 -23.04
N TRP B 251 25.25 27.04 -22.40
CA TRP B 251 24.86 28.25 -23.10
C TRP B 251 26.03 28.81 -23.91
N ALA B 252 25.74 29.18 -25.16
CA ALA B 252 26.75 29.75 -26.05
C ALA B 252 27.03 31.20 -25.69
N PRO B 253 28.17 31.74 -26.14
CA PRO B 253 28.50 33.13 -25.82
C PRO B 253 27.40 34.07 -26.30
N GLY B 254 27.04 35.03 -25.45
CA GLY B 254 25.98 35.96 -25.73
C GLY B 254 24.58 35.43 -25.50
N ASP B 255 24.44 34.19 -25.04
CA ASP B 255 23.13 33.58 -24.79
C ASP B 255 22.31 33.49 -26.07
N THR B 256 22.96 33.46 -27.23
CA THR B 256 22.24 33.38 -28.49
C THR B 256 21.71 31.97 -28.76
N GLY B 257 22.41 30.94 -28.32
CA GLY B 257 22.00 29.59 -28.60
C GLY B 257 22.54 28.61 -27.60
N VAL B 258 22.58 27.34 -28.00
CA VAL B 258 22.98 26.23 -27.14
C VAL B 258 23.93 25.33 -27.89
N VAL B 259 24.99 24.88 -27.20
CA VAL B 259 25.96 23.93 -27.74
C VAL B 259 25.77 22.60 -27.03
N PHE B 260 25.71 21.52 -27.80
CA PHE B 260 25.46 20.21 -27.21
C PHE B 260 26.18 19.13 -28.00
N VAL B 261 26.15 17.91 -27.47
CA VAL B 261 26.73 16.74 -28.11
C VAL B 261 25.59 15.79 -28.47
N GLY B 262 25.60 15.31 -29.71
CA GLY B 262 24.58 14.40 -30.21
C GLY B 262 25.17 13.03 -30.52
N TRP B 263 24.51 12.00 -30.01
CA TRP B 263 24.91 10.61 -30.22
C TRP B 263 23.96 9.95 -31.22
N TRP B 264 24.52 9.29 -32.23
CA TRP B 264 23.71 8.65 -33.25
C TRP B 264 23.03 7.40 -32.68
N HIS B 265 21.73 7.23 -32.98
CA HIS B 265 20.99 6.06 -32.52
C HIS B 265 20.29 5.35 -33.67
N GLU B 266 20.88 5.37 -34.87
CA GLU B 266 20.40 4.60 -36.01
C GLU B 266 21.44 3.58 -36.43
N PRO B 267 21.03 2.36 -36.79
CA PRO B 267 19.64 1.88 -36.80
C PRO B 267 19.14 1.45 -35.42
N PHE B 268 20.04 1.22 -34.47
CA PHE B 268 19.62 0.89 -33.11
C PHE B 268 20.74 1.27 -32.15
N ARG B 269 20.38 1.37 -30.87
CA ARG B 269 21.30 1.86 -29.84
C ARG B 269 22.21 0.73 -29.35
N LEU B 270 23.46 1.09 -29.09
CA LEU B 270 24.41 0.21 -28.43
C LEU B 270 24.73 0.77 -27.04
N GLY B 271 24.96 -0.13 -26.09
CA GLY B 271 25.26 0.26 -24.72
C GLY B 271 26.23 1.42 -24.62
N ILE B 272 25.87 2.45 -23.88
CA ILE B 272 26.65 3.69 -23.86
C ILE B 272 27.43 3.85 -22.56
N ARG B 273 26.91 3.30 -21.47
CA ARG B 273 27.55 3.49 -20.17
C ARG B 273 28.88 2.75 -20.12
N PHE B 274 29.92 3.44 -19.66
CA PHE B 274 31.25 2.87 -19.49
C PHE B 274 31.92 2.55 -20.83
N CYS B 275 31.51 3.23 -21.90
CA CYS B 275 32.12 3.10 -23.21
C CYS B 275 32.35 4.48 -23.79
N THR B 276 33.50 4.66 -24.46
CA THR B 276 33.85 5.93 -25.07
C THR B 276 33.96 5.84 -26.59
N ASN B 277 33.42 4.77 -27.19
CA ASN B 277 33.55 4.54 -28.62
C ASN B 277 32.21 4.62 -29.35
N ARG B 278 31.30 5.44 -28.87
CA ARG B 278 30.00 5.64 -29.51
C ARG B 278 30.06 6.87 -30.41
N ARG B 279 29.62 6.72 -31.65
CA ARG B 279 29.71 7.79 -32.62
C ARG B 279 28.85 8.98 -32.21
N SER B 280 29.41 10.18 -32.30
CA SER B 280 28.73 11.38 -31.85
C SER B 280 29.41 12.60 -32.46
N ALA B 281 28.78 13.75 -32.30
CA ALA B 281 29.29 15.00 -32.85
C ALA B 281 28.85 16.18 -31.99
N LEU B 282 29.39 17.35 -32.30
CA LEU B 282 29.11 18.59 -31.57
C LEU B 282 28.27 19.52 -32.43
N TYR B 283 27.18 20.04 -31.86
CA TYR B 283 26.23 20.86 -32.60
C TYR B 283 25.96 22.16 -31.87
N TYR B 284 25.57 23.17 -32.64
CA TYR B 284 25.11 24.45 -32.12
C TYR B 284 23.75 24.77 -32.70
N VAL B 285 22.80 25.17 -31.85
CA VAL B 285 21.43 25.41 -32.28
C VAL B 285 20.96 26.76 -31.73
N ASP B 286 20.25 27.51 -32.56
CA ASP B 286 19.71 28.81 -32.16
C ASP B 286 18.53 28.64 -31.22
N LEU B 287 18.30 29.66 -30.39
CA LEU B 287 17.19 29.61 -29.44
C LEU B 287 15.84 29.54 -30.16
N THR B 288 15.68 30.31 -31.23
CA THR B 288 14.44 30.32 -31.99
C THR B 288 14.77 30.35 -33.47
N GLY B 289 14.09 29.51 -34.25
CA GLY B 289 14.31 29.47 -35.68
C GLY B 289 14.54 28.07 -36.22
N GLY B 290 15.24 27.24 -35.45
CA GLY B 290 15.48 25.87 -35.84
C GLY B 290 16.74 25.61 -36.64
N LYS B 291 17.64 26.59 -36.75
CA LYS B 291 18.88 26.40 -37.48
C LYS B 291 19.91 25.69 -36.59
N CYS B 292 20.49 24.61 -37.11
CA CYS B 292 21.48 23.82 -36.39
C CYS B 292 22.70 23.63 -37.27
N GLU B 293 23.89 23.83 -36.69
CA GLU B 293 25.13 23.72 -37.44
C GLU B 293 26.11 22.81 -36.73
N LEU B 294 26.93 22.13 -37.52
CA LEU B 294 27.91 21.18 -37.04
C LEU B 294 29.24 21.89 -36.78
N LEU B 295 29.86 21.60 -35.64
CA LEU B 295 31.09 22.25 -35.24
C LEU B 295 32.32 21.34 -35.27
N SER B 296 32.15 20.06 -35.57
CA SER B 296 33.28 19.12 -35.57
C SER B 296 33.03 18.05 -36.62
N ASP B 297 33.94 17.09 -36.68
CA ASP B 297 33.79 15.96 -37.59
C ASP B 297 32.66 15.04 -37.12
N GLU B 298 32.18 14.21 -38.04
CA GLU B 298 31.02 13.37 -37.79
C GLU B 298 31.29 11.88 -37.96
N SER B 299 32.54 11.45 -37.88
CA SER B 299 32.88 10.04 -38.05
C SER B 299 33.60 9.44 -36.85
N VAL B 300 33.82 10.19 -35.78
CA VAL B 300 34.54 9.71 -34.61
C VAL B 300 33.72 10.01 -33.36
N ALA B 301 34.28 9.77 -32.18
CA ALA B 301 33.60 10.06 -30.93
C ALA B 301 34.17 11.34 -30.32
N VAL B 302 33.29 12.17 -29.78
CA VAL B 302 33.68 13.40 -29.10
C VAL B 302 32.93 13.50 -27.79
N THR B 303 33.53 14.20 -26.83
CA THR B 303 32.88 14.33 -25.53
C THR B 303 33.52 15.46 -24.72
N SER B 304 32.79 15.86 -23.66
CA SER B 304 33.26 16.72 -22.58
C SER B 304 33.71 18.10 -23.07
N PRO B 305 32.82 18.88 -23.67
CA PRO B 305 33.18 20.26 -24.05
C PRO B 305 33.11 21.21 -22.86
N ARG B 306 34.00 22.21 -22.87
CA ARG B 306 34.10 23.18 -21.79
C ARG B 306 34.43 24.54 -22.37
N LEU B 307 33.58 25.53 -22.12
CA LEU B 307 33.81 26.89 -22.59
C LEU B 307 34.74 27.65 -21.66
N SER B 308 35.64 28.43 -22.23
CA SER B 308 36.66 29.13 -21.46
C SER B 308 36.07 30.33 -20.74
N PRO B 309 36.75 30.81 -19.68
CA PRO B 309 36.22 31.95 -18.92
C PRO B 309 36.01 33.19 -19.75
N ASP B 310 36.89 33.47 -20.72
CA ASP B 310 36.72 34.64 -21.57
C ASP B 310 35.71 34.43 -22.68
N GLN B 311 35.22 33.19 -22.87
CA GLN B 311 34.16 32.91 -23.82
C GLN B 311 34.64 33.01 -25.27
N CYS B 312 35.87 32.59 -25.53
CA CYS B 312 36.45 32.66 -26.86
C CYS B 312 36.80 31.31 -27.47
N ARG B 313 36.93 30.25 -26.68
CA ARG B 313 37.35 28.97 -27.21
C ARG B 313 36.74 27.83 -26.40
N ILE B 314 36.77 26.63 -26.97
CA ILE B 314 36.19 25.43 -26.36
C ILE B 314 37.16 24.28 -26.51
N VAL B 315 37.39 23.54 -25.43
CA VAL B 315 38.22 22.33 -25.47
C VAL B 315 37.33 21.12 -25.34
N TYR B 316 37.75 20.00 -25.94
CA TYR B 316 37.00 18.76 -25.80
C TYR B 316 37.91 17.57 -26.08
N LEU B 317 37.41 16.38 -25.75
CA LEU B 317 38.13 15.13 -25.95
C LEU B 317 37.60 14.43 -27.20
N ARG B 318 38.52 13.90 -28.00
CA ARG B 318 38.16 13.22 -29.24
C ARG B 318 38.82 11.85 -29.29
N PHE B 319 38.03 10.83 -29.56
CA PHE B 319 38.50 9.47 -29.77
C PHE B 319 38.28 9.10 -31.23
N PRO B 320 39.35 8.81 -31.99
CA PRO B 320 39.24 8.65 -33.44
C PRO B 320 38.95 7.25 -33.93
N SER B 321 38.81 6.27 -33.05
CA SER B 321 38.47 4.91 -33.45
C SER B 321 37.28 4.42 -32.64
N LEU B 322 36.40 3.68 -33.32
CA LEU B 322 35.20 3.15 -32.69
C LEU B 322 35.34 1.70 -32.25
N VAL B 323 36.50 1.10 -32.43
CA VAL B 323 36.68 -0.34 -32.17
C VAL B 323 36.72 -0.64 -30.67
N PRO B 324 37.72 -0.16 -29.92
CA PRO B 324 37.83 -0.55 -28.51
C PRO B 324 36.96 0.30 -27.61
N HIS B 325 36.53 -0.31 -26.50
CA HIS B 325 35.64 0.38 -25.57
C HIS B 325 36.34 1.43 -24.72
N GLN B 326 37.66 1.36 -24.61
CA GLN B 326 38.46 2.42 -23.99
C GLN B 326 39.83 2.44 -24.64
N GLN B 327 40.36 3.64 -24.83
CA GLN B 327 41.63 3.82 -25.54
C GLN B 327 42.21 5.17 -25.17
N CYS B 328 43.35 5.49 -25.78
CA CYS B 328 43.96 6.80 -25.62
C CYS B 328 43.25 7.82 -26.50
N GLY B 329 43.02 9.02 -25.94
CA GLY B 329 42.27 10.06 -26.62
C GLY B 329 43.11 11.29 -26.90
N GLN B 330 42.54 12.19 -27.70
CA GLN B 330 43.16 13.45 -28.05
C GLN B 330 42.42 14.61 -27.39
N LEU B 331 43.15 15.69 -27.14
CA LEU B 331 42.57 16.93 -26.63
C LEU B 331 42.61 17.97 -27.75
N CYS B 332 41.43 18.47 -28.11
CA CYS B 332 41.26 19.37 -29.24
C CYS B 332 40.64 20.69 -28.80
N LEU B 333 40.92 21.75 -29.57
CA LEU B 333 40.47 23.10 -29.27
C LEU B 333 39.79 23.72 -30.49
N TYR B 334 38.72 24.47 -30.24
CA TYR B 334 37.94 25.14 -31.28
C TYR B 334 37.80 26.61 -30.93
N ASP B 335 38.08 27.47 -31.92
CA ASP B 335 38.01 28.92 -31.74
C ASP B 335 36.65 29.41 -32.22
N TRP B 336 35.95 30.15 -31.35
CA TRP B 336 34.58 30.54 -31.65
C TRP B 336 34.53 31.54 -32.81
N TYR B 337 35.44 32.51 -32.85
CA TYR B 337 35.31 33.61 -33.78
C TYR B 337 36.06 33.40 -35.09
N THR B 338 37.11 32.59 -35.09
CA THR B 338 37.81 32.26 -36.33
C THR B 338 37.37 30.93 -36.94
N ARG B 339 36.74 30.06 -36.14
CA ARG B 339 36.19 28.80 -36.64
C ARG B 339 37.28 27.81 -37.01
N VAL B 340 38.43 27.88 -36.35
CA VAL B 340 39.57 27.01 -36.63
C VAL B 340 39.66 25.94 -35.55
N THR B 341 39.87 24.70 -35.97
CA THR B 341 40.05 23.57 -35.06
C THR B 341 41.50 23.10 -35.12
N SER B 342 42.02 22.68 -33.98
CA SER B 342 43.40 22.22 -33.89
C SER B 342 43.50 21.11 -32.85
N VAL B 343 44.60 20.37 -32.91
CA VAL B 343 44.87 19.28 -31.99
C VAL B 343 45.91 19.75 -30.98
N VAL B 344 45.50 19.85 -29.71
CA VAL B 344 46.42 20.29 -28.67
C VAL B 344 47.27 19.12 -28.18
N VAL B 345 46.64 17.99 -27.88
CA VAL B 345 47.35 16.81 -27.40
C VAL B 345 46.95 15.62 -28.25
N ASP B 346 47.94 14.90 -28.76
CA ASP B 346 47.75 13.79 -29.69
C ASP B 346 48.04 12.45 -29.01
N ILE B 347 47.82 11.38 -29.78
CA ILE B 347 48.00 10.03 -29.24
C ILE B 347 49.47 9.80 -28.87
N VAL B 348 49.67 9.01 -27.82
CA VAL B 348 51.00 8.62 -27.34
C VAL B 348 51.15 7.12 -27.58
N PRO B 349 52.04 6.69 -28.48
CA PRO B 349 52.20 5.25 -28.73
C PRO B 349 52.69 4.48 -27.52
N ARG B 350 53.85 4.86 -26.97
CA ARG B 350 54.42 4.19 -25.81
C ARG B 350 54.55 5.11 -24.60
N GLN B 351 55.20 6.26 -24.76
CA GLN B 351 55.39 7.16 -23.64
C GLN B 351 55.97 8.48 -24.14
N LEU B 352 55.66 9.55 -23.42
CA LEU B 352 56.17 10.89 -23.69
C LEU B 352 56.90 11.37 -22.43
N GLY B 353 58.17 11.00 -22.32
CA GLY B 353 58.89 11.22 -21.09
C GLY B 353 58.58 10.16 -20.05
N GLU B 354 59.07 10.40 -18.84
CA GLU B 354 58.89 9.45 -17.75
C GLU B 354 57.68 9.74 -16.89
N ASP B 355 56.90 10.78 -17.19
CA ASP B 355 55.78 11.19 -16.35
C ASP B 355 54.43 11.16 -17.05
N PHE B 356 54.39 11.05 -18.38
CA PHE B 356 53.14 11.12 -19.12
C PHE B 356 53.08 9.97 -20.11
N SER B 357 51.90 9.36 -20.24
CA SER B 357 51.71 8.23 -21.14
C SER B 357 50.42 8.32 -21.95
N GLY B 358 49.71 9.45 -21.90
CA GLY B 358 48.51 9.65 -22.68
C GLY B 358 47.33 10.04 -21.79
N ILE B 359 46.23 10.34 -22.45
CA ILE B 359 45.00 10.76 -21.78
C ILE B 359 44.03 9.59 -21.77
N TYR B 360 43.57 9.20 -20.58
CA TYR B 360 42.73 8.03 -20.43
C TYR B 360 41.47 8.30 -19.60
N CYS B 361 41.26 9.54 -19.14
CA CYS B 361 40.03 9.88 -18.45
C CYS B 361 38.89 10.04 -19.46
N SER B 362 37.69 9.67 -19.01
CA SER B 362 36.50 9.77 -19.85
C SER B 362 35.79 11.11 -19.71
N LEU B 363 36.21 11.96 -18.77
CA LEU B 363 35.58 13.25 -18.57
C LEU B 363 36.61 14.24 -18.04
N LEU B 364 36.33 15.51 -18.23
CA LEU B 364 37.09 16.60 -17.64
C LEU B 364 36.33 17.21 -16.49
N PRO B 365 37.03 17.85 -15.55
CA PRO B 365 36.32 18.55 -14.47
C PRO B 365 35.39 19.61 -15.01
N LEU B 366 34.28 19.82 -14.31
CA LEU B 366 33.33 20.84 -14.74
C LEU B 366 33.98 22.21 -14.82
N GLY B 367 34.85 22.53 -13.87
CA GLY B 367 35.69 23.71 -13.97
C GLY B 367 37.14 23.32 -14.15
N CYS B 368 37.69 23.54 -15.34
CA CYS B 368 39.02 23.08 -15.67
C CYS B 368 39.91 24.13 -16.31
N TRP B 369 39.40 25.33 -16.57
CA TRP B 369 40.18 26.37 -17.20
C TRP B 369 40.93 27.21 -16.16
N SER B 370 42.16 27.58 -16.50
CA SER B 370 42.89 28.54 -15.69
C SER B 370 42.27 29.93 -15.85
N ALA B 371 42.62 30.82 -14.93
CA ALA B 371 42.05 32.16 -14.94
C ALA B 371 42.47 32.97 -16.16
N ASP B 372 43.57 32.62 -16.81
CA ASP B 372 44.04 33.34 -17.98
C ASP B 372 43.42 32.84 -19.29
N SER B 373 42.59 31.81 -19.22
CA SER B 373 41.97 31.23 -20.42
C SER B 373 43.03 30.74 -21.41
N GLN B 374 44.12 30.19 -20.88
CA GLN B 374 45.19 29.65 -21.72
C GLN B 374 45.66 28.27 -21.30
N ARG B 375 45.40 27.83 -20.06
CA ARG B 375 45.85 26.54 -19.58
C ARG B 375 44.66 25.73 -19.09
N VAL B 376 44.82 24.41 -19.10
CA VAL B 376 43.81 23.49 -18.64
C VAL B 376 44.45 22.50 -17.67
N VAL B 377 43.66 22.00 -16.73
CA VAL B 377 44.15 21.05 -15.73
C VAL B 377 43.21 19.85 -15.68
N PHE B 378 43.77 18.66 -15.53
CA PHE B 378 42.95 17.45 -15.43
C PHE B 378 43.75 16.38 -14.69
N ASP B 379 43.14 15.21 -14.53
CA ASP B 379 43.79 14.07 -13.89
C ASP B 379 43.60 12.84 -14.74
N SER B 380 44.62 11.97 -14.74
CA SER B 380 44.61 10.81 -15.61
C SER B 380 45.47 9.70 -15.03
N PRO B 381 45.18 8.45 -15.35
CA PRO B 381 46.08 7.35 -14.96
C PRO B 381 47.43 7.46 -15.66
N GLN B 382 48.46 6.99 -14.97
CA GLN B 382 49.84 7.02 -15.47
C GLN B 382 50.53 5.78 -14.91
N ARG B 383 50.73 4.78 -15.77
CA ARG B 383 51.15 3.46 -15.31
C ARG B 383 50.19 2.96 -14.23
N SER B 384 50.71 2.75 -13.02
CA SER B 384 49.90 2.27 -11.91
C SER B 384 49.45 3.38 -10.97
N ARG B 385 49.74 4.64 -11.29
CA ARG B 385 49.34 5.77 -10.47
C ARG B 385 48.21 6.54 -11.15
N GLN B 386 47.72 7.57 -10.47
CA GLN B 386 46.78 8.53 -11.05
C GLN B 386 47.27 9.92 -10.69
N ASP B 387 47.63 10.71 -11.70
CA ASP B 387 48.32 11.98 -11.49
C ASP B 387 47.51 13.14 -12.04
N LEU B 388 47.96 14.35 -11.71
CA LEU B 388 47.37 15.60 -12.18
C LEU B 388 48.30 16.27 -13.17
N PHE B 389 47.74 16.78 -14.26
CA PHE B 389 48.49 17.37 -15.35
C PHE B 389 47.94 18.74 -15.71
N ALA B 390 48.83 19.61 -16.17
CA ALA B 390 48.49 20.93 -16.69
C ALA B 390 48.99 21.05 -18.12
N VAL B 391 48.13 21.52 -19.00
CA VAL B 391 48.41 21.59 -20.43
C VAL B 391 48.24 23.03 -20.90
N ASP B 392 49.24 23.52 -21.64
CA ASP B 392 49.15 24.84 -22.28
C ASP B 392 48.56 24.66 -23.67
N THR B 393 47.42 25.32 -23.92
CA THR B 393 46.70 25.14 -25.17
C THR B 393 47.31 25.90 -26.33
N GLN B 394 48.29 26.77 -26.08
CA GLN B 394 48.94 27.50 -27.15
C GLN B 394 50.20 26.79 -27.65
N MET B 395 51.03 26.32 -26.73
CA MET B 395 52.27 25.63 -27.09
C MET B 395 52.13 24.11 -27.14
N GLY B 396 51.28 23.53 -26.28
CA GLY B 396 51.05 22.10 -26.28
C GLY B 396 51.87 21.30 -25.30
N SER B 397 52.55 21.95 -24.36
CA SER B 397 53.37 21.23 -23.40
C SER B 397 52.53 20.70 -22.24
N VAL B 398 52.88 19.51 -21.76
CA VAL B 398 52.20 18.86 -20.65
C VAL B 398 53.15 18.82 -19.46
N THR B 399 52.68 19.27 -18.31
CA THR B 399 53.48 19.32 -17.09
C THR B 399 52.77 18.53 -15.99
N SER B 400 53.52 17.69 -15.29
CA SER B 400 52.99 16.89 -14.20
C SER B 400 53.13 17.65 -12.88
N LEU B 401 52.02 17.76 -12.15
CA LEU B 401 52.02 18.49 -10.89
C LEU B 401 52.32 17.60 -9.68
N THR B 402 52.25 16.28 -9.83
CA THR B 402 52.42 15.37 -8.71
C THR B 402 53.44 14.28 -9.03
N ALA B 403 54.49 14.61 -9.78
CA ALA B 403 55.49 13.63 -10.16
C ALA B 403 56.39 13.29 -8.97
N GLY B 404 56.93 12.07 -9.01
CA GLY B 404 57.83 11.61 -7.97
C GLY B 404 57.09 11.00 -6.79
N GLY B 405 57.87 10.43 -5.88
CA GLY B 405 57.33 9.82 -4.69
C GLY B 405 57.02 8.35 -4.86
N SER B 406 56.44 7.78 -3.81
CA SER B 406 56.10 6.36 -3.82
C SER B 406 54.88 6.08 -4.69
N GLY B 407 53.90 6.99 -4.68
CA GLY B 407 52.69 6.81 -5.45
C GLY B 407 51.53 7.49 -4.77
N GLY B 408 50.33 7.02 -5.10
CA GLY B 408 49.10 7.61 -4.61
C GLY B 408 48.17 7.97 -5.74
N SER B 409 46.93 8.26 -5.36
CA SER B 409 45.87 8.59 -6.30
C SER B 409 45.30 9.97 -5.96
N TRP B 410 45.31 10.85 -6.96
CA TRP B 410 44.78 12.20 -6.86
C TRP B 410 43.53 12.33 -7.72
N LYS B 411 42.63 13.23 -7.30
CA LYS B 411 41.45 13.55 -8.08
C LYS B 411 41.14 15.03 -7.93
N LEU B 412 40.99 15.73 -9.06
CA LEU B 412 40.74 17.16 -9.04
C LEU B 412 39.23 17.41 -9.13
N LEU B 413 38.67 18.09 -8.12
CA LEU B 413 37.24 18.28 -8.07
C LEU B 413 36.80 19.59 -8.75
N THR B 414 37.62 20.63 -8.69
CA THR B 414 37.26 21.89 -9.34
C THR B 414 38.43 22.86 -9.26
N ILE B 415 38.36 23.89 -10.08
CA ILE B 415 39.28 25.03 -10.03
C ILE B 415 38.51 26.28 -10.37
N ASP B 416 38.78 27.37 -9.65
CA ASP B 416 38.11 28.64 -9.89
C ASP B 416 39.01 29.76 -9.42
N ARG B 417 39.34 30.68 -10.33
CA ARG B 417 40.26 31.78 -10.03
C ARG B 417 41.61 31.24 -9.56
N ASP B 418 42.04 30.13 -10.16
CA ASP B 418 43.35 29.53 -9.92
C ASP B 418 43.47 28.88 -8.55
N LEU B 419 42.36 28.51 -7.93
CA LEU B 419 42.37 27.76 -6.68
C LEU B 419 41.79 26.38 -6.93
N MET B 420 42.56 25.34 -6.64
CA MET B 420 42.17 23.97 -6.89
C MET B 420 41.81 23.25 -5.59
N VAL B 421 40.82 22.37 -5.69
CA VAL B 421 40.41 21.48 -4.60
C VAL B 421 40.61 20.05 -5.07
N VAL B 422 41.28 19.24 -4.24
CA VAL B 422 41.66 17.89 -4.65
C VAL B 422 41.39 16.89 -3.52
N GLN B 423 41.22 15.64 -3.93
CA GLN B 423 41.18 14.50 -3.03
C GLN B 423 42.42 13.63 -3.26
N PHE B 424 42.96 13.09 -2.19
CA PHE B 424 44.15 12.24 -2.24
C PHE B 424 43.93 10.99 -1.42
N SER B 425 44.44 9.86 -1.91
CA SER B 425 44.34 8.62 -1.15
C SER B 425 45.42 7.64 -1.60
N THR B 426 45.67 6.64 -0.76
CA THR B 426 46.58 5.55 -1.07
C THR B 426 45.98 4.24 -0.58
N PRO B 427 46.61 3.09 -0.89
CA PRO B 427 46.04 1.81 -0.45
C PRO B 427 45.93 1.67 1.05
N SER B 428 46.69 2.43 1.84
CA SER B 428 46.66 2.33 3.29
C SER B 428 46.26 3.65 3.95
N VAL B 429 45.63 4.55 3.21
CA VAL B 429 45.17 5.83 3.77
C VAL B 429 43.86 6.22 3.10
N PRO B 430 42.76 6.29 3.85
CA PRO B 430 41.46 6.65 3.25
C PRO B 430 41.50 8.07 2.68
N PRO B 431 40.46 8.46 1.95
CA PRO B 431 40.51 9.74 1.23
C PRO B 431 40.70 10.94 2.15
N SER B 432 41.42 11.94 1.63
CA SER B 432 41.68 13.19 2.32
C SER B 432 41.46 14.36 1.36
N LEU B 433 41.13 15.51 1.92
CA LEU B 433 40.75 16.69 1.16
C LEU B 433 41.78 17.81 1.35
N LYS B 434 42.24 18.38 0.24
CA LYS B 434 43.26 19.43 0.25
C LYS B 434 42.91 20.52 -0.75
N VAL B 435 43.52 21.69 -0.58
CA VAL B 435 43.38 22.81 -1.49
C VAL B 435 44.76 23.34 -1.85
N GLY B 436 44.82 24.08 -2.95
CA GLY B 436 46.09 24.62 -3.41
C GLY B 436 45.90 25.71 -4.43
N PHE B 437 47.00 26.40 -4.74
CA PHE B 437 47.03 27.47 -5.72
C PHE B 437 47.90 27.07 -6.91
N LEU B 438 47.41 27.30 -8.11
CA LEU B 438 48.15 26.96 -9.31
C LEU B 438 49.21 28.01 -9.59
N PRO B 439 50.50 27.65 -9.63
CA PRO B 439 51.56 28.64 -9.85
C PRO B 439 51.50 29.19 -11.27
N PRO B 440 52.18 30.31 -11.52
CA PRO B 440 52.20 30.88 -12.87
C PRO B 440 52.89 29.95 -13.86
N ALA B 441 52.71 30.27 -15.14
CA ALA B 441 53.22 29.41 -16.20
C ALA B 441 54.73 29.22 -16.07
N GLY B 442 55.17 27.97 -16.21
CA GLY B 442 56.57 27.62 -16.12
C GLY B 442 57.04 27.13 -14.76
N LYS B 443 56.20 27.21 -13.73
CA LYS B 443 56.61 26.78 -12.40
C LYS B 443 55.53 25.99 -11.68
N GLU B 444 54.72 25.21 -12.42
CA GLU B 444 53.61 24.50 -11.80
C GLU B 444 54.05 23.40 -10.87
N GLN B 445 55.30 22.94 -10.97
CA GLN B 445 55.76 21.83 -10.13
C GLN B 445 56.03 22.25 -8.69
N ALA B 446 55.98 23.55 -8.39
CA ALA B 446 56.25 24.06 -7.04
C ALA B 446 54.97 24.39 -6.29
N VAL B 447 53.90 23.61 -6.52
CA VAL B 447 52.63 23.89 -5.87
C VAL B 447 52.68 23.43 -4.42
N SER B 448 52.06 24.20 -3.53
CA SER B 448 52.06 23.93 -2.09
C SER B 448 50.65 23.56 -1.67
N TRP B 449 50.47 22.32 -1.21
CA TRP B 449 49.17 21.83 -0.79
C TRP B 449 48.94 22.10 0.69
N VAL B 450 47.73 22.54 1.02
CA VAL B 450 47.33 22.80 2.40
C VAL B 450 46.20 21.83 2.75
N SER B 451 46.32 21.16 3.88
CA SER B 451 45.37 20.12 4.26
C SER B 451 44.11 20.74 4.85
N LEU B 452 42.95 20.31 4.34
CA LEU B 452 41.66 20.68 4.89
C LEU B 452 41.03 19.59 5.72
N GLU B 453 41.18 18.32 5.31
CA GLU B 453 40.62 17.23 6.09
C GLU B 453 41.50 16.00 5.92
N GLU B 454 42.09 15.53 7.01
CA GLU B 454 43.00 14.40 7.01
C GLU B 454 42.31 13.13 7.48
N ALA B 455 42.88 11.99 7.10
CA ALA B 455 42.38 10.68 7.50
C ALA B 455 43.46 9.93 8.26
N GLU B 456 43.04 9.02 9.12
CA GLU B 456 43.99 8.25 9.94
C GLU B 456 44.52 7.07 9.16
N PRO B 457 45.84 6.91 9.06
CA PRO B 457 46.41 5.79 8.28
C PRO B 457 46.25 4.46 9.02
N PHE B 458 46.52 3.38 8.29
CA PHE B 458 46.54 2.02 8.82
C PHE B 458 47.96 1.49 8.69
N PRO B 459 48.76 1.53 9.76
CA PRO B 459 50.19 1.18 9.65
C PRO B 459 50.46 -0.32 9.50
N ASP B 460 49.45 -1.17 9.52
CA ASP B 460 49.67 -2.61 9.39
C ASP B 460 49.57 -3.11 7.96
N ILE B 461 49.40 -2.22 6.98
CA ILE B 461 49.35 -2.56 5.57
C ILE B 461 50.56 -1.94 4.89
N SER B 462 51.26 -2.73 4.07
CA SER B 462 52.37 -2.22 3.29
C SER B 462 52.19 -2.61 1.83
N TRP B 463 52.41 -1.66 0.93
CA TRP B 463 52.14 -1.86 -0.48
C TRP B 463 53.36 -1.48 -1.30
N SER B 464 53.49 -2.13 -2.46
CA SER B 464 54.61 -1.87 -3.37
C SER B 464 54.20 -2.23 -4.79
N ILE B 465 55.02 -1.82 -5.75
CA ILE B 465 54.75 -2.01 -7.18
C ILE B 465 55.87 -2.85 -7.78
N ARG B 466 55.48 -3.86 -8.56
CA ARG B 466 56.40 -4.77 -9.23
C ARG B 466 56.27 -4.62 -10.74
N VAL B 467 57.40 -4.68 -11.44
CA VAL B 467 57.46 -4.59 -12.90
C VAL B 467 57.82 -5.96 -13.45
N LEU B 468 57.15 -6.36 -14.53
CA LEU B 468 57.28 -7.69 -15.10
C LEU B 468 57.57 -7.61 -16.60
N GLN B 469 58.53 -8.40 -17.04
CA GLN B 469 58.96 -8.45 -18.44
C GLN B 469 58.62 -9.82 -19.03
N PRO B 470 57.75 -9.90 -20.03
CA PRO B 470 57.36 -11.20 -20.56
C PRO B 470 58.56 -11.93 -21.13
N PRO B 471 58.56 -13.26 -21.07
CA PRO B 471 59.69 -14.04 -21.60
C PRO B 471 59.66 -14.06 -23.12
N PRO B 472 60.76 -14.50 -23.75
CA PRO B 472 60.85 -14.40 -25.22
C PRO B 472 59.74 -15.11 -25.96
N GLN B 473 59.27 -16.25 -25.44
CA GLN B 473 58.25 -17.03 -26.16
C GLN B 473 56.88 -16.39 -26.11
N GLN B 474 56.69 -15.34 -25.31
CA GLN B 474 55.38 -14.70 -25.17
C GLN B 474 55.35 -13.30 -25.77
N GLU B 475 56.36 -12.92 -26.54
CA GLU B 475 56.39 -11.60 -27.15
C GLU B 475 55.32 -11.47 -28.22
N HIS B 476 54.77 -10.27 -28.36
CA HIS B 476 53.80 -9.99 -29.41
C HIS B 476 54.50 -9.89 -30.76
N VAL B 477 53.81 -10.35 -31.80
CA VAL B 477 54.43 -10.40 -33.13
C VAL B 477 54.77 -9.00 -33.62
N GLN B 478 53.90 -8.03 -33.33
CA GLN B 478 54.06 -6.69 -33.86
C GLN B 478 54.50 -5.65 -32.83
N TYR B 479 54.15 -5.83 -31.56
CA TYR B 479 54.50 -4.89 -30.50
C TYR B 479 55.52 -5.57 -29.58
N ALA B 480 56.80 -5.34 -29.85
CA ALA B 480 57.87 -5.99 -29.12
C ALA B 480 58.44 -5.08 -28.04
N GLY B 481 58.68 -5.66 -26.86
CA GLY B 481 59.32 -4.96 -25.77
C GLY B 481 58.39 -4.45 -24.68
N LEU B 482 57.09 -4.72 -24.77
CA LEU B 482 56.16 -4.24 -23.76
C LEU B 482 56.36 -4.97 -22.44
N ASP B 483 56.20 -4.25 -21.35
CA ASP B 483 56.23 -4.81 -20.00
C ASP B 483 54.98 -4.40 -19.24
N PHE B 484 54.67 -5.11 -18.16
CA PHE B 484 53.47 -4.78 -17.38
C PHE B 484 53.79 -4.71 -15.89
N GLU B 485 52.76 -4.59 -15.06
CA GLU B 485 52.97 -4.25 -13.66
C GLU B 485 51.95 -4.95 -12.75
N ALA B 486 52.29 -4.99 -11.47
CA ALA B 486 51.40 -5.52 -10.45
C ALA B 486 51.58 -4.72 -9.17
N ILE B 487 50.54 -4.75 -8.33
CA ILE B 487 50.55 -4.08 -7.03
C ILE B 487 50.42 -5.14 -5.95
N LEU B 488 51.33 -5.13 -4.99
CA LEU B 488 51.40 -6.14 -3.95
C LEU B 488 51.16 -5.48 -2.59
N LEU B 489 50.12 -5.95 -1.89
CA LEU B 489 49.83 -5.55 -0.51
C LEU B 489 50.13 -6.72 0.41
N GLN B 490 50.70 -6.42 1.58
CA GLN B 490 51.04 -7.47 2.54
C GLN B 490 51.06 -6.88 3.94
N PRO B 491 50.94 -7.72 4.96
CA PRO B 491 51.03 -7.23 6.34
C PRO B 491 52.43 -6.78 6.68
N SER B 492 52.53 -5.82 7.59
CA SER B 492 53.81 -5.26 8.00
C SER B 492 54.26 -5.84 9.34
N THR B 498 58.17 -18.84 4.44
CA THR B 498 57.02 -18.14 4.97
C THR B 498 55.76 -18.99 4.87
N GLN B 499 54.69 -18.56 5.55
CA GLN B 499 53.43 -19.27 5.53
C GLN B 499 52.26 -18.32 5.31
N VAL B 500 52.48 -17.27 4.51
CA VAL B 500 51.46 -16.26 4.24
C VAL B 500 50.68 -16.70 3.01
N PRO B 501 49.36 -16.88 3.11
CA PRO B 501 48.56 -17.17 1.91
C PRO B 501 48.42 -15.94 1.02
N MET B 502 48.05 -16.18 -0.24
CA MET B 502 47.97 -15.11 -1.22
C MET B 502 46.68 -15.21 -2.03
N VAL B 503 46.17 -14.03 -2.40
CA VAL B 503 44.97 -13.91 -3.23
C VAL B 503 45.33 -13.06 -4.45
N VAL B 504 44.94 -13.55 -5.63
CA VAL B 504 45.30 -12.93 -6.91
C VAL B 504 44.05 -12.34 -7.53
N MET B 505 44.17 -11.11 -8.03
CA MET B 505 43.06 -10.37 -8.61
C MET B 505 43.45 -9.76 -9.95
N PRO B 506 42.85 -10.20 -11.05
CA PRO B 506 42.91 -9.45 -12.31
C PRO B 506 41.70 -8.56 -12.47
N HIS B 507 41.92 -7.41 -13.11
CA HIS B 507 40.85 -6.45 -13.29
C HIS B 507 39.98 -6.82 -14.50
N GLY B 508 38.79 -6.23 -14.55
CA GLY B 508 37.90 -6.41 -15.68
C GLY B 508 38.40 -5.64 -16.88
N GLY B 509 37.45 -5.24 -17.73
CA GLY B 509 37.79 -4.47 -18.90
C GLY B 509 37.45 -5.16 -20.20
N PRO B 510 38.48 -5.64 -20.91
CA PRO B 510 39.86 -5.71 -20.40
C PRO B 510 40.64 -4.40 -20.48
N HIS B 511 40.05 -3.33 -21.02
CA HIS B 511 40.75 -2.05 -21.13
C HIS B 511 40.39 -1.20 -19.92
N SER B 512 40.98 -1.56 -18.79
CA SER B 512 40.85 -0.84 -17.52
C SER B 512 42.15 -1.06 -16.76
N SER B 513 42.15 -0.74 -15.46
CA SER B 513 43.37 -0.94 -14.68
C SER B 513 43.09 -0.67 -13.21
N PHE B 514 44.04 -1.10 -12.37
CA PHE B 514 44.07 -0.76 -10.95
C PHE B 514 45.04 0.39 -10.72
N VAL B 515 44.70 1.27 -9.78
CA VAL B 515 45.57 2.36 -9.38
C VAL B 515 45.76 2.31 -7.87
N THR B 516 46.87 2.88 -7.40
CA THR B 516 47.24 2.84 -5.99
C THR B 516 46.36 3.83 -5.20
N ALA B 517 45.12 3.42 -5.01
CA ALA B 517 44.13 4.19 -4.25
C ALA B 517 43.54 3.31 -3.15
N TRP B 518 42.63 3.90 -2.37
CA TRP B 518 42.01 3.19 -1.25
C TRP B 518 40.94 2.23 -1.78
N MET B 519 41.12 0.94 -1.50
CA MET B 519 40.18 -0.10 -1.90
C MET B 519 39.75 -0.88 -0.67
N LEU B 520 38.44 -1.00 -0.45
CA LEU B 520 37.94 -1.55 0.80
C LEU B 520 38.26 -3.02 0.94
N PHE B 521 37.94 -3.83 -0.07
CA PHE B 521 38.07 -5.28 0.06
C PHE B 521 39.52 -5.73 0.15
N PRO B 522 40.41 -5.23 -0.71
CA PRO B 522 41.83 -5.58 -0.55
C PRO B 522 42.38 -5.22 0.81
N ALA B 523 41.99 -4.07 1.35
CA ALA B 523 42.44 -3.70 2.70
C ALA B 523 41.90 -4.65 3.74
N MET B 524 40.62 -5.03 3.63
CA MET B 524 40.06 -5.98 4.59
C MET B 524 40.79 -7.31 4.52
N LEU B 525 41.12 -7.78 3.32
CA LEU B 525 41.87 -9.02 3.18
C LEU B 525 43.26 -8.89 3.80
N CYS B 526 43.93 -7.77 3.55
CA CYS B 526 45.27 -7.59 4.09
C CYS B 526 45.26 -7.57 5.62
N LYS B 527 44.24 -6.94 6.22
CA LYS B 527 44.17 -6.88 7.67
C LYS B 527 43.81 -8.21 8.31
N MET B 528 43.44 -9.22 7.51
CA MET B 528 43.16 -10.56 8.02
C MET B 528 44.34 -11.51 7.87
N GLY B 529 45.48 -11.04 7.36
CA GLY B 529 46.67 -11.86 7.24
C GLY B 529 46.99 -12.34 5.84
N PHE B 530 46.20 -11.98 4.84
CA PHE B 530 46.49 -12.39 3.47
C PHE B 530 47.45 -11.40 2.81
N ALA B 531 48.10 -11.88 1.76
CA ALA B 531 48.78 -11.03 0.79
C ALA B 531 47.93 -10.93 -0.45
N VAL B 532 47.93 -9.75 -1.08
CA VAL B 532 47.05 -9.47 -2.21
C VAL B 532 47.88 -9.00 -3.39
N LEU B 533 47.63 -9.59 -4.56
CA LEU B 533 48.36 -9.24 -5.78
C LEU B 533 47.35 -8.84 -6.86
N LEU B 534 47.38 -7.56 -7.24
CA LEU B 534 46.52 -7.04 -8.30
C LEU B 534 47.33 -6.86 -9.57
N VAL B 535 46.90 -7.45 -10.67
CA VAL B 535 47.71 -7.55 -11.89
C VAL B 535 47.14 -6.62 -12.95
N ASN B 536 48.00 -5.79 -13.55
CA ASN B 536 47.66 -4.97 -14.72
C ASN B 536 48.38 -5.59 -15.92
N TYR B 537 47.72 -6.52 -16.60
CA TYR B 537 48.30 -7.20 -17.74
C TYR B 537 48.34 -6.31 -18.97
N ARG B 538 49.04 -6.76 -20.00
CA ARG B 538 49.12 -6.01 -21.25
C ARG B 538 47.72 -5.80 -21.82
N GLY B 539 47.43 -4.57 -22.22
CA GLY B 539 46.10 -4.18 -22.65
C GLY B 539 45.40 -3.25 -21.68
N SER B 540 45.98 -3.00 -20.51
CA SER B 540 45.39 -2.07 -19.55
C SER B 540 45.59 -0.64 -20.00
N THR B 541 44.75 0.25 -19.47
CA THR B 541 44.89 1.68 -19.75
C THR B 541 46.05 2.26 -18.97
N GLY B 542 46.64 3.32 -19.53
CA GLY B 542 47.74 4.01 -18.88
C GLY B 542 49.12 3.52 -19.24
N PHE B 543 49.28 2.76 -20.32
CA PHE B 543 50.59 2.25 -20.71
C PHE B 543 50.88 2.50 -22.19
N GLY B 544 50.11 3.35 -22.85
CA GLY B 544 50.30 3.62 -24.26
C GLY B 544 49.27 2.92 -25.12
N GLN B 545 49.14 3.40 -26.36
CA GLN B 545 48.15 2.84 -27.28
C GLN B 545 48.57 1.46 -27.78
N ASP B 546 49.88 1.18 -27.82
CA ASP B 546 50.34 -0.14 -28.23
C ASP B 546 49.83 -1.22 -27.31
N SER B 547 49.86 -0.96 -26.00
CA SER B 547 49.32 -1.92 -25.04
C SER B 547 47.83 -2.13 -25.27
N ILE B 548 47.09 -1.05 -25.55
CA ILE B 548 45.67 -1.18 -25.83
C ILE B 548 45.42 -2.08 -27.02
N LEU B 549 46.19 -1.88 -28.09
CA LEU B 549 45.95 -2.62 -29.33
C LEU B 549 46.61 -3.99 -29.36
N SER B 550 47.40 -4.35 -28.35
CA SER B 550 48.04 -5.66 -28.35
C SER B 550 47.05 -6.79 -28.05
N LEU B 551 46.03 -6.52 -27.25
CA LEU B 551 45.19 -7.59 -26.70
C LEU B 551 44.12 -8.09 -27.68
N PRO B 552 43.43 -7.23 -28.41
CA PRO B 552 42.30 -7.69 -29.24
C PRO B 552 42.73 -8.81 -30.18
N GLY B 553 41.87 -9.82 -30.30
CA GLY B 553 42.18 -11.01 -31.06
C GLY B 553 42.98 -12.06 -30.32
N ASN B 554 43.36 -11.79 -29.06
CA ASN B 554 44.18 -12.73 -28.30
C ASN B 554 43.62 -13.01 -26.91
N VAL B 555 42.36 -12.66 -26.63
CA VAL B 555 41.81 -12.91 -25.32
C VAL B 555 41.77 -14.40 -25.05
N GLY B 556 42.09 -14.79 -23.81
CA GLY B 556 42.14 -16.18 -23.42
C GLY B 556 43.48 -16.84 -23.61
N HIS B 557 44.44 -16.18 -24.27
CA HIS B 557 45.78 -16.72 -24.44
C HIS B 557 46.84 -15.81 -23.84
N GLN B 558 46.98 -14.55 -24.30
CA GLN B 558 48.01 -13.58 -23.82
C GLN B 558 47.72 -13.07 -22.38
N ASP B 559 46.45 -12.80 -22.04
CA ASP B 559 46.03 -12.28 -20.69
C ASP B 559 46.11 -13.38 -19.61
N VAL B 560 45.82 -14.63 -19.94
CA VAL B 560 45.92 -15.83 -19.03
C VAL B 560 47.39 -16.14 -18.72
N LYS B 561 48.26 -16.09 -19.71
CA LYS B 561 49.70 -16.37 -19.51
C LYS B 561 50.41 -15.21 -18.79
N ASP B 562 50.04 -13.95 -19.00
CA ASP B 562 50.60 -12.83 -18.23
C ASP B 562 50.33 -13.00 -16.74
N VAL B 563 49.08 -13.33 -16.39
CA VAL B 563 48.73 -13.52 -14.99
C VAL B 563 49.53 -14.67 -14.38
N GLN B 564 49.61 -15.78 -15.11
CA GLN B 564 50.35 -16.93 -14.58
C GLN B 564 51.81 -16.61 -14.37
N PHE B 565 52.43 -15.89 -15.32
CA PHE B 565 53.83 -15.52 -15.18
C PHE B 565 54.03 -14.60 -13.98
N ALA B 566 53.13 -13.64 -13.78
CA ALA B 566 53.26 -12.77 -12.63
C ALA B 566 53.16 -13.55 -11.33
N VAL B 567 52.21 -14.48 -11.25
CA VAL B 567 52.06 -15.28 -10.03
C VAL B 567 53.33 -16.08 -9.76
N GLU B 568 53.85 -16.74 -10.80
CA GLU B 568 55.06 -17.55 -10.63
C GLU B 568 56.24 -16.71 -10.20
N GLN B 569 56.39 -15.52 -10.81
CA GLN B 569 57.52 -14.65 -10.44
C GLN B 569 57.40 -14.19 -9.00
N VAL B 570 56.20 -13.82 -8.56
CA VAL B 570 56.05 -13.33 -7.19
C VAL B 570 56.27 -14.46 -6.19
N LEU B 571 55.83 -15.67 -6.51
CA LEU B 571 55.93 -16.78 -5.56
C LEU B 571 57.39 -17.07 -5.19
N GLN B 572 58.28 -17.08 -6.18
CA GLN B 572 59.66 -17.50 -5.94
C GLN B 572 60.51 -16.42 -5.30
N GLU B 573 60.05 -15.16 -5.27
CA GLU B 573 60.85 -14.07 -4.76
C GLU B 573 60.53 -13.73 -3.30
N GLU B 574 59.25 -13.66 -2.93
CA GLU B 574 58.86 -13.36 -1.57
C GLU B 574 58.77 -14.59 -0.68
N HIS B 575 58.80 -15.79 -1.26
CA HIS B 575 58.74 -17.03 -0.50
C HIS B 575 57.43 -17.18 0.26
N PHE B 576 56.32 -16.90 -0.42
CA PHE B 576 55.00 -17.15 0.14
C PHE B 576 54.67 -18.64 0.04
N ASP B 577 53.60 -19.04 0.72
CA ASP B 577 53.20 -20.45 0.76
C ASP B 577 52.54 -20.81 -0.57
N ALA B 578 53.17 -21.71 -1.31
CA ALA B 578 52.67 -22.07 -2.64
C ALA B 578 51.41 -22.93 -2.59
N GLY B 579 51.11 -23.53 -1.45
CA GLY B 579 49.93 -24.38 -1.35
C GLY B 579 48.66 -23.69 -0.93
N ARG B 580 48.67 -22.37 -0.79
CA ARG B 580 47.50 -21.62 -0.31
C ARG B 580 47.28 -20.37 -1.15
N VAL B 581 47.28 -20.54 -2.47
CA VAL B 581 47.04 -19.45 -3.41
C VAL B 581 45.60 -19.52 -3.90
N ALA B 582 44.91 -18.39 -3.93
CA ALA B 582 43.52 -18.33 -4.35
C ALA B 582 43.32 -17.21 -5.37
N LEU B 583 42.19 -17.26 -6.07
CA LEU B 583 41.85 -16.31 -7.11
C LEU B 583 40.53 -15.62 -6.80
N MET B 584 40.41 -14.36 -7.21
CA MET B 584 39.14 -13.66 -7.10
C MET B 584 39.04 -12.60 -8.18
N GLY B 585 37.96 -12.62 -8.96
CA GLY B 585 37.78 -11.65 -10.02
C GLY B 585 36.32 -11.55 -10.43
N GLY B 586 35.94 -10.44 -11.08
CA GLY B 586 34.58 -10.21 -11.62
C GLY B 586 34.52 -9.88 -13.12
N SER B 587 33.39 -10.17 -13.79
CA SER B 587 33.17 -9.89 -15.25
C SER B 587 34.28 -10.51 -16.16
N HIS B 588 35.12 -9.72 -16.84
CA HIS B 588 36.31 -10.25 -17.60
C HIS B 588 37.35 -10.86 -16.62
N GLY B 589 37.49 -10.34 -15.40
CA GLY B 589 38.31 -10.94 -14.33
C GLY B 589 37.82 -12.33 -13.93
N GLY B 590 36.51 -12.64 -13.94
CA GLY B 590 36.00 -13.98 -13.74
C GLY B 590 36.26 -14.89 -14.93
N PHE B 591 36.18 -14.33 -16.13
CA PHE B 591 36.55 -15.08 -17.34
C PHE B 591 37.99 -15.55 -17.26
N LEU B 592 38.89 -14.65 -16.88
CA LEU B 592 40.30 -15.02 -16.72
C LEU B 592 40.48 -16.06 -15.62
N SER B 593 39.77 -15.91 -14.50
CA SER B 593 39.92 -16.85 -13.39
C SER B 593 39.46 -18.25 -13.79
N CYS B 594 38.34 -18.35 -14.49
CA CYS B 594 37.89 -19.65 -14.98
C CYS B 594 38.89 -20.24 -15.95
N HIS B 595 39.41 -19.42 -16.88
CA HIS B 595 40.47 -19.91 -17.77
C HIS B 595 41.64 -20.46 -16.97
N LEU B 596 42.05 -19.75 -15.92
CA LEU B 596 43.23 -20.15 -15.15
C LEU B 596 43.01 -21.45 -14.41
N ILE B 597 41.84 -21.60 -13.76
CA ILE B 597 41.59 -22.86 -13.05
C ILE B 597 41.34 -24.00 -14.03
N GLY B 598 41.02 -23.70 -15.29
CA GLY B 598 40.86 -24.75 -16.27
C GLY B 598 42.15 -25.19 -16.92
N GLN B 599 43.12 -24.28 -17.07
CA GLN B 599 44.35 -24.59 -17.77
C GLN B 599 45.52 -24.92 -16.84
N TYR B 600 45.44 -24.56 -15.56
CA TYR B 600 46.46 -24.89 -14.58
C TYR B 600 45.78 -25.44 -13.33
N PRO B 601 45.27 -26.66 -13.41
CA PRO B 601 44.41 -27.19 -12.33
C PRO B 601 45.13 -27.45 -11.01
N GLU B 602 46.46 -27.42 -10.97
CA GLU B 602 47.19 -27.75 -9.75
C GLU B 602 47.75 -26.55 -9.01
N THR B 603 47.44 -25.32 -9.43
CA THR B 603 48.09 -24.16 -8.83
C THR B 603 47.24 -23.49 -7.76
N TYR B 604 45.92 -23.51 -7.89
CA TYR B 604 45.04 -22.72 -7.03
C TYR B 604 44.16 -23.65 -6.19
N SER B 605 43.90 -23.23 -4.95
CA SER B 605 43.12 -24.02 -4.00
C SER B 605 41.68 -23.56 -3.86
N ALA B 606 41.35 -22.34 -4.30
CA ALA B 606 39.99 -21.84 -4.20
C ALA B 606 39.80 -20.73 -5.22
N CYS B 607 38.54 -20.40 -5.48
CA CYS B 607 38.22 -19.40 -6.49
C CYS B 607 36.86 -18.78 -6.19
N VAL B 608 36.75 -17.47 -6.39
CA VAL B 608 35.49 -16.73 -6.23
C VAL B 608 35.32 -15.82 -7.44
N VAL B 609 34.19 -15.93 -8.12
CA VAL B 609 33.91 -15.14 -9.32
C VAL B 609 32.56 -14.47 -9.18
N ARG B 610 32.39 -13.37 -9.92
CA ARG B 610 31.17 -12.57 -9.90
C ARG B 610 30.81 -12.18 -11.33
N ASN B 611 29.62 -12.60 -11.77
CA ASN B 611 29.08 -12.31 -13.10
C ASN B 611 30.13 -12.56 -14.19
N PRO B 612 30.65 -13.79 -14.28
CA PRO B 612 31.71 -14.06 -15.26
C PRO B 612 31.17 -14.23 -16.67
N VAL B 613 32.06 -14.02 -17.64
CA VAL B 613 31.80 -14.34 -19.04
C VAL B 613 32.28 -15.76 -19.30
N ILE B 614 31.40 -16.60 -19.83
CA ILE B 614 31.66 -18.03 -19.95
C ILE B 614 31.67 -18.50 -21.40
N ASN B 615 30.72 -18.04 -22.21
CA ASN B 615 30.62 -18.48 -23.60
C ASN B 615 30.36 -17.27 -24.48
N ILE B 616 31.38 -16.85 -25.24
CA ILE B 616 31.27 -15.63 -26.02
C ILE B 616 30.21 -15.76 -27.11
N ALA B 617 30.16 -16.91 -27.78
CA ALA B 617 29.22 -17.10 -28.88
C ALA B 617 27.78 -16.95 -28.40
N SER B 618 27.45 -17.60 -27.28
CA SER B 618 26.10 -17.44 -26.72
C SER B 618 25.89 -16.03 -26.19
N MET B 619 26.95 -15.39 -25.68
CA MET B 619 26.83 -14.02 -25.19
C MET B 619 26.42 -13.06 -26.30
N MET B 620 26.95 -13.24 -27.51
CA MET B 620 26.73 -12.26 -28.57
C MET B 620 25.26 -11.94 -28.77
N GLY B 621 24.40 -12.96 -28.75
CA GLY B 621 23.01 -12.76 -29.08
C GLY B 621 22.11 -12.24 -27.98
N SER B 622 22.65 -12.01 -26.77
CA SER B 622 21.82 -11.59 -25.65
C SER B 622 22.33 -10.35 -24.93
N THR B 623 23.54 -9.89 -25.20
CA THR B 623 24.10 -8.75 -24.49
C THR B 623 23.67 -7.44 -25.15
N ASP B 624 23.89 -6.34 -24.42
CA ASP B 624 23.59 -5.01 -24.92
C ASP B 624 24.75 -4.38 -25.67
N ILE B 625 25.91 -5.04 -25.73
CA ILE B 625 27.05 -4.54 -26.50
C ILE B 625 27.56 -5.66 -27.39
N PRO B 626 26.81 -6.05 -28.43
CA PRO B 626 27.25 -7.17 -29.27
C PRO B 626 28.58 -6.93 -29.96
N ASP B 627 28.96 -5.68 -30.20
CA ASP B 627 30.21 -5.41 -30.91
C ASP B 627 31.43 -5.84 -30.10
N TRP B 628 31.29 -5.90 -28.77
CA TRP B 628 32.41 -6.30 -27.92
C TRP B 628 32.86 -7.72 -28.23
N CYS B 629 31.92 -8.64 -28.41
CA CYS B 629 32.27 -10.03 -28.70
C CYS B 629 33.02 -10.15 -30.01
N MET B 630 32.55 -9.45 -31.04
CA MET B 630 33.23 -9.49 -32.33
C MET B 630 34.62 -8.88 -32.23
N VAL B 631 34.75 -7.75 -31.55
CA VAL B 631 36.03 -7.05 -31.52
C VAL B 631 37.07 -7.85 -30.75
N GLU B 632 36.70 -8.38 -29.59
CA GLU B 632 37.67 -9.12 -28.78
C GLU B 632 38.06 -10.45 -29.40
N ALA B 633 37.20 -11.03 -30.25
CA ALA B 633 37.53 -12.27 -30.93
C ALA B 633 38.43 -12.06 -32.14
N GLY B 634 38.52 -10.84 -32.66
CA GLY B 634 39.44 -10.55 -33.74
C GLY B 634 38.79 -10.28 -35.08
N PHE B 635 37.56 -9.78 -35.08
CA PHE B 635 36.83 -9.46 -36.30
C PHE B 635 36.20 -8.08 -36.19
N SER B 636 35.77 -7.57 -37.34
CA SER B 636 35.08 -6.29 -37.39
C SER B 636 33.58 -6.50 -37.17
N TYR B 637 32.92 -5.43 -36.72
CA TYR B 637 31.51 -5.49 -36.39
C TYR B 637 30.68 -4.73 -37.43
N SER B 638 29.57 -5.33 -37.84
CA SER B 638 28.63 -4.71 -38.76
C SER B 638 27.22 -4.85 -38.22
N SER B 639 26.42 -3.79 -38.39
CA SER B 639 25.05 -3.82 -37.88
C SER B 639 24.20 -4.83 -38.64
N ASP B 640 24.61 -5.23 -39.84
CA ASP B 640 23.88 -6.19 -40.65
C ASP B 640 24.52 -7.56 -40.67
N CYS B 641 25.37 -7.87 -39.69
CA CYS B 641 26.07 -9.15 -39.68
C CYS B 641 25.10 -10.30 -39.45
N LEU B 642 25.47 -11.48 -39.97
CA LEU B 642 24.69 -12.69 -39.80
C LEU B 642 25.60 -13.80 -39.28
N PRO B 643 25.02 -14.81 -38.61
CA PRO B 643 25.85 -15.87 -38.03
C PRO B 643 26.66 -16.59 -39.09
N ASP B 644 27.91 -16.91 -38.74
CA ASP B 644 28.82 -17.61 -39.63
C ASP B 644 29.53 -18.70 -38.84
N LEU B 645 29.98 -19.73 -39.56
CA LEU B 645 30.59 -20.87 -38.90
C LEU B 645 31.99 -20.56 -38.39
N SER B 646 32.80 -19.84 -39.17
CA SER B 646 34.18 -19.58 -38.78
C SER B 646 34.26 -18.71 -37.54
N VAL B 647 33.49 -17.62 -37.52
CA VAL B 647 33.51 -16.72 -36.37
C VAL B 647 33.02 -17.43 -35.12
N TRP B 648 31.96 -18.22 -35.26
CA TRP B 648 31.44 -18.96 -34.11
C TRP B 648 32.46 -19.97 -33.61
N ALA B 649 33.16 -20.64 -34.52
CA ALA B 649 34.19 -21.59 -34.12
C ALA B 649 35.31 -20.89 -33.35
N ALA B 650 35.74 -19.73 -33.83
CA ALA B 650 36.78 -18.99 -33.12
C ALA B 650 36.32 -18.59 -31.73
N MET B 651 35.08 -18.07 -31.63
CA MET B 651 34.57 -17.67 -30.33
C MET B 651 34.49 -18.86 -29.37
N LEU B 652 34.04 -20.01 -29.87
CA LEU B 652 34.00 -21.19 -29.02
C LEU B 652 35.40 -21.61 -28.59
N ASP B 653 36.37 -21.50 -29.49
CA ASP B 653 37.73 -21.89 -29.16
C ASP B 653 38.36 -20.95 -28.14
N LYS B 654 37.87 -19.72 -28.02
CA LYS B 654 38.42 -18.78 -27.07
C LYS B 654 37.67 -18.75 -25.73
N SER B 655 36.78 -19.71 -25.47
CA SER B 655 35.96 -19.62 -24.26
C SER B 655 36.44 -20.58 -23.18
N PRO B 656 36.28 -20.21 -21.90
CA PRO B 656 36.75 -21.09 -20.82
C PRO B 656 35.93 -22.36 -20.64
N ILE B 657 34.68 -22.39 -21.12
CA ILE B 657 33.85 -23.58 -20.95
C ILE B 657 34.53 -24.80 -21.55
N LYS B 658 35.35 -24.59 -22.58
CA LYS B 658 36.05 -25.69 -23.23
C LYS B 658 36.94 -26.46 -22.28
N TYR B 659 37.40 -25.85 -21.19
CA TYR B 659 38.25 -26.51 -20.21
C TYR B 659 37.48 -27.00 -18.99
N ALA B 660 36.16 -26.94 -19.02
CA ALA B 660 35.37 -27.34 -17.85
C ALA B 660 35.69 -28.74 -17.35
N PRO B 661 35.88 -29.75 -18.20
CA PRO B 661 36.12 -31.11 -17.68
C PRO B 661 37.38 -31.25 -16.82
N GLN B 662 38.34 -30.35 -16.94
CA GLN B 662 39.59 -30.47 -16.20
C GLN B 662 39.55 -29.83 -14.82
N VAL B 663 38.50 -29.08 -14.49
CA VAL B 663 38.48 -28.29 -13.28
C VAL B 663 38.28 -29.18 -12.07
N LYS B 664 39.00 -28.89 -10.98
CA LYS B 664 38.80 -29.58 -9.72
C LYS B 664 38.88 -28.65 -8.51
N THR B 665 38.92 -27.34 -8.72
CA THR B 665 39.01 -26.39 -7.60
C THR B 665 37.61 -26.04 -7.09
N PRO B 666 37.39 -26.05 -5.79
CA PRO B 666 36.07 -25.64 -5.27
C PRO B 666 35.76 -24.20 -5.66
N LEU B 667 34.48 -23.94 -5.99
CA LEU B 667 34.09 -22.69 -6.61
C LEU B 667 32.87 -22.09 -5.91
N LEU B 668 32.92 -20.78 -5.70
CA LEU B 668 31.79 -20.00 -5.23
C LEU B 668 31.41 -19.00 -6.32
N LEU B 669 30.14 -19.01 -6.72
CA LEU B 669 29.64 -18.22 -7.84
C LEU B 669 28.48 -17.36 -7.37
N MET B 670 28.56 -16.06 -7.65
CA MET B 670 27.57 -15.09 -7.20
C MET B 670 27.07 -14.31 -8.41
N LEU B 671 25.74 -14.30 -8.60
CA LEU B 671 25.15 -13.77 -9.82
C LEU B 671 24.06 -12.76 -9.50
N GLY B 672 23.94 -11.74 -10.34
CA GLY B 672 22.84 -10.79 -10.27
C GLY B 672 21.84 -11.04 -11.38
N GLN B 673 20.56 -11.20 -11.02
CA GLN B 673 19.58 -11.68 -11.98
C GLN B 673 19.19 -10.62 -13.01
N GLU B 674 19.36 -9.33 -12.70
CA GLU B 674 18.95 -8.27 -13.61
C GLU B 674 20.13 -7.63 -14.33
N ASP B 675 21.25 -8.33 -14.43
CA ASP B 675 22.40 -7.83 -15.19
C ASP B 675 22.10 -7.90 -16.68
N ARG B 676 22.35 -6.81 -17.40
CA ARG B 676 22.06 -6.75 -18.82
C ARG B 676 23.29 -6.78 -19.71
N ARG B 677 24.45 -6.39 -19.20
CA ARG B 677 25.68 -6.49 -19.99
C ARG B 677 26.19 -7.92 -20.05
N VAL B 678 26.07 -8.67 -18.95
CA VAL B 678 26.45 -10.08 -18.92
C VAL B 678 25.28 -10.89 -18.37
N PRO B 679 24.48 -11.53 -19.22
CA PRO B 679 23.34 -12.31 -18.70
C PRO B 679 23.79 -13.42 -17.78
N PHE B 680 22.94 -13.73 -16.80
CA PHE B 680 23.30 -14.66 -15.74
C PHE B 680 23.21 -16.13 -16.15
N LYS B 681 22.87 -16.43 -17.40
CA LYS B 681 22.82 -17.81 -17.84
C LYS B 681 24.19 -18.40 -18.15
N GLN B 682 25.21 -17.57 -18.38
CA GLN B 682 26.56 -18.07 -18.57
C GLN B 682 27.05 -18.81 -17.33
N GLY B 683 26.94 -18.16 -16.18
CA GLY B 683 27.28 -18.82 -14.93
C GLY B 683 26.43 -20.05 -14.68
N MET B 684 25.17 -20.01 -15.10
CA MET B 684 24.31 -21.17 -14.93
C MET B 684 24.82 -22.36 -15.74
N GLU B 685 25.25 -22.12 -16.99
CA GLU B 685 25.80 -23.21 -17.79
C GLU B 685 27.06 -23.78 -17.15
N TYR B 686 27.96 -22.89 -16.69
CA TYR B 686 29.18 -23.37 -16.04
C TYR B 686 28.83 -24.20 -14.79
N TYR B 687 27.88 -23.70 -13.99
CA TYR B 687 27.46 -24.39 -12.79
C TYR B 687 26.86 -25.75 -13.11
N ARG B 688 26.04 -25.83 -14.16
CA ARG B 688 25.46 -27.11 -14.53
C ARG B 688 26.52 -28.12 -14.94
N VAL B 689 27.51 -27.70 -15.71
CA VAL B 689 28.57 -28.62 -16.09
C VAL B 689 29.30 -29.12 -14.84
N LEU B 690 29.70 -28.20 -13.95
CA LEU B 690 30.44 -28.60 -12.77
C LEU B 690 29.61 -29.52 -11.89
N LYS B 691 28.32 -29.22 -11.71
CA LYS B 691 27.45 -30.06 -10.91
C LYS B 691 27.29 -31.44 -11.51
N ALA B 692 27.12 -31.52 -12.83
CA ALA B 692 27.02 -32.82 -13.48
C ALA B 692 28.31 -33.62 -13.34
N ARG B 693 29.46 -32.96 -13.20
CA ARG B 693 30.69 -33.70 -12.94
C ARG B 693 30.97 -33.90 -11.46
N ASN B 694 30.09 -33.43 -10.58
CA ASN B 694 30.21 -33.69 -9.13
C ASN B 694 31.39 -32.93 -8.50
N VAL B 695 31.55 -31.66 -8.86
CA VAL B 695 32.56 -30.81 -8.25
C VAL B 695 31.89 -29.93 -7.20
N PRO B 696 32.55 -29.60 -6.09
CA PRO B 696 31.92 -28.78 -5.05
C PRO B 696 31.75 -27.34 -5.52
N VAL B 697 30.51 -26.85 -5.47
CA VAL B 697 30.17 -25.51 -5.95
C VAL B 697 29.10 -24.92 -5.04
N ARG B 698 29.18 -23.61 -4.83
CA ARG B 698 28.20 -22.88 -4.03
C ARG B 698 27.71 -21.68 -4.82
N LEU B 699 26.41 -21.62 -5.08
CA LEU B 699 25.83 -20.62 -5.95
C LEU B 699 24.89 -19.70 -5.18
N LEU B 700 25.04 -18.39 -5.38
CA LEU B 700 24.18 -17.38 -4.79
C LEU B 700 23.60 -16.52 -5.90
N LEU B 701 22.29 -16.26 -5.81
CA LEU B 701 21.56 -15.49 -6.83
C LEU B 701 20.86 -14.33 -6.16
N TYR B 702 21.10 -13.12 -6.65
CA TYR B 702 20.47 -11.91 -6.13
C TYR B 702 19.42 -11.43 -7.12
N PRO B 703 18.13 -11.53 -6.80
CA PRO B 703 17.09 -11.38 -7.84
C PRO B 703 16.83 -9.95 -8.29
N LYS B 704 17.41 -8.94 -7.66
CA LYS B 704 17.15 -7.56 -8.02
C LYS B 704 18.41 -6.73 -8.24
N SER B 705 19.55 -7.38 -8.48
CA SER B 705 20.82 -6.68 -8.59
C SER B 705 21.35 -6.72 -10.02
N THR B 706 22.16 -5.73 -10.36
CA THR B 706 22.82 -5.63 -11.66
C THR B 706 24.26 -6.09 -11.54
N HIS B 707 25.05 -5.83 -12.60
CA HIS B 707 26.41 -6.33 -12.65
C HIS B 707 27.24 -5.90 -11.45
N ALA B 708 26.96 -4.73 -10.88
CA ALA B 708 27.81 -4.18 -9.83
C ALA B 708 27.58 -4.86 -8.49
N LEU B 709 26.36 -5.27 -8.19
CA LEU B 709 26.00 -5.74 -6.84
C LEU B 709 26.35 -4.68 -5.81
N SER B 710 25.89 -3.45 -6.09
CA SER B 710 26.33 -2.27 -5.36
C SER B 710 25.47 -1.94 -4.14
N GLU B 711 24.28 -2.53 -4.01
CA GLU B 711 23.46 -2.24 -2.85
C GLU B 711 24.14 -2.68 -1.56
N VAL B 712 23.91 -1.93 -0.49
CA VAL B 712 24.67 -2.12 0.74
C VAL B 712 24.47 -3.54 1.28
N GLU B 713 23.22 -3.99 1.34
CA GLU B 713 22.95 -5.32 1.87
C GLU B 713 23.59 -6.41 1.00
N VAL B 714 23.38 -6.33 -0.31
CA VAL B 714 23.95 -7.33 -1.21
C VAL B 714 25.47 -7.29 -1.16
N GLU B 715 26.05 -6.09 -1.16
CA GLU B 715 27.51 -5.96 -1.12
C GLU B 715 28.09 -6.58 0.14
N SER B 716 27.50 -6.27 1.29
CA SER B 716 28.01 -6.82 2.54
C SER B 716 27.85 -8.33 2.58
N ASP B 717 26.70 -8.85 2.13
CA ASP B 717 26.50 -10.30 2.12
C ASP B 717 27.52 -11.00 1.24
N SER B 718 27.74 -10.46 0.02
CA SER B 718 28.69 -11.09 -0.88
C SER B 718 30.11 -11.05 -0.33
N PHE B 719 30.52 -9.90 0.24
CA PHE B 719 31.86 -9.82 0.79
C PHE B 719 32.05 -10.80 1.94
N MET B 720 31.07 -10.88 2.84
CA MET B 720 31.19 -11.81 3.97
C MET B 720 31.26 -13.25 3.50
N ASN B 721 30.42 -13.62 2.53
CA ASN B 721 30.44 -14.98 2.01
C ASN B 721 31.77 -15.31 1.36
N ALA B 722 32.31 -14.38 0.56
CA ALA B 722 33.59 -14.62 -0.07
C ALA B 722 34.71 -14.77 0.94
N VAL B 723 34.73 -13.92 1.97
CA VAL B 723 35.78 -14.01 2.98
C VAL B 723 35.69 -15.33 3.72
N LEU B 724 34.47 -15.77 4.06
CA LEU B 724 34.32 -17.04 4.75
C LEU B 724 34.77 -18.21 3.87
N TRP B 725 34.41 -18.18 2.58
CA TRP B 725 34.85 -19.23 1.67
C TRP B 725 36.37 -19.31 1.61
N LEU B 726 37.02 -18.15 1.44
CA LEU B 726 38.48 -18.13 1.35
C LEU B 726 39.12 -18.64 2.64
N CYS B 727 38.64 -18.17 3.79
CA CYS B 727 39.23 -18.58 5.06
C CYS B 727 39.04 -20.08 5.29
N THR B 728 37.86 -20.61 4.97
CA THR B 728 37.60 -22.03 5.22
C THR B 728 38.40 -22.93 4.29
N HIS B 729 38.52 -22.57 3.01
CA HIS B 729 39.12 -23.46 2.03
C HIS B 729 40.64 -23.36 1.96
N LEU B 730 41.25 -22.43 2.70
CA LEU B 730 42.71 -22.37 2.78
C LEU B 730 43.18 -22.53 4.22
N GLU C 9 -12.47 -22.65 33.70
CA GLU C 9 -11.21 -22.23 33.11
C GLU C 9 -11.45 -21.56 31.76
N PRO C 10 -10.52 -20.68 31.35
CA PRO C 10 -10.69 -20.01 30.05
C PRO C 10 -10.79 -20.97 28.88
N GLU C 11 -10.05 -22.08 28.92
CA GLU C 11 -10.07 -23.01 27.79
C GLU C 11 -11.45 -23.63 27.58
N GLU C 12 -12.12 -24.00 28.68
CA GLU C 12 -13.45 -24.57 28.56
C GLU C 12 -14.42 -23.56 27.95
N ALA C 13 -14.35 -22.30 28.39
CA ALA C 13 -15.22 -21.28 27.84
C ALA C 13 -14.94 -21.06 26.36
N ALA C 14 -13.66 -21.05 25.97
CA ALA C 14 -13.32 -20.86 24.57
C ALA C 14 -13.84 -22.01 23.72
N ALA C 15 -13.70 -23.25 24.20
CA ALA C 15 -14.22 -24.39 23.45
C ALA C 15 -15.74 -24.31 23.33
N LEU C 16 -16.42 -23.92 24.41
CA LEU C 16 -17.87 -23.78 24.36
C LEU C 16 -18.29 -22.72 23.35
N TYR C 17 -17.60 -21.58 23.34
CA TYR C 17 -17.93 -20.54 22.37
C TYR C 17 -17.68 -21.02 20.95
N ARG C 18 -16.57 -21.74 20.72
CA ARG C 18 -16.31 -22.28 19.40
C ARG C 18 -17.44 -23.21 18.96
N GLY C 19 -17.91 -24.06 19.87
CA GLY C 19 -18.99 -24.98 19.50
C GLY C 19 -20.30 -24.27 19.24
N LEU C 20 -20.63 -23.25 20.04
CA LEU C 20 -21.93 -22.60 19.90
C LEU C 20 -21.97 -21.65 18.70
N SER C 21 -20.87 -20.94 18.43
CA SER C 21 -20.91 -19.84 17.48
C SER C 21 -21.03 -20.28 16.03
N ARG C 22 -20.90 -21.57 15.72
CA ARG C 22 -20.91 -22.04 14.35
C ARG C 22 -22.28 -22.57 13.92
N GLN C 23 -23.36 -22.07 14.50
CA GLN C 23 -24.70 -22.37 14.02
C GLN C 23 -25.13 -21.30 13.01
N PRO C 24 -25.44 -21.65 11.78
CA PRO C 24 -25.74 -20.65 10.76
C PRO C 24 -27.13 -20.05 10.94
N ALA C 25 -27.36 -18.93 10.26
CA ALA C 25 -28.65 -18.23 10.30
C ALA C 25 -29.13 -17.93 8.89
N LEU C 26 -30.45 -17.99 8.70
CA LEU C 26 -31.05 -17.67 7.42
C LEU C 26 -31.11 -16.17 7.21
N SER C 27 -30.95 -15.74 5.95
CA SER C 27 -31.00 -14.32 5.62
C SER C 27 -32.10 -13.97 4.62
N ALA C 28 -32.37 -14.83 3.64
CA ALA C 28 -33.40 -14.54 2.64
C ALA C 28 -33.66 -15.82 1.84
N ALA C 29 -34.72 -15.78 1.04
CA ALA C 29 -35.09 -16.92 0.20
C ALA C 29 -36.05 -16.46 -0.88
N CYS C 30 -36.04 -17.18 -2.00
CA CYS C 30 -36.95 -16.90 -3.10
C CYS C 30 -37.26 -18.20 -3.83
N LEU C 31 -38.36 -18.19 -4.57
CA LEU C 31 -38.87 -19.38 -5.26
C LEU C 31 -38.66 -19.26 -6.76
N GLY C 32 -38.54 -20.42 -7.41
CA GLY C 32 -38.36 -20.47 -8.85
C GLY C 32 -39.65 -20.77 -9.60
N PRO C 33 -39.57 -20.77 -10.93
CA PRO C 33 -40.77 -21.04 -11.73
C PRO C 33 -41.17 -22.51 -11.67
N GLU C 34 -42.46 -22.74 -11.97
CA GLU C 34 -42.99 -24.10 -11.97
C GLU C 34 -42.47 -24.89 -13.17
N VAL C 35 -42.20 -26.18 -12.93
CA VAL C 35 -41.71 -27.09 -13.96
C VAL C 35 -42.58 -28.33 -13.96
N THR C 36 -43.00 -28.76 -15.15
CA THR C 36 -43.81 -29.97 -15.31
C THR C 36 -43.04 -31.00 -16.10
N THR C 37 -42.97 -32.22 -15.58
CA THR C 37 -42.22 -33.29 -16.20
C THR C 37 -43.08 -34.00 -17.25
N GLN C 38 -42.50 -35.02 -17.89
CA GLN C 38 -43.20 -35.80 -18.91
C GLN C 38 -44.10 -36.88 -18.33
N TYR C 39 -44.00 -37.14 -17.03
CA TYR C 39 -44.86 -38.13 -16.40
C TYR C 39 -46.13 -37.54 -15.81
N GLY C 40 -46.11 -36.26 -15.43
CA GLY C 40 -47.28 -35.62 -14.87
C GLY C 40 -47.00 -34.83 -13.61
N GLY C 41 -45.85 -35.08 -12.99
CA GLY C 41 -45.51 -34.41 -11.75
C GLY C 41 -45.09 -32.96 -11.96
N ARG C 42 -45.15 -32.21 -10.89
CA ARG C 42 -44.71 -30.81 -10.96
C ARG C 42 -43.77 -30.55 -9.77
N TYR C 43 -42.80 -29.68 -9.91
CA TYR C 43 -41.85 -29.31 -8.87
C TYR C 43 -41.31 -27.93 -9.14
N ARG C 44 -40.74 -27.32 -8.09
CA ARG C 44 -40.03 -26.06 -8.22
C ARG C 44 -38.85 -26.04 -7.26
N THR C 45 -38.02 -25.06 -7.48
CA THR C 45 -36.78 -24.94 -6.71
C THR C 45 -36.85 -23.77 -5.70
N VAL C 46 -36.29 -23.94 -4.51
CA VAL C 46 -36.20 -22.84 -3.51
C VAL C 46 -34.73 -22.39 -3.43
N HIS C 47 -34.50 -21.11 -3.58
CA HIS C 47 -33.12 -20.58 -3.43
C HIS C 47 -32.97 -19.89 -2.07
N THR C 48 -31.95 -20.24 -1.29
CA THR C 48 -31.74 -19.69 0.09
C THR C 48 -30.35 -19.06 0.30
N GLU C 49 -30.16 -18.17 1.27
CA GLU C 49 -28.88 -17.47 1.62
C GLU C 49 -28.60 -17.59 3.16
N TRP C 50 -27.48 -18.16 3.62
CA TRP C 50 -27.13 -18.39 5.01
C TRP C 50 -25.90 -17.57 5.38
N THR C 51 -25.80 -17.22 6.66
CA THR C 51 -24.67 -16.48 7.20
C THR C 51 -24.12 -17.21 8.41
N GLN C 52 -22.80 -17.21 8.56
CA GLN C 52 -22.14 -17.91 9.65
C GLN C 52 -20.89 -17.16 10.08
N ARG C 53 -20.50 -17.35 11.34
CA ARG C 53 -19.29 -16.75 11.88
C ARG C 53 -18.10 -17.69 11.68
N ASP C 54 -16.96 -17.12 11.30
CA ASP C 54 -15.74 -17.88 11.08
C ASP C 54 -14.63 -17.27 11.93
N LEU C 55 -14.23 -17.98 12.99
CA LEU C 55 -13.19 -17.49 13.88
C LEU C 55 -11.80 -17.63 13.28
N GLU C 56 -11.58 -18.63 12.43
CA GLU C 56 -10.29 -18.78 11.78
C GLU C 56 -10.01 -17.60 10.84
N ARG C 57 -10.99 -17.27 10.00
CA ARG C 57 -10.89 -16.08 9.16
C ARG C 57 -11.25 -14.81 9.92
N MET C 58 -11.96 -14.92 11.04
CA MET C 58 -12.42 -13.77 11.81
C MET C 58 -13.34 -12.89 10.96
N GLU C 59 -14.38 -13.50 10.40
CA GLU C 59 -15.28 -12.77 9.53
C GLU C 59 -16.62 -13.49 9.44
N ASN C 60 -17.62 -12.76 8.96
CA ASN C 60 -18.95 -13.31 8.69
C ASN C 60 -19.02 -13.74 7.23
N ILE C 61 -19.22 -15.04 7.01
CA ILE C 61 -19.25 -15.59 5.66
C ILE C 61 -20.70 -15.86 5.27
N ARG C 62 -20.99 -15.66 3.98
CA ARG C 62 -22.32 -15.88 3.42
C ARG C 62 -22.23 -16.94 2.34
N PHE C 63 -23.25 -17.79 2.27
CA PHE C 63 -23.28 -18.83 1.24
C PHE C 63 -24.72 -19.08 0.81
N CYS C 64 -24.87 -19.85 -0.25
CA CYS C 64 -26.17 -20.11 -0.87
C CYS C 64 -26.41 -21.61 -0.97
N ARG C 65 -27.68 -22.01 -0.83
CA ARG C 65 -28.07 -23.41 -0.97
C ARG C 65 -29.44 -23.49 -1.63
N GLN C 66 -29.67 -24.61 -2.32
CA GLN C 66 -30.89 -24.78 -3.11
C GLN C 66 -31.56 -26.11 -2.80
N TYR C 67 -32.89 -26.10 -2.87
CA TYR C 67 -33.71 -27.26 -2.54
C TYR C 67 -34.77 -27.44 -3.62
N LEU C 68 -35.31 -28.65 -3.68
CA LEU C 68 -36.37 -29.01 -4.63
C LEU C 68 -37.62 -29.42 -3.87
N VAL C 69 -38.77 -28.93 -4.34
CA VAL C 69 -40.07 -29.25 -3.75
C VAL C 69 -40.96 -29.83 -4.84
N PHE C 70 -41.44 -31.05 -4.62
CA PHE C 70 -42.35 -31.73 -5.53
C PHE C 70 -43.76 -31.66 -4.96
N HIS C 71 -44.69 -31.10 -5.73
CA HIS C 71 -46.04 -30.85 -5.24
C HIS C 71 -47.06 -31.26 -6.29
N ASP C 72 -48.27 -31.54 -5.83
CA ASP C 72 -49.39 -31.93 -6.70
C ASP C 72 -50.61 -31.13 -6.25
N GLY C 73 -50.80 -29.96 -6.83
CA GLY C 73 -51.94 -29.11 -6.52
C GLY C 73 -51.64 -28.15 -5.36
N ASP C 74 -52.24 -28.43 -4.20
CA ASP C 74 -52.06 -27.62 -3.00
C ASP C 74 -51.52 -28.47 -1.87
N SER C 75 -50.58 -29.37 -2.18
CA SER C 75 -49.97 -30.22 -1.18
C SER C 75 -48.54 -30.52 -1.59
N VAL C 76 -47.70 -30.80 -0.61
CA VAL C 76 -46.29 -31.13 -0.85
C VAL C 76 -46.14 -32.64 -0.78
N VAL C 77 -45.69 -33.25 -1.88
CA VAL C 77 -45.54 -34.69 -1.94
C VAL C 77 -44.11 -35.09 -1.60
N PHE C 78 -43.15 -34.20 -1.88
CA PHE C 78 -41.76 -34.54 -1.56
C PHE C 78 -40.95 -33.26 -1.47
N ALA C 79 -39.81 -33.36 -0.79
CA ALA C 79 -38.87 -32.25 -0.68
C ALA C 79 -37.48 -32.79 -0.41
N GLY C 80 -36.47 -32.15 -1.00
CA GLY C 80 -35.10 -32.61 -0.83
C GLY C 80 -34.06 -31.58 -1.20
N PRO C 81 -32.80 -31.90 -0.98
CA PRO C 81 -31.71 -30.98 -1.37
C PRO C 81 -31.32 -31.16 -2.82
N ALA C 82 -30.68 -30.12 -3.37
CA ALA C 82 -30.32 -30.08 -4.77
C ALA C 82 -28.90 -29.55 -4.95
N GLY C 83 -27.96 -30.09 -4.17
CA GLY C 83 -26.55 -29.76 -4.32
C GLY C 83 -25.91 -29.41 -3.01
N ASN C 84 -24.73 -28.81 -3.09
CA ASN C 84 -23.95 -28.41 -1.93
C ASN C 84 -23.92 -26.90 -1.77
N SER C 85 -23.43 -26.45 -0.63
CA SER C 85 -23.33 -25.02 -0.36
C SER C 85 -22.19 -24.39 -1.14
N VAL C 86 -22.39 -23.15 -1.58
CA VAL C 86 -21.40 -22.40 -2.33
C VAL C 86 -21.20 -21.05 -1.65
N GLU C 87 -19.95 -20.70 -1.38
CA GLU C 87 -19.64 -19.43 -0.75
C GLU C 87 -19.57 -18.32 -1.80
N THR C 88 -20.01 -17.12 -1.41
CA THR C 88 -20.04 -15.97 -2.30
C THR C 88 -19.32 -14.80 -1.63
N ARG C 89 -18.90 -13.85 -2.45
CA ARG C 89 -18.21 -12.66 -1.95
C ARG C 89 -18.57 -11.45 -2.81
N GLY C 90 -18.84 -10.33 -2.14
CA GLY C 90 -19.00 -9.05 -2.80
C GLY C 90 -20.39 -8.68 -3.25
N GLU C 91 -21.39 -9.54 -3.05
CA GLU C 91 -22.74 -9.24 -3.50
C GLU C 91 -23.42 -8.29 -2.52
N LEU C 92 -24.00 -7.21 -3.05
CA LEU C 92 -24.70 -6.22 -2.24
C LEU C 92 -26.22 -6.35 -2.34
N LEU C 93 -26.74 -6.60 -3.55
CA LEU C 93 -28.17 -6.76 -3.74
C LEU C 93 -28.40 -7.77 -4.87
N SER C 94 -29.57 -8.41 -4.85
CA SER C 94 -29.95 -9.36 -5.87
C SER C 94 -31.45 -9.32 -6.05
N ARG C 95 -31.90 -9.65 -7.27
CA ARG C 95 -33.33 -9.68 -7.56
C ARG C 95 -33.57 -10.52 -8.80
N GLU C 96 -34.46 -11.51 -8.67
CA GLU C 96 -34.87 -12.30 -9.82
C GLU C 96 -35.98 -11.60 -10.59
N SER C 97 -35.99 -11.79 -11.89
CA SER C 97 -37.01 -11.17 -12.73
C SER C 97 -38.36 -11.83 -12.50
N PRO C 98 -39.45 -11.13 -12.84
CA PRO C 98 -40.78 -11.68 -12.57
C PRO C 98 -41.02 -13.04 -13.20
N SER C 99 -40.53 -13.26 -14.41
CA SER C 99 -40.71 -14.55 -15.09
C SER C 99 -39.75 -15.61 -14.57
N GLY C 100 -38.74 -15.23 -13.80
CA GLY C 100 -37.80 -16.20 -13.25
C GLY C 100 -36.74 -16.68 -14.20
N THR C 101 -36.58 -16.04 -15.36
CA THR C 101 -35.60 -16.48 -16.34
C THR C 101 -34.28 -15.71 -16.28
N MET C 102 -34.26 -14.56 -15.61
CA MET C 102 -33.08 -13.70 -15.57
C MET C 102 -32.82 -13.26 -14.13
N LYS C 103 -31.58 -12.88 -13.85
CA LYS C 103 -31.22 -12.44 -12.52
C LYS C 103 -30.34 -11.19 -12.59
N ALA C 104 -30.59 -10.26 -11.69
CA ALA C 104 -29.83 -9.01 -11.61
C ALA C 104 -29.06 -8.95 -10.30
N VAL C 105 -27.78 -8.61 -10.39
CA VAL C 105 -26.89 -8.64 -9.23
C VAL C 105 -26.06 -7.36 -9.18
N LEU C 106 -25.93 -6.79 -8.00
CA LEU C 106 -25.02 -5.67 -7.76
CA LEU C 106 -25.02 -5.67 -7.76
C LEU C 106 -23.81 -6.20 -6.98
N ARG C 107 -22.62 -5.98 -7.52
CA ARG C 107 -21.42 -6.55 -6.92
C ARG C 107 -20.35 -5.48 -6.71
N LYS C 108 -19.53 -5.70 -5.69
CA LYS C 108 -18.39 -4.84 -5.39
C LYS C 108 -17.11 -5.62 -5.65
N ALA C 109 -16.28 -5.11 -6.56
CA ALA C 109 -15.05 -5.79 -6.93
C ALA C 109 -14.12 -4.85 -7.70
N GLU C 117 -11.50 -0.52 -5.52
CA GLU C 117 -12.81 -1.14 -5.52
C GLU C 117 -13.79 -0.40 -6.43
N LYS C 118 -14.69 -1.14 -7.06
CA LYS C 118 -15.66 -0.56 -7.97
C LYS C 118 -16.98 -1.31 -7.81
N GLN C 119 -18.05 -0.72 -8.33
CA GLN C 119 -19.38 -1.30 -8.27
C GLN C 119 -19.87 -1.64 -9.67
N PHE C 120 -20.37 -2.86 -9.83
CA PHE C 120 -20.81 -3.36 -11.13
C PHE C 120 -22.25 -3.87 -11.02
N LEU C 121 -22.99 -3.74 -12.12
CA LEU C 121 -24.33 -4.27 -12.24
C LEU C 121 -24.33 -5.36 -13.31
N GLU C 122 -24.75 -6.56 -12.94
CA GLU C 122 -24.65 -7.74 -13.80
C GLU C 122 -26.02 -8.33 -14.05
N VAL C 123 -26.20 -8.83 -15.27
CA VAL C 123 -27.43 -9.52 -15.69
C VAL C 123 -27.04 -10.92 -16.16
N TRP C 124 -27.63 -11.92 -15.51
CA TRP C 124 -27.33 -13.34 -15.70
C TRP C 124 -28.54 -14.05 -16.31
N GLU C 125 -28.28 -15.01 -17.18
CA GLU C 125 -29.32 -15.88 -17.73
C GLU C 125 -28.73 -17.26 -17.96
N LYS C 126 -29.37 -18.29 -17.38
CA LYS C 126 -28.90 -19.66 -17.49
C LYS C 126 -27.43 -19.77 -17.09
N ASN C 127 -26.59 -20.25 -18.02
CA ASN C 127 -25.18 -20.48 -17.75
C ASN C 127 -24.27 -19.41 -18.33
N ARG C 128 -24.81 -18.22 -18.59
CA ARG C 128 -24.01 -17.12 -19.13
C ARG C 128 -24.28 -15.84 -18.34
N LYS C 129 -23.26 -15.00 -18.27
CA LYS C 129 -23.43 -13.62 -17.79
C LYS C 129 -23.75 -12.77 -19.00
N LEU C 130 -25.03 -12.44 -19.17
CA LEU C 130 -25.46 -11.72 -20.36
C LEU C 130 -24.84 -10.33 -20.43
N LYS C 131 -24.89 -9.57 -19.34
CA LYS C 131 -24.46 -8.18 -19.41
C LYS C 131 -23.76 -7.76 -18.13
N SER C 132 -22.91 -6.75 -18.26
CA SER C 132 -22.23 -6.14 -17.12
C SER C 132 -22.05 -4.65 -17.39
N PHE C 133 -22.24 -3.83 -16.36
CA PHE C 133 -22.17 -2.39 -16.46
C PHE C 133 -21.29 -1.85 -15.34
N ASN C 134 -20.35 -0.97 -15.70
CA ASN C 134 -19.45 -0.33 -14.75
C ASN C 134 -20.07 1.01 -14.35
N LEU C 135 -20.69 1.05 -13.17
CA LEU C 135 -21.38 2.26 -12.74
C LEU C 135 -20.41 3.37 -12.36
N SER C 136 -19.23 3.01 -11.84
CA SER C 136 -18.27 4.03 -11.44
C SER C 136 -17.78 4.83 -12.64
N ALA C 137 -17.54 4.18 -13.78
CA ALA C 137 -16.97 4.85 -14.94
C ALA C 137 -17.98 5.72 -15.68
N LEU C 138 -19.28 5.47 -15.51
CA LEU C 138 -20.28 6.24 -16.25
C LEU C 138 -20.48 7.65 -15.70
N GLU C 139 -20.20 7.87 -14.42
CA GLU C 139 -20.20 9.21 -13.83
C GLU C 139 -21.56 9.89 -13.96
N LYS C 140 -22.58 9.24 -13.38
CA LYS C 140 -23.90 9.82 -13.29
C LYS C 140 -24.40 9.97 -11.86
N HIS C 141 -23.76 9.32 -10.89
CA HIS C 141 -24.19 9.37 -9.50
C HIS C 141 -23.03 8.84 -8.64
N GLY C 142 -23.28 8.71 -7.34
CA GLY C 142 -22.29 8.20 -6.43
C GLY C 142 -22.50 6.73 -6.12
N PRO C 143 -22.09 6.30 -4.94
CA PRO C 143 -22.27 4.89 -4.56
C PRO C 143 -23.74 4.53 -4.42
N VAL C 144 -24.02 3.25 -4.67
CA VAL C 144 -25.39 2.74 -4.61
C VAL C 144 -25.76 2.41 -3.17
N TYR C 145 -27.02 2.64 -2.83
CA TYR C 145 -27.53 2.34 -1.49
C TYR C 145 -27.86 0.86 -1.39
N GLU C 146 -27.34 0.20 -0.35
CA GLU C 146 -27.57 -1.23 -0.15
C GLU C 146 -28.31 -1.55 1.14
N ASP C 147 -28.62 -0.54 1.96
CA ASP C 147 -29.31 -0.78 3.22
C ASP C 147 -30.78 -1.12 2.97
N ASP C 148 -31.51 -1.33 4.06
CA ASP C 148 -32.94 -1.64 3.99
C ASP C 148 -33.81 -0.47 4.40
N CYS C 149 -33.25 0.74 4.44
CA CYS C 149 -34.01 1.96 4.67
C CYS C 149 -34.36 2.68 3.37
N PHE C 150 -33.38 2.84 2.48
CA PHE C 150 -33.57 3.49 1.19
C PHE C 150 -33.35 2.56 0.01
N GLY C 151 -32.39 1.65 0.09
CA GLY C 151 -31.98 0.88 -1.07
C GLY C 151 -33.06 -0.04 -1.60
N CYS C 152 -33.03 -0.27 -2.91
CA CYS C 152 -33.99 -1.13 -3.59
C CYS C 152 -33.43 -1.50 -4.95
N LEU C 153 -34.03 -2.53 -5.54
CA LEU C 153 -33.67 -2.99 -6.88
C LEU C 153 -34.90 -3.61 -7.52
N SER C 154 -35.41 -3.01 -8.59
CA SER C 154 -36.71 -3.40 -9.12
C SER C 154 -36.66 -3.62 -10.63
N TRP C 155 -37.43 -4.60 -11.09
CA TRP C 155 -37.64 -4.88 -12.50
C TRP C 155 -38.92 -4.23 -12.99
N SER C 156 -38.93 -3.80 -14.24
CA SER C 156 -40.17 -3.34 -14.86
C SER C 156 -40.99 -4.54 -15.33
N HIS C 157 -42.30 -4.32 -15.47
CA HIS C 157 -43.18 -5.39 -15.90
C HIS C 157 -42.77 -5.93 -17.26
N SER C 158 -42.34 -5.05 -18.17
CA SER C 158 -41.85 -5.49 -19.47
C SER C 158 -40.51 -6.22 -19.38
N GLU C 159 -39.82 -6.12 -18.24
CA GLU C 159 -38.52 -6.76 -18.05
C GLU C 159 -37.45 -6.18 -18.96
N THR C 160 -37.55 -4.89 -19.28
CA THR C 160 -36.59 -4.21 -20.13
C THR C 160 -35.80 -3.12 -19.43
N HIS C 161 -36.21 -2.72 -18.22
CA HIS C 161 -35.54 -1.65 -17.49
C HIS C 161 -35.38 -2.05 -16.03
N LEU C 162 -34.36 -1.47 -15.39
CA LEU C 162 -34.10 -1.69 -13.97
C LEU C 162 -34.13 -0.36 -13.23
N LEU C 163 -34.51 -0.43 -11.95
CA LEU C 163 -34.64 0.77 -11.12
C LEU C 163 -33.91 0.57 -9.81
N TYR C 164 -33.18 1.60 -9.37
CA TYR C 164 -32.48 1.55 -8.10
C TYR C 164 -32.26 2.96 -7.56
N VAL C 165 -31.52 3.06 -6.45
CA VAL C 165 -31.31 4.32 -5.75
C VAL C 165 -29.82 4.50 -5.50
N ALA C 166 -29.34 5.73 -5.67
CA ALA C 166 -27.91 6.00 -5.53
C ALA C 166 -27.67 7.42 -5.03
N ASP C 167 -26.46 7.66 -4.52
CA ASP C 167 -26.13 8.97 -3.98
C ASP C 167 -26.02 10.01 -5.08
N LYS C 168 -26.46 11.22 -4.77
CA LYS C 168 -26.51 12.31 -5.74
C LYS C 168 -25.12 12.80 -6.10
N LYS C 169 -24.92 13.13 -7.37
CA LYS C 169 -23.62 13.60 -7.84
C LYS C 169 -23.33 14.99 -7.28
N ARG C 170 -22.07 15.22 -6.90
CA ARG C 170 -21.62 16.48 -6.36
C ARG C 170 -20.68 17.19 -7.33
N PRO C 171 -20.83 18.50 -7.50
CA PRO C 171 -19.94 19.22 -8.42
C PRO C 171 -18.48 19.14 -7.98
N LYS C 172 -17.59 19.12 -8.96
CA LYS C 172 -16.16 19.04 -8.68
C LYS C 172 -15.65 20.33 -8.04
N ALA C 173 -14.58 20.20 -7.26
CA ALA C 173 -13.98 21.34 -6.58
C ALA C 173 -12.47 21.18 -6.62
N GLU C 174 -11.77 22.28 -6.33
CA GLU C 174 -10.32 22.29 -6.37
C GLU C 174 -9.77 23.40 -5.49
N SER C 175 -8.48 23.32 -5.20
CA SER C 175 -7.81 24.28 -4.35
C SER C 175 -7.58 25.59 -5.08
N PHE C 176 -7.43 26.67 -4.30
CA PHE C 176 -7.07 27.97 -4.86
C PHE C 176 -5.66 28.02 -5.42
N PHE C 177 -4.83 27.02 -5.16
CA PHE C 177 -3.40 27.05 -5.55
C PHE C 177 -2.97 25.88 -6.44
N GLN C 178 -3.89 25.22 -7.11
CA GLN C 178 -3.57 24.03 -7.95
C GLN C 178 -2.82 24.38 -9.24
N THR C 179 -1.69 23.72 -9.50
CA THR C 179 -0.87 23.96 -10.72
C THR C 179 -1.52 23.34 -11.98
N LYS C 180 -1.58 24.08 -13.09
CA LYS C 180 -2.24 23.62 -14.35
C LYS C 180 -1.29 23.26 -15.52
N ALA C 181 -1.61 22.20 -16.28
CA ALA C 181 -0.85 21.79 -17.48
C ALA C 181 -0.71 22.95 -18.45
N LEU C 182 0.50 23.40 -18.69
CA LEU C 182 0.78 24.50 -19.61
C LEU C 182 0.57 24.06 -21.06
N ALA C 200 -14.60 23.02 -12.33
CA ALA C 200 -14.15 22.93 -10.95
C ALA C 200 -14.33 24.26 -10.23
N ILE C 201 -14.87 24.21 -9.02
CA ILE C 201 -15.14 25.40 -8.21
C ILE C 201 -14.05 25.51 -7.14
N LYS C 202 -13.42 26.68 -7.07
CA LYS C 202 -12.34 26.87 -6.11
C LYS C 202 -12.90 27.16 -4.72
N GLY C 203 -12.28 26.55 -3.71
CA GLY C 203 -12.61 26.81 -2.33
C GLY C 203 -13.78 26.04 -1.76
N ASP C 204 -14.28 25.03 -2.46
CA ASP C 204 -15.43 24.25 -1.99
C ASP C 204 -15.07 22.80 -1.70
N GLN C 205 -13.79 22.52 -1.41
CA GLN C 205 -13.39 21.15 -1.17
C GLN C 205 -13.92 20.60 0.15
N PHE C 206 -14.03 21.45 1.17
CA PHE C 206 -14.40 21.02 2.52
C PHE C 206 -15.77 21.55 2.92
N LEU C 207 -16.69 21.63 1.96
CA LEU C 207 -18.07 21.98 2.26
C LEU C 207 -18.74 20.86 3.04
N PHE C 208 -19.57 21.23 4.01
CA PHE C 208 -20.20 20.24 4.89
C PHE C 208 -21.43 19.62 4.23
N TYR C 209 -21.50 18.29 4.25
CA TYR C 209 -22.66 17.55 3.80
C TYR C 209 -23.17 16.70 4.95
N GLU C 210 -24.40 16.96 5.39
CA GLU C 210 -24.97 16.30 6.56
C GLU C 210 -25.56 14.95 6.17
N ASP C 211 -25.26 13.91 6.94
CA ASP C 211 -25.72 12.57 6.66
C ASP C 211 -26.88 12.19 7.61
N TRP C 212 -27.35 10.95 7.47
CA TRP C 212 -28.57 10.50 8.13
C TRP C 212 -28.32 9.80 9.47
N GLY C 213 -27.08 9.75 9.94
CA GLY C 213 -26.84 9.31 11.30
C GLY C 213 -26.15 7.98 11.50
N GLU C 214 -26.50 7.29 12.58
CA GLU C 214 -25.83 6.05 12.96
C GLU C 214 -25.94 5.01 11.87
N ASN C 215 -24.81 4.36 11.56
CA ASN C 215 -24.75 3.31 10.53
C ASN C 215 -25.21 3.82 9.18
N MET C 216 -25.11 5.13 8.95
CA MET C 216 -25.47 5.76 7.68
C MET C 216 -24.42 6.78 7.29
N VAL C 217 -23.14 6.44 7.46
CA VAL C 217 -22.08 7.41 7.28
C VAL C 217 -21.98 7.81 5.82
N SER C 218 -21.92 9.12 5.57
CA SER C 218 -21.68 9.71 4.26
C SER C 218 -22.87 9.54 3.31
N LYS C 219 -24.05 9.20 3.82
CA LYS C 219 -25.24 9.05 2.99
C LYS C 219 -26.16 10.25 3.21
N SER C 220 -26.46 10.97 2.13
CA SER C 220 -27.37 12.09 2.19
C SER C 220 -27.83 12.43 0.77
N THR C 221 -29.12 12.74 0.63
CA THR C 221 -29.70 13.09 -0.65
C THR C 221 -29.58 11.97 -1.67
N PRO C 222 -30.33 10.88 -1.52
CA PRO C 222 -30.38 9.86 -2.57
C PRO C 222 -31.21 10.33 -3.75
N VAL C 223 -31.04 9.63 -4.88
CA VAL C 223 -31.78 9.89 -6.10
C VAL C 223 -32.16 8.56 -6.75
N LEU C 224 -33.18 8.62 -7.61
CA LEU C 224 -33.70 7.45 -8.31
C LEU C 224 -33.02 7.34 -9.68
N CYS C 225 -32.58 6.13 -10.02
CA CYS C 225 -31.86 5.88 -11.25
C CYS C 225 -32.54 4.75 -12.02
N VAL C 226 -32.70 4.95 -13.33
CA VAL C 226 -33.33 3.98 -14.22
C VAL C 226 -32.32 3.60 -15.31
N LEU C 227 -32.15 2.30 -15.51
CA LEU C 227 -31.18 1.78 -16.47
C LEU C 227 -31.90 0.97 -17.55
N ASP C 228 -31.56 1.27 -18.80
CA ASP C 228 -32.06 0.53 -19.95
C ASP C 228 -31.07 -0.57 -20.31
N ILE C 229 -31.52 -1.83 -20.25
CA ILE C 229 -30.61 -2.95 -20.43
C ILE C 229 -30.13 -3.05 -21.87
N GLU C 230 -31.02 -2.84 -22.84
CA GLU C 230 -30.67 -3.02 -24.25
C GLU C 230 -29.58 -2.04 -24.67
N SER C 231 -29.72 -0.76 -24.29
CA SER C 231 -28.79 0.26 -24.73
C SER C 231 -27.70 0.58 -23.72
N GLY C 232 -27.94 0.33 -22.43
CA GLY C 232 -26.96 0.65 -21.41
C GLY C 232 -26.95 2.09 -20.96
N ASN C 233 -27.98 2.86 -21.27
CA ASN C 233 -28.07 4.26 -20.86
C ASN C 233 -28.68 4.37 -19.47
N ILE C 234 -28.24 5.37 -18.71
CA ILE C 234 -28.71 5.59 -17.35
C ILE C 234 -29.36 6.97 -17.29
N SER C 235 -30.54 7.04 -16.67
CA SER C 235 -31.25 8.30 -16.51
C SER C 235 -31.57 8.52 -15.03
N VAL C 236 -31.49 9.78 -14.61
CA VAL C 236 -31.83 10.18 -13.25
C VAL C 236 -33.17 10.88 -13.30
N LEU C 237 -34.17 10.30 -12.66
CA LEU C 237 -35.53 10.82 -12.74
C LEU C 237 -35.59 12.24 -12.19
N GLU C 238 -36.43 13.06 -12.82
CA GLU C 238 -36.65 14.44 -12.40
C GLU C 238 -38.09 14.63 -11.94
N GLY C 239 -38.29 15.63 -11.08
CA GLY C 239 -39.60 15.91 -10.53
C GLY C 239 -39.76 15.57 -9.07
N VAL C 240 -38.74 15.02 -8.42
CA VAL C 240 -38.80 14.71 -7.00
C VAL C 240 -38.71 16.03 -6.21
N PRO C 241 -39.58 16.24 -5.22
CA PRO C 241 -39.51 17.50 -4.45
C PRO C 241 -38.14 17.66 -3.80
N GLU C 242 -37.66 18.91 -3.80
CA GLU C 242 -36.31 19.19 -3.32
C GLU C 242 -36.15 19.01 -1.82
N SER C 243 -37.24 18.87 -1.07
CA SER C 243 -37.19 18.78 0.38
C SER C 243 -37.32 17.35 0.90
N VAL C 244 -37.31 16.35 0.03
CA VAL C 244 -37.51 14.97 0.45
C VAL C 244 -36.38 14.09 -0.08
N SER C 245 -36.17 12.97 0.62
CA SER C 245 -35.26 11.92 0.19
C SER C 245 -36.09 10.71 -0.23
N PRO C 246 -35.98 10.24 -1.47
CA PRO C 246 -36.80 9.12 -1.93
C PRO C 246 -36.22 7.77 -1.58
N GLY C 247 -37.10 6.77 -1.52
CA GLY C 247 -36.66 5.41 -1.28
C GLY C 247 -37.80 4.43 -1.46
N GLN C 248 -37.45 3.14 -1.35
CA GLN C 248 -38.40 2.04 -1.39
C GLN C 248 -39.37 2.16 -2.56
N ALA C 249 -38.80 2.25 -3.76
CA ALA C 249 -39.56 2.53 -4.97
C ALA C 249 -39.84 1.25 -5.76
N PHE C 250 -40.93 1.28 -6.53
CA PHE C 250 -41.27 0.19 -7.44
C PHE C 250 -41.99 0.76 -8.65
N TRP C 251 -42.22 -0.10 -9.64
CA TRP C 251 -42.82 0.31 -10.90
C TRP C 251 -44.34 0.34 -10.78
N ALA C 252 -44.95 1.41 -11.28
CA ALA C 252 -46.40 1.53 -11.26
C ALA C 252 -47.03 0.66 -12.34
N PRO C 253 -48.32 0.38 -12.24
CA PRO C 253 -48.98 -0.44 -13.27
C PRO C 253 -48.80 0.17 -14.65
N GLY C 254 -48.48 -0.68 -15.62
CA GLY C 254 -48.26 -0.25 -16.98
C GLY C 254 -46.92 0.39 -17.26
N ASP C 255 -46.04 0.49 -16.26
CA ASP C 255 -44.72 1.11 -16.42
C ASP C 255 -44.84 2.58 -16.80
N THR C 256 -45.91 3.24 -16.40
CA THR C 256 -46.08 4.66 -16.74
C THR C 256 -45.27 5.55 -15.82
N GLY C 257 -44.85 5.04 -14.66
CA GLY C 257 -44.14 5.87 -13.71
C GLY C 257 -43.60 5.06 -12.56
N VAL C 258 -43.24 5.77 -11.49
CA VAL C 258 -42.61 5.17 -10.32
C VAL C 258 -43.30 5.67 -9.06
N VAL C 259 -43.52 4.76 -8.12
CA VAL C 259 -44.08 5.07 -6.81
C VAL C 259 -42.97 4.91 -5.77
N PHE C 260 -42.88 5.86 -4.84
CA PHE C 260 -41.81 5.84 -3.86
C PHE C 260 -42.26 6.50 -2.56
N VAL C 261 -41.41 6.40 -1.54
CA VAL C 261 -41.65 7.02 -0.24
C VAL C 261 -40.61 8.12 -0.06
N GLY C 262 -41.09 9.32 0.26
CA GLY C 262 -40.23 10.48 0.46
C GLY C 262 -40.19 10.88 1.92
N TRP C 263 -38.98 10.98 2.46
CA TRP C 263 -38.75 11.37 3.85
C TRP C 263 -38.33 12.84 3.90
N TRP C 264 -39.01 13.61 4.75
CA TRP C 264 -38.75 15.03 4.86
C TRP C 264 -37.45 15.28 5.62
N HIS C 265 -36.55 16.08 5.03
CA HIS C 265 -35.25 16.34 5.61
C HIS C 265 -34.99 17.84 5.83
N GLU C 266 -36.02 18.58 6.22
CA GLU C 266 -35.86 19.98 6.59
C GLU C 266 -36.41 20.22 7.98
N PRO C 267 -35.76 21.09 8.79
CA PRO C 267 -34.56 21.84 8.43
C PRO C 267 -33.26 21.04 8.57
N PHE C 268 -33.31 19.88 9.22
CA PHE C 268 -32.13 19.02 9.29
C PHE C 268 -32.59 17.59 9.53
N ARG C 269 -31.65 16.67 9.37
CA ARG C 269 -31.94 15.24 9.40
C ARG C 269 -31.83 14.69 10.82
N LEU C 270 -32.80 13.86 11.20
CA LEU C 270 -32.77 13.11 12.44
C LEU C 270 -32.52 11.64 12.12
N GLY C 271 -31.75 10.97 12.98
CA GLY C 271 -31.41 9.57 12.77
C GLY C 271 -32.58 8.73 12.34
N ILE C 272 -32.41 7.95 11.27
CA ILE C 272 -33.52 7.24 10.64
C ILE C 272 -33.50 5.75 10.96
N ARG C 273 -32.31 5.14 11.07
CA ARG C 273 -32.24 3.71 11.30
C ARG C 273 -32.81 3.35 12.66
N PHE C 274 -33.56 2.25 12.69
CA PHE C 274 -34.18 1.71 13.91
C PHE C 274 -35.24 2.63 14.49
N CYS C 275 -35.80 3.53 13.69
CA CYS C 275 -36.88 4.40 14.09
C CYS C 275 -37.98 4.37 13.05
N THR C 276 -39.23 4.45 13.51
CA THR C 276 -40.39 4.45 12.62
C THR C 276 -41.24 5.71 12.79
N ASN C 277 -40.70 6.76 13.40
CA ASN C 277 -41.45 7.97 13.67
C ASN C 277 -40.93 9.17 12.88
N ARG C 278 -40.31 8.95 11.73
CA ARG C 278 -39.83 10.03 10.89
C ARG C 278 -40.88 10.39 9.84
N ARG C 279 -41.21 11.67 9.75
CA ARG C 279 -42.28 12.13 8.87
C ARG C 279 -41.93 11.83 7.41
N SER C 280 -42.89 11.27 6.68
CA SER C 280 -42.69 10.89 5.29
C SER C 280 -44.05 10.71 4.62
N ALA C 281 -44.01 10.56 3.30
CA ALA C 281 -45.24 10.44 2.52
C ALA C 281 -45.00 9.55 1.31
N LEU C 282 -46.08 9.25 0.60
CA LEU C 282 -46.07 8.36 -0.56
C LEU C 282 -46.34 9.18 -1.82
N TYR C 283 -45.47 9.05 -2.82
CA TYR C 283 -45.52 9.87 -4.02
C TYR C 283 -45.51 9.01 -5.27
N TYR C 284 -46.06 9.56 -6.35
CA TYR C 284 -46.02 8.95 -7.67
C TYR C 284 -45.49 9.97 -8.67
N VAL C 285 -44.51 9.57 -9.48
CA VAL C 285 -43.84 10.46 -10.41
C VAL C 285 -43.79 9.82 -11.79
N ASP C 286 -44.08 10.61 -12.82
CA ASP C 286 -44.05 10.12 -14.19
C ASP C 286 -42.61 9.88 -14.65
N LEU C 287 -42.48 8.99 -15.64
CA LEU C 287 -41.15 8.66 -16.16
C LEU C 287 -40.51 9.86 -16.86
N THR C 288 -41.30 10.66 -17.55
CA THR C 288 -40.79 11.86 -18.21
C THR C 288 -41.80 12.98 -18.07
N GLY C 289 -41.31 14.20 -17.89
CA GLY C 289 -42.13 15.37 -17.69
C GLY C 289 -41.95 16.02 -16.33
N GLY C 290 -41.68 15.22 -15.30
CA GLY C 290 -41.41 15.76 -13.98
C GLY C 290 -42.62 16.07 -13.12
N LYS C 291 -43.81 15.65 -13.53
CA LYS C 291 -45.01 15.88 -12.76
C LYS C 291 -45.13 14.83 -11.66
N CYS C 292 -45.35 15.29 -10.42
CA CYS C 292 -45.39 14.43 -9.25
C CYS C 292 -46.69 14.66 -8.48
N GLU C 293 -47.26 13.60 -7.94
CA GLU C 293 -48.51 13.68 -7.20
C GLU C 293 -48.42 12.91 -5.89
N LEU C 294 -49.23 13.34 -4.93
CA LEU C 294 -49.23 12.79 -3.58
C LEU C 294 -50.38 11.81 -3.42
N LEU C 295 -50.05 10.61 -2.92
CA LEU C 295 -51.03 9.55 -2.79
C LEU C 295 -51.57 9.36 -1.37
N SER C 296 -50.89 9.91 -0.36
CA SER C 296 -51.29 9.70 1.02
C SER C 296 -51.20 11.03 1.78
N ASP C 297 -51.47 10.96 3.08
CA ASP C 297 -51.37 12.14 3.94
C ASP C 297 -49.91 12.47 4.22
N GLU C 298 -49.66 13.76 4.53
CA GLU C 298 -48.31 14.27 4.70
C GLU C 298 -48.05 14.76 6.12
N SER C 299 -48.72 14.21 7.12
CA SER C 299 -48.53 14.63 8.50
C SER C 299 -48.05 13.51 9.42
N VAL C 300 -47.98 12.27 8.95
CA VAL C 300 -47.61 11.13 9.77
C VAL C 300 -46.51 10.35 9.07
N ALA C 301 -46.16 9.18 9.61
CA ALA C 301 -45.13 8.34 9.01
C ALA C 301 -45.78 7.20 8.24
N VAL C 302 -45.21 6.86 7.08
CA VAL C 302 -45.68 5.74 6.28
C VAL C 302 -44.48 4.94 5.81
N THR C 303 -44.72 3.66 5.49
CA THR C 303 -43.62 2.80 5.06
C THR C 303 -44.15 1.52 4.43
N SER C 304 -43.22 0.79 3.81
CA SER C 304 -43.35 -0.55 3.21
C SER C 304 -44.58 -0.70 2.33
N PRO C 305 -44.62 -0.07 1.16
CA PRO C 305 -45.72 -0.31 0.22
C PRO C 305 -45.48 -1.55 -0.63
N ARG C 306 -46.57 -2.23 -0.96
CA ARG C 306 -46.52 -3.46 -1.75
C ARG C 306 -47.69 -3.48 -2.71
N LEU C 307 -47.40 -3.62 -4.02
CA LEU C 307 -48.43 -3.69 -5.04
C LEU C 307 -48.93 -5.12 -5.19
N SER C 308 -50.23 -5.27 -5.42
CA SER C 308 -50.87 -6.58 -5.47
C SER C 308 -50.55 -7.30 -6.79
N PRO C 309 -50.66 -8.63 -6.81
CA PRO C 309 -50.32 -9.38 -8.02
C PRO C 309 -51.13 -8.98 -9.24
N ASP C 310 -52.38 -8.57 -9.07
CA ASP C 310 -53.20 -8.13 -10.20
C ASP C 310 -53.02 -6.66 -10.53
N GLN C 311 -52.18 -5.94 -9.78
CA GLN C 311 -51.83 -4.56 -10.09
C GLN C 311 -53.03 -3.62 -9.95
N CYS C 312 -53.83 -3.82 -8.90
CA CYS C 312 -55.01 -2.99 -8.68
C CYS C 312 -55.00 -2.23 -7.37
N ARG C 313 -54.21 -2.63 -6.38
CA ARG C 313 -54.25 -1.98 -5.07
C ARG C 313 -52.89 -2.07 -4.39
N ILE C 314 -52.69 -1.19 -3.40
CA ILE C 314 -51.43 -1.09 -2.66
C ILE C 314 -51.75 -1.16 -1.18
N VAL C 315 -50.87 -1.82 -0.41
CA VAL C 315 -51.01 -1.92 1.03
C VAL C 315 -49.74 -1.39 1.68
N TYR C 316 -49.90 -0.63 2.77
CA TYR C 316 -48.72 -0.07 3.44
C TYR C 316 -49.00 0.11 4.93
N LEU C 317 -47.96 0.49 5.66
CA LEU C 317 -48.04 0.69 7.10
C LEU C 317 -47.99 2.17 7.43
N ARG C 318 -48.88 2.59 8.34
CA ARG C 318 -48.96 3.99 8.74
C ARG C 318 -48.83 4.11 10.25
N PHE C 319 -47.98 5.03 10.70
CA PHE C 319 -47.83 5.38 12.11
C PHE C 319 -48.30 6.82 12.29
N PRO C 320 -49.34 7.06 13.07
CA PRO C 320 -49.97 8.39 13.13
C PRO C 320 -49.43 9.32 14.21
N SER C 321 -48.35 8.96 14.88
CA SER C 321 -47.72 9.82 15.87
C SER C 321 -46.21 9.79 15.67
N LEU C 322 -45.57 10.95 15.87
CA LEU C 322 -44.12 11.07 15.71
C LEU C 322 -43.39 11.08 17.04
N VAL C 323 -44.10 10.89 18.16
CA VAL C 323 -43.50 11.01 19.48
C VAL C 323 -42.59 9.82 19.78
N PRO C 324 -43.12 8.60 19.93
CA PRO C 324 -42.27 7.48 20.34
C PRO C 324 -41.52 6.85 19.18
N HIS C 325 -40.29 6.41 19.47
CA HIS C 325 -39.44 5.86 18.42
C HIS C 325 -39.94 4.51 17.90
N GLN C 326 -40.85 3.86 18.63
CA GLN C 326 -41.52 2.66 18.13
C GLN C 326 -42.88 2.57 18.81
N GLN C 327 -43.85 2.00 18.09
CA GLN C 327 -45.22 1.95 18.59
C GLN C 327 -46.02 0.98 17.73
N CYS C 328 -47.31 0.88 18.05
CA CYS C 328 -48.23 0.05 17.29
C CYS C 328 -48.69 0.81 16.05
N GLY C 329 -48.73 0.10 14.91
CA GLY C 329 -49.02 0.71 13.63
C GLY C 329 -50.33 0.25 13.04
N GLN C 330 -50.76 0.97 12.00
CA GLN C 330 -51.97 0.68 11.26
C GLN C 330 -51.63 0.10 9.89
N LEU C 331 -52.48 -0.80 9.41
CA LEU C 331 -52.37 -1.34 8.06
C LEU C 331 -53.43 -0.69 7.19
N CYS C 332 -52.99 -0.04 6.10
CA CYS C 332 -53.84 0.77 5.25
C CYS C 332 -53.76 0.30 3.81
N LEU C 333 -54.83 0.57 3.06
CA LEU C 333 -55.00 0.12 1.68
C LEU C 333 -55.40 1.29 0.79
N TYR C 334 -54.84 1.32 -0.42
CA TYR C 334 -55.12 2.34 -1.42
C TYR C 334 -55.53 1.66 -2.72
N ASP C 335 -56.58 2.19 -3.36
CA ASP C 335 -57.11 1.64 -4.60
C ASP C 335 -56.65 2.49 -5.77
N TRP C 336 -56.03 1.84 -6.77
CA TRP C 336 -55.39 2.59 -7.84
C TRP C 336 -56.40 3.27 -8.77
N TYR C 337 -57.48 2.56 -9.11
CA TYR C 337 -58.39 3.06 -10.14
C TYR C 337 -59.52 3.92 -9.58
N THR C 338 -59.87 3.75 -8.30
CA THR C 338 -60.87 4.60 -7.68
C THR C 338 -60.26 5.69 -6.82
N ARG C 339 -58.97 5.61 -6.53
CA ARG C 339 -58.25 6.60 -5.68
C ARG C 339 -58.78 6.67 -4.24
N VAL C 340 -59.50 5.65 -3.78
CA VAL C 340 -60.05 5.59 -2.39
C VAL C 340 -59.01 5.04 -1.39
N THR C 341 -58.85 5.67 -0.24
CA THR C 341 -57.93 5.17 0.81
C THR C 341 -58.80 4.62 1.96
N SER C 342 -58.41 3.51 2.55
CA SER C 342 -59.16 2.85 3.65
C SER C 342 -58.21 2.35 4.76
N VAL C 343 -58.72 2.19 5.96
CA VAL C 343 -57.91 1.63 7.08
C VAL C 343 -58.33 0.17 7.25
N VAL C 344 -57.39 -0.77 7.08
CA VAL C 344 -57.72 -2.18 7.21
C VAL C 344 -57.56 -2.66 8.64
N VAL C 345 -56.43 -2.36 9.27
CA VAL C 345 -56.18 -2.78 10.66
C VAL C 345 -55.80 -1.54 11.46
N ASP C 346 -56.49 -1.34 12.58
CA ASP C 346 -56.36 -0.15 13.41
C ASP C 346 -55.58 -0.46 14.68
N ILE C 347 -55.42 0.56 15.53
CA ILE C 347 -54.64 0.45 16.75
C ILE C 347 -55.37 -0.43 17.76
N VAL C 348 -54.61 -1.19 18.54
CA VAL C 348 -55.12 -2.08 19.57
C VAL C 348 -54.67 -1.53 20.93
N PRO C 349 -55.59 -1.05 21.78
CA PRO C 349 -55.18 -0.51 23.08
C PRO C 349 -54.56 -1.54 24.01
N ARG C 350 -55.27 -2.65 24.26
CA ARG C 350 -54.75 -3.72 25.11
C ARG C 350 -54.62 -5.05 24.37
N GLN C 351 -55.69 -5.54 23.75
CA GLN C 351 -55.64 -6.82 23.07
C GLN C 351 -56.93 -7.00 22.28
N LEU C 352 -56.86 -7.85 21.26
CA LEU C 352 -58.00 -8.20 20.41
C LEU C 352 -58.04 -9.73 20.36
N GLY C 353 -58.72 -10.32 21.34
CA GLY C 353 -58.67 -11.76 21.50
C GLY C 353 -57.42 -12.18 22.26
N GLU C 354 -57.20 -13.49 22.29
CA GLU C 354 -56.08 -14.07 23.04
C GLU C 354 -54.85 -14.32 22.18
N ASP C 355 -54.86 -13.90 20.91
CA ASP C 355 -53.77 -14.19 20.01
C ASP C 355 -53.18 -12.98 19.30
N PHE C 356 -53.83 -11.82 19.35
CA PHE C 356 -53.37 -10.65 18.62
C PHE C 356 -53.40 -9.43 19.53
N SER C 357 -52.36 -8.61 19.45
CA SER C 357 -52.28 -7.39 20.26
C SER C 357 -51.72 -6.22 19.47
N GLY C 358 -51.74 -6.28 18.15
CA GLY C 358 -51.30 -5.18 17.32
C GLY C 358 -50.16 -5.56 16.40
N ILE C 359 -49.82 -4.61 15.52
CA ILE C 359 -48.75 -4.78 14.55
C ILE C 359 -47.53 -4.01 15.03
N TYR C 360 -46.39 -4.71 15.11
CA TYR C 360 -45.18 -4.09 15.63
C TYR C 360 -43.96 -4.35 14.75
N CYS C 361 -44.14 -4.79 13.52
CA CYS C 361 -43.05 -4.96 12.58
C CYS C 361 -42.84 -3.68 11.78
N SER C 362 -41.59 -3.39 11.45
CA SER C 362 -41.25 -2.18 10.71
C SER C 362 -41.23 -2.39 9.20
N LEU C 363 -41.32 -3.62 8.73
CA LEU C 363 -41.34 -3.90 7.30
C LEU C 363 -42.11 -5.18 7.03
N LEU C 364 -42.98 -5.14 6.02
CA LEU C 364 -43.64 -6.34 5.56
C LEU C 364 -42.69 -7.16 4.69
N PRO C 365 -42.97 -8.44 4.51
CA PRO C 365 -42.14 -9.25 3.60
C PRO C 365 -42.24 -8.72 2.18
N LEU C 366 -41.16 -8.90 1.42
CA LEU C 366 -41.12 -8.38 0.06
C LEU C 366 -42.23 -9.01 -0.79
N GLY C 367 -42.47 -10.31 -0.65
CA GLY C 367 -43.63 -10.95 -1.24
C GLY C 367 -44.63 -11.32 -0.16
N CYS C 368 -45.75 -10.59 -0.09
CA CYS C 368 -46.66 -10.73 1.03
C CYS C 368 -48.13 -10.92 0.62
N TRP C 369 -48.45 -10.90 -0.67
CA TRP C 369 -49.82 -11.07 -1.12
C TRP C 369 -50.11 -12.54 -1.39
N SER C 370 -51.39 -12.91 -1.24
CA SER C 370 -51.84 -14.22 -1.66
C SER C 370 -52.17 -14.20 -3.15
N ALA C 371 -52.34 -15.40 -3.72
CA ALA C 371 -52.58 -15.51 -5.16
C ALA C 371 -53.88 -14.83 -5.56
N ASP C 372 -54.85 -14.75 -4.65
CA ASP C 372 -56.13 -14.11 -4.97
C ASP C 372 -56.08 -12.60 -4.88
N SER C 373 -54.96 -12.03 -4.43
CA SER C 373 -54.83 -10.58 -4.26
C SER C 373 -55.92 -10.03 -3.33
N GLN C 374 -56.23 -10.80 -2.29
CA GLN C 374 -57.21 -10.38 -1.29
C GLN C 374 -56.74 -10.53 0.15
N ARG C 375 -55.71 -11.31 0.41
CA ARG C 375 -55.20 -11.53 1.76
C ARG C 375 -53.72 -11.20 1.81
N VAL C 376 -53.27 -10.80 3.01
CA VAL C 376 -51.88 -10.42 3.25
C VAL C 376 -51.35 -11.22 4.44
N VAL C 377 -50.12 -11.69 4.34
CA VAL C 377 -49.51 -12.52 5.36
C VAL C 377 -48.27 -11.81 5.89
N PHE C 378 -48.10 -11.80 7.20
CA PHE C 378 -46.94 -11.15 7.81
C PHE C 378 -46.66 -11.80 9.16
N ASP C 379 -45.65 -11.27 9.86
CA ASP C 379 -45.27 -11.76 11.17
C ASP C 379 -45.07 -10.59 12.12
N SER C 380 -45.35 -10.82 13.40
CA SER C 380 -45.30 -9.74 14.38
C SER C 380 -45.08 -10.31 15.77
N PRO C 381 -44.44 -9.56 16.66
CA PRO C 381 -44.37 -9.97 18.07
C PRO C 381 -45.75 -10.02 18.70
N GLN C 382 -45.91 -10.95 19.64
CA GLN C 382 -47.17 -11.15 20.36
C GLN C 382 -46.80 -11.63 21.77
N ARG C 383 -46.90 -10.74 22.74
CA ARG C 383 -46.45 -10.98 24.12
C ARG C 383 -44.97 -11.30 24.04
N SER C 384 -44.52 -12.49 24.43
CA SER C 384 -43.11 -12.86 24.36
C SER C 384 -42.80 -13.78 23.18
N ARG C 385 -43.75 -14.01 22.28
CA ARG C 385 -43.54 -14.82 21.10
C ARG C 385 -43.48 -13.93 19.86
N GLN C 386 -43.19 -14.56 18.72
CA GLN C 386 -43.31 -13.90 17.42
C GLN C 386 -44.11 -14.83 16.51
N ASP C 387 -45.29 -14.38 16.10
CA ASP C 387 -46.24 -15.24 15.39
C ASP C 387 -46.46 -14.75 13.96
N LEU C 388 -47.17 -15.57 13.21
CA LEU C 388 -47.54 -15.29 11.82
C LEU C 388 -49.04 -15.06 11.73
N PHE C 389 -49.43 -14.04 10.97
CA PHE C 389 -50.82 -13.63 10.86
C PHE C 389 -51.22 -13.47 9.39
N ALA C 390 -52.51 -13.70 9.14
CA ALA C 390 -53.12 -13.50 7.83
C ALA C 390 -54.31 -12.56 7.99
N VAL C 391 -54.39 -11.57 7.12
CA VAL C 391 -55.40 -10.51 7.22
C VAL C 391 -56.13 -10.41 5.89
N ASP C 392 -57.46 -10.35 5.96
CA ASP C 392 -58.30 -10.14 4.79
C ASP C 392 -58.53 -8.64 4.59
N THR C 393 -58.20 -8.14 3.40
CA THR C 393 -58.25 -6.71 3.14
C THR C 393 -59.65 -6.19 2.86
N GLN C 394 -60.65 -7.06 2.76
CA GLN C 394 -62.02 -6.64 2.52
C GLN C 394 -62.86 -6.58 3.79
N MET C 395 -62.66 -7.51 4.72
CA MET C 395 -63.41 -7.53 5.96
C MET C 395 -62.62 -7.10 7.17
N GLY C 396 -61.28 -7.13 7.11
CA GLY C 396 -60.46 -6.69 8.22
C GLY C 396 -60.19 -7.73 9.28
N SER C 397 -60.55 -8.99 9.05
CA SER C 397 -60.33 -10.03 10.04
C SER C 397 -58.86 -10.42 10.10
N VAL C 398 -58.40 -10.75 11.31
CA VAL C 398 -57.02 -11.15 11.56
C VAL C 398 -57.02 -12.56 12.11
N THR C 399 -56.25 -13.45 11.50
CA THR C 399 -56.19 -14.84 11.91
C THR C 399 -54.75 -15.24 12.19
N SER C 400 -54.54 -15.99 13.27
CA SER C 400 -53.22 -16.44 13.66
C SER C 400 -52.98 -17.85 13.12
N LEU C 401 -51.85 -18.03 12.44
CA LEU C 401 -51.50 -19.32 11.85
C LEU C 401 -50.70 -20.22 12.79
N THR C 402 -50.14 -19.66 13.87
CA THR C 402 -49.26 -20.41 14.75
C THR C 402 -49.69 -20.31 16.21
N ALA C 403 -50.97 -20.08 16.45
CA ALA C 403 -51.46 -19.91 17.81
C ALA C 403 -51.35 -21.21 18.59
N GLY C 404 -51.13 -21.08 19.90
CA GLY C 404 -51.06 -22.21 20.78
C GLY C 404 -49.66 -22.79 20.91
N GLY C 405 -49.56 -23.82 21.75
CA GLY C 405 -48.30 -24.50 21.97
C GLY C 405 -47.42 -23.80 22.99
N SER C 406 -46.22 -24.34 23.13
CA SER C 406 -45.27 -23.79 24.10
C SER C 406 -44.80 -22.40 23.69
N GLY C 407 -44.61 -22.17 22.40
CA GLY C 407 -44.15 -20.90 21.90
C GLY C 407 -43.05 -21.10 20.87
N GLY C 408 -42.29 -20.04 20.64
CA GLY C 408 -41.24 -20.02 19.65
C GLY C 408 -41.28 -18.79 18.80
N SER C 409 -40.31 -18.68 17.90
CA SER C 409 -40.18 -17.54 17.02
C SER C 409 -40.23 -17.99 15.57
N TRP C 410 -41.15 -17.39 14.81
CA TRP C 410 -41.34 -17.65 13.39
C TRP C 410 -40.97 -16.41 12.59
N LYS C 411 -40.48 -16.62 11.37
CA LYS C 411 -40.22 -15.53 10.44
C LYS C 411 -40.60 -15.98 9.03
N LEU C 412 -41.28 -15.12 8.30
CA LEU C 412 -41.75 -15.42 6.95
C LEU C 412 -40.81 -14.78 5.93
N LEU C 413 -40.15 -15.61 5.11
CA LEU C 413 -39.17 -15.10 4.17
C LEU C 413 -39.78 -14.71 2.83
N THR C 414 -40.84 -15.39 2.39
CA THR C 414 -41.50 -15.04 1.14
C THR C 414 -42.70 -15.94 0.93
N ILE C 415 -43.62 -15.48 0.08
CA ILE C 415 -44.77 -16.28 -0.36
C ILE C 415 -44.96 -16.04 -1.85
N ASP C 416 -45.22 -17.11 -2.60
CA ASP C 416 -45.40 -17.00 -4.04
C ASP C 416 -46.34 -18.11 -4.50
N ARG C 417 -47.43 -17.72 -5.16
CA ARG C 417 -48.45 -18.67 -5.62
C ARG C 417 -48.96 -19.53 -4.47
N ASP C 418 -49.10 -18.93 -3.29
CA ASP C 418 -49.65 -19.55 -2.10
C ASP C 418 -48.70 -20.54 -1.44
N LEU C 419 -47.41 -20.48 -1.75
CA LEU C 419 -46.40 -21.31 -1.09
C LEU C 419 -45.51 -20.43 -0.23
N MET C 420 -45.38 -20.79 1.05
CA MET C 420 -44.72 -19.98 2.05
C MET C 420 -43.44 -20.67 2.52
N VAL C 421 -42.38 -19.88 2.69
CA VAL C 421 -41.11 -20.34 3.21
C VAL C 421 -40.85 -19.60 4.52
N VAL C 422 -40.52 -20.36 5.58
CA VAL C 422 -40.42 -19.79 6.91
C VAL C 422 -39.20 -20.34 7.65
N GLN C 423 -38.75 -19.55 8.63
CA GLN C 423 -37.73 -19.94 9.59
C GLN C 423 -38.35 -20.04 10.97
N PHE C 424 -37.89 -21.04 11.73
CA PHE C 424 -38.41 -21.29 13.08
C PHE C 424 -37.26 -21.52 14.04
N SER C 425 -37.41 -21.02 15.26
CA SER C 425 -36.38 -21.25 16.28
C SER C 425 -36.97 -21.06 17.66
N THR C 426 -36.25 -21.58 18.67
CA THR C 426 -36.60 -21.43 20.08
C THR C 426 -35.33 -21.20 20.90
N PRO C 427 -35.46 -20.89 22.20
CA PRO C 427 -34.25 -20.65 23.01
C PRO C 427 -33.35 -21.87 23.15
N SER C 428 -33.80 -23.06 22.78
CA SER C 428 -32.99 -24.27 22.88
C SER C 428 -32.83 -24.98 21.54
N VAL C 429 -33.21 -24.36 20.44
CA VAL C 429 -33.10 -24.98 19.12
C VAL C 429 -32.70 -23.91 18.09
N PRO C 430 -31.57 -24.05 17.42
CA PRO C 430 -31.15 -23.05 16.43
C PRO C 430 -32.10 -23.01 15.25
N PRO C 431 -31.93 -22.03 14.36
CA PRO C 431 -32.90 -21.82 13.27
C PRO C 431 -33.03 -23.03 12.37
N SER C 432 -34.26 -23.27 11.91
CA SER C 432 -34.56 -24.32 10.95
C SER C 432 -35.51 -23.78 9.88
N LEU C 433 -35.51 -24.44 8.72
CA LEU C 433 -36.19 -23.95 7.52
C LEU C 433 -37.32 -24.90 7.14
N LYS C 434 -38.51 -24.34 6.88
CA LYS C 434 -39.70 -25.10 6.54
C LYS C 434 -40.48 -24.41 5.42
N VAL C 435 -41.38 -25.17 4.79
CA VAL C 435 -42.26 -24.67 3.75
C VAL C 435 -43.68 -25.17 4.00
N GLY C 436 -44.65 -24.47 3.42
CA GLY C 436 -46.04 -24.85 3.61
C GLY C 436 -46.97 -24.17 2.63
N PHE C 437 -48.15 -24.74 2.48
CA PHE C 437 -49.19 -24.18 1.61
C PHE C 437 -50.24 -23.46 2.45
N LEU C 438 -50.60 -22.26 2.02
CA LEU C 438 -51.63 -21.48 2.73
C LEU C 438 -53.01 -22.02 2.39
N PRO C 439 -53.81 -22.42 3.37
CA PRO C 439 -55.13 -23.00 3.07
C PRO C 439 -56.08 -21.94 2.55
N PRO C 440 -57.23 -22.36 2.02
CA PRO C 440 -58.21 -21.38 1.52
C PRO C 440 -58.78 -20.53 2.64
N ALA C 441 -59.46 -19.47 2.24
CA ALA C 441 -60.03 -18.53 3.21
C ALA C 441 -60.98 -19.26 4.16
N GLY C 442 -60.87 -18.93 5.45
CA GLY C 442 -61.67 -19.54 6.49
C GLY C 442 -61.09 -20.78 7.12
N LYS C 443 -59.96 -21.29 6.60
CA LYS C 443 -59.36 -22.50 7.14
C LYS C 443 -57.85 -22.35 7.28
N GLU C 444 -57.36 -21.12 7.40
CA GLU C 444 -55.91 -20.89 7.46
C GLU C 444 -55.26 -21.55 8.67
N GLN C 445 -56.02 -21.82 9.72
CA GLN C 445 -55.44 -22.37 10.94
C GLN C 445 -55.03 -23.84 10.79
N ALA C 446 -55.38 -24.50 9.69
CA ALA C 446 -55.06 -25.90 9.46
C ALA C 446 -53.86 -26.09 8.54
N VAL C 447 -52.87 -25.19 8.61
CA VAL C 447 -51.71 -25.30 7.74
C VAL C 447 -50.80 -26.41 8.24
N SER C 448 -50.17 -27.12 7.30
CA SER C 448 -49.24 -28.20 7.61
C SER C 448 -47.86 -27.85 7.06
N TRP C 449 -46.84 -27.94 7.91
CA TRP C 449 -45.48 -27.58 7.53
C TRP C 449 -44.68 -28.84 7.20
N VAL C 450 -43.82 -28.72 6.20
CA VAL C 450 -42.91 -29.79 5.80
C VAL C 450 -41.49 -29.29 6.02
N SER C 451 -40.69 -30.09 6.73
CA SER C 451 -39.36 -29.66 7.14
C SER C 451 -38.37 -29.80 5.99
N LEU C 452 -37.65 -28.71 5.70
CA LEU C 452 -36.58 -28.71 4.71
C LEU C 452 -35.20 -28.79 5.33
N GLU C 453 -35.00 -28.15 6.48
CA GLU C 453 -33.69 -28.23 7.15
C GLU C 453 -33.92 -28.12 8.65
N GLU C 454 -33.52 -29.16 9.40
CA GLU C 454 -33.75 -29.25 10.82
C GLU C 454 -32.43 -29.15 11.57
N ALA C 455 -32.42 -28.37 12.65
CA ALA C 455 -31.25 -28.25 13.51
C ALA C 455 -31.36 -29.21 14.69
N GLU C 456 -30.21 -29.47 15.32
CA GLU C 456 -30.15 -30.38 16.46
C GLU C 456 -30.36 -29.63 17.76
N PRO C 457 -31.32 -30.04 18.59
CA PRO C 457 -31.60 -29.30 19.82
C PRO C 457 -30.55 -29.53 20.90
N PHE C 458 -30.63 -28.69 21.93
CA PHE C 458 -29.77 -28.80 23.11
C PHE C 458 -30.62 -29.19 24.31
N PRO C 459 -30.65 -30.45 24.72
CA PRO C 459 -31.54 -30.88 25.81
C PRO C 459 -31.10 -30.45 27.19
N ASP C 460 -29.98 -29.76 27.34
CA ASP C 460 -29.49 -29.33 28.64
C ASP C 460 -29.91 -27.91 29.00
N ILE C 461 -30.86 -27.33 28.26
CA ILE C 461 -31.37 -25.99 28.51
C ILE C 461 -32.88 -26.09 28.61
N SER C 462 -33.46 -25.46 29.62
CA SER C 462 -34.91 -25.40 29.78
C SER C 462 -35.33 -23.94 29.90
N TRP C 463 -36.50 -23.61 29.34
CA TRP C 463 -36.98 -22.23 29.34
C TRP C 463 -38.46 -22.20 29.65
N SER C 464 -38.89 -21.09 30.23
CA SER C 464 -40.31 -20.89 30.54
C SER C 464 -40.59 -19.39 30.64
N ILE C 465 -41.87 -19.06 30.79
CA ILE C 465 -42.35 -17.70 30.79
C ILE C 465 -43.08 -17.43 32.10
N ARG C 466 -42.78 -16.28 32.71
CA ARG C 466 -43.39 -15.86 33.97
C ARG C 466 -44.16 -14.56 33.75
N VAL C 467 -45.31 -14.44 34.40
CA VAL C 467 -46.17 -13.27 34.33
C VAL C 467 -46.16 -12.55 35.67
N LEU C 468 -45.92 -11.23 35.62
CA LEU C 468 -45.76 -10.41 36.82
C LEU C 468 -46.84 -9.34 36.86
N GLN C 469 -47.45 -9.17 38.04
CA GLN C 469 -48.47 -8.16 38.30
C GLN C 469 -47.91 -7.12 39.26
N PRO C 470 -47.82 -5.86 38.87
CA PRO C 470 -47.21 -4.86 39.75
C PRO C 470 -48.02 -4.71 41.03
N PRO C 471 -47.36 -4.41 42.15
CA PRO C 471 -48.07 -4.21 43.41
C PRO C 471 -48.90 -2.94 43.37
N PRO C 472 -49.84 -2.79 44.31
CA PRO C 472 -50.77 -1.64 44.23
C PRO C 472 -50.07 -0.28 44.23
N GLN C 473 -48.96 -0.13 44.95
CA GLN C 473 -48.31 1.16 45.06
C GLN C 473 -47.59 1.57 43.77
N GLN C 474 -47.46 0.66 42.81
CA GLN C 474 -46.74 0.94 41.57
C GLN C 474 -47.65 1.06 40.36
N GLU C 475 -48.97 1.11 40.57
CA GLU C 475 -49.90 1.23 39.45
C GLU C 475 -49.79 2.60 38.79
N HIS C 476 -49.99 2.62 37.47
CA HIS C 476 -49.98 3.86 36.72
C HIS C 476 -51.27 4.65 36.98
N VAL C 477 -51.14 5.98 36.93
CA VAL C 477 -52.27 6.83 37.27
C VAL C 477 -53.41 6.65 36.28
N GLN C 478 -53.09 6.58 34.97
CA GLN C 478 -54.12 6.51 33.94
C GLN C 478 -54.27 5.15 33.29
N TYR C 479 -53.31 4.24 33.48
CA TYR C 479 -53.35 2.90 32.88
C TYR C 479 -53.31 1.89 34.01
N ALA C 480 -54.48 1.36 34.38
CA ALA C 480 -54.61 0.44 35.48
C ALA C 480 -54.78 -0.99 34.98
N GLY C 481 -54.17 -1.93 35.69
CA GLY C 481 -54.29 -3.34 35.37
C GLY C 481 -53.22 -3.91 34.46
N LEU C 482 -52.21 -3.11 34.08
CA LEU C 482 -51.19 -3.59 33.18
C LEU C 482 -50.21 -4.50 33.91
N ASP C 483 -49.91 -5.65 33.30
CA ASP C 483 -48.91 -6.59 33.81
C ASP C 483 -47.75 -6.67 32.82
N PHE C 484 -46.75 -7.48 33.15
CA PHE C 484 -45.61 -7.66 32.26
C PHE C 484 -45.08 -9.08 32.42
N GLU C 485 -43.94 -9.37 31.78
CA GLU C 485 -43.50 -10.75 31.63
C GLU C 485 -41.98 -10.86 31.71
N ALA C 486 -41.53 -12.09 31.89
CA ALA C 486 -40.11 -12.42 31.88
C ALA C 486 -39.92 -13.81 31.31
N ILE C 487 -38.71 -14.06 30.80
CA ILE C 487 -38.32 -15.36 30.27
C ILE C 487 -37.18 -15.90 31.13
N LEU C 488 -37.35 -17.14 31.61
CA LEU C 488 -36.39 -17.76 32.50
C LEU C 488 -35.76 -18.97 31.84
N LEU C 489 -34.43 -19.00 31.79
CA LEU C 489 -33.66 -20.11 31.25
C LEU C 489 -32.84 -20.71 32.38
N GLN C 490 -32.87 -22.03 32.52
CA GLN C 490 -32.13 -22.70 33.58
C GLN C 490 -31.63 -24.05 33.08
N PRO C 491 -30.57 -24.58 33.69
CA PRO C 491 -30.09 -25.91 33.31
C PRO C 491 -31.09 -26.99 33.68
N SER C 492 -31.11 -28.05 32.89
CA SER C 492 -32.00 -29.17 33.13
C SER C 492 -31.41 -30.14 34.13
N THR C 498 -30.33 -24.30 45.42
CA THR C 498 -29.88 -23.33 46.40
C THR C 498 -28.45 -22.88 46.10
N GLN C 499 -27.89 -23.42 45.02
CA GLN C 499 -26.53 -23.09 44.61
C GLN C 499 -26.45 -22.43 43.23
N VAL C 500 -27.54 -22.42 42.48
CA VAL C 500 -27.53 -21.88 41.12
C VAL C 500 -27.46 -20.36 41.15
N PRO C 501 -26.46 -19.75 40.51
CA PRO C 501 -26.44 -18.29 40.40
C PRO C 501 -27.34 -17.81 39.27
N MET C 502 -27.54 -16.49 39.22
CA MET C 502 -28.48 -15.91 38.28
C MET C 502 -27.90 -14.63 37.66
N VAL C 503 -28.27 -14.41 36.40
CA VAL C 503 -27.90 -13.21 35.64
C VAL C 503 -29.19 -12.59 35.10
N VAL C 504 -29.32 -11.28 35.26
CA VAL C 504 -30.53 -10.54 34.91
C VAL C 504 -30.23 -9.64 33.72
N MET C 505 -31.09 -9.68 32.72
CA MET C 505 -30.95 -8.87 31.50
C MET C 505 -32.22 -8.07 31.23
N PRO C 506 -32.17 -6.74 31.31
CA PRO C 506 -33.24 -5.91 30.75
C PRO C 506 -32.89 -5.47 29.33
N HIS C 507 -33.88 -5.29 28.47
CA HIS C 507 -33.62 -4.95 27.08
C HIS C 507 -33.47 -3.45 26.90
N GLY C 508 -33.05 -3.06 25.70
CA GLY C 508 -32.88 -1.67 25.33
C GLY C 508 -34.17 -1.05 24.85
N GLY C 509 -34.06 -0.04 24.00
CA GLY C 509 -35.22 0.64 23.49
C GLY C 509 -35.40 2.05 24.03
N PRO C 510 -36.31 2.21 25.00
CA PRO C 510 -36.94 1.10 25.75
C PRO C 510 -38.15 0.48 25.06
N HIS C 511 -38.52 0.95 23.88
CA HIS C 511 -39.66 0.38 23.15
C HIS C 511 -39.15 -0.76 22.27
N SER C 512 -38.84 -1.87 22.92
CA SER C 512 -38.37 -3.10 22.26
C SER C 512 -38.79 -4.27 23.16
N SER C 513 -38.23 -5.44 22.91
CA SER C 513 -38.58 -6.60 23.74
C SER C 513 -37.68 -7.78 23.40
N PHE C 514 -37.79 -8.81 24.24
CA PHE C 514 -37.20 -10.12 24.00
C PHE C 514 -38.28 -11.09 23.54
N VAL C 515 -37.92 -12.00 22.65
CA VAL C 515 -38.82 -13.06 22.20
C VAL C 515 -38.14 -14.40 22.40
N THR C 516 -38.94 -15.47 22.35
CA THR C 516 -38.45 -16.83 22.58
C THR C 516 -37.83 -17.38 21.28
N ALA C 517 -36.65 -16.85 20.97
CA ALA C 517 -35.88 -17.26 19.81
C ALA C 517 -34.48 -17.68 20.26
N TRP C 518 -33.70 -18.19 19.30
CA TRP C 518 -32.34 -18.60 19.58
C TRP C 518 -31.47 -17.37 19.84
N MET C 519 -30.74 -17.38 20.97
CA MET C 519 -29.83 -16.30 21.32
C MET C 519 -28.53 -16.90 21.81
N LEU C 520 -27.42 -16.45 21.24
CA LEU C 520 -26.13 -17.10 21.50
C LEU C 520 -25.69 -16.92 22.94
N PHE C 521 -25.68 -15.68 23.44
CA PHE C 521 -25.11 -15.42 24.75
C PHE C 521 -25.90 -16.05 25.88
N PRO C 522 -27.24 -15.91 25.90
CA PRO C 522 -28.02 -16.60 26.94
C PRO C 522 -27.80 -18.11 26.95
N ALA C 523 -27.71 -18.73 25.77
CA ALA C 523 -27.44 -20.17 25.72
C ALA C 523 -26.07 -20.49 26.25
N MET C 524 -25.06 -19.68 25.91
CA MET C 524 -23.72 -19.91 26.44
C MET C 524 -23.71 -19.82 27.95
N LEU C 525 -24.39 -18.82 28.51
CA LEU C 525 -24.46 -18.69 29.96
C LEU C 525 -25.18 -19.88 30.59
N CYS C 526 -26.27 -20.33 29.97
CA CYS C 526 -27.03 -21.45 30.53
C CYS C 526 -26.21 -22.72 30.53
N LYS C 527 -25.47 -22.98 29.45
CA LYS C 527 -24.65 -24.19 29.40
C LYS C 527 -23.44 -24.14 30.32
N MET C 528 -23.12 -22.98 30.89
CA MET C 528 -22.03 -22.86 31.85
C MET C 528 -22.50 -23.02 33.28
N GLY C 529 -23.80 -23.21 33.51
CA GLY C 529 -24.34 -23.41 34.84
C GLY C 529 -25.13 -22.26 35.42
N PHE C 530 -25.37 -21.20 34.65
CA PHE C 530 -26.11 -20.05 35.15
C PHE C 530 -27.59 -20.16 34.82
N ALA C 531 -28.40 -19.46 35.59
CA ALA C 531 -29.78 -19.16 35.25
C ALA C 531 -29.85 -17.75 34.70
N VAL C 532 -30.71 -17.55 33.70
CA VAL C 532 -30.81 -16.27 33.00
C VAL C 532 -32.26 -15.80 33.05
N LEU C 533 -32.45 -14.53 33.42
CA LEU C 533 -33.77 -13.92 33.51
C LEU C 533 -33.81 -12.70 32.61
N LEU C 534 -34.60 -12.76 31.54
CA LEU C 534 -34.77 -11.64 30.63
C LEU C 534 -36.12 -10.98 30.88
N VAL C 535 -36.10 -9.67 31.15
CA VAL C 535 -37.28 -8.96 31.65
C VAL C 535 -37.86 -8.07 30.57
N ASN C 536 -39.18 -8.17 30.35
CA ASN C 536 -39.91 -7.28 29.45
C ASN C 536 -40.78 -6.38 30.32
N TYR C 537 -40.22 -5.23 30.73
CA TYR C 537 -40.92 -4.33 31.61
C TYR C 537 -42.03 -3.57 30.86
N ARG C 538 -42.90 -2.91 31.62
CA ARG C 538 -43.96 -2.12 31.01
C ARG C 538 -43.37 -1.06 30.10
N GLY C 539 -43.91 -0.97 28.89
CA GLY C 539 -43.35 -0.12 27.84
C GLY C 539 -42.76 -0.90 26.68
N SER C 540 -42.75 -2.22 26.74
CA SER C 540 -42.21 -3.03 25.67
C SER C 540 -43.22 -3.15 24.52
N THR C 541 -42.70 -3.49 23.33
CA THR C 541 -43.56 -3.74 22.19
C THR C 541 -44.25 -5.09 22.33
N GLY C 542 -45.42 -5.19 21.69
CA GLY C 542 -46.18 -6.42 21.70
C GLY C 542 -47.19 -6.58 22.81
N PHE C 543 -47.43 -5.53 23.60
CA PHE C 543 -48.37 -5.62 24.71
C PHE C 543 -49.48 -4.56 24.62
N GLY C 544 -49.64 -3.92 23.47
CA GLY C 544 -50.67 -2.93 23.28
C GLY C 544 -50.13 -1.51 23.36
N GLN C 545 -50.92 -0.57 22.82
CA GLN C 545 -50.52 0.83 22.81
C GLN C 545 -50.45 1.42 24.22
N ASP C 546 -51.31 0.95 25.13
CA ASP C 546 -51.29 1.47 26.49
C ASP C 546 -49.95 1.22 27.17
N SER C 547 -49.38 0.03 26.97
CA SER C 547 -48.06 -0.26 27.54
C SER C 547 -47.00 0.66 26.94
N ILE C 548 -47.10 0.96 25.65
CA ILE C 548 -46.14 1.86 25.01
C ILE C 548 -46.23 3.26 25.62
N LEU C 549 -47.45 3.74 25.84
CA LEU C 549 -47.64 5.13 26.23
C LEU C 549 -47.45 5.39 27.71
N SER C 550 -47.21 4.37 28.53
CA SER C 550 -47.11 4.56 29.96
C SER C 550 -45.69 4.84 30.45
N LEU C 551 -44.66 4.52 29.66
CA LEU C 551 -43.29 4.69 30.10
C LEU C 551 -42.79 6.13 29.96
N PRO C 552 -43.07 6.81 28.85
CA PRO C 552 -42.48 8.14 28.64
C PRO C 552 -42.77 9.07 29.80
N GLY C 553 -41.75 9.84 30.19
CA GLY C 553 -41.84 10.71 31.35
C GLY C 553 -41.61 10.03 32.68
N ASN C 554 -41.38 8.72 32.70
CA ASN C 554 -41.19 7.98 33.93
C ASN C 554 -39.91 7.14 33.93
N VAL C 555 -39.02 7.34 32.96
CA VAL C 555 -37.81 6.54 32.91
C VAL C 555 -36.97 6.75 34.16
N GLY C 556 -36.35 5.68 34.63
CA GLY C 556 -35.56 5.72 35.84
C GLY C 556 -36.34 5.49 37.11
N HIS C 557 -37.65 5.43 37.02
CA HIS C 557 -38.56 5.20 38.18
C HIS C 557 -39.46 3.96 37.93
N GLN C 558 -40.37 3.96 36.94
CA GLN C 558 -41.29 2.83 36.60
C GLN C 558 -40.55 1.60 36.03
N ASP C 559 -39.63 1.80 35.07
CA ASP C 559 -38.84 0.71 34.47
C ASP C 559 -37.89 0.05 35.50
N VAL C 560 -37.24 0.83 36.37
CA VAL C 560 -36.31 0.34 37.45
C VAL C 560 -37.04 -0.53 38.49
N LYS C 561 -38.22 -0.14 38.97
CA LYS C 561 -38.99 -0.86 40.02
C LYS C 561 -39.59 -2.16 39.48
N ASP C 562 -39.93 -2.21 38.20
CA ASP C 562 -40.42 -3.43 37.57
C ASP C 562 -39.35 -4.51 37.57
N VAL C 563 -38.13 -4.15 37.18
CA VAL C 563 -37.04 -5.13 37.14
C VAL C 563 -36.75 -5.68 38.54
N GLN C 564 -36.69 -4.79 39.53
CA GLN C 564 -36.39 -5.25 40.89
C GLN C 564 -37.49 -6.16 41.41
N PHE C 565 -38.76 -5.82 41.15
CA PHE C 565 -39.87 -6.67 41.57
C PHE C 565 -39.77 -8.05 40.92
N ALA C 566 -39.46 -8.10 39.63
CA ALA C 566 -39.33 -9.40 38.97
C ALA C 566 -38.22 -10.22 39.59
N VAL C 567 -37.08 -9.58 39.87
CA VAL C 567 -35.95 -10.30 40.46
C VAL C 567 -36.34 -10.86 41.83
N GLU C 568 -36.97 -10.04 42.65
CA GLU C 568 -37.36 -10.50 43.99
C GLU C 568 -38.35 -11.65 43.92
N GLN C 569 -39.35 -11.55 43.04
CA GLN C 569 -40.33 -12.63 42.91
C GLN C 569 -39.66 -13.93 42.47
N VAL C 570 -38.77 -13.84 41.48
CA VAL C 570 -38.11 -15.05 41.00
C VAL C 570 -37.26 -15.66 42.10
N LEU C 571 -36.64 -14.93 43.02
CA LEU C 571 -35.84 -15.60 44.12
C LEU C 571 -36.67 -16.32 45.21
N GLN C 572 -37.85 -15.83 45.56
CA GLN C 572 -38.73 -16.48 46.57
C GLN C 572 -39.38 -17.74 45.99
N GLU C 573 -39.69 -17.75 44.69
CA GLU C 573 -40.37 -18.89 44.06
C GLU C 573 -39.36 -19.88 43.50
N GLU C 574 -38.09 -19.48 43.33
CA GLU C 574 -37.23 -20.53 42.81
C GLU C 574 -36.15 -20.99 43.79
N HIS C 575 -35.93 -20.26 44.89
CA HIS C 575 -34.92 -20.62 45.87
C HIS C 575 -33.51 -20.60 45.30
N PHE C 576 -33.25 -19.75 44.31
CA PHE C 576 -31.91 -19.61 43.77
C PHE C 576 -30.99 -19.00 44.82
N ASP C 577 -29.70 -18.93 44.49
CA ASP C 577 -28.69 -18.39 45.40
C ASP C 577 -28.80 -16.87 45.43
N ALA C 578 -29.32 -16.33 46.53
CA ALA C 578 -29.47 -14.87 46.64
C ALA C 578 -28.13 -14.17 46.85
N GLY C 579 -27.07 -14.89 47.18
CA GLY C 579 -25.76 -14.30 47.34
C GLY C 579 -24.94 -14.15 46.08
N ARG C 580 -25.43 -14.68 44.95
CA ARG C 580 -24.72 -14.57 43.67
C ARG C 580 -25.73 -14.20 42.59
N VAL C 581 -25.96 -12.90 42.41
CA VAL C 581 -26.85 -12.38 41.39
C VAL C 581 -26.11 -11.27 40.64
N ALA C 582 -26.14 -11.33 39.31
CA ALA C 582 -25.41 -10.37 38.49
C ALA C 582 -26.35 -9.72 37.48
N LEU C 583 -25.89 -8.60 36.93
CA LEU C 583 -26.64 -7.84 35.93
C LEU C 583 -25.84 -7.74 34.64
N MET C 584 -26.55 -7.70 33.52
CA MET C 584 -25.91 -7.49 32.23
C MET C 584 -26.88 -6.81 31.28
N GLY C 585 -26.48 -5.65 30.76
CA GLY C 585 -27.32 -4.93 29.82
C GLY C 585 -26.50 -3.96 29.00
N GLY C 586 -27.14 -3.48 27.93
CA GLY C 586 -26.56 -2.53 26.96
C GLY C 586 -27.48 -1.41 26.50
N SER C 587 -26.94 -0.25 26.11
CA SER C 587 -27.74 0.94 25.67
C SER C 587 -28.77 1.45 26.75
N HIS C 588 -30.10 1.50 26.54
CA HIS C 588 -31.12 1.83 27.59
C HIS C 588 -31.09 0.73 28.66
N GLY C 589 -30.76 -0.52 28.31
CA GLY C 589 -30.55 -1.61 29.27
C GLY C 589 -29.34 -1.40 30.21
N GLY C 590 -28.26 -0.71 29.81
CA GLY C 590 -27.10 -0.34 30.66
C GLY C 590 -27.43 0.80 31.59
N PHE C 591 -28.23 1.75 31.15
CA PHE C 591 -28.83 2.81 31.95
C PHE C 591 -29.60 2.22 33.14
N LEU C 592 -30.45 1.23 32.87
CA LEU C 592 -31.20 0.59 33.94
C LEU C 592 -30.29 -0.12 34.93
N SER C 593 -29.26 -0.81 34.43
CA SER C 593 -28.34 -1.53 35.31
C SER C 593 -27.61 -0.58 36.25
N CYS C 594 -27.13 0.55 35.73
CA CYS C 594 -26.48 1.54 36.59
C CYS C 594 -27.45 2.09 37.62
N HIS C 595 -28.69 2.39 37.21
CA HIS C 595 -29.70 2.81 38.17
C HIS C 595 -29.86 1.77 39.27
N LEU C 596 -29.95 0.49 38.90
CA LEU C 596 -30.21 -0.55 39.86
C LEU C 596 -29.05 -0.70 40.85
N ILE C 597 -27.80 -0.66 40.37
CA ILE C 597 -26.69 -0.78 41.29
C ILE C 597 -26.53 0.47 42.15
N GLY C 598 -26.99 1.61 41.68
CA GLY C 598 -26.94 2.81 42.49
C GLY C 598 -28.01 2.91 43.56
N GLN C 599 -29.20 2.35 43.28
CA GLN C 599 -30.34 2.49 44.18
C GLN C 599 -30.52 1.29 45.11
N TYR C 600 -29.96 0.14 44.79
CA TYR C 600 -30.05 -1.07 45.62
C TYR C 600 -28.65 -1.64 45.79
N PRO C 601 -27.82 -1.01 46.63
CA PRO C 601 -26.40 -1.37 46.68
C PRO C 601 -26.11 -2.75 47.28
N GLU C 602 -27.12 -3.49 47.72
CA GLU C 602 -26.88 -4.77 48.37
C GLU C 602 -27.29 -5.98 47.55
N THR C 603 -28.13 -5.80 46.52
CA THR C 603 -28.72 -6.94 45.84
C THR C 603 -27.72 -7.66 44.93
N TYR C 604 -26.89 -6.90 44.21
CA TYR C 604 -26.09 -7.45 43.13
C TYR C 604 -24.60 -7.42 43.47
N SER C 605 -23.86 -8.38 42.93
CA SER C 605 -22.43 -8.52 43.20
C SER C 605 -21.55 -8.38 41.97
N ALA C 606 -22.11 -8.07 40.81
CA ALA C 606 -21.30 -7.85 39.61
C ALA C 606 -22.17 -7.21 38.54
N CYS C 607 -21.51 -6.51 37.61
CA CYS C 607 -22.24 -5.78 36.58
C CYS C 607 -21.34 -5.58 35.35
N VAL C 608 -21.94 -5.71 34.18
CA VAL C 608 -21.28 -5.49 32.89
C VAL C 608 -22.17 -4.58 32.04
N VAL C 609 -21.58 -3.54 31.46
CA VAL C 609 -22.33 -2.61 30.62
C VAL C 609 -21.51 -2.28 29.37
N ARG C 610 -22.20 -2.19 28.23
CA ARG C 610 -21.53 -1.93 26.96
C ARG C 610 -21.55 -0.46 26.55
N ASN C 611 -22.71 0.11 26.30
CA ASN C 611 -22.81 1.51 25.85
C ASN C 611 -23.95 2.19 26.59
N PRO C 612 -23.79 2.42 27.89
CA PRO C 612 -24.89 2.92 28.70
C PRO C 612 -25.15 4.42 28.51
N VAL C 613 -26.40 4.79 28.71
CA VAL C 613 -26.76 6.20 28.85
C VAL C 613 -26.56 6.60 30.32
N ILE C 614 -25.76 7.64 30.55
CA ILE C 614 -25.33 8.02 31.88
C ILE C 614 -25.89 9.36 32.31
N ASN C 615 -25.92 10.34 31.40
CA ASN C 615 -26.36 11.69 31.72
C ASN C 615 -27.21 12.20 30.56
N ILE C 616 -28.53 12.24 30.76
CA ILE C 616 -29.43 12.62 29.67
C ILE C 616 -29.21 14.08 29.28
N ALA C 617 -28.92 14.94 30.25
CA ALA C 617 -28.77 16.36 29.95
C ALA C 617 -27.61 16.61 28.99
N SER C 618 -26.47 15.97 29.22
CA SER C 618 -25.31 16.16 28.37
C SER C 618 -25.35 15.33 27.10
N MET C 619 -26.25 14.35 27.02
CA MET C 619 -26.37 13.54 25.81
C MET C 619 -27.11 14.28 24.70
N MET C 620 -27.95 15.26 25.05
CA MET C 620 -28.79 15.92 24.07
C MET C 620 -27.96 16.62 23.00
N GLY C 621 -26.88 17.29 23.40
CA GLY C 621 -26.11 18.10 22.46
C GLY C 621 -25.18 17.33 21.55
N SER C 622 -25.05 16.02 21.72
CA SER C 622 -24.11 15.23 20.94
C SER C 622 -24.73 14.06 20.20
N THR C 623 -25.95 13.64 20.54
CA THR C 623 -26.55 12.48 19.91
C THR C 623 -27.16 12.84 18.55
N ASP C 624 -27.40 11.81 17.75
CA ASP C 624 -28.04 11.99 16.45
C ASP C 624 -29.56 11.98 16.53
N ILE C 625 -30.13 11.69 17.70
CA ILE C 625 -31.58 11.71 17.89
C ILE C 625 -31.90 12.57 19.13
N PRO C 626 -31.73 13.89 19.05
CA PRO C 626 -31.98 14.72 20.23
C PRO C 626 -33.41 14.68 20.74
N ASP C 627 -34.39 14.35 19.89
CA ASP C 627 -35.78 14.30 20.34
C ASP C 627 -36.03 13.16 21.33
N TRP C 628 -35.20 12.12 21.31
CA TRP C 628 -35.35 11.03 22.27
C TRP C 628 -35.20 11.53 23.70
N CYS C 629 -34.20 12.38 23.94
CA CYS C 629 -33.99 12.92 25.28
C CYS C 629 -35.19 13.73 25.75
N MET C 630 -35.73 14.58 24.87
CA MET C 630 -36.89 15.38 25.24
C MET C 630 -38.10 14.51 25.53
N VAL C 631 -38.37 13.53 24.66
CA VAL C 631 -39.60 12.75 24.78
C VAL C 631 -39.54 11.86 26.02
N GLU C 632 -38.43 11.17 26.22
CA GLU C 632 -38.35 10.24 27.35
C GLU C 632 -38.34 10.97 28.69
N ALA C 633 -37.97 12.25 28.71
CA ALA C 633 -38.02 13.04 29.93
C ALA C 633 -39.38 13.64 30.20
N GLY C 634 -40.30 13.59 29.25
CA GLY C 634 -41.65 14.07 29.46
C GLY C 634 -42.00 15.40 28.83
N PHE C 635 -41.24 15.88 27.86
CA PHE C 635 -41.52 17.14 27.20
C PHE C 635 -41.65 16.91 25.70
N SER C 636 -42.12 17.95 25.00
CA SER C 636 -42.31 17.89 23.56
C SER C 636 -41.11 18.49 22.85
N TYR C 637 -40.64 17.81 21.81
CA TYR C 637 -39.47 18.26 21.08
C TYR C 637 -39.85 19.32 20.04
N SER C 638 -38.96 20.29 19.84
CA SER C 638 -39.14 21.32 18.83
C SER C 638 -37.77 21.75 18.33
N SER C 639 -37.67 21.97 17.03
CA SER C 639 -36.38 22.34 16.44
C SER C 639 -35.96 23.75 16.84
N ASP C 640 -36.90 24.60 17.23
CA ASP C 640 -36.59 25.97 17.61
C ASP C 640 -36.30 26.12 19.09
N CYS C 641 -36.52 25.09 19.89
CA CYS C 641 -36.36 25.20 21.33
C CYS C 641 -34.91 25.46 21.70
N LEU C 642 -34.71 26.33 22.69
CA LEU C 642 -33.39 26.63 23.22
C LEU C 642 -33.28 26.10 24.64
N PRO C 643 -32.10 26.16 25.26
CA PRO C 643 -31.96 25.66 26.64
C PRO C 643 -32.89 26.37 27.60
N ASP C 644 -33.48 25.61 28.51
CA ASP C 644 -34.41 26.12 29.51
C ASP C 644 -34.15 25.40 30.81
N LEU C 645 -33.66 26.13 31.82
CA LEU C 645 -33.17 25.49 33.04
C LEU C 645 -34.23 24.59 33.69
N SER C 646 -35.51 24.90 33.51
CA SER C 646 -36.55 24.06 34.07
C SER C 646 -36.51 22.66 33.46
N VAL C 647 -36.33 22.57 32.14
CA VAL C 647 -36.24 21.28 31.48
C VAL C 647 -34.97 20.56 31.90
N TRP C 648 -33.85 21.28 31.99
CA TRP C 648 -32.58 20.64 32.33
C TRP C 648 -32.56 20.10 33.75
N ALA C 649 -33.48 20.58 34.61
CA ALA C 649 -33.56 20.03 35.96
C ALA C 649 -34.17 18.64 35.95
N ALA C 650 -35.20 18.43 35.13
CA ALA C 650 -35.81 17.10 35.04
C ALA C 650 -34.84 16.08 34.48
N MET C 651 -34.05 16.46 33.47
CA MET C 651 -33.12 15.51 32.87
C MET C 651 -32.08 15.03 33.86
N LEU C 652 -31.55 15.94 34.69
CA LEU C 652 -30.53 15.55 35.65
C LEU C 652 -31.09 14.64 36.74
N ASP C 653 -32.32 14.89 37.17
CA ASP C 653 -32.90 14.12 38.27
C ASP C 653 -33.23 12.69 37.87
N LYS C 654 -33.22 12.38 36.58
CA LYS C 654 -33.58 11.05 36.08
C LYS C 654 -32.38 10.26 35.58
N SER C 655 -31.16 10.69 35.89
CA SER C 655 -29.99 10.01 35.34
C SER C 655 -29.23 9.25 36.43
N PRO C 656 -28.63 8.11 36.08
CA PRO C 656 -27.98 7.28 37.12
C PRO C 656 -26.77 7.92 37.77
N ILE C 657 -26.12 8.89 37.12
CA ILE C 657 -24.93 9.51 37.71
C ILE C 657 -25.25 10.05 39.10
N LYS C 658 -26.49 10.46 39.32
CA LYS C 658 -26.88 11.03 40.61
C LYS C 658 -26.59 10.08 41.76
N TYR C 659 -26.64 8.77 41.51
CA TYR C 659 -26.44 7.77 42.55
C TYR C 659 -25.02 7.22 42.58
N ALA C 660 -24.09 7.81 41.83
CA ALA C 660 -22.74 7.28 41.78
C ALA C 660 -22.09 7.09 43.15
N PRO C 661 -22.22 8.01 44.11
CA PRO C 661 -21.50 7.86 45.38
C PRO C 661 -21.90 6.65 46.23
N GLN C 662 -23.04 6.01 45.96
CA GLN C 662 -23.49 4.89 46.76
C GLN C 662 -23.10 3.53 46.20
N VAL C 663 -22.35 3.50 45.11
CA VAL C 663 -22.06 2.24 44.41
C VAL C 663 -20.90 1.53 45.08
N LYS C 664 -21.01 0.20 45.17
CA LYS C 664 -19.90 -0.64 45.62
C LYS C 664 -19.71 -1.90 44.79
N THR C 665 -20.60 -2.19 43.84
CA THR C 665 -20.50 -3.41 43.05
C THR C 665 -19.39 -3.28 42.01
N PRO C 666 -18.54 -4.29 41.84
CA PRO C 666 -17.55 -4.24 40.74
C PRO C 666 -18.23 -4.15 39.39
N LEU C 667 -17.65 -3.38 38.49
CA LEU C 667 -18.26 -3.06 37.21
C LEU C 667 -17.27 -3.21 36.08
N LEU C 668 -17.75 -3.71 34.93
CA LEU C 668 -16.94 -3.84 33.72
C LEU C 668 -17.62 -3.06 32.60
N LEU C 669 -16.87 -2.14 31.99
CA LEU C 669 -17.36 -1.25 30.94
C LEU C 669 -16.69 -1.59 29.61
N MET C 670 -17.49 -1.69 28.55
CA MET C 670 -16.97 -1.98 27.21
C MET C 670 -17.54 -0.98 26.23
N LEU C 671 -16.74 0.00 25.80
CA LEU C 671 -17.20 1.12 24.99
C LEU C 671 -16.69 1.01 23.56
N GLY C 672 -17.53 1.46 22.63
CA GLY C 672 -17.15 1.60 21.22
C GLY C 672 -16.94 3.06 20.86
N GLN C 673 -15.76 3.39 20.32
CA GLN C 673 -15.36 4.78 20.18
C GLN C 673 -16.05 5.51 19.03
N GLU C 674 -16.61 4.79 18.06
CA GLU C 674 -17.25 5.41 16.90
C GLU C 674 -18.77 5.49 17.02
N ASP C 675 -19.33 5.10 18.16
CA ASP C 675 -20.78 5.13 18.32
C ASP C 675 -21.30 6.56 18.18
N ARG C 676 -22.35 6.73 17.37
CA ARG C 676 -22.91 8.05 17.11
C ARG C 676 -24.24 8.31 17.80
N ARG C 677 -24.92 7.26 18.27
CA ARG C 677 -26.16 7.47 19.01
C ARG C 677 -25.88 7.79 20.47
N VAL C 678 -25.02 7.01 21.10
CA VAL C 678 -24.63 7.22 22.48
C VAL C 678 -23.13 7.53 22.52
N PRO C 679 -22.76 8.80 22.69
CA PRO C 679 -21.33 9.14 22.71
C PRO C 679 -20.60 8.44 23.84
N PHE C 680 -19.35 8.05 23.56
CA PHE C 680 -18.58 7.25 24.50
C PHE C 680 -18.06 8.05 25.69
N LYS C 681 -18.19 9.38 25.68
CA LYS C 681 -17.84 10.16 26.87
C LYS C 681 -18.80 9.88 28.02
N GLN C 682 -20.02 9.42 27.71
CA GLN C 682 -21.00 9.09 28.73
C GLN C 682 -20.43 8.09 29.73
N GLY C 683 -19.89 6.98 29.22
CA GLY C 683 -19.27 6.01 30.10
C GLY C 683 -18.04 6.54 30.80
N MET C 684 -17.30 7.43 30.14
CA MET C 684 -16.08 7.97 30.73
C MET C 684 -16.39 8.78 31.98
N GLU C 685 -17.48 9.54 31.97
CA GLU C 685 -17.85 10.32 33.15
C GLU C 685 -18.07 9.39 34.35
N TYR C 686 -18.87 8.34 34.15
CA TYR C 686 -19.13 7.37 35.21
C TYR C 686 -17.84 6.70 35.67
N TYR C 687 -16.97 6.34 34.72
CA TYR C 687 -15.71 5.71 35.06
C TYR C 687 -14.85 6.61 35.95
N ARG C 688 -14.77 7.90 35.59
CA ARG C 688 -13.99 8.83 36.39
C ARG C 688 -14.58 8.97 37.79
N VAL C 689 -15.92 9.08 37.88
CA VAL C 689 -16.55 9.24 39.19
C VAL C 689 -16.25 8.03 40.07
N LEU C 690 -16.36 6.83 39.51
CA LEU C 690 -16.09 5.63 40.31
C LEU C 690 -14.61 5.51 40.67
N LYS C 691 -13.72 5.86 39.73
CA LYS C 691 -12.28 5.74 40.00
C LYS C 691 -11.84 6.72 41.07
N ALA C 692 -12.46 7.89 41.16
CA ALA C 692 -12.10 8.83 42.19
C ALA C 692 -12.40 8.33 43.61
N ARG C 693 -13.19 7.26 43.74
CA ARG C 693 -13.57 6.72 45.04
C ARG C 693 -12.97 5.34 45.31
N ASN C 694 -12.09 4.86 44.44
CA ASN C 694 -11.42 3.57 44.63
C ASN C 694 -12.42 2.41 44.62
N VAL C 695 -13.28 2.40 43.61
CA VAL C 695 -14.15 1.25 43.35
C VAL C 695 -13.51 0.44 42.23
N PRO C 696 -13.55 -0.89 42.29
CA PRO C 696 -12.90 -1.69 41.25
C PRO C 696 -13.65 -1.56 39.93
N VAL C 697 -12.91 -1.15 38.89
CA VAL C 697 -13.48 -0.91 37.58
C VAL C 697 -12.50 -1.41 36.52
N ARG C 698 -13.05 -1.99 35.44
CA ARG C 698 -12.27 -2.43 34.30
C ARG C 698 -12.92 -1.86 33.04
N LEU C 699 -12.12 -1.19 32.21
CA LEU C 699 -12.63 -0.49 31.04
C LEU C 699 -11.92 -0.98 29.78
N LEU C 700 -12.70 -1.36 28.78
CA LEU C 700 -12.20 -1.75 27.47
C LEU C 700 -12.75 -0.78 26.43
N LEU C 701 -11.89 -0.36 25.50
CA LEU C 701 -12.25 0.64 24.50
C LEU C 701 -11.92 0.09 23.12
N TYR C 702 -12.92 0.06 22.24
CA TYR C 702 -12.72 -0.44 20.88
C TYR C 702 -12.70 0.73 19.92
N PRO C 703 -11.55 1.08 19.34
CA PRO C 703 -11.44 2.36 18.62
C PRO C 703 -12.20 2.41 17.30
N LYS C 704 -12.55 1.27 16.71
CA LYS C 704 -13.17 1.26 15.39
C LYS C 704 -14.59 0.69 15.40
N SER C 705 -15.20 0.52 16.57
CA SER C 705 -16.49 -0.13 16.68
C SER C 705 -17.60 0.89 16.95
N THR C 706 -18.81 0.51 16.55
CA THR C 706 -20.02 1.29 16.74
C THR C 706 -20.82 0.73 17.91
N HIS C 707 -22.06 1.20 18.05
CA HIS C 707 -22.87 0.84 19.22
C HIS C 707 -23.01 -0.67 19.38
N ALA C 708 -23.02 -1.42 18.28
CA ALA C 708 -23.35 -2.84 18.34
C ALA C 708 -22.17 -3.73 18.73
N LEU C 709 -20.93 -3.29 18.48
CA LEU C 709 -19.76 -4.15 18.66
C LEU C 709 -19.97 -5.48 17.94
N SER C 710 -20.26 -5.40 16.64
CA SER C 710 -20.73 -6.55 15.88
C SER C 710 -19.62 -7.27 15.12
N GLU C 711 -18.46 -6.65 14.93
CA GLU C 711 -17.37 -7.33 14.25
C GLU C 711 -16.98 -8.59 15.02
N VAL C 712 -16.57 -9.62 14.28
CA VAL C 712 -16.38 -10.95 14.87
C VAL C 712 -15.33 -10.90 15.98
N GLU C 713 -14.19 -10.25 15.71
CA GLU C 713 -13.13 -10.18 16.71
C GLU C 713 -13.60 -9.44 17.95
N VAL C 714 -14.21 -8.27 17.77
CA VAL C 714 -14.67 -7.48 18.90
C VAL C 714 -15.74 -8.24 19.68
N GLU C 715 -16.69 -8.85 18.96
CA GLU C 715 -17.76 -9.58 19.63
C GLU C 715 -17.22 -10.72 20.47
N SER C 716 -16.32 -11.52 19.90
CA SER C 716 -15.76 -12.65 20.63
C SER C 716 -14.97 -12.19 21.84
N ASP C 717 -14.14 -11.15 21.66
CA ASP C 717 -13.34 -10.65 22.79
C ASP C 717 -14.23 -10.13 23.91
N SER C 718 -15.27 -9.37 23.57
CA SER C 718 -16.16 -8.83 24.59
C SER C 718 -16.90 -9.93 25.33
N PHE C 719 -17.41 -10.92 24.61
CA PHE C 719 -18.12 -12.01 25.28
C PHE C 719 -17.18 -12.79 26.19
N MET C 720 -15.96 -13.07 25.74
CA MET C 720 -15.01 -13.80 26.58
C MET C 720 -14.69 -13.02 27.84
N ASN C 721 -14.45 -11.70 27.70
CA ASN C 721 -14.14 -10.88 28.87
C ASN C 721 -15.31 -10.84 29.85
N ALA C 722 -16.53 -10.70 29.34
CA ALA C 722 -17.69 -10.66 30.22
C ALA C 722 -17.86 -11.98 30.96
N VAL C 723 -17.69 -13.10 30.25
CA VAL C 723 -17.82 -14.40 30.91
C VAL C 723 -16.77 -14.57 31.99
N LEU C 724 -15.52 -14.17 31.70
CA LEU C 724 -14.47 -14.29 32.70
C LEU C 724 -14.76 -13.42 33.92
N TRP C 725 -15.22 -12.19 33.69
CA TRP C 725 -15.57 -11.31 34.81
C TRP C 725 -16.65 -11.93 35.68
N LEU C 726 -17.72 -12.42 35.05
CA LEU C 726 -18.83 -12.98 35.82
C LEU C 726 -18.40 -14.22 36.58
N CYS C 727 -17.60 -15.09 35.96
CA CYS C 727 -17.18 -16.31 36.65
C CYS C 727 -16.16 -16.03 37.75
N THR C 728 -15.39 -14.94 37.63
CA THR C 728 -14.42 -14.64 38.67
C THR C 728 -15.05 -13.95 39.87
N HIS C 729 -15.93 -12.98 39.64
CA HIS C 729 -16.46 -12.19 40.74
C HIS C 729 -17.67 -12.82 41.43
N LEU C 730 -18.12 -13.98 40.97
CA LEU C 730 -19.23 -14.67 41.62
C LEU C 730 -18.75 -15.92 42.36
N GLU D 9 -13.87 -1.52 -40.05
CA GLU D 9 -13.58 -0.52 -39.04
C GLU D 9 -13.31 -1.16 -37.69
N PRO D 10 -12.53 -0.48 -36.85
CA PRO D 10 -12.23 -1.03 -35.52
C PRO D 10 -13.46 -1.31 -34.68
N GLU D 11 -14.49 -0.47 -34.78
CA GLU D 11 -15.68 -0.65 -33.94
C GLU D 11 -16.40 -1.96 -34.26
N GLU D 12 -16.53 -2.30 -35.54
CA GLU D 12 -17.17 -3.56 -35.91
C GLU D 12 -16.38 -4.73 -35.37
N ALA D 13 -15.05 -4.68 -35.48
CA ALA D 13 -14.22 -5.77 -34.96
C ALA D 13 -14.38 -5.89 -33.44
N ALA D 14 -14.43 -4.77 -32.74
CA ALA D 14 -14.59 -4.82 -31.29
C ALA D 14 -15.93 -5.42 -30.89
N ALA D 15 -17.01 -5.02 -31.56
CA ALA D 15 -18.32 -5.59 -31.26
C ALA D 15 -18.34 -7.09 -31.54
N LEU D 16 -17.75 -7.49 -32.67
CA LEU D 16 -17.68 -8.92 -32.99
C LEU D 16 -16.89 -9.69 -31.93
N TYR D 17 -15.77 -9.12 -31.47
CA TYR D 17 -14.98 -9.79 -30.45
C TYR D 17 -15.76 -9.94 -29.15
N ARG D 18 -16.49 -8.89 -28.74
CA ARG D 18 -17.32 -9.01 -27.55
C ARG D 18 -18.32 -10.15 -27.70
N GLY D 19 -19.07 -10.13 -28.81
CA GLY D 19 -20.09 -11.15 -29.01
C GLY D 19 -19.52 -12.55 -29.02
N LEU D 20 -18.34 -12.73 -29.61
CA LEU D 20 -17.76 -14.07 -29.68
C LEU D 20 -17.20 -14.50 -28.33
N SER D 21 -16.54 -13.59 -27.62
CA SER D 21 -15.91 -13.94 -26.35
C SER D 21 -16.90 -14.09 -25.21
N ARG D 22 -18.17 -13.72 -25.41
CA ARG D 22 -19.16 -13.97 -24.35
C ARG D 22 -19.40 -15.45 -24.09
N GLN D 23 -18.96 -16.35 -24.96
CA GLN D 23 -19.29 -17.77 -24.83
C GLN D 23 -18.46 -18.43 -23.74
N PRO D 24 -19.08 -19.14 -22.81
CA PRO D 24 -18.34 -19.79 -21.72
C PRO D 24 -17.87 -21.20 -22.08
N ALA D 25 -17.06 -21.76 -21.19
CA ALA D 25 -16.50 -23.09 -21.37
C ALA D 25 -16.62 -23.91 -20.09
N LEU D 26 -16.69 -25.24 -20.26
CA LEU D 26 -16.75 -26.15 -19.12
C LEU D 26 -15.35 -26.43 -18.58
N SER D 27 -15.28 -26.68 -17.27
CA SER D 27 -14.01 -26.96 -16.61
C SER D 27 -13.97 -28.30 -15.90
N ALA D 28 -15.06 -28.69 -15.23
CA ALA D 28 -15.09 -29.95 -14.49
C ALA D 28 -16.53 -30.24 -14.09
N ALA D 29 -16.76 -31.46 -13.61
CA ALA D 29 -18.08 -31.88 -13.17
C ALA D 29 -17.96 -33.12 -12.31
N CYS D 30 -18.94 -33.30 -11.41
CA CYS D 30 -19.00 -34.47 -10.55
C CYS D 30 -20.45 -34.79 -10.26
N LEU D 31 -20.70 -36.03 -9.83
CA LEU D 31 -22.05 -36.54 -9.61
C LEU D 31 -22.31 -36.71 -8.12
N GLY D 32 -23.59 -36.63 -7.75
CA GLY D 32 -24.01 -36.77 -6.38
C GLY D 32 -24.55 -38.15 -6.07
N PRO D 33 -24.90 -38.39 -4.81
CA PRO D 33 -25.41 -39.71 -4.43
C PRO D 33 -26.84 -39.93 -4.90
N GLU D 34 -27.23 -41.20 -4.96
CA GLU D 34 -28.57 -41.57 -5.38
C GLU D 34 -29.60 -41.18 -4.31
N VAL D 35 -30.79 -40.83 -4.78
CA VAL D 35 -31.91 -40.46 -3.91
C VAL D 35 -33.15 -41.20 -4.39
N THR D 36 -33.90 -41.76 -3.45
CA THR D 36 -35.14 -42.48 -3.75
C THR D 36 -36.32 -41.74 -3.13
N THR D 37 -37.35 -41.50 -3.93
CA THR D 37 -38.53 -40.79 -3.48
C THR D 37 -39.57 -41.77 -2.94
N GLN D 38 -40.66 -41.21 -2.40
CA GLN D 38 -41.73 -42.04 -1.87
C GLN D 38 -42.55 -42.68 -2.97
N TYR D 39 -42.72 -41.98 -4.11
CA TYR D 39 -43.46 -42.55 -5.22
C TYR D 39 -42.77 -43.80 -5.76
N GLY D 40 -41.45 -43.76 -5.90
CA GLY D 40 -40.70 -44.90 -6.38
C GLY D 40 -39.56 -44.54 -7.30
N GLY D 41 -39.55 -43.30 -7.81
CA GLY D 41 -38.53 -42.88 -8.74
C GLY D 41 -37.19 -42.60 -8.07
N ARG D 42 -36.16 -42.47 -8.91
CA ARG D 42 -34.81 -42.20 -8.46
C ARG D 42 -34.20 -41.08 -9.29
N TYR D 43 -33.41 -40.24 -8.63
CA TYR D 43 -32.77 -39.11 -9.28
C TYR D 43 -31.45 -38.82 -8.59
N ARG D 44 -30.59 -38.06 -9.28
CA ARG D 44 -29.34 -37.61 -8.70
C ARG D 44 -28.97 -36.26 -9.30
N THR D 45 -27.95 -35.63 -8.72
CA THR D 45 -27.58 -34.26 -9.07
C THR D 45 -26.20 -34.23 -9.72
N VAL D 46 -26.03 -33.26 -10.62
CA VAL D 46 -24.77 -33.03 -11.32
C VAL D 46 -24.30 -31.61 -11.01
N HIS D 47 -23.06 -31.47 -10.59
CA HIS D 47 -22.45 -30.17 -10.32
C HIS D 47 -21.38 -29.89 -11.37
N THR D 48 -21.40 -28.68 -11.93
CA THR D 48 -20.49 -28.32 -13.01
C THR D 48 -19.91 -26.93 -12.76
N GLU D 49 -18.71 -26.72 -13.30
CA GLU D 49 -17.99 -25.45 -13.18
C GLU D 49 -17.74 -24.89 -14.57
N TRP D 50 -17.98 -23.59 -14.73
CA TRP D 50 -17.83 -22.90 -15.99
C TRP D 50 -16.89 -21.71 -15.84
N THR D 51 -16.22 -21.36 -16.95
CA THR D 51 -15.30 -20.24 -17.02
C THR D 51 -15.72 -19.32 -18.16
N GLN D 52 -15.59 -18.02 -17.94
CA GLN D 52 -15.97 -17.04 -18.96
C GLN D 52 -15.06 -15.82 -18.86
N ARG D 53 -14.91 -15.12 -19.98
CA ARG D 53 -14.12 -13.90 -20.04
C ARG D 53 -15.01 -12.69 -19.77
N ASP D 54 -14.50 -11.74 -18.99
CA ASP D 54 -15.23 -10.52 -18.66
C ASP D 54 -14.36 -9.34 -19.03
N LEU D 55 -14.78 -8.59 -20.06
CA LEU D 55 -14.01 -7.44 -20.52
C LEU D 55 -14.23 -6.22 -19.65
N GLU D 56 -15.38 -6.12 -18.98
CA GLU D 56 -15.60 -5.00 -18.07
C GLU D 56 -14.71 -5.10 -16.85
N ARG D 57 -14.65 -6.29 -16.23
CA ARG D 57 -13.72 -6.54 -15.15
C ARG D 57 -12.32 -6.86 -15.65
N MET D 58 -12.19 -7.24 -16.92
CA MET D 58 -10.90 -7.65 -17.50
C MET D 58 -10.32 -8.84 -16.73
N GLU D 59 -11.11 -9.89 -16.62
CA GLU D 59 -10.68 -11.06 -15.87
C GLU D 59 -11.46 -12.28 -16.30
N ASN D 60 -10.93 -13.45 -15.94
CA ASN D 60 -11.60 -14.73 -16.16
C ASN D 60 -12.39 -15.08 -14.91
N ILE D 61 -13.71 -15.19 -15.05
CA ILE D 61 -14.59 -15.47 -13.93
C ILE D 61 -15.02 -16.93 -14.00
N ARG D 62 -15.16 -17.54 -12.82
CA ARG D 62 -15.59 -18.93 -12.69
C ARG D 62 -16.89 -18.98 -11.90
N PHE D 63 -17.79 -19.89 -12.30
CA PHE D 63 -19.05 -20.04 -11.59
C PHE D 63 -19.47 -21.50 -11.61
N CYS D 64 -20.51 -21.80 -10.83
CA CYS D 64 -20.98 -23.17 -10.64
C CYS D 64 -22.46 -23.26 -10.96
N ARG D 65 -22.87 -24.41 -11.50
CA ARG D 65 -24.28 -24.67 -11.80
C ARG D 65 -24.60 -26.13 -11.54
N GLN D 66 -25.88 -26.39 -11.23
CA GLN D 66 -26.30 -27.72 -10.84
C GLN D 66 -27.53 -28.16 -11.62
N TYR D 67 -27.61 -29.45 -11.89
CA TYR D 67 -28.69 -30.03 -12.68
C TYR D 67 -29.20 -31.30 -11.99
N LEU D 68 -30.41 -31.70 -12.36
CA LEU D 68 -31.05 -32.90 -11.83
C LEU D 68 -31.33 -33.88 -12.96
N VAL D 69 -31.04 -35.16 -12.70
CA VAL D 69 -31.28 -36.24 -13.65
C VAL D 69 -32.15 -37.29 -12.99
N PHE D 70 -33.31 -37.56 -13.58
CA PHE D 70 -34.24 -38.58 -13.11
C PHE D 70 -34.10 -39.81 -13.98
N HIS D 71 -33.77 -40.95 -13.37
CA HIS D 71 -33.48 -42.15 -14.12
C HIS D 71 -34.19 -43.35 -13.49
N ASP D 72 -34.43 -44.36 -14.32
CA ASP D 72 -35.06 -45.61 -13.88
C ASP D 72 -34.27 -46.77 -14.48
N GLY D 73 -33.26 -47.23 -13.74
CA GLY D 73 -32.46 -48.36 -14.17
C GLY D 73 -31.22 -47.96 -14.96
N ASP D 74 -31.26 -48.16 -16.27
CA ASP D 74 -30.14 -47.85 -17.15
C ASP D 74 -30.59 -46.93 -18.28
N SER D 75 -31.46 -45.98 -17.96
CA SER D 75 -31.93 -45.01 -18.93
C SER D 75 -32.27 -43.72 -18.22
N VAL D 76 -32.27 -42.62 -18.98
CA VAL D 76 -32.57 -41.30 -18.44
C VAL D 76 -34.03 -40.97 -18.75
N VAL D 77 -34.83 -40.81 -17.70
CA VAL D 77 -36.24 -40.49 -17.87
C VAL D 77 -36.46 -38.99 -18.02
N PHE D 78 -35.70 -38.17 -17.29
CA PHE D 78 -35.88 -36.73 -17.36
C PHE D 78 -34.60 -36.04 -16.93
N ALA D 79 -34.45 -34.78 -17.34
CA ALA D 79 -33.31 -33.97 -16.93
C ALA D 79 -33.70 -32.51 -16.94
N GLY D 80 -33.17 -31.75 -15.99
CA GLY D 80 -33.49 -30.35 -15.88
C GLY D 80 -32.52 -29.56 -15.01
N PRO D 81 -32.71 -28.24 -14.96
CA PRO D 81 -31.87 -27.40 -14.11
C PRO D 81 -32.39 -27.32 -12.68
N ALA D 82 -31.49 -26.92 -11.78
CA ALA D 82 -31.79 -26.88 -10.36
C ALA D 82 -31.28 -25.60 -9.72
N GLY D 83 -31.55 -24.46 -10.35
CA GLY D 83 -31.23 -23.17 -9.78
C GLY D 83 -30.48 -22.29 -10.75
N ASN D 84 -29.94 -21.20 -10.20
CA ASN D 84 -29.20 -20.22 -10.97
C ASN D 84 -27.69 -20.43 -10.82
N SER D 85 -26.93 -19.68 -11.61
CA SER D 85 -25.48 -19.74 -11.52
C SER D 85 -24.98 -18.88 -10.36
N VAL D 86 -23.91 -19.34 -9.71
CA VAL D 86 -23.31 -18.66 -8.57
C VAL D 86 -21.83 -18.47 -8.85
N GLU D 87 -21.35 -17.23 -8.70
CA GLU D 87 -19.95 -16.93 -8.93
C GLU D 87 -19.14 -17.23 -7.66
N THR D 88 -17.94 -17.73 -7.86
CA THR D 88 -17.04 -18.09 -6.76
C THR D 88 -15.71 -17.36 -6.92
N ARG D 89 -14.96 -17.28 -5.82
CA ARG D 89 -13.66 -16.62 -5.84
C ARG D 89 -12.73 -17.29 -4.84
N GLY D 90 -11.48 -17.53 -5.27
CA GLY D 90 -10.43 -17.97 -4.38
C GLY D 90 -10.23 -19.45 -4.24
N GLU D 91 -11.09 -20.29 -4.83
CA GLU D 91 -10.95 -21.73 -4.69
C GLU D 91 -9.84 -22.26 -5.59
N LEU D 92 -8.93 -23.03 -5.00
CA LEU D 92 -7.81 -23.63 -5.72
C LEU D 92 -8.05 -25.10 -6.05
N LEU D 93 -8.61 -25.86 -5.11
CA LEU D 93 -8.91 -27.26 -5.30
C LEU D 93 -10.14 -27.64 -4.49
N SER D 94 -10.80 -28.72 -4.90
CA SER D 94 -11.97 -29.20 -4.18
C SER D 94 -12.15 -30.68 -4.49
N ARG D 95 -12.79 -31.39 -3.56
CA ARG D 95 -13.00 -32.82 -3.72
C ARG D 95 -14.15 -33.26 -2.81
N GLU D 96 -15.12 -33.96 -3.37
CA GLU D 96 -16.20 -34.53 -2.58
C GLU D 96 -15.77 -35.88 -2.02
N SER D 97 -16.28 -36.20 -0.84
CA SER D 97 -15.93 -37.45 -0.18
C SER D 97 -16.58 -38.63 -0.90
N PRO D 98 -16.06 -39.84 -0.70
CA PRO D 98 -16.60 -40.99 -1.43
C PRO D 98 -18.09 -41.22 -1.21
N SER D 99 -18.57 -41.02 0.01
CA SER D 99 -19.99 -41.20 0.30
C SER D 99 -20.85 -40.05 -0.19
N GLY D 100 -20.24 -38.92 -0.58
CA GLY D 100 -20.99 -37.79 -1.08
C GLY D 100 -21.62 -36.92 -0.03
N THR D 101 -21.30 -37.11 1.25
CA THR D 101 -21.91 -36.33 2.32
C THR D 101 -21.07 -35.13 2.74
N MET D 102 -19.79 -35.09 2.39
CA MET D 102 -18.90 -34.03 2.82
C MET D 102 -18.08 -33.52 1.64
N LYS D 103 -17.58 -32.30 1.78
CA LYS D 103 -16.78 -31.69 0.72
C LYS D 103 -15.56 -31.00 1.32
N ALA D 104 -14.43 -31.10 0.64
CA ALA D 104 -13.19 -30.50 1.08
C ALA D 104 -12.76 -29.43 0.08
N VAL D 105 -12.39 -28.26 0.59
CA VAL D 105 -12.07 -27.12 -0.27
C VAL D 105 -10.79 -26.45 0.20
N LEU D 106 -9.94 -26.09 -0.75
CA LEU D 106 -8.75 -25.30 -0.47
CA LEU D 106 -8.75 -25.29 -0.48
C LEU D 106 -8.97 -23.89 -1.03
N ARG D 107 -8.80 -22.88 -0.18
CA ARG D 107 -9.12 -21.51 -0.58
C ARG D 107 -7.98 -20.57 -0.23
N LYS D 108 -7.85 -19.52 -1.04
CA LYS D 108 -6.90 -18.44 -0.77
C LYS D 108 -7.69 -17.19 -0.40
N ALA D 109 -7.40 -16.64 0.77
CA ALA D 109 -8.10 -15.46 1.26
C ALA D 109 -7.23 -14.66 2.21
N GLU D 117 -2.54 -12.31 2.06
CA GLU D 117 -3.25 -13.50 1.61
C GLU D 117 -2.78 -14.74 2.37
N LYS D 118 -3.69 -15.69 2.57
CA LYS D 118 -3.39 -16.91 3.29
C LYS D 118 -4.14 -18.06 2.63
N GLN D 119 -3.77 -19.28 3.01
CA GLN D 119 -4.37 -20.49 2.48
C GLN D 119 -5.09 -21.25 3.59
N PHE D 120 -6.33 -21.64 3.33
CA PHE D 120 -7.17 -22.32 4.30
C PHE D 120 -7.71 -23.62 3.71
N LEU D 121 -7.91 -24.61 4.59
CA LEU D 121 -8.53 -25.87 4.21
C LEU D 121 -9.85 -26.01 4.97
N GLU D 122 -10.95 -26.17 4.24
CA GLU D 122 -12.29 -26.14 4.82
C GLU D 122 -13.01 -27.45 4.53
N VAL D 123 -13.87 -27.84 5.49
CA VAL D 123 -14.72 -29.02 5.36
C VAL D 123 -16.17 -28.57 5.47
N TRP D 124 -16.98 -28.96 4.49
CA TRP D 124 -18.38 -28.56 4.40
C TRP D 124 -19.28 -29.79 4.49
N GLU D 125 -20.39 -29.64 5.21
CA GLU D 125 -21.41 -30.68 5.29
C GLU D 125 -22.78 -30.01 5.36
N LYS D 126 -23.65 -30.36 4.42
CA LYS D 126 -24.98 -29.75 4.34
C LYS D 126 -24.90 -28.23 4.34
N ASN D 127 -25.52 -27.58 5.32
CA ASN D 127 -25.59 -26.13 5.37
C ASN D 127 -24.65 -25.53 6.42
N ARG D 128 -23.58 -26.23 6.78
CA ARG D 128 -22.62 -25.75 7.77
C ARG D 128 -21.21 -25.94 7.25
N LYS D 129 -20.31 -25.08 7.71
CA LYS D 129 -18.87 -25.29 7.56
C LYS D 129 -18.36 -25.95 8.83
N LEU D 130 -18.09 -27.25 8.76
CA LEU D 130 -17.77 -28.01 9.96
C LEU D 130 -16.44 -27.56 10.57
N LYS D 131 -15.39 -27.49 9.74
CA LYS D 131 -14.05 -27.20 10.24
CA LYS D 131 -14.07 -27.16 10.26
C LYS D 131 -13.30 -26.36 9.23
N SER D 132 -12.30 -25.62 9.72
CA SER D 132 -11.42 -24.81 8.90
C SER D 132 -10.04 -24.80 9.54
N PHE D 133 -9.01 -24.88 8.70
CA PHE D 133 -7.63 -25.00 9.16
C PHE D 133 -6.78 -23.95 8.46
N ASN D 134 -6.00 -23.21 9.25
CA ASN D 134 -5.09 -22.19 8.73
C ASN D 134 -3.72 -22.84 8.53
N LEU D 135 -3.41 -23.17 7.27
CA LEU D 135 -2.17 -23.89 6.99
C LEU D 135 -0.94 -22.98 7.17
N SER D 136 -1.08 -21.69 6.87
CA SER D 136 0.06 -20.79 7.02
C SER D 136 0.51 -20.67 8.47
N ALA D 137 -0.44 -20.62 9.40
CA ALA D 137 -0.08 -20.42 10.81
C ALA D 137 0.53 -21.67 11.42
N LEU D 138 0.15 -22.86 10.95
CA LEU D 138 0.71 -24.09 11.52
C LEU D 138 2.20 -24.21 11.20
N GLU D 139 2.63 -23.77 10.02
CA GLU D 139 4.04 -23.66 9.70
C GLU D 139 4.74 -25.02 9.67
N LYS D 140 4.17 -25.95 8.90
CA LYS D 140 4.79 -27.25 8.67
C LYS D 140 5.31 -27.41 7.25
N HIS D 141 4.96 -26.51 6.34
CA HIS D 141 5.36 -26.61 4.94
C HIS D 141 5.13 -25.24 4.30
N GLY D 142 5.31 -25.18 2.98
CA GLY D 142 5.10 -23.95 2.25
C GLY D 142 3.77 -23.93 1.54
N PRO D 143 3.70 -23.20 0.43
CA PRO D 143 2.44 -23.12 -0.31
C PRO D 143 2.03 -24.47 -0.89
N VAL D 144 0.72 -24.65 -1.02
CA VAL D 144 0.16 -25.90 -1.54
C VAL D 144 0.18 -25.88 -3.06
N TYR D 145 0.45 -27.05 -3.66
CA TYR D 145 0.46 -27.20 -5.10
C TYR D 145 -0.97 -27.34 -5.62
N GLU D 146 -1.32 -26.54 -6.64
CA GLU D 146 -2.66 -26.55 -7.21
C GLU D 146 -2.67 -26.88 -8.69
N ASP D 147 -1.51 -27.13 -9.30
CA ASP D 147 -1.44 -27.45 -10.71
C ASP D 147 -1.90 -28.89 -10.95
N ASP D 148 -1.86 -29.31 -12.21
CA ASP D 148 -2.25 -30.66 -12.59
C ASP D 148 -1.05 -31.55 -12.91
N CYS D 149 0.15 -31.13 -12.52
CA CYS D 149 1.35 -31.95 -12.65
C CYS D 149 1.68 -32.68 -11.35
N PHE D 150 1.66 -31.96 -10.22
CA PHE D 150 1.95 -32.51 -8.91
C PHE D 150 0.76 -32.48 -7.96
N GLY D 151 -0.05 -31.42 -8.02
CA GLY D 151 -1.06 -31.21 -6.99
C GLY D 151 -2.13 -32.27 -6.99
N CYS D 152 -2.69 -32.52 -5.81
CA CYS D 152 -3.75 -33.51 -5.63
C CYS D 152 -4.43 -33.25 -4.30
N LEU D 153 -5.61 -33.86 -4.13
CA LEU D 153 -6.38 -33.77 -2.89
C LEU D 153 -7.20 -35.04 -2.76
N SER D 154 -6.92 -35.85 -1.74
CA SER D 154 -7.50 -37.19 -1.67
C SER D 154 -8.09 -37.47 -0.29
N TRP D 155 -9.19 -38.20 -0.29
CA TRP D 155 -9.84 -38.70 0.92
C TRP D 155 -9.39 -40.13 1.20
N SER D 156 -9.32 -40.48 2.47
CA SER D 156 -9.11 -41.87 2.84
C SER D 156 -10.42 -42.64 2.80
N HIS D 157 -10.33 -43.96 2.69
CA HIS D 157 -11.52 -44.78 2.62
C HIS D 157 -12.36 -44.64 3.89
N SER D 158 -11.72 -44.59 5.04
CA SER D 158 -12.44 -44.36 6.29
C SER D 158 -13.06 -42.97 6.36
N GLU D 159 -12.55 -42.03 5.56
CA GLU D 159 -13.05 -40.65 5.53
C GLU D 159 -12.70 -39.88 6.80
N THR D 160 -11.55 -40.18 7.40
CA THR D 160 -11.08 -39.46 8.57
C THR D 160 -9.79 -38.68 8.33
N HIS D 161 -9.14 -38.88 7.19
CA HIS D 161 -7.87 -38.22 6.90
C HIS D 161 -7.88 -37.67 5.49
N LEU D 162 -7.11 -36.61 5.27
CA LEU D 162 -6.96 -36.00 3.95
C LEU D 162 -5.48 -36.00 3.55
N LEU D 163 -5.23 -36.07 2.25
CA LEU D 163 -3.88 -36.14 1.72
C LEU D 163 -3.69 -35.09 0.63
N TYR D 164 -2.55 -34.42 0.64
CA TYR D 164 -2.24 -33.42 -0.38
C TYR D 164 -0.73 -33.24 -0.49
N VAL D 165 -0.31 -32.30 -1.34
CA VAL D 165 1.10 -32.07 -1.65
C VAL D 165 1.41 -30.59 -1.44
N ALA D 166 2.58 -30.31 -0.87
CA ALA D 166 2.94 -28.93 -0.57
C ALA D 166 4.46 -28.74 -0.63
N ASP D 167 4.88 -27.49 -0.75
CA ASP D 167 6.29 -27.18 -0.87
C ASP D 167 7.03 -27.46 0.45
N LYS D 168 8.26 -27.94 0.32
CA LYS D 168 9.05 -28.34 1.47
C LYS D 168 9.50 -27.13 2.28
N LYS D 169 9.50 -27.28 3.60
CA LYS D 169 9.91 -26.19 4.48
C LYS D 169 11.40 -25.93 4.36
N ARG D 170 11.77 -24.64 4.37
CA ARG D 170 13.17 -24.23 4.27
C ARG D 170 13.65 -23.65 5.60
N PRO D 171 14.87 -23.96 6.01
CA PRO D 171 15.39 -23.40 7.28
C PRO D 171 15.49 -21.89 7.22
N LYS D 172 15.27 -21.26 8.37
CA LYS D 172 15.33 -19.81 8.46
C LYS D 172 16.77 -19.32 8.30
N ALA D 173 16.89 -18.08 7.82
CA ALA D 173 18.19 -17.45 7.60
C ALA D 173 18.11 -15.98 7.98
N GLU D 174 19.28 -15.36 8.15
CA GLU D 174 19.34 -13.97 8.55
C GLU D 174 20.67 -13.37 8.12
N SER D 175 20.72 -12.04 8.16
CA SER D 175 21.91 -11.30 7.77
C SER D 175 23.00 -11.39 8.83
N PHE D 176 24.25 -11.17 8.40
CA PHE D 176 25.38 -11.11 9.32
C PHE D 176 25.36 -9.88 10.22
N PHE D 177 24.50 -8.90 9.92
CA PHE D 177 24.49 -7.62 10.62
C PHE D 177 23.12 -7.30 11.17
N GLN D 178 22.42 -8.31 11.70
CA GLN D 178 21.08 -8.13 12.23
C GLN D 178 21.15 -7.75 13.70
N THR D 179 20.42 -6.69 14.06
CA THR D 179 20.38 -6.23 15.44
C THR D 179 19.41 -7.08 16.26
N LYS D 180 19.87 -7.54 17.42
CA LYS D 180 19.09 -8.42 18.28
C LYS D 180 18.58 -7.66 19.49
N ALA D 181 17.38 -8.04 19.94
CA ALA D 181 16.79 -7.39 21.11
C ALA D 181 17.68 -7.60 22.34
N LEU D 182 17.84 -6.54 23.11
CA LEU D 182 18.67 -6.59 24.31
C LEU D 182 17.94 -7.26 25.47
N ALA D 200 18.33 -19.65 13.21
CA ALA D 200 18.61 -18.87 12.01
C ALA D 200 20.06 -19.02 11.59
N ILE D 201 20.28 -19.25 10.30
CA ILE D 201 21.63 -19.44 9.75
C ILE D 201 22.07 -18.14 9.09
N LYS D 202 23.27 -17.69 9.43
CA LYS D 202 23.79 -16.43 8.90
C LYS D 202 24.39 -16.65 7.51
N GLY D 203 24.06 -15.76 6.59
CA GLY D 203 24.65 -15.77 5.26
C GLY D 203 24.00 -16.67 4.24
N ASP D 204 22.82 -17.22 4.53
CA ASP D 204 22.13 -18.11 3.61
C ASP D 204 20.82 -17.52 3.09
N GLN D 205 20.70 -16.19 3.08
CA GLN D 205 19.45 -15.57 2.64
C GLN D 205 19.23 -15.71 1.14
N PHE D 206 20.29 -15.70 0.35
CA PHE D 206 20.19 -15.69 -1.11
C PHE D 206 20.72 -16.98 -1.72
N LEU D 207 20.51 -18.10 -1.03
CA LEU D 207 20.86 -19.40 -1.60
C LEU D 207 19.93 -19.74 -2.76
N PHE D 208 20.50 -20.35 -3.80
CA PHE D 208 19.75 -20.64 -5.01
C PHE D 208 18.92 -21.91 -4.85
N TYR D 209 17.64 -21.82 -5.20
CA TYR D 209 16.73 -22.97 -5.23
C TYR D 209 16.18 -23.10 -6.65
N GLU D 210 16.47 -24.22 -7.30
CA GLU D 210 16.10 -24.42 -8.70
C GLU D 210 14.65 -24.92 -8.79
N ASP D 211 13.90 -24.34 -9.71
CA ASP D 211 12.50 -24.71 -9.90
C ASP D 211 12.32 -25.54 -11.17
N TRP D 212 11.06 -25.88 -11.46
CA TRP D 212 10.74 -26.87 -12.49
C TRP D 212 10.42 -26.23 -13.85
N GLY D 213 10.57 -24.92 -13.99
CA GLY D 213 10.50 -24.31 -15.31
C GLY D 213 9.30 -23.45 -15.62
N GLU D 214 8.90 -23.44 -16.90
CA GLU D 214 7.84 -22.56 -17.37
C GLU D 214 6.54 -22.81 -16.61
N ASN D 215 5.90 -21.72 -16.18
CA ASN D 215 4.63 -21.78 -15.45
C ASN D 215 4.75 -22.61 -14.17
N MET D 216 5.96 -22.70 -13.63
CA MET D 216 6.22 -23.43 -12.39
C MET D 216 7.16 -22.63 -11.50
N VAL D 217 6.94 -21.32 -11.42
CA VAL D 217 7.87 -20.45 -10.72
C VAL D 217 7.85 -20.74 -9.23
N SER D 218 9.04 -20.88 -8.64
CA SER D 218 9.25 -21.03 -7.21
C SER D 218 8.86 -22.40 -6.67
N LYS D 219 8.57 -23.37 -7.54
CA LYS D 219 8.25 -24.73 -7.11
C LYS D 219 9.48 -25.60 -7.30
N SER D 220 10.10 -26.01 -6.19
CA SER D 220 11.37 -26.72 -6.22
C SER D 220 11.25 -28.15 -5.74
N THR D 221 10.74 -28.38 -4.53
CA THR D 221 10.67 -29.74 -3.99
C THR D 221 9.37 -29.97 -3.25
N PRO D 222 8.45 -30.77 -3.81
CA PRO D 222 7.19 -31.07 -3.11
C PRO D 222 7.36 -32.18 -2.09
N VAL D 223 6.42 -32.23 -1.15
CA VAL D 223 6.34 -33.25 -0.13
C VAL D 223 4.87 -33.62 0.11
N LEU D 224 4.67 -34.81 0.65
CA LEU D 224 3.33 -35.35 0.91
C LEU D 224 2.90 -35.01 2.33
N CYS D 225 1.69 -34.49 2.47
CA CYS D 225 1.16 -34.05 3.77
C CYS D 225 -0.16 -34.77 4.04
N VAL D 226 -0.31 -35.26 5.27
CA VAL D 226 -1.50 -35.96 5.72
C VAL D 226 -2.09 -35.21 6.90
N LEU D 227 -3.39 -34.93 6.85
CA LEU D 227 -4.08 -34.16 7.86
C LEU D 227 -5.17 -35.01 8.49
N ASP D 228 -5.21 -35.02 9.82
CA ASP D 228 -6.24 -35.70 10.60
C ASP D 228 -7.34 -34.69 10.92
N ILE D 229 -8.57 -34.98 10.48
CA ILE D 229 -9.65 -34.00 10.62
C ILE D 229 -10.07 -33.86 12.07
N GLU D 230 -10.16 -34.98 12.81
CA GLU D 230 -10.66 -34.92 14.17
C GLU D 230 -9.76 -34.07 15.07
N SER D 231 -8.45 -34.27 14.98
CA SER D 231 -7.53 -33.58 15.86
C SER D 231 -6.93 -32.32 15.24
N GLY D 232 -6.84 -32.25 13.92
CA GLY D 232 -6.23 -31.10 13.27
C GLY D 232 -4.72 -31.14 13.20
N ASN D 233 -4.12 -32.31 13.40
CA ASN D 233 -2.67 -32.46 13.33
C ASN D 233 -2.23 -32.76 11.90
N ILE D 234 -1.07 -32.25 11.53
CA ILE D 234 -0.52 -32.42 10.19
C ILE D 234 0.79 -33.18 10.30
N SER D 235 0.98 -34.18 9.43
CA SER D 235 2.20 -34.97 9.40
C SER D 235 2.77 -34.98 7.99
N VAL D 236 4.11 -34.96 7.92
CA VAL D 236 4.82 -35.03 6.65
C VAL D 236 5.43 -36.42 6.56
N LEU D 237 5.03 -37.17 5.53
CA LEU D 237 5.42 -38.57 5.42
C LEU D 237 6.93 -38.70 5.25
N GLU D 238 7.49 -39.76 5.84
CA GLU D 238 8.89 -40.10 5.72
C GLU D 238 9.07 -41.30 4.79
N GLY D 239 10.29 -41.44 4.28
CA GLY D 239 10.64 -42.56 3.44
C GLY D 239 10.65 -42.30 1.95
N VAL D 240 10.37 -41.07 1.53
CA VAL D 240 10.42 -40.74 0.10
C VAL D 240 11.88 -40.61 -0.32
N PRO D 241 12.30 -41.25 -1.41
CA PRO D 241 13.71 -41.15 -1.83
C PRO D 241 14.11 -39.70 -2.05
N GLU D 242 15.33 -39.38 -1.64
CA GLU D 242 15.81 -37.99 -1.68
C GLU D 242 16.03 -37.48 -3.10
N SER D 243 16.03 -38.34 -4.10
CA SER D 243 16.31 -37.94 -5.47
C SER D 243 15.06 -37.78 -6.33
N VAL D 244 13.86 -37.86 -5.75
CA VAL D 244 12.64 -37.79 -6.53
C VAL D 244 11.71 -36.74 -5.95
N SER D 245 10.83 -36.23 -6.80
CA SER D 245 9.74 -35.34 -6.42
C SER D 245 8.43 -36.09 -6.53
N PRO D 246 7.66 -36.22 -5.46
CA PRO D 246 6.43 -37.00 -5.50
C PRO D 246 5.22 -36.20 -5.99
N GLY D 247 4.24 -36.92 -6.50
CA GLY D 247 3.00 -36.29 -6.94
C GLY D 247 1.95 -37.32 -7.29
N GLN D 248 0.76 -36.81 -7.60
CA GLN D 248 -0.36 -37.61 -8.08
C GLN D 248 -0.59 -38.84 -7.19
N ALA D 249 -0.78 -38.59 -5.90
CA ALA D 249 -0.87 -39.65 -4.89
C ALA D 249 -2.32 -39.95 -4.53
N PHE D 250 -2.53 -41.19 -4.08
CA PHE D 250 -3.84 -41.60 -3.58
C PHE D 250 -3.64 -42.66 -2.51
N TRP D 251 -4.73 -42.99 -1.81
CA TRP D 251 -4.69 -43.91 -0.69
C TRP D 251 -4.71 -45.35 -1.19
N ALA D 252 -3.84 -46.18 -0.62
CA ALA D 252 -3.78 -47.59 -0.98
C ALA D 252 -4.93 -48.35 -0.33
N PRO D 253 -5.24 -49.55 -0.82
CA PRO D 253 -6.33 -50.33 -0.23
C PRO D 253 -6.09 -50.57 1.25
N GLY D 254 -7.14 -50.38 2.04
CA GLY D 254 -7.07 -50.55 3.48
C GLY D 254 -6.45 -49.38 4.23
N ASP D 255 -6.05 -48.32 3.55
CA ASP D 255 -5.43 -47.15 4.18
C ASP D 255 -4.11 -47.51 4.85
N THR D 256 -3.44 -48.56 4.37
CA THR D 256 -2.16 -48.94 4.96
C THR D 256 -1.03 -48.02 4.52
N GLY D 257 -1.18 -47.33 3.40
CA GLY D 257 -0.12 -46.50 2.90
C GLY D 257 -0.57 -45.61 1.77
N VAL D 258 0.40 -45.09 1.03
CA VAL D 258 0.14 -44.13 -0.04
C VAL D 258 0.92 -44.56 -1.29
N VAL D 259 0.27 -44.44 -2.45
CA VAL D 259 0.88 -44.71 -3.74
C VAL D 259 1.05 -43.38 -4.47
N PHE D 260 2.21 -43.18 -5.09
CA PHE D 260 2.50 -41.92 -5.73
C PHE D 260 3.44 -42.13 -6.91
N VAL D 261 3.65 -41.05 -7.68
CA VAL D 261 4.57 -41.04 -8.80
C VAL D 261 5.74 -40.13 -8.45
N GLY D 262 6.96 -40.65 -8.59
CA GLY D 262 8.16 -39.90 -8.28
C GLY D 262 8.93 -39.57 -9.55
N TRP D 263 9.23 -38.29 -9.72
CA TRP D 263 9.97 -37.79 -10.88
C TRP D 263 11.42 -37.54 -10.48
N TRP D 264 12.35 -38.08 -11.27
CA TRP D 264 13.77 -37.96 -10.96
C TRP D 264 14.27 -36.56 -11.28
N HIS D 265 14.93 -35.93 -10.31
CA HIS D 265 15.41 -34.56 -10.47
C HIS D 265 16.92 -34.43 -10.25
N GLU D 266 17.68 -35.42 -10.71
CA GLU D 266 19.14 -35.34 -10.68
C GLU D 266 19.69 -35.56 -12.07
N PRO D 267 20.77 -34.86 -12.46
CA PRO D 267 21.47 -33.87 -11.64
C PRO D 267 20.81 -32.48 -11.62
N PHE D 268 19.85 -32.23 -12.52
CA PHE D 268 19.10 -30.99 -12.49
C PHE D 268 17.76 -31.21 -13.17
N ARG D 269 16.86 -30.24 -12.98
CA ARG D 269 15.48 -30.34 -13.42
C ARG D 269 15.32 -29.85 -14.85
N LEU D 270 14.59 -30.61 -15.66
CA LEU D 270 14.16 -30.19 -16.98
C LEU D 270 12.69 -29.82 -16.94
N GLY D 271 12.30 -28.85 -17.75
CA GLY D 271 10.92 -28.38 -17.77
C GLY D 271 9.92 -29.51 -17.88
N ILE D 272 8.94 -29.54 -16.99
CA ILE D 272 8.03 -30.68 -16.85
C ILE D 272 6.68 -30.42 -17.49
N ARG D 273 6.18 -29.19 -17.42
CA ARG D 273 4.85 -28.91 -17.94
C ARG D 273 4.80 -29.06 -19.45
N PHE D 274 3.72 -29.65 -19.94
CA PHE D 274 3.48 -29.87 -21.37
C PHE D 274 4.46 -30.88 -21.98
N CYS D 275 5.09 -31.71 -21.16
CA CYS D 275 5.97 -32.76 -21.64
C CYS D 275 5.61 -34.08 -20.94
N THR D 276 5.74 -35.18 -21.67
CA THR D 276 5.45 -36.50 -21.13
C THR D 276 6.66 -37.43 -21.22
N ASN D 277 7.86 -36.88 -21.42
CA ASN D 277 9.06 -37.68 -21.58
C ASN D 277 10.05 -37.51 -20.42
N ARG D 278 9.55 -37.17 -19.23
CA ARG D 278 10.40 -37.03 -18.06
C ARG D 278 10.44 -38.34 -17.27
N ARG D 279 11.64 -38.81 -16.98
CA ARG D 279 11.80 -40.09 -16.31
C ARG D 279 11.17 -40.08 -14.92
N SER D 280 10.39 -41.11 -14.62
CA SER D 280 9.68 -41.19 -13.35
C SER D 280 9.26 -42.64 -13.11
N ALA D 281 8.78 -42.91 -11.90
CA ALA D 281 8.40 -44.26 -11.51
C ALA D 281 7.24 -44.21 -10.52
N LEU D 282 6.71 -45.38 -10.20
CA LEU D 282 5.56 -45.55 -9.32
C LEU D 282 6.01 -46.19 -8.02
N TYR D 283 5.67 -45.56 -6.88
CA TYR D 283 6.15 -45.99 -5.58
C TYR D 283 4.99 -46.18 -4.61
N TYR D 284 5.22 -47.01 -3.60
CA TYR D 284 4.29 -47.21 -2.49
C TYR D 284 5.04 -47.05 -1.18
N VAL D 285 4.50 -46.25 -0.27
CA VAL D 285 5.16 -45.93 0.99
C VAL D 285 4.19 -46.14 2.15
N ASP D 286 4.69 -46.75 3.22
CA ASP D 286 3.87 -46.98 4.40
C ASP D 286 3.58 -45.66 5.13
N LEU D 287 2.49 -45.66 5.90
CA LEU D 287 2.11 -44.46 6.63
C LEU D 287 3.06 -44.15 7.78
N THR D 288 3.77 -45.15 8.31
CA THR D 288 4.74 -44.94 9.36
C THR D 288 5.81 -46.03 9.27
N GLY D 289 7.06 -45.63 9.50
CA GLY D 289 8.16 -46.56 9.40
C GLY D 289 9.18 -46.18 8.34
N GLY D 290 8.69 -45.60 7.24
CA GLY D 290 9.54 -45.14 6.18
C GLY D 290 9.89 -46.17 5.13
N LYS D 291 9.30 -47.35 5.18
CA LYS D 291 9.56 -48.38 4.17
C LYS D 291 8.93 -47.99 2.84
N CYS D 292 9.69 -48.12 1.77
CA CYS D 292 9.25 -47.75 0.43
C CYS D 292 9.50 -48.88 -0.55
N GLU D 293 8.57 -49.09 -1.47
CA GLU D 293 8.65 -50.15 -2.45
C GLU D 293 8.37 -49.61 -3.85
N LEU D 294 9.02 -50.23 -4.83
CA LEU D 294 8.90 -49.84 -6.23
C LEU D 294 7.95 -50.79 -6.95
N LEU D 295 6.94 -50.22 -7.61
CA LEU D 295 5.88 -51.00 -8.24
C LEU D 295 6.05 -51.16 -9.74
N SER D 296 6.86 -50.33 -10.40
CA SER D 296 7.00 -50.36 -11.84
C SER D 296 8.47 -50.25 -12.22
N ASP D 297 8.74 -50.17 -13.53
CA ASP D 297 10.09 -50.01 -14.04
C ASP D 297 10.56 -48.57 -13.86
N GLU D 298 11.87 -48.41 -13.76
CA GLU D 298 12.47 -47.11 -13.46
C GLU D 298 13.30 -46.55 -14.62
N SER D 299 13.06 -47.00 -15.84
CA SER D 299 13.82 -46.55 -17.00
C SER D 299 13.01 -45.72 -17.98
N VAL D 300 11.69 -45.64 -17.80
CA VAL D 300 10.82 -44.94 -18.76
C VAL D 300 9.95 -43.95 -18.00
N ALA D 301 8.98 -43.35 -18.68
CA ALA D 301 8.06 -42.41 -18.06
C ALA D 301 6.73 -43.08 -17.77
N VAL D 302 6.14 -42.77 -16.63
CA VAL D 302 4.82 -43.28 -16.26
C VAL D 302 4.00 -42.14 -15.69
N THR D 303 2.67 -42.29 -15.75
CA THR D 303 1.80 -41.23 -15.25
C THR D 303 0.36 -41.73 -15.12
N SER D 304 -0.43 -40.94 -14.41
CA SER D 304 -1.88 -41.09 -14.34
C SER D 304 -2.35 -42.45 -13.82
N PRO D 305 -2.07 -42.78 -12.57
CA PRO D 305 -2.58 -44.02 -11.99
C PRO D 305 -3.98 -43.85 -11.42
N ARG D 306 -4.78 -44.91 -11.56
CA ARG D 306 -6.17 -44.91 -11.10
C ARG D 306 -6.50 -46.27 -10.50
N LEU D 307 -6.95 -46.28 -9.25
CA LEU D 307 -7.33 -47.51 -8.58
C LEU D 307 -8.78 -47.87 -8.89
N SER D 308 -9.05 -49.16 -9.04
CA SER D 308 -10.36 -49.63 -9.46
C SER D 308 -11.37 -49.56 -8.31
N PRO D 309 -12.66 -49.54 -8.64
CA PRO D 309 -13.68 -49.41 -7.58
C PRO D 309 -13.65 -50.54 -6.56
N ASP D 310 -13.27 -51.75 -6.95
CA ASP D 310 -13.19 -52.85 -6.01
C ASP D 310 -11.83 -52.94 -5.31
N GLN D 311 -10.91 -52.03 -5.61
CA GLN D 311 -9.65 -51.91 -4.89
C GLN D 311 -8.74 -53.12 -5.12
N CYS D 312 -8.68 -53.59 -6.36
CA CYS D 312 -7.88 -54.76 -6.71
C CYS D 312 -6.81 -54.52 -7.76
N ARG D 313 -6.92 -53.48 -8.58
CA ARG D 313 -5.99 -53.29 -9.68
C ARG D 313 -5.84 -51.81 -10.00
N ILE D 314 -4.74 -51.48 -10.68
CA ILE D 314 -4.40 -50.10 -11.01
C ILE D 314 -4.03 -50.02 -12.48
N VAL D 315 -4.55 -49.03 -13.19
CA VAL D 315 -4.18 -48.76 -14.57
C VAL D 315 -3.37 -47.48 -14.63
N TYR D 316 -2.45 -47.41 -15.58
CA TYR D 316 -1.67 -46.18 -15.76
C TYR D 316 -1.14 -46.13 -17.19
N LEU D 317 -0.54 -44.98 -17.53
CA LEU D 317 0.02 -44.74 -18.85
C LEU D 317 1.54 -44.80 -18.79
N ARG D 318 2.14 -45.49 -19.76
CA ARG D 318 3.59 -45.64 -19.82
C ARG D 318 4.10 -45.18 -21.18
N PHE D 319 5.15 -44.36 -21.16
CA PHE D 319 5.86 -43.93 -22.36
C PHE D 319 7.26 -44.50 -22.30
N PRO D 320 7.65 -45.36 -23.25
CA PRO D 320 8.91 -46.10 -23.16
C PRO D 320 10.11 -45.43 -23.81
N SER D 321 10.00 -44.18 -24.24
CA SER D 321 11.11 -43.44 -24.81
C SER D 321 11.11 -42.03 -24.25
N LEU D 322 12.30 -41.50 -23.98
CA LEU D 322 12.45 -40.16 -23.44
C LEU D 322 12.83 -39.13 -24.50
N VAL D 323 12.91 -39.53 -25.77
CA VAL D 323 13.39 -38.64 -26.83
C VAL D 323 12.36 -37.57 -27.15
N PRO D 324 11.20 -37.90 -27.74
CA PRO D 324 10.26 -36.87 -28.16
C PRO D 324 9.41 -36.34 -27.02
N HIS D 325 9.12 -35.04 -27.09
CA HIS D 325 8.36 -34.40 -26.03
C HIS D 325 6.90 -34.85 -25.99
N GLN D 326 6.41 -35.49 -27.05
CA GLN D 326 5.10 -36.11 -27.04
C GLN D 326 5.10 -37.26 -28.04
N GLN D 327 4.33 -38.29 -27.75
CA GLN D 327 4.33 -39.50 -28.56
C GLN D 327 3.14 -40.37 -28.19
N CYS D 328 3.04 -41.52 -28.86
CA CYS D 328 2.00 -42.49 -28.57
C CYS D 328 2.38 -43.30 -27.34
N GLY D 329 1.42 -43.54 -26.45
CA GLY D 329 1.67 -44.18 -25.18
C GLY D 329 1.00 -45.55 -25.06
N GLN D 330 1.41 -46.28 -24.03
CA GLN D 330 0.87 -47.59 -23.72
C GLN D 330 -0.01 -47.51 -22.48
N LEU D 331 -1.05 -48.35 -22.47
CA LEU D 331 -1.92 -48.49 -21.31
C LEU D 331 -1.57 -49.79 -20.61
N CYS D 332 -1.19 -49.69 -19.33
CA CYS D 332 -0.67 -50.81 -18.56
C CYS D 332 -1.48 -51.02 -17.30
N LEU D 333 -1.48 -52.27 -16.81
CA LEU D 333 -2.27 -52.70 -15.67
C LEU D 333 -1.39 -53.42 -14.65
N TYR D 334 -1.67 -53.20 -13.37
CA TYR D 334 -0.95 -53.81 -12.26
C TYR D 334 -1.95 -54.41 -11.30
N ASP D 335 -1.67 -55.64 -10.84
CA ASP D 335 -2.56 -56.37 -9.94
C ASP D 335 -2.00 -56.30 -8.53
N TRP D 336 -2.84 -55.88 -7.58
CA TRP D 336 -2.36 -55.59 -6.23
C TRP D 336 -1.99 -56.86 -5.47
N TYR D 337 -2.81 -57.91 -5.60
CA TYR D 337 -2.63 -59.09 -4.76
C TYR D 337 -1.72 -60.15 -5.37
N THR D 338 -1.57 -60.16 -6.69
CA THR D 338 -0.64 -61.08 -7.33
C THR D 338 0.68 -60.42 -7.74
N ARG D 339 0.68 -59.09 -7.90
CA ARG D 339 1.88 -58.33 -8.21
C ARG D 339 2.36 -58.56 -9.65
N VAL D 340 1.43 -58.88 -10.55
CA VAL D 340 1.75 -59.13 -11.95
C VAL D 340 1.36 -57.90 -12.75
N THR D 341 2.26 -57.46 -13.64
CA THR D 341 2.02 -56.32 -14.50
C THR D 341 1.92 -56.78 -15.95
N SER D 342 0.99 -56.18 -16.70
CA SER D 342 0.77 -56.56 -18.09
C SER D 342 0.47 -55.31 -18.90
N VAL D 343 0.70 -55.41 -20.21
CA VAL D 343 0.41 -54.33 -21.13
C VAL D 343 -0.97 -54.58 -21.73
N VAL D 344 -1.88 -53.63 -21.53
CA VAL D 344 -3.23 -53.76 -22.07
C VAL D 344 -3.31 -53.22 -23.49
N VAL D 345 -2.79 -52.01 -23.72
CA VAL D 345 -2.82 -51.40 -25.05
C VAL D 345 -1.40 -50.98 -25.42
N ASP D 346 -0.95 -51.41 -26.59
CA ASP D 346 0.43 -51.23 -27.06
C ASP D 346 0.49 -50.14 -28.13
N ILE D 347 1.71 -49.88 -28.60
CA ILE D 347 1.93 -48.81 -29.58
C ILE D 347 1.30 -49.19 -30.91
N VAL D 348 0.82 -48.18 -31.63
CA VAL D 348 0.20 -48.34 -32.94
C VAL D 348 1.08 -47.67 -33.98
N PRO D 349 1.71 -48.41 -34.89
CA PRO D 349 2.60 -47.77 -35.89
C PRO D 349 1.86 -46.85 -36.85
N ARG D 350 0.83 -47.35 -37.52
CA ARG D 350 0.04 -46.53 -38.45
C ARG D 350 -1.42 -46.43 -38.03
N GLN D 351 -2.11 -47.55 -37.84
CA GLN D 351 -3.52 -47.52 -37.48
C GLN D 351 -3.97 -48.93 -37.12
N LEU D 352 -5.06 -49.00 -36.35
CA LEU D 352 -5.68 -50.25 -35.94
C LEU D 352 -7.16 -50.12 -36.26
N GLY D 353 -7.53 -50.48 -37.49
CA GLY D 353 -8.86 -50.22 -37.97
C GLY D 353 -9.01 -48.79 -38.45
N GLU D 354 -10.25 -48.43 -38.77
CA GLU D 354 -10.56 -47.12 -39.31
C GLU D 354 -10.96 -46.11 -38.25
N ASP D 355 -10.91 -46.46 -36.97
CA ASP D 355 -11.35 -45.58 -35.90
C ASP D 355 -10.33 -45.30 -34.82
N PHE D 356 -9.23 -46.07 -34.76
CA PHE D 356 -8.25 -45.92 -33.69
C PHE D 356 -6.85 -45.81 -34.27
N SER D 357 -6.04 -44.93 -33.68
CA SER D 357 -4.67 -44.72 -34.12
C SER D 357 -3.68 -44.65 -32.98
N GLY D 358 -4.11 -44.87 -31.74
CA GLY D 358 -3.23 -44.83 -30.59
C GLY D 358 -3.75 -43.90 -29.51
N ILE D 359 -3.02 -43.89 -28.40
CA ILE D 359 -3.35 -43.08 -27.23
C ILE D 359 -2.44 -41.86 -27.22
N TYR D 360 -3.03 -40.67 -27.16
CA TYR D 360 -2.26 -39.44 -27.21
C TYR D 360 -2.67 -38.44 -26.13
N CYS D 361 -3.42 -38.87 -25.12
CA CYS D 361 -3.76 -38.00 -24.00
C CYS D 361 -2.72 -38.15 -22.90
N SER D 362 -2.46 -37.04 -22.20
CA SER D 362 -1.47 -37.04 -21.13
C SER D 362 -2.06 -37.35 -19.76
N LEU D 363 -3.38 -37.42 -19.64
CA LEU D 363 -4.01 -37.74 -18.36
C LEU D 363 -5.35 -38.40 -18.61
N LEU D 364 -5.62 -39.49 -17.88
CA LEU D 364 -6.93 -40.09 -17.90
C LEU D 364 -7.89 -39.29 -17.04
N PRO D 365 -9.20 -39.46 -17.24
CA PRO D 365 -10.17 -38.79 -16.37
C PRO D 365 -10.03 -39.27 -14.93
N LEU D 366 -10.34 -38.38 -13.99
CA LEU D 366 -10.19 -38.72 -12.58
C LEU D 366 -11.06 -39.92 -12.21
N GLY D 367 -12.30 -39.95 -12.71
CA GLY D 367 -13.12 -41.15 -12.60
C GLY D 367 -13.26 -41.82 -13.95
N CYS D 368 -12.58 -42.96 -14.14
CA CYS D 368 -12.48 -43.57 -15.46
C CYS D 368 -12.86 -45.05 -15.49
N TRP D 369 -13.15 -45.67 -14.35
CA TRP D 369 -13.50 -47.09 -14.32
C TRP D 369 -15.01 -47.27 -14.49
N SER D 370 -15.39 -48.40 -15.07
CA SER D 370 -16.79 -48.79 -15.10
C SER D 370 -17.15 -49.47 -13.78
N ALA D 371 -18.46 -49.61 -13.55
CA ALA D 371 -18.94 -50.19 -12.30
C ALA D 371 -18.49 -51.63 -12.11
N ASP D 372 -18.22 -52.36 -13.20
CA ASP D 372 -17.82 -53.75 -13.11
C ASP D 372 -16.34 -53.94 -12.81
N SER D 373 -15.55 -52.85 -12.78
CA SER D 373 -14.12 -52.93 -12.52
C SER D 373 -13.38 -53.69 -13.61
N GLN D 374 -13.91 -53.67 -14.83
CA GLN D 374 -13.32 -54.40 -15.95
C GLN D 374 -13.06 -53.56 -17.18
N ARG D 375 -13.70 -52.40 -17.34
CA ARG D 375 -13.52 -51.57 -18.51
C ARG D 375 -13.10 -50.16 -18.10
N VAL D 376 -12.40 -49.48 -19.01
CA VAL D 376 -11.90 -48.13 -18.79
C VAL D 376 -12.33 -47.26 -19.96
N VAL D 377 -12.76 -46.03 -19.66
CA VAL D 377 -13.26 -45.10 -20.67
C VAL D 377 -12.37 -43.86 -20.67
N PHE D 378 -12.01 -43.39 -21.86
CA PHE D 378 -11.17 -42.21 -21.97
C PHE D 378 -11.43 -41.55 -23.32
N ASP D 379 -10.71 -40.46 -23.59
CA ASP D 379 -10.81 -39.73 -24.84
C ASP D 379 -9.43 -39.45 -25.40
N SER D 380 -9.34 -39.39 -26.73
CA SER D 380 -8.05 -39.24 -27.38
C SER D 380 -8.23 -38.64 -28.75
N PRO D 381 -7.24 -37.88 -29.25
CA PRO D 381 -7.28 -37.44 -30.64
C PRO D 381 -7.22 -38.63 -31.60
N GLN D 382 -7.92 -38.49 -32.72
CA GLN D 382 -7.98 -39.50 -33.77
C GLN D 382 -7.96 -38.74 -35.10
N ARG D 383 -6.78 -38.70 -35.72
CA ARG D 383 -6.56 -37.87 -36.90
C ARG D 383 -6.90 -36.41 -36.58
N SER D 384 -7.95 -35.87 -37.20
CA SER D 384 -8.35 -34.50 -36.96
C SER D 384 -9.54 -34.36 -36.02
N ARG D 385 -9.99 -35.45 -35.41
CA ARG D 385 -11.08 -35.42 -34.45
C ARG D 385 -10.55 -35.73 -33.05
N GLN D 386 -11.45 -35.65 -32.07
CA GLN D 386 -11.16 -36.14 -30.72
C GLN D 386 -12.33 -37.02 -30.30
N ASP D 387 -12.07 -38.30 -30.09
CA ASP D 387 -13.13 -39.28 -29.87
C ASP D 387 -13.04 -39.89 -28.48
N LEU D 388 -14.08 -40.65 -28.14
CA LEU D 388 -14.17 -41.36 -26.87
C LEU D 388 -14.05 -42.86 -27.12
N PHE D 389 -13.29 -43.54 -26.27
CA PHE D 389 -12.99 -44.95 -26.42
C PHE D 389 -13.23 -45.69 -25.12
N ALA D 390 -13.59 -46.97 -25.25
CA ALA D 390 -13.75 -47.88 -24.14
C ALA D 390 -12.87 -49.11 -24.37
N VAL D 391 -12.13 -49.51 -23.34
CA VAL D 391 -11.14 -50.56 -23.44
C VAL D 391 -11.41 -51.60 -22.36
N ASP D 392 -11.42 -52.88 -22.74
CA ASP D 392 -11.56 -53.99 -21.81
C ASP D 392 -10.18 -54.42 -21.34
N THR D 393 -9.98 -54.45 -20.02
CA THR D 393 -8.66 -54.72 -19.47
C THR D 393 -8.31 -56.20 -19.44
N GLN D 394 -9.23 -57.08 -19.79
CA GLN D 394 -8.96 -58.52 -19.81
C GLN D 394 -8.62 -59.04 -21.21
N MET D 395 -9.25 -58.49 -22.26
CA MET D 395 -8.99 -58.94 -23.62
C MET D 395 -8.22 -57.93 -24.46
N GLY D 396 -8.20 -56.65 -24.06
CA GLY D 396 -7.45 -55.65 -24.79
C GLY D 396 -8.17 -55.03 -25.97
N SER D 397 -9.46 -55.28 -26.13
CA SER D 397 -10.22 -54.72 -27.24
C SER D 397 -10.49 -53.23 -27.02
N VAL D 398 -10.48 -52.47 -28.11
CA VAL D 398 -10.72 -51.03 -28.08
C VAL D 398 -11.96 -50.76 -28.93
N THR D 399 -12.94 -50.05 -28.36
CA THR D 399 -14.18 -49.75 -29.06
C THR D 399 -14.42 -48.25 -29.04
N SER D 400 -14.77 -47.70 -30.20
CA SER D 400 -15.07 -46.27 -30.33
C SER D 400 -16.55 -46.02 -30.10
N LEU D 401 -16.85 -45.07 -29.22
CA LEU D 401 -18.23 -44.75 -28.87
C LEU D 401 -18.83 -43.65 -29.75
N THR D 402 -18.00 -42.90 -30.48
CA THR D 402 -18.47 -41.76 -31.25
C THR D 402 -18.02 -41.84 -32.70
N ALA D 403 -17.78 -43.05 -33.22
CA ALA D 403 -17.30 -43.20 -34.57
C ALA D 403 -18.35 -42.76 -35.59
N GLY D 404 -17.88 -42.28 -36.73
CA GLY D 404 -18.75 -41.87 -37.81
C GLY D 404 -19.19 -40.43 -37.70
N GLY D 405 -19.96 -40.01 -38.70
CA GLY D 405 -20.49 -38.67 -38.74
C GLY D 405 -19.51 -37.65 -39.32
N SER D 406 -19.94 -36.39 -39.27
CA SER D 406 -19.10 -35.31 -39.80
C SER D 406 -17.85 -35.13 -38.97
N GLY D 407 -17.95 -35.26 -37.65
CA GLY D 407 -16.84 -35.09 -36.76
C GLY D 407 -17.22 -34.23 -35.57
N GLY D 408 -16.20 -33.68 -34.91
CA GLY D 408 -16.40 -32.88 -33.72
C GLY D 408 -15.43 -33.28 -32.63
N SER D 409 -15.51 -32.56 -31.51
CA SER D 409 -14.63 -32.77 -30.38
C SER D 409 -15.44 -33.12 -29.15
N TRP D 410 -15.10 -34.24 -28.53
CA TRP D 410 -15.73 -34.73 -27.31
C TRP D 410 -14.72 -34.71 -26.16
N LYS D 411 -15.22 -34.50 -24.95
CA LYS D 411 -14.39 -34.56 -23.76
C LYS D 411 -15.19 -35.21 -22.64
N LEU D 412 -14.57 -36.16 -21.93
CA LEU D 412 -15.23 -36.90 -20.86
C LEU D 412 -14.83 -36.30 -19.51
N LEU D 413 -15.82 -35.78 -18.77
CA LEU D 413 -15.52 -35.12 -17.51
C LEU D 413 -15.52 -36.07 -16.33
N THR D 414 -16.34 -37.12 -16.35
CA THR D 414 -16.36 -38.08 -15.25
C THR D 414 -17.35 -39.19 -15.58
N ILE D 415 -17.17 -40.32 -14.90
CA ILE D 415 -18.11 -41.45 -14.97
C ILE D 415 -18.27 -42.01 -13.57
N ASP D 416 -19.51 -42.32 -13.19
CA ASP D 416 -19.79 -42.83 -11.86
C ASP D 416 -21.02 -43.73 -11.91
N ARG D 417 -20.85 -44.99 -11.51
CA ARG D 417 -21.93 -45.98 -11.56
C ARG D 417 -22.51 -46.09 -12.96
N ASP D 418 -21.62 -46.00 -13.96
CA ASP D 418 -21.97 -46.19 -15.36
C ASP D 418 -22.70 -45.00 -15.97
N LEU D 419 -22.65 -43.84 -15.34
CA LEU D 419 -23.24 -42.62 -15.89
C LEU D 419 -22.11 -41.66 -16.26
N MET D 420 -22.14 -41.18 -17.51
CA MET D 420 -21.06 -40.40 -18.09
C MET D 420 -21.53 -38.98 -18.37
N VAL D 421 -20.68 -38.01 -18.07
CA VAL D 421 -20.91 -36.60 -18.34
C VAL D 421 -19.86 -36.13 -19.33
N VAL D 422 -20.30 -35.49 -20.41
CA VAL D 422 -19.40 -35.14 -21.51
C VAL D 422 -19.68 -33.72 -22.02
N GLN D 423 -18.67 -33.15 -22.63
CA GLN D 423 -18.75 -31.89 -23.36
C GLN D 423 -18.52 -32.15 -24.85
N PHE D 424 -19.25 -31.41 -25.68
CA PHE D 424 -19.18 -31.58 -27.12
C PHE D 424 -19.09 -30.22 -27.79
N SER D 425 -18.30 -30.12 -28.86
CA SER D 425 -18.21 -28.87 -29.60
C SER D 425 -17.70 -29.13 -31.01
N THR D 426 -17.91 -28.15 -31.88
CA THR D 426 -17.43 -28.16 -33.27
C THR D 426 -16.94 -26.78 -33.65
N PRO D 427 -16.31 -26.62 -34.82
CA PRO D 427 -15.80 -25.29 -35.22
C PRO D 427 -16.89 -24.25 -35.42
N SER D 428 -18.16 -24.65 -35.45
CA SER D 428 -19.26 -23.70 -35.62
C SER D 428 -20.29 -23.77 -34.49
N VAL D 429 -19.99 -24.48 -33.40
CA VAL D 429 -20.91 -24.61 -32.28
C VAL D 429 -20.13 -24.59 -30.98
N PRO D 430 -20.39 -23.63 -30.09
CA PRO D 430 -19.65 -23.57 -28.82
C PRO D 430 -19.94 -24.77 -27.95
N PRO D 431 -19.23 -24.93 -26.83
CA PRO D 431 -19.35 -26.15 -26.02
C PRO D 431 -20.76 -26.36 -25.48
N SER D 432 -21.17 -27.62 -25.42
CA SER D 432 -22.45 -28.02 -24.84
C SER D 432 -22.24 -29.24 -23.96
N LEU D 433 -23.18 -29.44 -23.03
CA LEU D 433 -23.06 -30.43 -21.97
C LEU D 433 -24.12 -31.51 -22.13
N LYS D 434 -23.70 -32.78 -22.06
CA LYS D 434 -24.59 -33.93 -22.22
C LYS D 434 -24.25 -35.01 -21.20
N VAL D 435 -25.20 -35.94 -21.02
CA VAL D 435 -25.01 -37.09 -20.15
C VAL D 435 -25.51 -38.34 -20.87
N GLY D 436 -25.04 -39.50 -20.41
CA GLY D 436 -25.44 -40.75 -21.04
C GLY D 436 -25.04 -41.96 -20.22
N PHE D 437 -25.73 -43.07 -20.48
CA PHE D 437 -25.45 -44.33 -19.82
C PHE D 437 -24.60 -45.24 -20.70
N LEU D 438 -23.58 -45.83 -20.11
CA LEU D 438 -22.69 -46.74 -20.84
C LEU D 438 -23.37 -48.11 -21.00
N PRO D 439 -23.55 -48.60 -22.21
CA PRO D 439 -24.24 -49.88 -22.41
C PRO D 439 -23.38 -51.04 -21.90
N PRO D 440 -23.98 -52.21 -21.75
CA PRO D 440 -23.20 -53.38 -21.30
C PRO D 440 -22.17 -53.79 -22.34
N ALA D 441 -21.27 -54.66 -21.90
CA ALA D 441 -20.16 -55.10 -22.76
C ALA D 441 -20.69 -55.70 -24.06
N GLY D 442 -20.06 -55.32 -25.17
CA GLY D 442 -20.43 -55.81 -26.48
C GLY D 442 -21.41 -54.94 -27.23
N LYS D 443 -21.96 -53.90 -26.59
CA LYS D 443 -22.95 -53.04 -27.24
C LYS D 443 -22.69 -51.56 -26.94
N GLU D 444 -21.44 -51.20 -26.66
CA GLU D 444 -21.12 -49.83 -26.27
C GLU D 444 -21.44 -48.81 -27.36
N GLN D 445 -21.53 -49.24 -28.61
CA GLN D 445 -21.76 -48.30 -29.70
C GLN D 445 -23.21 -47.82 -29.78
N ALA D 446 -24.12 -48.40 -28.99
CA ALA D 446 -25.52 -48.01 -28.99
C ALA D 446 -25.85 -47.01 -27.90
N VAL D 447 -24.88 -46.17 -27.51
CA VAL D 447 -25.11 -45.20 -26.45
C VAL D 447 -26.01 -44.09 -26.94
N SER D 448 -26.90 -43.62 -26.08
CA SER D 448 -27.81 -42.52 -26.39
C SER D 448 -27.54 -41.36 -25.44
N TRP D 449 -27.34 -40.17 -26.00
CA TRP D 449 -27.02 -38.98 -25.22
C TRP D 449 -28.27 -38.15 -25.00
N VAL D 450 -28.38 -37.58 -23.79
CA VAL D 450 -29.47 -36.67 -23.44
C VAL D 450 -28.87 -35.31 -23.17
N SER D 451 -29.42 -34.28 -23.81
CA SER D 451 -28.82 -32.95 -23.76
C SER D 451 -29.19 -32.24 -22.47
N LEU D 452 -28.19 -31.74 -21.75
CA LEU D 452 -28.39 -30.93 -20.56
C LEU D 452 -28.24 -29.45 -20.82
N GLU D 453 -27.31 -29.05 -21.68
CA GLU D 453 -27.15 -27.63 -22.00
C GLU D 453 -26.66 -27.50 -23.44
N GLU D 454 -27.45 -26.82 -24.28
CA GLU D 454 -27.16 -26.67 -25.70
C GLU D 454 -26.82 -25.23 -26.03
N ALA D 455 -25.78 -25.05 -26.85
CA ALA D 455 -25.40 -23.73 -27.33
C ALA D 455 -26.03 -23.45 -28.69
N GLU D 456 -26.07 -22.18 -29.05
CA GLU D 456 -26.66 -21.75 -30.32
C GLU D 456 -25.60 -21.75 -31.42
N PRO D 457 -25.85 -22.43 -32.53
CA PRO D 457 -24.83 -22.51 -33.59
C PRO D 457 -24.72 -21.21 -34.38
N PHE D 458 -23.65 -21.14 -35.18
CA PHE D 458 -23.41 -20.02 -36.09
C PHE D 458 -23.50 -20.52 -37.52
N PRO D 459 -24.64 -20.30 -38.21
CA PRO D 459 -24.81 -20.86 -39.56
C PRO D 459 -24.02 -20.15 -40.65
N ASP D 460 -23.25 -19.12 -40.32
CA ASP D 460 -22.48 -18.37 -41.32
C ASP D 460 -21.04 -18.88 -41.45
N ILE D 461 -20.72 -20.03 -40.84
CA ILE D 461 -19.39 -20.62 -40.91
C ILE D 461 -19.54 -22.05 -41.41
N SER D 462 -18.69 -22.42 -42.38
CA SER D 462 -18.67 -23.79 -42.90
C SER D 462 -17.26 -24.34 -42.75
N TRP D 463 -17.15 -25.62 -42.44
CA TRP D 463 -15.86 -26.25 -42.22
C TRP D 463 -15.82 -27.62 -42.88
N SER D 464 -14.62 -28.02 -43.28
CA SER D 464 -14.42 -29.34 -43.89
C SER D 464 -12.97 -29.75 -43.70
N ILE D 465 -12.68 -31.00 -44.09
CA ILE D 465 -11.37 -31.62 -43.89
C ILE D 465 -10.83 -32.05 -45.24
N ARG D 466 -9.54 -31.77 -45.48
CA ARG D 466 -8.85 -32.12 -46.71
C ARG D 466 -7.68 -33.05 -46.40
N VAL D 467 -7.46 -34.01 -47.28
CA VAL D 467 -6.38 -34.99 -47.14
C VAL D 467 -5.34 -34.74 -48.22
N LEU D 468 -4.07 -34.67 -47.82
CA LEU D 468 -2.97 -34.33 -48.70
C LEU D 468 -1.98 -35.48 -48.77
N GLN D 469 -1.54 -35.80 -49.99
CA GLN D 469 -0.55 -36.84 -50.26
C GLN D 469 0.73 -36.20 -50.78
N PRO D 470 1.86 -36.36 -50.09
CA PRO D 470 3.07 -35.67 -50.53
C PRO D 470 3.52 -36.16 -51.90
N PRO D 471 4.15 -35.29 -52.68
CA PRO D 471 4.63 -35.70 -54.00
C PRO D 471 5.79 -36.68 -53.89
N PRO D 472 6.13 -37.37 -54.99
CA PRO D 472 7.17 -38.41 -54.89
C PRO D 472 8.51 -37.89 -54.40
N GLN D 473 8.89 -36.67 -54.76
CA GLN D 473 10.19 -36.15 -54.37
C GLN D 473 10.29 -35.81 -52.89
N GLN D 474 9.18 -35.78 -52.17
CA GLN D 474 9.17 -35.45 -50.75
C GLN D 474 8.94 -36.66 -49.87
N GLU D 475 9.02 -37.87 -50.42
CA GLU D 475 8.83 -39.09 -49.64
C GLU D 475 9.94 -39.25 -48.61
N HIS D 476 9.58 -39.80 -47.45
CA HIS D 476 10.56 -40.10 -46.42
C HIS D 476 11.35 -41.35 -46.78
N VAL D 477 12.61 -41.39 -46.36
CA VAL D 477 13.48 -42.49 -46.73
C VAL D 477 13.00 -43.80 -46.13
N GLN D 478 12.59 -43.78 -44.85
CA GLN D 478 12.21 -45.00 -44.15
C GLN D 478 10.71 -45.14 -43.92
N TYR D 479 9.93 -44.07 -44.04
CA TYR D 479 8.49 -44.10 -43.82
C TYR D 479 7.80 -43.68 -45.11
N ALA D 480 7.33 -44.65 -45.87
CA ALA D 480 6.71 -44.41 -47.17
C ALA D 480 5.20 -44.54 -47.08
N GLY D 481 4.50 -43.67 -47.79
CA GLY D 481 3.05 -43.70 -47.86
C GLY D 481 2.33 -42.81 -46.87
N LEU D 482 3.05 -42.03 -46.08
CA LEU D 482 2.41 -41.18 -45.07
C LEU D 482 1.76 -39.96 -45.72
N ASP D 483 0.50 -39.70 -45.36
CA ASP D 483 -0.22 -38.50 -45.79
C ASP D 483 -0.49 -37.61 -44.59
N PHE D 484 -1.12 -36.47 -44.83
CA PHE D 484 -1.47 -35.56 -43.75
C PHE D 484 -2.78 -34.85 -44.09
N GLU D 485 -3.16 -33.88 -43.27
CA GLU D 485 -4.50 -33.33 -43.35
C GLU D 485 -4.52 -31.82 -43.05
N ALA D 486 -5.65 -31.21 -43.41
CA ALA D 486 -5.89 -29.80 -43.11
C ALA D 486 -7.37 -29.59 -42.85
N ILE D 487 -7.68 -28.52 -42.13
CA ILE D 487 -9.05 -28.13 -41.83
C ILE D 487 -9.29 -26.76 -42.48
N LEU D 488 -10.38 -26.67 -43.26
CA LEU D 488 -10.70 -25.46 -44.00
C LEU D 488 -12.00 -24.87 -43.49
N LEU D 489 -11.96 -23.60 -43.11
CA LEU D 489 -13.13 -22.84 -42.69
C LEU D 489 -13.37 -21.71 -43.67
N GLN D 490 -14.62 -21.55 -44.10
CA GLN D 490 -14.95 -20.52 -45.07
C GLN D 490 -16.35 -19.99 -44.79
N PRO D 491 -16.65 -18.77 -45.22
CA PRO D 491 -18.02 -18.26 -45.07
C PRO D 491 -18.99 -19.03 -45.94
N SER D 492 -20.22 -19.16 -45.45
CA SER D 492 -21.24 -19.91 -46.18
C SER D 492 -22.20 -18.97 -46.90
N THR D 498 -16.33 -14.26 -54.93
CA THR D 498 -15.40 -15.37 -55.15
C THR D 498 -13.95 -14.88 -55.14
N GLN D 499 -13.72 -13.75 -54.47
CA GLN D 499 -12.39 -13.18 -54.29
C GLN D 499 -11.97 -13.25 -52.82
N VAL D 500 -12.29 -14.36 -52.17
CA VAL D 500 -12.07 -14.50 -50.73
C VAL D 500 -10.58 -14.57 -50.45
N PRO D 501 -10.07 -13.82 -49.47
CA PRO D 501 -8.68 -13.99 -49.04
C PRO D 501 -8.54 -15.15 -48.06
N MET D 502 -7.30 -15.50 -47.77
CA MET D 502 -7.02 -16.68 -46.96
C MET D 502 -5.91 -16.41 -45.93
N VAL D 503 -6.04 -17.08 -44.79
CA VAL D 503 -5.05 -17.04 -43.71
C VAL D 503 -4.66 -18.47 -43.37
N VAL D 504 -3.36 -18.72 -43.25
CA VAL D 504 -2.80 -20.05 -43.05
C VAL D 504 -2.22 -20.15 -41.64
N MET D 505 -2.57 -21.22 -40.93
CA MET D 505 -2.10 -21.46 -39.57
C MET D 505 -1.46 -22.83 -39.45
N PRO D 506 -0.16 -22.91 -39.21
CA PRO D 506 0.45 -24.16 -38.74
C PRO D 506 0.54 -24.21 -37.23
N HIS D 507 0.45 -25.40 -36.64
CA HIS D 507 0.43 -25.51 -35.19
C HIS D 507 1.85 -25.58 -34.63
N GLY D 508 1.93 -25.50 -33.31
CA GLY D 508 3.20 -25.59 -32.59
C GLY D 508 3.60 -27.02 -32.32
N GLY D 509 4.36 -27.21 -31.25
CA GLY D 509 4.83 -28.54 -30.91
C GLY D 509 6.31 -28.74 -31.14
N PRO D 510 6.66 -29.40 -32.24
CA PRO D 510 5.76 -29.72 -33.36
C PRO D 510 4.92 -30.98 -33.18
N HIS D 511 5.05 -31.66 -32.04
CA HIS D 511 4.25 -32.87 -31.79
C HIS D 511 2.96 -32.46 -31.10
N SER D 512 2.06 -31.87 -31.89
CA SER D 512 0.74 -31.44 -31.44
C SER D 512 -0.19 -31.49 -32.66
N SER D 513 -1.36 -30.87 -32.56
CA SER D 513 -2.28 -30.89 -33.69
C SER D 513 -3.45 -29.97 -33.41
N PHE D 514 -4.24 -29.72 -34.47
CA PHE D 514 -5.54 -29.09 -34.38
C PHE D 514 -6.64 -30.14 -34.48
N VAL D 515 -7.74 -29.91 -33.78
CA VAL D 515 -8.92 -30.77 -33.86
C VAL D 515 -10.13 -29.91 -34.18
N THR D 516 -11.22 -30.58 -34.58
CA THR D 516 -12.44 -29.90 -34.98
C THR D 516 -13.27 -29.54 -33.75
N ALA D 517 -12.78 -28.53 -33.03
CA ALA D 517 -13.43 -28.01 -31.83
C ALA D 517 -13.64 -26.50 -31.99
N TRP D 518 -14.35 -25.93 -31.02
CA TRP D 518 -14.61 -24.49 -31.05
C TRP D 518 -13.31 -23.73 -30.78
N MET D 519 -13.00 -22.78 -31.65
CA MET D 519 -11.81 -21.93 -31.50
C MET D 519 -12.19 -20.50 -31.77
N LEU D 520 -11.84 -19.61 -30.84
CA LEU D 520 -12.34 -18.23 -30.89
C LEU D 520 -11.78 -17.47 -32.09
N PHE D 521 -10.46 -17.49 -32.26
CA PHE D 521 -9.83 -16.66 -33.29
C PHE D 521 -10.19 -17.09 -34.70
N PRO D 522 -10.13 -18.39 -35.02
CA PRO D 522 -10.56 -18.82 -36.36
C PRO D 522 -12.00 -18.44 -36.66
N ALA D 523 -12.90 -18.55 -35.69
CA ALA D 523 -14.29 -18.16 -35.91
C ALA D 523 -14.40 -16.65 -36.13
N MET D 524 -13.65 -15.85 -35.36
CA MET D 524 -13.67 -14.41 -35.56
C MET D 524 -13.19 -14.06 -36.96
N LEU D 525 -12.11 -14.70 -37.42
CA LEU D 525 -11.62 -14.44 -38.77
C LEU D 525 -12.64 -14.85 -39.82
N CYS D 526 -13.29 -16.00 -39.63
CA CYS D 526 -14.27 -16.46 -40.61
C CYS D 526 -15.47 -15.52 -40.69
N LYS D 527 -15.95 -15.03 -39.55
CA LYS D 527 -17.08 -14.12 -39.58
C LYS D 527 -16.73 -12.74 -40.12
N MET D 528 -15.45 -12.43 -40.30
CA MET D 528 -15.04 -11.17 -40.90
C MET D 528 -14.85 -11.27 -42.40
N GLY D 529 -15.05 -12.44 -42.99
CA GLY D 529 -14.92 -12.63 -44.42
C GLY D 529 -13.71 -13.39 -44.90
N PHE D 530 -12.89 -13.92 -43.99
CA PHE D 530 -11.69 -14.65 -44.37
C PHE D 530 -11.95 -16.14 -44.47
N ALA D 531 -11.11 -16.82 -45.24
CA ALA D 531 -10.99 -18.27 -45.20
C ALA D 531 -9.76 -18.63 -44.37
N VAL D 532 -9.87 -19.72 -43.61
CA VAL D 532 -8.83 -20.13 -42.69
C VAL D 532 -8.43 -21.56 -42.98
N LEU D 533 -7.13 -21.80 -43.10
CA LEU D 533 -6.59 -23.13 -43.37
C LEU D 533 -5.63 -23.52 -42.25
N LEU D 534 -6.01 -24.55 -41.48
CA LEU D 534 -5.20 -25.05 -40.38
C LEU D 534 -4.55 -26.35 -40.81
N VAL D 535 -3.22 -26.41 -40.75
CA VAL D 535 -2.46 -27.50 -41.36
C VAL D 535 -1.92 -28.43 -40.28
N ASN D 536 -2.13 -29.75 -40.44
CA ASN D 536 -1.53 -30.76 -39.57
C ASN D 536 -0.48 -31.51 -40.39
N TYR D 537 0.75 -31.00 -40.36
CA TYR D 537 1.83 -31.56 -41.16
C TYR D 537 2.29 -32.89 -40.56
N ARG D 538 3.08 -33.63 -41.34
CA ARG D 538 3.64 -34.89 -40.85
C ARG D 538 4.45 -34.66 -39.59
N GLY D 539 4.20 -35.47 -38.57
CA GLY D 539 4.78 -35.27 -37.26
C GLY D 539 3.77 -34.89 -36.20
N SER D 540 2.51 -34.71 -36.56
CA SER D 540 1.47 -34.35 -35.60
C SER D 540 1.03 -35.58 -34.81
N THR D 541 0.43 -35.32 -33.65
CA THR D 541 -0.14 -36.40 -32.86
C THR D 541 -1.45 -36.89 -33.49
N GLY D 542 -1.77 -38.15 -33.22
CA GLY D 542 -3.00 -38.74 -33.71
C GLY D 542 -2.92 -39.44 -35.04
N PHE D 543 -1.72 -39.62 -35.60
CA PHE D 543 -1.56 -40.25 -36.91
C PHE D 543 -0.63 -41.45 -36.86
N GLY D 544 -0.31 -41.96 -35.67
CA GLY D 544 0.56 -43.09 -35.53
C GLY D 544 1.97 -42.71 -35.11
N GLN D 545 2.72 -43.71 -34.66
CA GLN D 545 4.09 -43.47 -34.19
C GLN D 545 5.03 -43.12 -35.33
N ASP D 546 4.78 -43.65 -36.53
CA ASP D 546 5.66 -43.34 -37.66
C ASP D 546 5.64 -41.85 -37.98
N SER D 547 4.47 -41.24 -37.95
CA SER D 547 4.39 -39.79 -38.19
C SER D 547 5.16 -39.03 -37.13
N ILE D 548 5.11 -39.48 -35.88
CA ILE D 548 5.86 -38.84 -34.81
C ILE D 548 7.36 -38.93 -35.09
N LEU D 549 7.83 -40.10 -35.50
CA LEU D 549 9.26 -40.31 -35.68
C LEU D 549 9.79 -39.80 -37.01
N SER D 550 8.90 -39.38 -37.92
CA SER D 550 9.36 -38.88 -39.23
C SER D 550 10.05 -37.52 -39.13
N LEU D 551 9.58 -36.66 -38.23
CA LEU D 551 9.98 -35.26 -38.23
C LEU D 551 11.37 -35.00 -37.63
N PRO D 552 11.71 -35.63 -36.50
CA PRO D 552 12.98 -35.26 -35.83
C PRO D 552 14.16 -35.36 -36.77
N GLY D 553 15.04 -34.37 -36.69
CA GLY D 553 16.18 -34.26 -37.57
C GLY D 553 15.90 -33.64 -38.92
N ASN D 554 14.64 -33.26 -39.20
CA ASN D 554 14.27 -32.69 -40.49
C ASN D 554 13.54 -31.37 -40.37
N VAL D 555 13.52 -30.75 -39.18
CA VAL D 555 12.80 -29.50 -39.00
C VAL D 555 13.38 -28.43 -39.92
N GLY D 556 12.49 -27.59 -40.46
CA GLY D 556 12.87 -26.55 -41.37
C GLY D 556 12.94 -26.97 -42.82
N HIS D 557 12.79 -28.26 -43.12
CA HIS D 557 12.81 -28.76 -44.48
C HIS D 557 11.52 -29.48 -44.86
N GLN D 558 11.06 -30.43 -44.05
CA GLN D 558 9.91 -31.24 -44.40
C GLN D 558 8.60 -30.55 -44.06
N ASP D 559 8.50 -29.96 -42.86
CA ASP D 559 7.27 -29.29 -42.46
C ASP D 559 6.97 -28.08 -43.34
N VAL D 560 8.01 -27.32 -43.69
CA VAL D 560 7.81 -26.14 -44.54
C VAL D 560 7.24 -26.56 -45.88
N LYS D 561 7.82 -27.60 -46.48
CA LYS D 561 7.35 -28.07 -47.77
C LYS D 561 5.93 -28.62 -47.68
N ASP D 562 5.60 -29.31 -46.58
CA ASP D 562 4.23 -29.79 -46.40
C ASP D 562 3.25 -28.63 -46.39
N VAL D 563 3.56 -27.58 -45.62
CA VAL D 563 2.65 -26.44 -45.53
C VAL D 563 2.50 -25.76 -46.90
N GLN D 564 3.61 -25.56 -47.61
CA GLN D 564 3.54 -24.91 -48.91
C GLN D 564 2.74 -25.74 -49.90
N PHE D 565 2.92 -27.06 -49.89
CA PHE D 565 2.15 -27.94 -50.77
C PHE D 565 0.67 -27.84 -50.46
N ALA D 566 0.30 -27.85 -49.18
CA ALA D 566 -1.11 -27.73 -48.83
C ALA D 566 -1.68 -26.41 -49.33
N VAL D 567 -0.95 -25.31 -49.15
CA VAL D 567 -1.43 -24.01 -49.58
C VAL D 567 -1.64 -23.99 -51.09
N GLU D 568 -0.66 -24.51 -51.84
CA GLU D 568 -0.79 -24.51 -53.30
C GLU D 568 -1.98 -25.35 -53.76
N GLN D 569 -2.15 -26.54 -53.17
CA GLN D 569 -3.28 -27.39 -53.55
C GLN D 569 -4.60 -26.70 -53.27
N VAL D 570 -4.74 -26.09 -52.10
CA VAL D 570 -5.99 -25.43 -51.76
C VAL D 570 -6.26 -24.27 -52.71
N LEU D 571 -5.23 -23.48 -53.03
CA LEU D 571 -5.42 -22.36 -53.94
C LEU D 571 -5.85 -22.84 -55.32
N GLN D 572 -5.23 -23.91 -55.82
CA GLN D 572 -5.59 -24.40 -57.15
C GLN D 572 -6.98 -25.03 -57.17
N GLU D 573 -7.42 -25.60 -56.04
CA GLU D 573 -8.70 -26.30 -56.01
C GLU D 573 -9.89 -25.38 -55.76
N GLU D 574 -9.75 -24.39 -54.88
CA GLU D 574 -10.88 -23.57 -54.48
C GLU D 574 -10.95 -22.21 -55.18
N HIS D 575 -9.98 -21.88 -56.02
CA HIS D 575 -9.99 -20.61 -56.76
C HIS D 575 -10.10 -19.41 -55.82
N PHE D 576 -9.36 -19.45 -54.72
CA PHE D 576 -9.29 -18.28 -53.84
C PHE D 576 -8.36 -17.22 -54.44
N ASP D 577 -8.42 -16.02 -53.87
CA ASP D 577 -7.62 -14.90 -54.36
C ASP D 577 -6.16 -15.14 -54.00
N ALA D 578 -5.36 -15.48 -55.00
CA ALA D 578 -3.94 -15.76 -54.76
C ALA D 578 -3.13 -14.51 -54.46
N GLY D 579 -3.70 -13.32 -54.69
CA GLY D 579 -3.02 -12.09 -54.37
C GLY D 579 -3.15 -11.62 -52.94
N ARG D 580 -3.95 -12.29 -52.13
CA ARG D 580 -4.14 -11.92 -50.72
C ARG D 580 -4.13 -13.20 -49.88
N VAL D 581 -2.92 -13.61 -49.46
CA VAL D 581 -2.73 -14.77 -48.61
C VAL D 581 -1.81 -14.36 -47.46
N ALA D 582 -2.21 -14.69 -46.24
CA ALA D 582 -1.46 -14.29 -45.06
C ALA D 582 -1.14 -15.51 -44.19
N LEU D 583 -0.17 -15.33 -43.29
CA LEU D 583 0.26 -16.38 -42.38
C LEU D 583 0.07 -15.92 -40.94
N MET D 584 -0.22 -16.87 -40.06
CA MET D 584 -0.31 -16.57 -38.63
C MET D 584 0.05 -17.81 -37.83
N GLY D 585 1.08 -17.67 -36.99
CA GLY D 585 1.57 -18.77 -36.13
C GLY D 585 2.29 -18.40 -34.83
N GLY D 586 2.35 -19.33 -33.88
CA GLY D 586 3.03 -19.12 -32.58
C GLY D 586 4.01 -20.20 -32.21
N SER D 587 5.06 -19.86 -31.45
CA SER D 587 6.08 -20.85 -30.97
C SER D 587 6.78 -21.65 -32.13
N HIS D 588 6.70 -22.97 -32.27
CA HIS D 588 7.21 -23.76 -33.44
C HIS D 588 6.43 -23.31 -34.70
N GLY D 589 5.17 -22.87 -34.58
CA GLY D 589 4.40 -22.26 -35.67
C GLY D 589 4.95 -20.91 -36.22
N GLY D 590 5.50 -19.95 -35.44
CA GLY D 590 6.22 -18.76 -35.88
C GLY D 590 7.53 -19.09 -36.55
N PHE D 591 8.22 -20.11 -36.04
CA PHE D 591 9.42 -20.63 -36.70
C PHE D 591 9.11 -21.03 -38.14
N LEU D 592 8.05 -21.80 -38.33
CA LEU D 592 7.66 -22.20 -39.68
C LEU D 592 7.27 -21.01 -40.54
N SER D 593 6.55 -20.04 -39.97
CA SER D 593 6.12 -18.87 -40.75
C SER D 593 7.31 -18.05 -41.21
N CYS D 594 8.29 -17.85 -40.33
CA CYS D 594 9.49 -17.13 -40.73
C CYS D 594 10.24 -17.88 -41.83
N HIS D 595 10.36 -19.21 -41.68
CA HIS D 595 10.97 -20.00 -42.75
C HIS D 595 10.23 -19.79 -44.06
N LEU D 596 8.90 -19.82 -44.03
CA LEU D 596 8.11 -19.71 -45.26
C LEU D 596 8.29 -18.36 -45.93
N ILE D 597 8.28 -17.28 -45.14
CA ILE D 597 8.44 -15.96 -45.76
C ILE D 597 9.88 -15.75 -46.22
N GLY D 598 10.84 -16.45 -45.63
CA GLY D 598 12.22 -16.33 -46.09
C GLY D 598 12.53 -17.13 -47.34
N GLN D 599 11.86 -18.27 -47.51
CA GLN D 599 12.16 -19.17 -48.62
C GLN D 599 11.23 -19.00 -49.82
N TYR D 600 10.06 -18.40 -49.64
CA TYR D 600 9.11 -18.16 -50.73
C TYR D 600 8.66 -16.71 -50.66
N PRO D 601 9.53 -15.78 -51.07
CA PRO D 601 9.26 -14.35 -50.82
C PRO D 601 8.17 -13.74 -51.68
N GLU D 602 7.44 -14.53 -52.48
CA GLU D 602 6.42 -13.99 -53.36
C GLU D 602 5.01 -14.45 -52.99
N THR D 603 4.87 -15.50 -52.19
CA THR D 603 3.55 -16.10 -51.98
C THR D 603 2.67 -15.29 -51.03
N TYR D 604 3.25 -14.68 -50.00
CA TYR D 604 2.48 -14.13 -48.89
C TYR D 604 2.60 -12.62 -48.82
N SER D 605 1.54 -11.98 -48.33
CA SER D 605 1.45 -10.53 -48.29
C SER D 605 1.57 -9.95 -46.88
N ALA D 606 1.35 -10.74 -45.83
CA ALA D 606 1.45 -10.24 -44.47
C ALA D 606 1.73 -11.41 -43.54
N CYS D 607 2.25 -11.08 -42.35
CA CYS D 607 2.64 -12.12 -41.40
C CYS D 607 2.54 -11.57 -39.98
N VAL D 608 2.03 -12.40 -39.08
CA VAL D 608 1.93 -12.10 -37.65
C VAL D 608 2.55 -13.27 -36.89
N VAL D 609 3.47 -12.97 -35.97
CA VAL D 609 4.15 -14.01 -35.20
C VAL D 609 4.16 -13.64 -33.72
N ARG D 610 4.04 -14.66 -32.87
CA ARG D 610 4.05 -14.53 -31.43
C ARG D 610 5.08 -15.49 -30.84
N ASN D 611 6.04 -14.95 -30.09
CA ASN D 611 7.09 -15.70 -29.40
C ASN D 611 7.68 -16.80 -30.31
N PRO D 612 8.27 -16.43 -31.43
CA PRO D 612 8.80 -17.44 -32.36
C PRO D 612 10.20 -17.92 -31.97
N VAL D 613 10.54 -19.09 -32.49
CA VAL D 613 11.90 -19.61 -32.40
C VAL D 613 12.67 -19.15 -33.64
N ILE D 614 13.82 -18.51 -33.42
CA ILE D 614 14.55 -17.85 -34.49
C ILE D 614 15.93 -18.47 -34.71
N ASN D 615 16.66 -18.79 -33.64
CA ASN D 615 18.03 -19.29 -33.75
C ASN D 615 18.19 -20.44 -32.76
N ILE D 616 18.22 -21.67 -33.28
CA ILE D 616 18.27 -22.85 -32.41
C ILE D 616 19.58 -22.90 -31.64
N ALA D 617 20.68 -22.47 -32.27
CA ALA D 617 21.98 -22.56 -31.62
C ALA D 617 22.04 -21.71 -30.35
N SER D 618 21.54 -20.47 -30.43
CA SER D 618 21.58 -19.59 -29.28
C SER D 618 20.43 -19.83 -28.30
N MET D 619 19.42 -20.60 -28.69
CA MET D 619 18.32 -20.91 -27.79
C MET D 619 18.71 -21.97 -26.76
N MET D 620 19.69 -22.80 -27.08
CA MET D 620 20.05 -23.92 -26.20
C MET D 620 20.51 -23.43 -24.83
N GLY D 621 21.31 -22.37 -24.80
CA GLY D 621 21.91 -21.93 -23.55
C GLY D 621 20.99 -21.20 -22.59
N SER D 622 19.77 -20.84 -23.02
CA SER D 622 18.88 -20.06 -22.20
C SER D 622 17.50 -20.67 -21.98
N THR D 623 17.15 -21.74 -22.70
CA THR D 623 15.84 -22.34 -22.56
C THR D 623 15.78 -23.28 -21.36
N ASP D 624 14.56 -23.59 -20.93
CA ASP D 624 14.34 -24.52 -19.83
C ASP D 624 14.27 -25.97 -20.29
N ILE D 625 14.27 -26.23 -21.60
CA ILE D 625 14.27 -27.58 -22.13
C ILE D 625 15.38 -27.71 -23.16
N PRO D 626 16.65 -27.72 -22.73
CA PRO D 626 17.76 -27.78 -23.71
C PRO D 626 17.77 -29.04 -24.56
N ASP D 627 17.18 -30.14 -24.09
CA ASP D 627 17.17 -31.37 -24.89
C ASP D 627 16.32 -31.25 -26.15
N TRP D 628 15.35 -30.34 -26.16
CA TRP D 628 14.54 -30.14 -27.36
C TRP D 628 15.40 -29.71 -28.54
N CYS D 629 16.32 -28.78 -28.31
CA CYS D 629 17.19 -28.31 -29.37
C CYS D 629 18.02 -29.45 -29.96
N MET D 630 18.61 -30.28 -29.08
CA MET D 630 19.43 -31.39 -29.55
C MET D 630 18.59 -32.40 -30.32
N VAL D 631 17.42 -32.76 -29.79
CA VAL D 631 16.63 -33.83 -30.39
C VAL D 631 16.08 -33.39 -31.74
N GLU D 632 15.51 -32.18 -31.81
CA GLU D 632 14.92 -31.75 -33.06
C GLU D 632 15.96 -31.49 -34.15
N ALA D 633 17.22 -31.29 -33.77
CA ALA D 633 18.29 -31.14 -34.75
C ALA D 633 18.87 -32.47 -35.22
N GLY D 634 18.53 -33.57 -34.55
CA GLY D 634 18.97 -34.88 -34.99
C GLY D 634 20.08 -35.52 -34.19
N PHE D 635 20.33 -35.08 -32.96
CA PHE D 635 21.37 -35.65 -32.12
C PHE D 635 20.76 -36.13 -30.81
N SER D 636 21.57 -36.81 -30.01
CA SER D 636 21.17 -37.34 -28.72
C SER D 636 21.61 -36.39 -27.62
N TYR D 637 20.72 -36.14 -26.67
CA TYR D 637 21.01 -35.21 -25.58
C TYR D 637 21.77 -35.92 -24.46
N SER D 638 22.74 -35.22 -23.88
CA SER D 638 23.49 -35.68 -22.73
C SER D 638 23.71 -34.52 -21.77
N SER D 639 23.57 -34.80 -20.47
CA SER D 639 23.66 -33.72 -19.48
C SER D 639 25.07 -33.14 -19.42
N ASP D 640 26.10 -33.96 -19.61
CA ASP D 640 27.48 -33.51 -19.48
C ASP D 640 28.10 -33.08 -20.79
N CYS D 641 27.36 -33.13 -21.90
CA CYS D 641 27.93 -32.80 -23.20
C CYS D 641 28.39 -31.34 -23.23
N LEU D 642 29.51 -31.12 -23.89
CA LEU D 642 30.12 -29.80 -24.02
C LEU D 642 29.95 -29.28 -25.45
N PRO D 643 30.25 -28.00 -25.68
CA PRO D 643 30.09 -27.44 -27.03
C PRO D 643 30.95 -28.16 -28.05
N ASP D 644 30.44 -28.27 -29.27
CA ASP D 644 31.12 -28.92 -30.38
C ASP D 644 31.15 -28.00 -31.59
N LEU D 645 31.49 -28.53 -32.76
CA LEU D 645 31.45 -27.77 -34.00
C LEU D 645 30.38 -28.27 -34.96
N SER D 646 30.33 -29.58 -35.19
CA SER D 646 29.35 -30.14 -36.12
C SER D 646 27.93 -29.89 -35.65
N VAL D 647 27.68 -30.06 -34.35
CA VAL D 647 26.33 -29.88 -33.83
C VAL D 647 25.86 -28.44 -34.04
N TRP D 648 26.73 -27.47 -33.74
CA TRP D 648 26.34 -26.07 -33.91
C TRP D 648 26.22 -25.70 -35.38
N ALA D 649 27.04 -26.27 -36.25
CA ALA D 649 26.85 -26.05 -37.68
C ALA D 649 25.49 -26.54 -38.13
N ALA D 650 25.10 -27.74 -37.69
CA ALA D 650 23.78 -28.27 -38.04
C ALA D 650 22.68 -27.38 -37.48
N MET D 651 22.82 -26.92 -36.24
CA MET D 651 21.79 -26.06 -35.65
C MET D 651 21.64 -24.76 -36.42
N LEU D 652 22.77 -24.14 -36.81
CA LEU D 652 22.69 -22.89 -37.57
C LEU D 652 22.10 -23.13 -38.96
N ASP D 653 22.37 -24.30 -39.54
CA ASP D 653 21.88 -24.57 -40.89
C ASP D 653 20.36 -24.67 -40.96
N LYS D 654 19.69 -24.92 -39.84
CA LYS D 654 18.25 -25.17 -39.83
C LYS D 654 17.44 -24.00 -39.26
N SER D 655 18.01 -22.80 -39.22
CA SER D 655 17.32 -21.71 -38.57
C SER D 655 16.82 -20.68 -39.58
N PRO D 656 15.66 -20.08 -39.35
CA PRO D 656 15.12 -19.12 -40.32
C PRO D 656 15.96 -17.86 -40.47
N ILE D 657 16.78 -17.50 -39.47
CA ILE D 657 17.58 -16.29 -39.56
C ILE D 657 18.43 -16.30 -40.82
N LYS D 658 18.83 -17.49 -41.26
CA LYS D 658 19.67 -17.61 -42.45
C LYS D 658 19.05 -16.92 -43.66
N TYR D 659 17.72 -16.92 -43.74
CA TYR D 659 17.01 -16.36 -44.90
C TYR D 659 16.56 -14.93 -44.67
N ALA D 660 16.99 -14.29 -43.59
CA ALA D 660 16.54 -12.93 -43.31
C ALA D 660 16.74 -11.96 -44.47
N PRO D 661 17.87 -11.97 -45.19
CA PRO D 661 18.09 -10.96 -46.23
C PRO D 661 17.14 -11.03 -47.42
N GLN D 662 16.37 -12.11 -47.59
CA GLN D 662 15.47 -12.24 -48.72
C GLN D 662 14.03 -11.84 -48.41
N VAL D 663 13.76 -11.33 -47.21
CA VAL D 663 12.39 -11.09 -46.78
C VAL D 663 11.89 -9.75 -47.31
N LYS D 664 10.62 -9.72 -47.69
CA LYS D 664 9.94 -8.48 -48.08
C LYS D 664 8.57 -8.31 -47.47
N THR D 665 7.98 -9.36 -46.89
CA THR D 665 6.62 -9.27 -46.39
C THR D 665 6.56 -8.42 -45.13
N PRO D 666 5.59 -7.52 -44.99
CA PRO D 666 5.43 -6.79 -43.73
C PRO D 666 5.15 -7.75 -42.58
N LEU D 667 5.70 -7.44 -41.41
CA LEU D 667 5.68 -8.35 -40.29
C LEU D 667 5.25 -7.66 -39.01
N LEU D 668 4.40 -8.34 -38.24
CA LEU D 668 4.01 -7.92 -36.90
C LEU D 668 4.48 -8.98 -35.90
N LEU D 669 5.13 -8.52 -34.84
CA LEU D 669 5.81 -9.40 -33.89
C LEU D 669 5.37 -9.05 -32.48
N MET D 670 4.84 -10.04 -31.75
CA MET D 670 4.35 -9.85 -30.39
C MET D 670 5.15 -10.75 -29.45
N LEU D 671 5.71 -10.16 -28.41
CA LEU D 671 6.60 -10.90 -27.51
C LEU D 671 6.16 -10.74 -26.06
N GLY D 672 6.34 -11.81 -25.29
CA GLY D 672 6.13 -11.77 -23.85
C GLY D 672 7.46 -11.82 -23.14
N GLN D 673 7.69 -10.83 -22.27
CA GLN D 673 9.02 -10.62 -21.72
C GLN D 673 9.40 -11.65 -20.65
N GLU D 674 8.42 -12.32 -20.05
CA GLU D 674 8.70 -13.28 -18.99
C GLU D 674 8.70 -14.73 -19.47
N ASP D 675 8.60 -14.96 -20.77
CA ASP D 675 8.59 -16.32 -21.29
C ASP D 675 9.91 -17.02 -20.98
N ARG D 676 9.83 -18.23 -20.44
CA ARG D 676 11.03 -18.97 -20.05
C ARG D 676 11.35 -20.15 -20.95
N ARG D 677 10.43 -20.59 -21.79
CA ARG D 677 10.74 -21.64 -22.75
C ARG D 677 11.42 -21.06 -23.99
N VAL D 678 10.89 -19.99 -24.54
CA VAL D 678 11.46 -19.30 -25.69
C VAL D 678 11.84 -17.89 -25.27
N PRO D 679 13.13 -17.64 -25.03
CA PRO D 679 13.54 -16.30 -24.60
C PRO D 679 13.19 -15.24 -25.63
N PHE D 680 12.82 -14.06 -25.15
CA PHE D 680 12.31 -13.00 -26.03
C PHE D 680 13.40 -12.32 -26.84
N LYS D 681 14.68 -12.58 -26.56
CA LYS D 681 15.74 -12.07 -27.42
C LYS D 681 15.73 -12.72 -28.80
N GLN D 682 15.15 -13.91 -28.92
CA GLN D 682 15.05 -14.57 -30.22
C GLN D 682 14.37 -13.66 -31.24
N GLY D 683 13.18 -13.15 -30.88
CA GLY D 683 12.50 -12.21 -31.76
C GLY D 683 13.27 -10.92 -31.97
N MET D 684 14.01 -10.48 -30.96
CA MET D 684 14.79 -9.25 -31.09
C MET D 684 15.87 -9.37 -32.16
N GLU D 685 16.50 -10.54 -32.26
CA GLU D 685 17.49 -10.74 -33.32
C GLU D 685 16.88 -10.51 -34.69
N TYR D 686 15.75 -11.18 -34.96
CA TYR D 686 15.08 -11.03 -36.25
C TYR D 686 14.63 -9.60 -36.49
N TYR D 687 14.10 -8.95 -35.45
CA TYR D 687 13.65 -7.57 -35.60
C TYR D 687 14.81 -6.65 -35.96
N ARG D 688 15.96 -6.82 -35.30
CA ARG D 688 17.12 -6.00 -35.63
C ARG D 688 17.58 -6.24 -37.06
N VAL D 689 17.64 -7.51 -37.47
CA VAL D 689 18.10 -7.81 -38.83
C VAL D 689 17.18 -7.18 -39.86
N LEU D 690 15.86 -7.29 -39.65
CA LEU D 690 14.92 -6.70 -40.61
C LEU D 690 14.97 -5.18 -40.59
N LYS D 691 15.09 -4.58 -39.41
CA LYS D 691 15.10 -3.13 -39.33
C LYS D 691 16.36 -2.53 -39.95
N ALA D 692 17.47 -3.26 -39.90
CA ALA D 692 18.69 -2.75 -40.55
C ALA D 692 18.56 -2.69 -42.07
N ARG D 693 17.52 -3.30 -42.64
CA ARG D 693 17.33 -3.33 -44.10
C ARG D 693 16.13 -2.54 -44.56
N ASN D 694 15.43 -1.84 -43.66
CA ASN D 694 14.31 -0.97 -44.03
C ASN D 694 13.09 -1.77 -44.47
N VAL D 695 12.85 -2.91 -43.83
CA VAL D 695 11.62 -3.68 -44.05
C VAL D 695 10.58 -3.21 -43.03
N PRO D 696 9.31 -3.06 -43.42
CA PRO D 696 8.31 -2.60 -42.46
C PRO D 696 8.04 -3.64 -41.39
N VAL D 697 8.23 -3.26 -40.13
CA VAL D 697 8.06 -4.15 -39.00
C VAL D 697 7.34 -3.40 -37.89
N ARG D 698 6.44 -4.11 -37.19
CA ARG D 698 5.78 -3.58 -36.01
C ARG D 698 6.02 -4.55 -34.85
N LEU D 699 6.39 -4.01 -33.69
CA LEU D 699 6.77 -4.83 -32.55
C LEU D 699 6.01 -4.41 -31.30
N LEU D 700 5.41 -5.38 -30.61
CA LEU D 700 4.74 -5.17 -29.34
C LEU D 700 5.37 -6.06 -28.28
N LEU D 701 5.59 -5.49 -27.10
CA LEU D 701 6.27 -6.17 -26.00
C LEU D 701 5.40 -6.10 -24.76
N TYR D 702 5.08 -7.26 -24.18
CA TYR D 702 4.27 -7.32 -22.97
C TYR D 702 5.15 -7.67 -21.78
N PRO D 703 5.40 -6.74 -20.86
CA PRO D 703 6.45 -6.95 -19.85
C PRO D 703 6.11 -7.99 -18.79
N LYS D 704 4.85 -8.38 -18.65
CA LYS D 704 4.44 -9.29 -17.58
C LYS D 704 3.85 -10.59 -18.09
N SER D 705 3.99 -10.90 -19.37
CA SER D 705 3.32 -12.04 -19.97
C SER D 705 4.29 -13.17 -20.27
N THR D 706 3.79 -14.40 -20.20
CA THR D 706 4.52 -15.62 -20.50
C THR D 706 4.23 -16.05 -21.94
N HIS D 707 4.60 -17.28 -22.29
CA HIS D 707 4.50 -17.73 -23.69
C HIS D 707 3.09 -17.61 -24.23
N ALA D 708 2.07 -17.79 -23.40
CA ALA D 708 0.70 -17.90 -23.88
C ALA D 708 0.03 -16.56 -24.15
N LEU D 709 0.46 -15.49 -23.50
CA LEU D 709 -0.23 -14.20 -23.57
C LEU D 709 -1.71 -14.38 -23.28
N SER D 710 -2.00 -15.03 -22.15
CA SER D 710 -3.34 -15.50 -21.83
C SER D 710 -4.16 -14.55 -20.97
N GLU D 711 -3.54 -13.54 -20.38
CA GLU D 711 -4.31 -12.56 -19.61
C GLU D 711 -5.32 -11.87 -20.51
N VAL D 712 -6.48 -11.53 -19.93
CA VAL D 712 -7.60 -11.06 -20.74
C VAL D 712 -7.22 -9.79 -21.49
N GLU D 713 -6.61 -8.84 -20.80
CA GLU D 713 -6.23 -7.57 -21.44
C GLU D 713 -5.22 -7.82 -22.55
N VAL D 714 -4.17 -8.58 -22.26
CA VAL D 714 -3.13 -8.86 -23.25
C VAL D 714 -3.73 -9.63 -24.44
N GLU D 715 -4.55 -10.64 -24.15
CA GLU D 715 -5.13 -11.44 -25.22
C GLU D 715 -6.00 -10.58 -26.14
N SER D 716 -6.87 -9.75 -25.56
CA SER D 716 -7.74 -8.92 -26.38
C SER D 716 -6.94 -7.91 -27.19
N ASP D 717 -5.94 -7.28 -26.58
CA ASP D 717 -5.14 -6.31 -27.30
C ASP D 717 -4.39 -6.95 -28.46
N SER D 718 -3.79 -8.13 -28.23
CA SER D 718 -3.05 -8.80 -29.29
C SER D 718 -3.96 -9.22 -30.43
N PHE D 719 -5.14 -9.78 -30.12
CA PHE D 719 -6.05 -10.18 -31.17
C PHE D 719 -6.52 -8.97 -31.98
N MET D 720 -6.85 -7.86 -31.31
CA MET D 720 -7.28 -6.67 -32.03
C MET D 720 -6.19 -6.15 -32.94
N ASN D 721 -4.94 -6.10 -32.44
CA ASN D 721 -3.85 -5.62 -33.26
C ASN D 721 -3.60 -6.53 -34.48
N ALA D 722 -3.67 -7.84 -34.27
CA ALA D 722 -3.48 -8.77 -35.38
C ALA D 722 -4.56 -8.59 -36.44
N VAL D 723 -5.82 -8.47 -36.01
CA VAL D 723 -6.92 -8.29 -36.95
C VAL D 723 -6.73 -6.99 -37.73
N LEU D 724 -6.36 -5.91 -37.04
CA LEU D 724 -6.16 -4.64 -37.74
C LEU D 724 -5.03 -4.74 -38.75
N TRP D 725 -3.92 -5.37 -38.37
CA TRP D 725 -2.81 -5.54 -39.29
C TRP D 725 -3.24 -6.31 -40.53
N LEU D 726 -3.91 -7.44 -40.34
CA LEU D 726 -4.32 -8.26 -41.47
C LEU D 726 -5.29 -7.53 -42.38
N CYS D 727 -6.26 -6.80 -41.80
CA CYS D 727 -7.23 -6.09 -42.62
C CYS D 727 -6.60 -4.92 -43.35
N THR D 728 -5.62 -4.25 -42.75
CA THR D 728 -4.99 -3.11 -43.41
C THR D 728 -4.07 -3.55 -44.54
N HIS D 729 -3.26 -4.58 -44.32
CA HIS D 729 -2.24 -4.95 -45.30
C HIS D 729 -2.76 -5.89 -46.39
N LEU D 730 -4.03 -6.29 -46.34
CA LEU D 730 -4.60 -7.14 -47.37
C LEU D 730 -5.65 -6.40 -48.18
#